data_8U9C
#
_entry.id   8U9C
#
loop_
_entity.id
_entity.type
_entity.pdbx_description
1 polymer 'Cell division control protein 48'
2 polymer Substrate
3 non-polymer [[[(2R,3S,4R,5R)-5-(6-aminopurin-9-yl)-3,4-bis(oxidanyl)oxolan-2-yl]methoxy-oxidanyl-phosphoryl]oxy-oxidanyl-phosphoryl]oxy-tris(fluoranyl)beryllium
4 non-polymer 'MAGNESIUM ION'
5 non-polymer "ADENOSINE-5'-DIPHOSPHATE"
#
loop_
_entity_poly.entity_id
_entity_poly.type
_entity_poly.pdbx_seq_one_letter_code
_entity_poly.pdbx_strand_id
1 'polypeptide(L)'
;MGEEHKPLLDASGVDPREEDKTATAILRRKKKDNMLLVDDAINDDNSVIAINSNTMDKLELFRGDTVLVKGKKRKDTVLI
VLIDDELEDGACRINRVVRNNLRIRLGDLVTIHPCPDIKYATRISVLPIADTIEGITGNLFDVFLKPYFVEAYRPVRKGD
HFVVRGGMRQVEFKVVDVEPEEYAVVAQDTIIHWEGEPINREDEENNMNEVGYDDIGGCRKQMAQIREMVELPLRHPQLF
KAIGIKPPRGVLMYGPPGTGKTLMARAVANETGAFFFLINGPEVMSKMAGESESNLRKAFEEAEKNAPAIIFIDEIDSIA
PKRDKTNGEVERRVVSQLLTLMDGMKARSNVVVIAATNRPNSIDPALRRFGRFDREVDIGIPDATGRLEVLRIHTKNMKL
ADDVDLEALAAETHGYVGADIASLCSEAAMQQIREKMDLIDLDEDEIDAEVLDSLGVTMDNFRFALGNSNPSALRETVVE
SVNVTWDDVGGLDEIKEELKETVEYPVLHPDQYTKFGLSPSKGVLFYGPPGTGKTLLAKAVATEVSANFISVKGPELLSM
WYGESESNIRDIFDKARAAAPTVVFLDELDSIAKARGGSLGDAGGASDRVVNQLLTEMDGMNAKKNVFVIGATNRPDQID
PAILRPGRLDQLIYVPLPDENARLSILNAQLRKTPLEPGLELTAIAKATQGFSGADLLYIVQRAAKYAIKDSIEAHRQHE
AEKEVKVEGEDVEMTDEGAKAEQEPEVDPVPYITKEHFAEAMKTAKRSVSDAELRRYEAYSQQMKASRGQFSNFNFNDAP
LGTTATDNANSNNSAPSGAGAAFGSNAEEDDDLYS
;
A,B,C,D,E,F
2 'polypeptide(L)' AAAAAAAAAAAAAVAVAVAVAA G
#
loop_
_chem_comp.id
_chem_comp.type
_chem_comp.name
_chem_comp.formula
08T non-polymer [[[(2R,3S,4R,5R)-5-(6-aminopurin-9-yl)-3,4-bis(oxidanyl)oxolan-2-yl]methoxy-oxidanyl-phosphoryl]oxy-oxidanyl-phosphoryl]oxy-tris(fluoranyl)beryllium 'C10 H14 Be F3 N5 O10 P2'
ADP non-polymer ADENOSINE-5'-DIPHOSPHATE 'C10 H15 N5 O10 P2'
MG non-polymer 'MAGNESIUM ION' 'Mg 2'
#
# COMPACT_ATOMS: atom_id res chain seq x y z
N ASN A 206 38.62 10.32 48.56
CA ASN A 206 38.42 8.88 48.40
C ASN A 206 37.58 8.59 47.17
N ASN A 207 36.60 9.47 46.89
CA ASN A 207 35.76 9.29 45.72
C ASN A 207 36.56 9.34 44.43
N MET A 208 37.50 10.30 44.33
CA MET A 208 38.36 10.35 43.15
C MET A 208 39.26 9.13 43.05
N ASN A 209 39.57 8.49 44.17
CA ASN A 209 40.39 7.27 44.13
C ASN A 209 39.67 6.17 43.38
N GLU A 210 38.35 6.07 43.54
CA GLU A 210 37.51 5.04 42.92
C GLU A 210 38.01 3.70 43.44
N VAL A 211 38.30 2.72 42.58
CA VAL A 211 38.76 1.40 43.00
C VAL A 211 39.32 0.65 41.82
N GLY A 212 40.37 -0.14 42.04
CA GLY A 212 41.01 -0.87 40.97
C GLY A 212 40.28 -2.14 40.57
N TYR A 213 41.02 -3.24 40.45
CA TYR A 213 40.43 -4.51 40.05
C TYR A 213 39.35 -4.99 41.02
N ASP A 214 39.34 -4.51 42.26
CA ASP A 214 38.39 -5.02 43.24
C ASP A 214 37.00 -4.40 43.09
N ASP A 215 36.83 -3.42 42.21
CA ASP A 215 35.53 -2.79 42.02
C ASP A 215 34.69 -3.56 41.01
N ILE A 216 35.25 -3.82 39.84
CA ILE A 216 34.56 -4.53 38.77
C ILE A 216 34.52 -6.02 39.11
N GLY A 217 33.34 -6.63 38.91
CA GLY A 217 33.18 -8.03 39.20
C GLY A 217 32.33 -8.71 38.13
N GLY A 218 32.37 -10.05 38.17
CA GLY A 218 31.61 -10.88 37.26
C GLY A 218 32.20 -11.09 35.89
N CYS A 219 33.32 -10.45 35.55
CA CYS A 219 33.97 -10.65 34.26
C CYS A 219 35.48 -10.82 34.51
N ARG A 220 35.87 -12.03 34.91
CA ARG A 220 37.28 -12.29 35.19
C ARG A 220 38.10 -12.31 33.90
N LYS A 221 37.63 -13.03 32.89
CA LYS A 221 38.39 -13.17 31.65
C LYS A 221 38.56 -11.82 30.96
N GLN A 222 37.48 -11.05 30.88
CA GLN A 222 37.54 -9.77 30.18
C GLN A 222 38.48 -8.79 30.88
N MET A 223 38.39 -8.70 32.21
CA MET A 223 39.25 -7.76 32.93
C MET A 223 40.71 -8.20 32.83
N ALA A 224 40.96 -9.51 32.89
CA ALA A 224 42.32 -10.01 32.75
C ALA A 224 42.86 -9.68 31.36
N GLN A 225 42.03 -9.82 30.33
CA GLN A 225 42.50 -9.49 28.99
C GLN A 225 42.82 -8.00 28.86
N ILE A 226 41.94 -7.14 29.37
CA ILE A 226 42.20 -5.71 29.24
C ILE A 226 43.45 -5.30 30.00
N ARG A 227 43.64 -5.82 31.21
CA ARG A 227 44.86 -5.49 31.95
C ARG A 227 46.09 -6.01 31.19
N GLU A 228 46.01 -7.23 30.64
CA GLU A 228 47.12 -7.76 29.86
C GLU A 228 47.49 -6.82 28.72
N MET A 229 46.49 -6.33 27.98
CA MET A 229 46.82 -5.43 26.87
C MET A 229 47.32 -4.07 27.35
N VAL A 230 46.80 -3.56 28.46
CA VAL A 230 47.08 -2.16 28.77
C VAL A 230 48.31 -1.97 29.67
N GLU A 231 48.57 -2.88 30.60
CA GLU A 231 49.67 -2.67 31.54
C GLU A 231 51.00 -3.19 31.02
N LEU A 232 51.03 -4.45 30.57
CA LEU A 232 52.31 -5.07 30.20
C LEU A 232 53.04 -4.34 29.08
N PRO A 233 52.39 -3.95 27.97
CA PRO A 233 53.12 -3.23 26.92
C PRO A 233 53.41 -1.78 27.25
N LEU A 234 53.01 -1.31 28.44
CA LEU A 234 53.18 0.07 28.84
C LEU A 234 54.17 0.24 29.98
N ARG A 235 54.32 -0.79 30.81
CA ARG A 235 55.32 -0.82 31.87
C ARG A 235 56.64 -1.33 31.33
N HIS A 236 56.63 -2.52 30.73
CA HIS A 236 57.83 -3.11 30.13
C HIS A 236 57.45 -3.69 28.78
N PRO A 237 57.78 -3.02 27.68
CA PRO A 237 57.56 -3.59 26.35
C PRO A 237 58.68 -4.50 25.87
N GLN A 238 59.64 -4.84 26.74
CA GLN A 238 60.75 -5.69 26.34
C GLN A 238 60.28 -7.11 26.03
N LEU A 239 59.35 -7.64 26.81
CA LEU A 239 58.91 -9.03 26.61
C LEU A 239 58.17 -9.19 25.29
N PHE A 240 57.37 -8.19 24.89
CA PHE A 240 56.67 -8.29 23.61
C PHE A 240 57.67 -8.29 22.45
N LYS A 241 58.73 -7.49 22.54
CA LYS A 241 59.76 -7.52 21.51
C LYS A 241 60.51 -8.84 21.53
N ALA A 242 60.74 -9.40 22.72
CA ALA A 242 61.47 -10.65 22.83
C ALA A 242 60.69 -11.81 22.20
N ILE A 243 59.40 -11.92 22.52
CA ILE A 243 58.60 -12.99 21.94
C ILE A 243 58.42 -12.77 20.44
N GLY A 244 58.32 -11.51 20.02
CA GLY A 244 58.27 -11.17 18.62
C GLY A 244 56.90 -10.83 18.08
N ILE A 245 56.00 -10.32 18.92
CA ILE A 245 54.69 -9.87 18.50
C ILE A 245 54.54 -8.40 18.87
N LYS A 246 54.09 -7.59 17.92
CA LYS A 246 53.87 -6.18 18.20
C LYS A 246 52.49 -6.01 18.81
N PRO A 247 52.38 -5.47 20.03
CA PRO A 247 51.06 -5.35 20.65
C PRO A 247 50.20 -4.39 19.87
N PRO A 248 48.88 -4.58 19.92
CA PRO A 248 47.98 -3.70 19.17
C PRO A 248 47.98 -2.30 19.76
N ARG A 249 47.42 -1.37 18.99
CA ARG A 249 47.32 0.02 19.42
C ARG A 249 45.90 0.45 19.74
N GLY A 250 44.91 -0.34 19.36
CA GLY A 250 43.52 0.00 19.64
C GLY A 250 42.72 -1.20 20.10
N VAL A 251 41.84 -0.99 21.05
CA VAL A 251 40.98 -2.05 21.59
C VAL A 251 39.56 -1.50 21.73
N LEU A 252 38.58 -2.25 21.23
CA LEU A 252 37.19 -1.87 21.27
C LEU A 252 36.46 -2.61 22.38
N MET A 253 35.52 -1.92 23.03
CA MET A 253 34.65 -2.55 24.01
C MET A 253 33.20 -2.25 23.63
N TYR A 254 32.37 -3.28 23.63
CA TYR A 254 30.96 -3.12 23.31
C TYR A 254 30.14 -3.96 24.27
N GLY A 255 28.82 -3.80 24.19
CA GLY A 255 27.91 -4.48 25.08
C GLY A 255 26.76 -3.58 25.52
N PRO A 256 25.81 -4.15 26.25
CA PRO A 256 24.67 -3.35 26.72
C PRO A 256 25.10 -2.31 27.73
N PRO A 257 24.34 -1.22 27.86
CA PRO A 257 24.73 -0.15 28.80
C PRO A 257 24.73 -0.64 30.24
N GLY A 258 25.65 -0.08 31.03
CA GLY A 258 25.77 -0.41 32.42
C GLY A 258 26.47 -1.71 32.72
N THR A 259 27.02 -2.37 31.70
CA THR A 259 27.73 -3.62 31.95
C THR A 259 29.03 -3.38 32.72
N GLY A 260 29.62 -2.20 32.57
CA GLY A 260 30.79 -1.84 33.35
C GLY A 260 31.94 -1.27 32.54
N LYS A 261 31.67 -0.92 31.28
CA LYS A 261 32.74 -0.42 30.40
C LYS A 261 33.40 0.82 31.01
N THR A 262 32.62 1.82 31.40
CA THR A 262 33.20 3.01 32.02
C THR A 262 33.94 2.63 33.30
N LEU A 263 33.38 1.67 34.05
CA LEU A 263 34.08 1.11 35.20
C LEU A 263 35.42 0.53 34.76
N MET A 264 35.45 -0.18 33.63
CA MET A 264 36.71 -0.73 33.14
C MET A 264 37.71 0.38 32.91
N ALA A 265 37.24 1.50 32.34
CA ALA A 265 38.13 2.63 32.08
C ALA A 265 38.68 3.21 33.39
N ARG A 266 37.83 3.32 34.40
CA ARG A 266 38.31 3.85 35.68
C ARG A 266 39.30 2.89 36.34
N ALA A 267 39.06 1.59 36.21
CA ALA A 267 39.96 0.62 36.81
C ALA A 267 41.32 0.62 36.12
N VAL A 268 41.34 0.69 34.79
CA VAL A 268 42.63 0.76 34.10
C VAL A 268 43.33 2.10 34.39
N ALA A 269 42.56 3.19 34.48
CA ALA A 269 43.16 4.48 34.81
C ALA A 269 43.75 4.50 36.21
N ASN A 270 43.13 3.80 37.15
CA ASN A 270 43.59 3.81 38.53
C ASN A 270 44.70 2.80 38.77
N GLU A 271 44.50 1.56 38.31
CA GLU A 271 45.48 0.50 38.58
C GLU A 271 46.84 0.83 37.98
N THR A 272 46.86 1.35 36.76
CA THR A 272 48.11 1.74 36.12
C THR A 272 48.36 3.22 36.34
N GLY A 273 49.54 3.54 36.91
CA GLY A 273 49.90 4.91 37.19
C GLY A 273 50.28 5.72 35.97
N ALA A 274 50.21 5.13 34.77
CA ALA A 274 50.56 5.82 33.55
C ALA A 274 49.64 7.02 33.32
N PHE A 275 50.20 8.06 32.70
CA PHE A 275 49.45 9.27 32.41
C PHE A 275 48.21 9.00 31.56
N PHE A 276 47.17 9.77 31.81
CA PHE A 276 45.87 9.58 31.20
C PHE A 276 45.41 10.91 30.59
N PHE A 277 44.58 10.81 29.56
CA PHE A 277 44.02 12.00 28.92
C PHE A 277 42.64 11.65 28.41
N LEU A 278 41.60 12.14 29.09
CA LEU A 278 40.23 11.86 28.71
C LEU A 278 39.71 12.82 27.65
N ILE A 279 39.24 12.25 26.55
CA ILE A 279 38.47 12.95 25.53
C ILE A 279 37.17 12.18 25.34
N ASN A 280 36.11 12.87 24.92
CA ASN A 280 34.86 12.21 24.60
C ASN A 280 34.41 12.57 23.19
N GLY A 281 33.62 11.67 22.60
CA GLY A 281 33.16 11.79 21.24
C GLY A 281 32.60 13.14 20.86
N PRO A 282 31.46 13.53 21.47
CA PRO A 282 30.78 14.75 21.03
C PRO A 282 31.42 16.05 21.50
N GLU A 283 32.52 16.00 22.24
CA GLU A 283 33.17 17.21 22.72
C GLU A 283 34.46 17.53 21.95
N VAL A 284 34.67 16.90 20.81
CA VAL A 284 35.90 17.12 20.04
C VAL A 284 35.75 18.27 19.05
N MET A 285 34.63 18.32 18.30
CA MET A 285 34.49 19.35 17.29
C MET A 285 34.06 20.67 17.93
N SER A 286 34.06 21.72 17.12
CA SER A 286 33.84 23.07 17.62
C SER A 286 33.16 23.89 16.52
N LYS A 287 32.87 25.15 16.84
CA LYS A 287 32.11 25.99 15.91
C LYS A 287 33.01 26.65 14.88
N MET A 288 34.24 27.01 15.25
CA MET A 288 35.11 27.71 14.33
C MET A 288 35.54 26.76 13.20
N ALA A 289 35.85 27.34 12.04
CA ALA A 289 36.16 26.56 10.85
C ALA A 289 37.41 25.72 11.02
N GLY A 290 37.26 24.40 11.08
CA GLY A 290 38.39 23.49 11.09
C GLY A 290 39.23 23.50 12.36
N GLU A 291 38.62 23.18 13.49
CA GLU A 291 39.34 23.03 14.75
C GLU A 291 39.25 21.65 15.36
N SER A 292 38.34 20.79 14.88
CA SER A 292 38.29 19.43 15.39
C SER A 292 39.56 18.67 15.03
N GLU A 293 40.03 18.85 13.79
CA GLU A 293 41.26 18.19 13.37
C GLU A 293 42.44 18.63 14.22
N SER A 294 42.54 19.94 14.47
CA SER A 294 43.60 20.45 15.32
C SER A 294 43.45 19.93 16.75
N ASN A 295 42.21 19.81 17.23
CA ASN A 295 41.99 19.29 18.57
C ASN A 295 42.51 17.86 18.70
N LEU A 296 42.15 17.00 17.73
CA LEU A 296 42.63 15.62 17.76
C LEU A 296 44.15 15.57 17.61
N ARG A 297 44.70 16.43 16.74
CA ARG A 297 46.14 16.46 16.53
C ARG A 297 46.87 16.81 17.82
N LYS A 298 46.40 17.85 18.52
CA LYS A 298 47.03 18.24 19.77
C LYS A 298 46.81 17.20 20.86
N ALA A 299 45.67 16.51 20.84
CA ALA A 299 45.44 15.43 21.77
C ALA A 299 46.49 14.33 21.60
N PHE A 300 46.71 13.91 20.36
CA PHE A 300 47.72 12.88 20.10
C PHE A 300 49.13 13.39 20.40
N GLU A 301 49.38 14.67 20.12
CA GLU A 301 50.68 15.25 20.43
C GLU A 301 50.94 15.24 21.93
N GLU A 302 49.92 15.55 22.73
CA GLU A 302 50.07 15.48 24.18
C GLU A 302 50.23 14.03 24.64
N ALA A 303 49.54 13.10 23.98
CA ALA A 303 49.68 11.69 24.34
C ALA A 303 51.08 11.18 24.07
N GLU A 304 51.73 11.68 23.01
CA GLU A 304 53.06 11.20 22.67
C GLU A 304 54.14 11.92 23.47
N LYS A 305 54.04 13.26 23.56
CA LYS A 305 55.12 14.06 24.11
C LYS A 305 55.29 13.86 25.61
N ASN A 306 54.20 13.60 26.33
CA ASN A 306 54.28 13.56 27.79
C ASN A 306 54.86 12.23 28.29
N ALA A 307 54.27 11.11 27.86
CA ALA A 307 54.62 9.80 28.40
C ALA A 307 53.90 8.72 27.61
N PRO A 308 54.21 7.43 27.83
CA PRO A 308 53.38 6.38 27.23
C PRO A 308 52.01 6.36 27.86
N ALA A 309 51.15 7.30 27.45
CA ALA A 309 49.87 7.54 28.09
C ALA A 309 48.81 6.59 27.54
N ILE A 310 47.56 6.82 27.97
CA ILE A 310 46.40 6.05 27.52
C ILE A 310 45.28 7.04 27.22
N ILE A 311 44.63 6.85 26.07
CA ILE A 311 43.58 7.75 25.59
C ILE A 311 42.27 6.97 25.57
N PHE A 312 41.21 7.59 26.08
CA PHE A 312 39.92 6.95 26.17
C PHE A 312 38.85 7.80 25.52
N ILE A 313 38.25 7.27 24.45
CA ILE A 313 37.16 7.90 23.72
C ILE A 313 35.87 7.15 24.02
N ASP A 314 34.92 7.85 24.64
CA ASP A 314 33.64 7.29 25.00
C ASP A 314 32.61 7.64 23.93
N GLU A 315 31.71 6.69 23.64
CA GLU A 315 30.63 6.91 22.70
C GLU A 315 31.13 7.30 21.31
N ILE A 316 31.86 6.38 20.68
CA ILE A 316 32.39 6.59 19.34
C ILE A 316 31.26 6.77 18.34
N ASP A 317 30.05 6.28 18.67
CA ASP A 317 28.92 6.37 17.76
C ASP A 317 28.65 7.81 17.33
N SER A 318 28.97 8.78 18.18
CA SER A 318 28.87 10.19 17.80
C SER A 318 29.84 10.57 16.69
N ILE A 319 30.84 9.73 16.41
CA ILE A 319 31.86 10.08 15.43
C ILE A 319 31.94 9.11 14.26
N ALA A 320 31.38 7.90 14.37
CA ALA A 320 31.37 6.93 13.27
C ALA A 320 29.93 6.61 12.90
N PRO A 321 29.35 7.34 11.93
CA PRO A 321 27.97 7.05 11.54
C PRO A 321 27.84 5.99 10.45
N LYS A 322 28.90 5.20 10.25
CA LYS A 322 28.98 4.07 9.31
C LYS A 322 29.21 4.54 7.88
N ARG A 323 29.22 5.84 7.61
CA ARG A 323 29.45 6.46 6.30
C ARG A 323 28.33 6.13 5.31
N ASP A 324 27.27 5.45 5.72
CA ASP A 324 26.16 5.13 4.84
C ASP A 324 24.91 5.94 5.12
N LYS A 325 24.61 6.21 6.39
CA LYS A 325 23.44 6.99 6.78
C LYS A 325 23.82 8.42 7.16
N THR A 326 24.81 8.99 6.48
CA THR A 326 25.28 10.34 6.74
C THR A 326 25.34 11.14 5.45
N ASN A 327 25.12 12.45 5.56
CA ASN A 327 25.14 13.34 4.41
C ASN A 327 26.12 14.50 4.53
N GLY A 328 26.40 14.98 5.74
CA GLY A 328 27.29 16.11 5.91
C GLY A 328 28.73 15.77 5.56
N GLU A 329 29.60 16.77 5.72
CA GLU A 329 31.01 16.62 5.38
C GLU A 329 31.96 16.67 6.57
N VAL A 330 31.56 17.33 7.67
CA VAL A 330 32.45 17.43 8.83
C VAL A 330 32.70 16.05 9.43
N GLU A 331 31.69 15.18 9.42
CA GLU A 331 31.90 13.82 9.90
C GLU A 331 32.93 13.09 9.04
N ARG A 332 32.89 13.28 7.72
CA ARG A 332 33.90 12.69 6.86
C ARG A 332 35.29 13.17 7.25
N ARG A 333 35.42 14.47 7.50
CA ARG A 333 36.71 15.04 7.85
C ARG A 333 37.23 14.44 9.16
N VAL A 334 36.36 14.34 10.16
CA VAL A 334 36.79 13.85 11.46
C VAL A 334 37.12 12.35 11.37
N VAL A 335 36.33 11.58 10.64
CA VAL A 335 36.59 10.16 10.49
C VAL A 335 37.93 9.94 9.79
N SER A 336 38.18 10.66 8.70
CA SER A 336 39.43 10.50 7.99
C SER A 336 40.62 10.96 8.83
N GLN A 337 40.45 12.05 9.58
CA GLN A 337 41.51 12.52 10.46
C GLN A 337 41.86 11.48 11.52
N LEU A 338 40.83 10.85 12.11
CA LEU A 338 41.08 9.83 13.12
C LEU A 338 41.74 8.62 12.48
N LEU A 339 41.31 8.24 11.28
CA LEU A 339 41.90 7.09 10.60
C LEU A 339 43.39 7.32 10.34
N THR A 340 43.75 8.48 9.79
CA THR A 340 45.16 8.72 9.48
C THR A 340 45.98 8.89 10.76
N LEU A 341 45.42 9.55 11.78
CA LEU A 341 46.15 9.71 13.03
C LEU A 341 46.43 8.37 13.69
N MET A 342 45.44 7.47 13.68
CA MET A 342 45.63 6.17 14.30
C MET A 342 46.60 5.31 13.48
N ASP A 343 46.42 5.30 12.15
CA ASP A 343 47.31 4.51 11.30
C ASP A 343 48.74 5.01 11.38
N GLY A 344 48.93 6.32 11.44
CA GLY A 344 50.27 6.87 11.54
C GLY A 344 50.84 6.86 12.94
N MET A 345 50.94 5.66 13.53
CA MET A 345 51.53 5.46 14.85
C MET A 345 52.57 4.37 14.76
N LYS A 346 53.82 4.72 15.00
CA LYS A 346 54.93 3.79 14.88
C LYS A 346 54.97 2.85 16.08
N ALA A 347 55.88 1.87 16.02
CA ALA A 347 56.07 0.94 17.13
C ALA A 347 56.54 1.67 18.38
N ARG A 348 57.38 2.69 18.21
CA ARG A 348 57.96 3.40 19.35
C ARG A 348 56.98 4.37 20.00
N SER A 349 55.79 4.54 19.43
CA SER A 349 54.80 5.44 20.02
C SER A 349 54.42 4.99 21.42
N ASN A 350 54.06 3.71 21.58
CA ASN A 350 53.72 3.12 22.87
C ASN A 350 52.62 3.91 23.58
N VAL A 351 51.57 4.21 22.83
CA VAL A 351 50.37 4.85 23.38
C VAL A 351 49.16 4.07 22.88
N VAL A 352 48.26 3.75 23.81
CA VAL A 352 47.11 2.90 23.51
C VAL A 352 45.83 3.72 23.70
N VAL A 353 44.84 3.41 22.87
CA VAL A 353 43.55 4.08 22.90
C VAL A 353 42.52 3.07 23.41
N ILE A 354 41.60 3.54 24.25
CA ILE A 354 40.54 2.71 24.79
C ILE A 354 39.23 3.25 24.22
N ALA A 355 38.50 2.40 23.50
CA ALA A 355 37.23 2.77 22.89
C ALA A 355 36.06 2.15 23.64
N ALA A 356 34.97 2.90 23.75
CA ALA A 356 33.78 2.48 24.51
C ALA A 356 32.51 2.81 23.72
N THR A 357 31.91 1.80 23.10
CA THR A 357 30.69 1.96 22.31
C THR A 357 29.56 1.13 22.90
N ASN A 358 28.36 1.72 22.95
CA ASN A 358 27.20 0.97 23.44
C ASN A 358 26.65 0.01 22.40
N ARG A 359 26.66 0.40 21.13
CA ARG A 359 26.16 -0.46 20.05
C ARG A 359 27.26 -0.64 19.01
N PRO A 360 27.77 -1.86 18.81
CA PRO A 360 28.94 -2.03 17.94
C PRO A 360 28.61 -2.05 16.45
N ASN A 361 27.37 -2.32 16.07
CA ASN A 361 27.07 -2.46 14.64
C ASN A 361 26.89 -1.13 13.92
N SER A 362 26.82 -0.02 14.65
CA SER A 362 26.80 1.31 14.04
C SER A 362 28.19 1.92 14.04
N ILE A 363 29.19 1.16 13.61
CA ILE A 363 30.57 1.61 13.56
C ILE A 363 31.03 1.63 12.12
N ASP A 364 31.84 2.62 11.77
CA ASP A 364 32.46 2.68 10.46
C ASP A 364 33.34 1.44 10.28
N PRO A 365 33.04 0.56 9.32
CA PRO A 365 33.81 -0.69 9.22
C PRO A 365 35.30 -0.50 8.96
N ALA A 366 35.72 0.67 8.47
CA ALA A 366 37.14 0.91 8.26
C ALA A 366 37.93 0.76 9.56
N LEU A 367 37.30 1.07 10.70
CA LEU A 367 37.98 0.92 11.98
C LEU A 367 38.11 -0.54 12.39
N ARG A 368 37.28 -1.43 11.85
CA ARG A 368 37.40 -2.86 12.12
C ARG A 368 38.50 -3.52 11.31
N ARG A 369 39.08 -2.81 10.34
CA ARG A 369 40.12 -3.37 9.49
C ARG A 369 41.38 -3.70 10.30
N PHE A 370 42.17 -4.62 9.75
CA PHE A 370 43.41 -5.04 10.40
C PHE A 370 44.33 -3.85 10.62
N GLY A 371 44.90 -3.78 11.83
CA GLY A 371 45.77 -2.70 12.22
C GLY A 371 45.07 -1.59 12.99
N ARG A 372 43.75 -1.52 12.90
CA ARG A 372 42.96 -0.54 13.63
C ARG A 372 42.01 -1.28 14.56
N PHE A 373 42.14 -1.03 15.86
CA PHE A 373 41.23 -1.58 16.87
C PHE A 373 41.07 -3.08 16.69
N ASP A 374 42.21 -3.78 16.67
CA ASP A 374 42.23 -5.20 16.35
C ASP A 374 41.49 -6.03 17.39
N ARG A 375 41.50 -5.61 18.64
CA ARG A 375 40.93 -6.39 19.74
C ARG A 375 39.59 -5.82 20.16
N GLU A 376 38.53 -6.59 19.97
CA GLU A 376 37.21 -6.30 20.51
C GLU A 376 36.95 -7.21 21.70
N VAL A 377 36.09 -6.76 22.61
CA VAL A 377 35.76 -7.53 23.81
C VAL A 377 34.27 -7.38 24.11
N ASP A 378 33.51 -8.47 23.91
CA ASP A 378 32.09 -8.50 24.20
C ASP A 378 31.89 -8.67 25.70
N ILE A 379 31.82 -7.55 26.42
CA ILE A 379 31.56 -7.59 27.86
C ILE A 379 30.06 -7.86 28.02
N GLY A 380 29.71 -9.12 28.29
CA GLY A 380 28.32 -9.51 28.38
C GLY A 380 27.77 -9.44 29.79
N ILE A 381 26.60 -10.05 29.96
CA ILE A 381 25.91 -10.07 31.24
C ILE A 381 26.62 -11.05 32.18
N PRO A 382 26.70 -10.75 33.47
CA PRO A 382 27.30 -11.71 34.41
C PRO A 382 26.36 -12.89 34.65
N ASP A 383 26.90 -13.89 35.35
CA ASP A 383 26.13 -15.05 35.75
C ASP A 383 25.74 -14.91 37.22
N ALA A 384 25.18 -15.99 37.78
CA ALA A 384 24.75 -15.94 39.18
C ALA A 384 25.92 -15.66 40.11
N THR A 385 27.04 -16.35 39.90
CA THR A 385 28.22 -16.10 40.72
C THR A 385 28.73 -14.67 40.55
N GLY A 386 28.80 -14.20 39.30
CA GLY A 386 29.25 -12.84 39.07
C GLY A 386 28.33 -11.81 39.68
N ARG A 387 27.01 -12.03 39.56
CA ARG A 387 26.04 -11.10 40.13
C ARG A 387 26.14 -11.07 41.65
N LEU A 388 26.29 -12.24 42.28
CA LEU A 388 26.47 -12.28 43.72
C LEU A 388 27.76 -11.57 44.13
N GLU A 389 28.83 -11.77 43.38
CA GLU A 389 30.10 -11.11 43.68
C GLU A 389 29.96 -9.59 43.60
N VAL A 390 29.31 -9.10 42.54
CA VAL A 390 29.13 -7.66 42.41
C VAL A 390 28.26 -7.13 43.54
N LEU A 391 27.22 -7.87 43.90
CA LEU A 391 26.38 -7.48 45.04
C LEU A 391 27.23 -7.33 46.29
N ARG A 392 28.11 -8.30 46.53
CA ARG A 392 29.01 -8.21 47.69
C ARG A 392 29.89 -6.98 47.59
N ILE A 393 30.39 -6.69 46.39
CA ILE A 393 31.31 -5.57 46.19
C ILE A 393 30.62 -4.26 46.55
N HIS A 394 29.38 -4.08 46.09
CA HIS A 394 28.71 -2.79 46.29
C HIS A 394 28.16 -2.65 47.70
N THR A 395 27.71 -3.74 48.32
CA THR A 395 27.04 -3.68 49.62
C THR A 395 27.98 -3.83 50.80
N LYS A 396 29.29 -3.85 50.57
CA LYS A 396 30.20 -4.11 51.68
C LYS A 396 30.44 -2.90 52.55
N ASN A 397 30.44 -1.69 51.98
CA ASN A 397 30.61 -0.49 52.79
C ASN A 397 29.40 -0.25 53.68
N MET A 398 28.20 -0.30 53.11
CA MET A 398 26.98 -0.07 53.87
C MET A 398 26.73 -1.23 54.83
N LYS A 399 25.98 -0.94 55.88
CA LYS A 399 25.65 -1.97 56.86
C LYS A 399 24.56 -2.89 56.32
N LEU A 400 24.61 -4.15 56.72
CA LEU A 400 23.63 -5.14 56.31
C LEU A 400 23.16 -5.91 57.54
N ALA A 401 21.85 -6.08 57.66
CA ALA A 401 21.30 -6.90 58.74
C ALA A 401 21.75 -8.35 58.59
N ASP A 402 21.71 -9.08 59.71
CA ASP A 402 22.16 -10.47 59.71
C ASP A 402 21.28 -11.37 58.86
N ASP A 403 19.96 -11.16 58.90
CA ASP A 403 19.01 -12.04 58.23
C ASP A 403 19.00 -11.72 56.73
N VAL A 404 20.00 -12.26 56.04
CA VAL A 404 20.21 -12.01 54.62
C VAL A 404 20.86 -13.24 54.01
N ASP A 405 20.36 -13.63 52.82
CA ASP A 405 20.89 -14.78 52.08
C ASP A 405 21.12 -14.31 50.64
N LEU A 406 22.31 -13.78 50.38
CA LEU A 406 22.59 -13.21 49.05
C LEU A 406 22.53 -14.26 47.95
N GLU A 407 22.71 -15.53 48.30
CA GLU A 407 22.57 -16.59 47.29
C GLU A 407 21.16 -16.59 46.70
N ALA A 408 20.15 -16.44 47.54
CA ALA A 408 18.79 -16.35 47.05
C ALA A 408 18.60 -15.12 46.19
N LEU A 409 19.20 -13.99 46.60
CA LEU A 409 19.07 -12.77 45.82
C LEU A 409 19.71 -12.92 44.46
N ALA A 410 20.78 -13.69 44.36
CA ALA A 410 21.44 -13.88 43.07
C ALA A 410 20.70 -14.89 42.21
N ALA A 411 20.13 -15.93 42.83
CA ALA A 411 19.33 -16.88 42.06
C ALA A 411 18.03 -16.25 41.57
N GLU A 412 17.52 -15.24 42.28
CA GLU A 412 16.31 -14.55 41.85
C GLU A 412 16.59 -13.38 40.94
N THR A 413 17.77 -12.77 41.03
CA THR A 413 18.14 -11.69 40.13
C THR A 413 18.49 -12.28 38.77
N HIS A 414 17.72 -11.93 37.74
CA HIS A 414 17.83 -12.61 36.47
C HIS A 414 18.35 -11.70 35.36
N GLY A 415 17.62 -10.64 35.02
CA GLY A 415 18.03 -9.80 33.92
C GLY A 415 18.87 -8.61 34.30
N TYR A 416 19.08 -8.37 35.59
CA TYR A 416 19.81 -7.21 36.04
C TYR A 416 21.27 -7.32 35.62
N VAL A 417 21.87 -6.19 35.22
CA VAL A 417 23.24 -6.18 34.72
C VAL A 417 23.99 -4.99 35.30
N GLY A 418 25.05 -5.25 36.04
CA GLY A 418 26.00 -4.24 36.44
C GLY A 418 25.49 -3.20 37.39
N ALA A 419 24.57 -2.35 36.91
CA ALA A 419 24.07 -1.22 37.67
C ALA A 419 22.68 -1.45 38.24
N ASP A 420 21.88 -2.28 37.57
CA ASP A 420 20.51 -2.51 38.02
C ASP A 420 20.47 -3.13 39.41
N ILE A 421 21.39 -4.04 39.70
CA ILE A 421 21.50 -4.59 41.05
C ILE A 421 21.85 -3.49 42.05
N ALA A 422 22.74 -2.56 41.65
CA ALA A 422 23.04 -1.42 42.51
C ALA A 422 21.78 -0.61 42.77
N SER A 423 20.96 -0.41 41.74
CA SER A 423 19.67 0.25 41.92
C SER A 423 18.81 -0.50 42.92
N LEU A 424 18.76 -1.84 42.80
CA LEU A 424 18.02 -2.67 43.74
C LEU A 424 18.46 -2.41 45.17
N CYS A 425 19.78 -2.46 45.40
CA CYS A 425 20.32 -2.21 46.73
C CYS A 425 19.92 -0.83 47.25
N SER A 426 20.12 0.20 46.41
CA SER A 426 19.77 1.56 46.83
C SER A 426 18.29 1.67 47.17
N GLU A 427 17.43 1.06 46.36
CA GLU A 427 15.99 1.11 46.62
C GLU A 427 15.65 0.44 47.94
N ALA A 428 16.27 -0.72 48.21
CA ALA A 428 16.04 -1.40 49.49
C ALA A 428 16.45 -0.52 50.65
N ALA A 429 17.63 0.11 50.55
CA ALA A 429 18.09 1.03 51.58
C ALA A 429 17.09 2.16 51.78
N MET A 430 16.61 2.75 50.68
CA MET A 430 15.62 3.82 50.78
C MET A 430 14.37 3.35 51.49
N GLN A 431 13.89 2.15 51.15
CA GLN A 431 12.72 1.59 51.82
C GLN A 431 12.96 1.47 53.32
N GLN A 432 14.14 0.98 53.71
CA GLN A 432 14.48 0.90 55.12
C GLN A 432 14.44 2.27 55.78
N ILE A 433 14.98 3.29 55.11
CA ILE A 433 14.95 4.64 55.64
C ILE A 433 13.51 5.14 55.77
N ARG A 434 12.65 4.74 54.83
CA ARG A 434 11.27 5.21 54.84
C ARG A 434 10.48 4.60 55.99
N GLU A 435 10.63 3.30 56.21
CA GLU A 435 9.86 2.65 57.27
C GLU A 435 10.27 3.14 58.64
N LYS A 436 11.56 3.42 58.85
CA LYS A 436 12.03 3.91 60.14
C LYS A 436 11.68 5.37 60.39
N MET A 437 11.34 6.14 59.35
CA MET A 437 10.98 7.53 59.57
C MET A 437 9.57 7.65 60.13
N ASP A 438 8.64 6.85 59.62
CA ASP A 438 7.26 6.89 60.10
C ASP A 438 7.16 6.50 61.57
N LEU A 439 7.59 5.27 61.90
CA LEU A 439 7.27 4.70 63.20
C LEU A 439 7.87 5.50 64.34
N ILE A 440 9.15 5.90 64.24
CA ILE A 440 9.77 6.66 65.33
C ILE A 440 9.43 8.13 65.27
N ASP A 441 8.64 8.58 64.29
CA ASP A 441 8.33 9.99 64.10
C ASP A 441 9.62 10.82 63.96
N LEU A 442 10.54 10.31 63.13
CA LEU A 442 11.77 11.03 62.83
C LEU A 442 11.46 12.36 62.16
N ASP A 443 11.66 13.46 62.88
CA ASP A 443 11.27 14.77 62.41
C ASP A 443 12.39 15.40 61.59
N GLU A 444 12.01 16.11 60.54
CA GLU A 444 12.97 16.75 59.65
C GLU A 444 13.84 17.79 60.37
N ASP A 445 13.39 18.32 61.51
CA ASP A 445 14.14 19.39 62.17
C ASP A 445 15.50 18.89 62.68
N GLU A 446 15.55 17.69 63.24
CA GLU A 446 16.75 17.22 63.92
C GLU A 446 16.95 15.72 63.65
N ILE A 447 18.16 15.26 63.96
CA ILE A 447 18.55 13.86 63.83
C ILE A 447 18.97 13.35 65.21
N ASP A 448 18.48 12.18 65.58
CA ASP A 448 18.84 11.54 66.85
C ASP A 448 19.90 10.49 66.58
N ALA A 449 21.06 10.65 67.24
CA ALA A 449 22.18 9.73 67.02
C ALA A 449 21.82 8.30 67.40
N GLU A 450 20.93 8.11 68.38
CA GLU A 450 20.54 6.77 68.79
C GLU A 450 19.84 6.03 67.66
N VAL A 451 19.10 6.75 66.82
CA VAL A 451 18.46 6.11 65.67
C VAL A 451 19.49 5.71 64.63
N LEU A 452 20.55 6.49 64.47
CA LEU A 452 21.52 6.24 63.40
C LEU A 452 22.16 4.87 63.57
N ASP A 453 22.56 4.52 64.80
CA ASP A 453 23.20 3.23 65.01
C ASP A 453 22.20 2.08 64.95
N SER A 454 20.91 2.38 65.05
CA SER A 454 19.87 1.36 64.92
C SER A 454 19.30 1.37 63.50
N LEU A 455 20.16 1.09 62.52
CA LEU A 455 19.79 1.05 61.12
C LEU A 455 20.37 -0.20 60.48
N GLY A 456 19.51 -1.09 60.01
CA GLY A 456 19.96 -2.26 59.30
C GLY A 456 19.00 -2.71 58.21
N VAL A 457 19.49 -2.81 56.98
CA VAL A 457 18.66 -3.24 55.87
C VAL A 457 18.49 -4.76 55.95
N THR A 458 17.24 -5.20 56.04
CA THR A 458 16.95 -6.63 56.15
C THR A 458 16.63 -7.21 54.78
N MET A 459 16.35 -8.51 54.76
CA MET A 459 15.98 -9.21 53.54
C MET A 459 14.65 -8.73 52.98
N ASP A 460 13.71 -8.36 53.86
CA ASP A 460 12.41 -7.87 53.40
C ASP A 460 12.56 -6.61 52.58
N ASN A 461 13.55 -5.76 52.88
CA ASN A 461 13.80 -4.58 52.06
C ASN A 461 14.15 -4.99 50.64
N PHE A 462 15.02 -5.99 50.48
CA PHE A 462 15.41 -6.44 49.15
C PHE A 462 14.23 -7.09 48.45
N ARG A 463 13.38 -7.80 49.17
CA ARG A 463 12.17 -8.36 48.57
C ARG A 463 11.28 -7.25 48.02
N PHE A 464 11.07 -6.20 48.82
CA PHE A 464 10.27 -5.07 48.38
C PHE A 464 10.88 -4.40 47.15
N ALA A 465 12.20 -4.20 47.18
CA ALA A 465 12.87 -3.57 46.05
C ALA A 465 12.74 -4.42 44.79
N LEU A 466 12.86 -5.74 44.93
CA LEU A 466 12.69 -6.63 43.80
C LEU A 466 11.26 -6.56 43.26
N GLY A 467 10.28 -6.42 44.15
CA GLY A 467 8.91 -6.29 43.69
C GLY A 467 8.61 -4.99 42.99
N ASN A 468 9.50 -3.99 43.11
CA ASN A 468 9.29 -2.68 42.51
C ASN A 468 10.28 -2.36 41.41
N SER A 469 11.34 -3.15 41.25
CA SER A 469 12.36 -2.89 40.24
C SER A 469 12.32 -3.97 39.16
N ASN A 470 12.75 -3.59 37.96
CA ASN A 470 12.74 -4.46 36.80
C ASN A 470 14.03 -4.25 36.02
N PRO A 471 14.41 -5.19 35.16
CA PRO A 471 15.64 -5.03 34.38
C PRO A 471 15.58 -3.78 33.50
N SER A 472 16.72 -3.13 33.35
CA SER A 472 16.78 -1.89 32.58
C SER A 472 16.40 -2.12 31.12
N ALA A 473 16.84 -3.25 30.55
CA ALA A 473 16.55 -3.52 29.14
C ALA A 473 15.04 -3.64 28.90
N LEU A 474 14.34 -4.32 29.78
CA LEU A 474 12.89 -4.48 29.66
C LEU A 474 12.11 -3.31 30.25
N ARG A 475 12.77 -2.19 30.56
CA ARG A 475 12.07 -1.07 31.17
C ARG A 475 10.99 -0.52 30.24
N GLU A 476 11.29 -0.41 28.95
CA GLU A 476 10.33 0.13 28.01
C GLU A 476 9.10 -0.76 27.89
N THR A 477 9.30 -2.08 27.85
CA THR A 477 8.23 -3.05 27.66
C THR A 477 7.60 -3.51 28.98
N VAL A 478 7.66 -2.69 30.02
CA VAL A 478 7.07 -3.07 31.30
C VAL A 478 5.57 -3.23 31.14
N VAL A 479 5.03 -4.28 31.76
CA VAL A 479 3.61 -4.62 31.64
C VAL A 479 2.93 -4.35 32.97
N GLU A 480 1.63 -4.09 32.91
CA GLU A 480 0.85 -3.88 34.12
C GLU A 480 0.82 -5.15 34.95
N SER A 481 0.87 -4.97 36.27
CA SER A 481 0.96 -6.10 37.19
C SER A 481 -0.40 -6.77 37.36
N VAL A 482 -0.44 -8.08 37.15
CA VAL A 482 -1.64 -8.88 37.36
C VAL A 482 -1.29 -10.02 38.31
N ASN A 483 -2.00 -10.09 39.44
CA ASN A 483 -1.70 -11.04 40.51
C ASN A 483 -2.50 -12.32 40.28
N VAL A 484 -1.86 -13.32 39.71
CA VAL A 484 -2.45 -14.64 39.50
C VAL A 484 -1.55 -15.68 40.15
N THR A 485 -2.16 -16.65 40.82
CA THR A 485 -1.43 -17.73 41.48
C THR A 485 -1.77 -19.06 40.83
N TRP A 486 -0.98 -20.08 41.17
CA TRP A 486 -1.18 -21.40 40.57
C TRP A 486 -2.39 -22.12 41.15
N ASP A 487 -2.85 -21.74 42.34
CA ASP A 487 -4.09 -22.28 42.88
C ASP A 487 -5.31 -21.52 42.38
N ASP A 488 -5.12 -20.35 41.77
CA ASP A 488 -6.23 -19.60 41.21
C ASP A 488 -6.72 -20.25 39.91
N VAL A 489 -5.83 -20.94 39.19
CA VAL A 489 -6.17 -21.58 37.93
C VAL A 489 -6.72 -22.96 38.29
N GLY A 490 -8.02 -23.02 38.55
CA GLY A 490 -8.65 -24.29 38.85
C GLY A 490 -8.55 -25.27 37.70
N GLY A 491 -8.41 -26.55 38.05
CA GLY A 491 -8.31 -27.58 37.05
C GLY A 491 -6.97 -27.53 36.32
N LEU A 492 -6.89 -28.31 35.24
CA LEU A 492 -5.69 -28.38 34.40
C LEU A 492 -4.46 -28.76 35.21
N ASP A 493 -4.64 -29.72 36.12
CA ASP A 493 -3.59 -30.04 37.08
C ASP A 493 -2.37 -30.62 36.40
N GLU A 494 -2.55 -31.66 35.58
CA GLU A 494 -1.41 -32.30 34.93
C GLU A 494 -0.76 -31.37 33.90
N ILE A 495 -1.57 -30.57 33.20
CA ILE A 495 -1.01 -29.64 32.23
C ILE A 495 -0.17 -28.58 32.93
N LYS A 496 -0.68 -28.06 34.05
CA LYS A 496 0.06 -27.06 34.80
C LYS A 496 1.34 -27.64 35.37
N GLU A 497 1.28 -28.88 35.87
CA GLU A 497 2.49 -29.51 36.38
C GLU A 497 3.52 -29.70 35.27
N GLU A 498 3.07 -30.17 34.11
CA GLU A 498 4.00 -30.37 33.00
C GLU A 498 4.62 -29.05 32.53
N LEU A 499 3.82 -27.98 32.41
CA LEU A 499 4.42 -26.73 31.94
C LEU A 499 5.43 -26.20 32.94
N LYS A 500 5.07 -26.17 34.23
CA LYS A 500 6.00 -25.66 35.23
C LYS A 500 7.27 -26.52 35.27
N GLU A 501 7.14 -27.85 35.18
CA GLU A 501 8.32 -28.69 35.18
C GLU A 501 9.20 -28.42 33.96
N THR A 502 8.59 -28.25 32.79
CA THR A 502 9.38 -28.01 31.58
C THR A 502 10.08 -26.67 31.64
N VAL A 503 9.47 -25.68 32.31
CA VAL A 503 10.10 -24.37 32.39
C VAL A 503 11.14 -24.34 33.51
N GLU A 504 11.00 -25.20 34.52
CA GLU A 504 11.85 -25.14 35.70
C GLU A 504 13.19 -25.85 35.50
N TYR A 505 13.25 -26.88 34.65
CA TYR A 505 14.48 -27.67 34.57
C TYR A 505 15.66 -26.87 34.04
N PRO A 506 15.55 -26.09 32.95
CA PRO A 506 16.72 -25.30 32.52
C PRO A 506 17.16 -24.23 33.51
N VAL A 507 16.29 -23.79 34.42
CA VAL A 507 16.65 -22.70 35.33
C VAL A 507 17.09 -23.17 36.71
N LEU A 508 16.85 -24.43 37.09
CA LEU A 508 17.21 -24.89 38.43
C LEU A 508 18.25 -25.99 38.41
N HIS A 509 18.28 -26.85 37.39
CA HIS A 509 19.25 -27.94 37.29
C HIS A 509 19.98 -27.83 35.94
N PRO A 510 20.82 -26.82 35.77
CA PRO A 510 21.63 -26.75 34.54
C PRO A 510 22.60 -27.91 34.40
N ASP A 511 23.12 -28.43 35.53
CA ASP A 511 23.97 -29.61 35.47
C ASP A 511 23.21 -30.82 34.95
N GLN A 512 21.97 -30.98 35.37
CA GLN A 512 21.14 -32.06 34.83
C GLN A 512 20.91 -31.87 33.34
N TYR A 513 20.66 -30.62 32.92
CA TYR A 513 20.48 -30.35 31.50
C TYR A 513 21.74 -30.68 30.70
N THR A 514 22.90 -30.32 31.23
CA THR A 514 24.16 -30.62 30.55
C THR A 514 24.38 -32.12 30.47
N LYS A 515 24.15 -32.83 31.57
CA LYS A 515 24.30 -34.28 31.59
C LYS A 515 23.15 -34.95 30.86
N PHE A 516 23.06 -34.71 29.56
CA PHE A 516 22.00 -35.24 28.70
C PHE A 516 22.28 -34.80 27.28
N GLY A 517 21.47 -35.29 26.35
CA GLY A 517 21.69 -35.01 24.94
C GLY A 517 20.47 -34.46 24.23
N LEU A 518 19.32 -34.55 24.87
CA LEU A 518 18.07 -34.11 24.25
C LEU A 518 18.05 -32.58 24.14
N SER A 519 17.70 -32.09 22.96
CA SER A 519 17.67 -30.66 22.72
C SER A 519 16.49 -30.03 23.45
N PRO A 520 16.71 -29.05 24.31
CA PRO A 520 15.59 -28.45 25.04
C PRO A 520 14.65 -27.67 24.13
N SER A 521 13.45 -28.18 23.94
CA SER A 521 12.45 -27.53 23.09
C SER A 521 11.98 -26.25 23.79
N LYS A 522 12.37 -25.09 23.24
CA LYS A 522 12.02 -23.83 23.88
C LYS A 522 10.56 -23.48 23.67
N GLY A 523 10.05 -23.66 22.46
CA GLY A 523 8.69 -23.24 22.15
C GLY A 523 7.60 -24.15 22.68
N VAL A 524 6.40 -23.59 22.73
CA VAL A 524 5.19 -24.32 23.12
C VAL A 524 4.01 -23.55 22.55
N LEU A 525 2.97 -24.28 22.14
CA LEU A 525 1.77 -23.68 21.57
C LEU A 525 0.54 -24.28 22.23
N PHE A 526 -0.24 -23.44 22.90
CA PHE A 526 -1.56 -23.82 23.40
C PHE A 526 -2.63 -23.58 22.34
N TYR A 527 -3.50 -24.56 22.14
CA TYR A 527 -4.66 -24.41 21.28
C TYR A 527 -5.86 -25.08 21.94
N GLY A 528 -7.04 -24.57 21.63
CA GLY A 528 -8.26 -25.05 22.23
C GLY A 528 -9.43 -24.10 22.02
N PRO A 529 -10.58 -24.42 22.61
CA PRO A 529 -11.76 -23.59 22.42
C PRO A 529 -11.67 -22.31 23.23
N PRO A 530 -12.45 -21.28 22.89
CA PRO A 530 -12.35 -20.02 23.62
C PRO A 530 -12.83 -20.15 25.06
N GLY A 531 -12.22 -19.34 25.93
CA GLY A 531 -12.65 -19.27 27.31
C GLY A 531 -12.26 -20.46 28.16
N THR A 532 -11.22 -21.19 27.79
CA THR A 532 -10.81 -22.35 28.57
C THR A 532 -9.73 -22.00 29.59
N GLY A 533 -8.95 -20.96 29.34
CA GLY A 533 -8.00 -20.46 30.33
C GLY A 533 -6.57 -20.40 29.85
N LYS A 534 -6.36 -20.37 28.53
CA LYS A 534 -5.01 -20.28 27.99
C LYS A 534 -4.34 -18.97 28.43
N THR A 535 -5.02 -17.84 28.22
CA THR A 535 -4.48 -16.57 28.67
C THR A 535 -4.34 -16.54 30.19
N LEU A 536 -5.20 -17.25 30.91
CA LEU A 536 -5.06 -17.33 32.36
C LEU A 536 -3.79 -18.07 32.75
N LEU A 537 -3.48 -19.17 32.05
CA LEU A 537 -2.23 -19.88 32.32
C LEU A 537 -1.04 -18.98 32.01
N ALA A 538 -1.11 -18.21 30.92
CA ALA A 538 -0.05 -17.28 30.61
C ALA A 538 0.11 -16.23 31.71
N LYS A 539 -1.00 -15.73 32.23
CA LYS A 539 -0.95 -14.76 33.32
C LYS A 539 -0.29 -15.37 34.56
N ALA A 540 -0.66 -16.60 34.90
CA ALA A 540 -0.09 -17.26 36.05
C ALA A 540 1.41 -17.45 35.89
N VAL A 541 1.84 -17.84 34.68
CA VAL A 541 3.27 -17.98 34.42
C VAL A 541 3.96 -16.63 34.57
N ALA A 542 3.37 -15.58 33.99
CA ALA A 542 3.97 -14.26 34.06
C ALA A 542 4.10 -13.77 35.50
N THR A 543 3.17 -14.17 36.37
CA THR A 543 3.17 -13.68 37.73
C THR A 543 4.09 -14.49 38.66
N GLU A 544 4.10 -15.81 38.51
CA GLU A 544 4.66 -16.70 39.53
C GLU A 544 5.61 -17.72 38.92
N VAL A 545 6.56 -17.25 38.10
CA VAL A 545 7.60 -18.14 37.58
C VAL A 545 8.99 -17.74 38.03
N SER A 546 9.20 -16.50 38.52
CA SER A 546 10.52 -16.01 38.93
C SER A 546 11.46 -15.93 37.73
N ALA A 547 10.97 -15.33 36.65
CA ALA A 547 11.76 -15.12 35.45
C ALA A 547 11.15 -13.97 34.68
N ASN A 548 11.90 -13.46 33.70
CA ASN A 548 11.42 -12.34 32.91
C ASN A 548 10.24 -12.77 32.04
N PHE A 549 9.46 -11.78 31.61
CA PHE A 549 8.24 -12.05 30.85
C PHE A 549 7.89 -10.83 30.03
N ILE A 550 7.79 -10.99 28.71
CA ILE A 550 7.37 -9.92 27.83
C ILE A 550 6.12 -10.38 27.09
N SER A 551 5.00 -9.73 27.37
CA SER A 551 3.73 -10.05 26.72
C SER A 551 3.54 -9.14 25.51
N VAL A 552 3.14 -9.73 24.39
CA VAL A 552 2.86 -8.96 23.19
C VAL A 552 1.56 -9.46 22.57
N LYS A 553 0.77 -8.53 22.06
CA LYS A 553 -0.42 -8.85 21.30
C LYS A 553 -0.05 -8.99 19.84
N GLY A 554 -0.71 -9.91 19.14
CA GLY A 554 -0.28 -10.29 17.81
C GLY A 554 -0.08 -9.16 16.80
N PRO A 555 -1.18 -8.52 16.40
CA PRO A 555 -1.08 -7.44 15.39
C PRO A 555 -0.35 -6.16 15.80
N GLU A 556 0.06 -5.97 17.06
CA GLU A 556 0.66 -4.67 17.40
C GLU A 556 1.91 -4.40 16.57
N LEU A 557 2.66 -5.45 16.22
CA LEU A 557 3.98 -5.22 15.63
C LEU A 557 3.89 -4.66 14.22
N LEU A 558 2.83 -4.98 13.48
CA LEU A 558 2.74 -4.55 12.09
C LEU A 558 2.69 -3.03 12.02
N SER A 559 3.33 -2.47 11.01
CA SER A 559 3.38 -1.02 10.83
C SER A 559 3.25 -0.71 9.34
N MET A 560 2.71 0.47 9.04
CA MET A 560 2.45 0.83 7.65
C MET A 560 3.77 1.07 6.91
N TRP A 561 4.76 1.63 7.58
CA TRP A 561 6.00 1.99 6.91
C TRP A 561 6.76 0.72 6.48
N TYR A 562 7.75 0.91 5.61
CA TYR A 562 8.51 -0.19 5.05
C TYR A 562 9.74 -0.49 5.89
N GLY A 563 9.82 -1.72 6.42
CA GLY A 563 10.93 -2.18 7.22
C GLY A 563 10.72 -2.12 8.73
N GLU A 564 9.99 -1.12 9.22
CA GLU A 564 9.81 -0.95 10.66
C GLU A 564 9.32 -2.22 11.35
N SER A 565 8.44 -2.98 10.70
CA SER A 565 7.91 -4.20 11.32
C SER A 565 9.04 -5.16 11.69
N GLU A 566 9.87 -5.52 10.71
CA GLU A 566 11.00 -6.39 10.98
C GLU A 566 11.98 -5.75 11.97
N SER A 567 12.11 -4.43 11.94
CA SER A 567 12.93 -3.75 12.94
C SER A 567 12.37 -3.98 14.34
N ASN A 568 11.05 -3.98 14.48
CA ASN A 568 10.44 -4.22 15.77
C ASN A 568 10.66 -5.67 16.20
N ILE A 569 10.55 -6.61 15.26
CA ILE A 569 10.78 -8.00 15.62
C ILE A 569 12.23 -8.21 16.07
N ARG A 570 13.18 -7.60 15.36
CA ARG A 570 14.58 -7.78 15.76
C ARG A 570 14.87 -7.10 17.09
N ASP A 571 14.36 -5.89 17.32
CA ASP A 571 14.65 -5.24 18.60
C ASP A 571 13.99 -5.98 19.76
N ILE A 572 12.75 -6.45 19.58
CA ILE A 572 12.11 -7.19 20.68
C ILE A 572 12.89 -8.46 20.98
N PHE A 573 13.34 -9.18 19.95
CA PHE A 573 14.09 -10.40 20.23
C PHE A 573 15.47 -10.08 20.81
N ASP A 574 16.04 -8.93 20.46
CA ASP A 574 17.27 -8.47 21.09
C ASP A 574 17.04 -8.21 22.58
N LYS A 575 15.93 -7.58 22.92
CA LYS A 575 15.59 -7.37 24.32
C LYS A 575 15.40 -8.70 25.04
N ALA A 576 14.80 -9.67 24.35
CA ALA A 576 14.66 -11.01 24.91
C ALA A 576 16.03 -11.62 25.19
N ARG A 577 16.98 -11.41 24.28
CA ARG A 577 18.31 -11.95 24.45
C ARG A 577 19.03 -11.26 25.62
N ALA A 578 18.82 -9.96 25.77
CA ALA A 578 19.52 -9.20 26.80
C ALA A 578 19.11 -9.65 28.20
N ALA A 579 17.81 -9.72 28.46
CA ALA A 579 17.31 -10.09 29.77
C ALA A 579 17.08 -11.59 29.88
N ALA A 580 18.10 -12.35 29.55
CA ALA A 580 18.02 -13.80 29.60
C ALA A 580 18.14 -14.29 31.04
N PRO A 581 17.25 -15.16 31.50
CA PRO A 581 16.19 -15.88 30.78
C PRO A 581 14.91 -15.06 30.65
N THR A 582 14.09 -15.31 29.62
CA THR A 582 12.86 -14.57 29.42
C THR A 582 11.84 -15.51 28.78
N VAL A 583 10.58 -15.09 28.80
CA VAL A 583 9.47 -15.86 28.26
C VAL A 583 8.63 -14.94 27.39
N VAL A 584 8.80 -15.03 26.08
CA VAL A 584 8.11 -14.16 25.13
C VAL A 584 6.77 -14.81 24.80
N PHE A 585 5.69 -14.18 25.25
CA PHE A 585 4.33 -14.69 25.06
C PHE A 585 3.71 -14.05 23.83
N LEU A 586 3.50 -14.85 22.78
CA LEU A 586 2.93 -14.39 21.52
C LEU A 586 1.42 -14.65 21.51
N ASP A 587 0.63 -13.58 21.43
CA ASP A 587 -0.81 -13.70 21.39
C ASP A 587 -1.30 -13.87 19.95
N GLU A 588 -2.24 -14.79 19.76
CA GLU A 588 -3.00 -14.90 18.52
C GLU A 588 -2.07 -15.01 17.31
N LEU A 589 -1.38 -16.14 17.23
CA LEU A 589 -0.47 -16.35 16.10
C LEU A 589 -1.22 -16.39 14.77
N ASP A 590 -2.55 -16.40 14.80
CA ASP A 590 -3.33 -16.31 13.57
C ASP A 590 -3.24 -14.94 12.92
N SER A 591 -2.53 -14.00 13.52
CA SER A 591 -2.25 -12.70 12.94
C SER A 591 -0.85 -12.60 12.36
N ILE A 592 0.12 -13.23 13.01
CA ILE A 592 1.50 -13.24 12.51
C ILE A 592 1.77 -14.45 11.64
N ALA A 593 1.41 -15.64 12.12
CA ALA A 593 1.68 -16.90 11.44
C ALA A 593 0.54 -17.33 10.52
N LYS A 594 -0.08 -16.40 9.80
CA LYS A 594 -1.14 -16.76 8.88
C LYS A 594 -0.58 -17.53 7.69
N ALA A 595 -1.38 -18.46 7.17
CA ALA A 595 -1.00 -19.23 6.00
C ALA A 595 -0.78 -18.32 4.81
N ARG A 596 0.37 -18.47 4.16
CA ARG A 596 0.72 -17.62 3.02
C ARG A 596 -0.38 -17.62 1.96
N GLY A 597 -1.16 -18.69 1.89
CA GLY A 597 -2.22 -18.80 0.91
C GLY A 597 -3.63 -18.62 1.43
N GLY A 598 -3.80 -18.10 2.65
CA GLY A 598 -5.15 -17.93 3.19
C GLY A 598 -6.00 -17.02 2.34
N SER A 599 -5.44 -15.91 1.88
CA SER A 599 -6.16 -14.92 1.09
C SER A 599 -5.50 -14.79 -0.27
N LEU A 600 -6.31 -14.83 -1.33
CA LEU A 600 -5.75 -14.66 -2.67
C LEU A 600 -5.17 -13.27 -2.86
N GLY A 601 -5.84 -12.25 -2.33
CA GLY A 601 -5.34 -10.88 -2.45
C GLY A 601 -4.06 -10.69 -1.65
N ASP A 602 -3.24 -9.77 -2.13
CA ASP A 602 -1.98 -9.45 -1.46
C ASP A 602 -2.10 -8.11 -0.75
N ALA A 603 -1.54 -8.05 0.45
CA ALA A 603 -1.53 -6.83 1.26
C ALA A 603 -0.21 -6.07 1.15
N GLY A 604 0.55 -6.31 0.09
CA GLY A 604 1.82 -5.66 -0.11
C GLY A 604 3.01 -6.58 0.07
N GLY A 605 2.77 -7.85 0.40
CA GLY A 605 3.81 -8.84 0.60
C GLY A 605 4.45 -8.79 1.96
N ALA A 606 4.05 -7.85 2.82
CA ALA A 606 4.64 -7.72 4.14
C ALA A 606 4.46 -8.99 4.97
N SER A 607 3.33 -9.68 4.80
CA SER A 607 3.07 -10.88 5.60
C SER A 607 4.18 -11.91 5.44
N ASP A 608 4.60 -12.15 4.20
CA ASP A 608 5.70 -13.09 3.98
C ASP A 608 6.99 -12.61 4.63
N ARG A 609 7.27 -11.31 4.52
CA ARG A 609 8.50 -10.77 5.09
C ARG A 609 8.51 -10.90 6.61
N VAL A 610 7.40 -10.59 7.28
CA VAL A 610 7.35 -10.72 8.73
C VAL A 610 7.44 -12.19 9.14
N VAL A 611 6.75 -13.08 8.41
CA VAL A 611 6.84 -14.49 8.77
C VAL A 611 8.28 -14.99 8.63
N ASN A 612 8.96 -14.57 7.56
CA ASN A 612 10.35 -14.97 7.39
C ASN A 612 11.23 -14.38 8.48
N GLN A 613 10.92 -13.15 8.90
CA GLN A 613 11.69 -12.53 9.97
C GLN A 613 11.53 -13.31 11.27
N LEU A 614 10.31 -13.74 11.57
CA LEU A 614 10.09 -14.53 12.78
C LEU A 614 10.80 -15.87 12.69
N LEU A 615 10.78 -16.52 11.53
CA LEU A 615 11.50 -17.79 11.42
C LEU A 615 13.01 -17.60 11.54
N THR A 616 13.57 -16.58 10.90
CA THR A 616 15.02 -16.39 11.02
C THR A 616 15.43 -15.98 12.43
N GLU A 617 14.56 -15.27 13.16
CA GLU A 617 14.93 -14.89 14.52
C GLU A 617 14.56 -15.92 15.58
N MET A 618 13.75 -16.92 15.23
CA MET A 618 13.52 -18.04 16.13
C MET A 618 14.40 -19.24 15.80
N ASP A 619 14.82 -19.39 14.54
CA ASP A 619 15.74 -20.46 14.17
C ASP A 619 17.18 -20.13 14.54
N GLY A 620 17.46 -18.87 14.87
CA GLY A 620 18.80 -18.48 15.25
C GLY A 620 18.97 -18.49 16.76
N MET A 621 18.33 -19.47 17.39
CA MET A 621 18.37 -19.68 18.83
C MET A 621 19.15 -20.95 19.15
N ASN A 622 19.37 -21.14 20.44
CA ASN A 622 20.08 -22.29 20.99
C ASN A 622 19.80 -22.32 22.48
N ALA A 623 20.50 -23.19 23.21
CA ALA A 623 20.31 -23.26 24.65
C ALA A 623 20.62 -21.93 25.31
N LYS A 624 21.63 -21.23 24.80
CA LYS A 624 22.01 -19.93 25.34
C LYS A 624 20.88 -18.92 25.18
N LYS A 625 20.91 -17.91 26.05
CA LYS A 625 19.92 -16.83 26.15
C LYS A 625 18.55 -17.27 26.63
N ASN A 626 18.33 -18.58 26.78
CA ASN A 626 17.19 -19.11 27.54
C ASN A 626 15.86 -18.41 27.25
N VAL A 627 15.28 -18.58 26.07
CA VAL A 627 14.04 -17.90 25.71
C VAL A 627 13.00 -18.93 25.28
N PHE A 628 11.92 -19.04 26.05
CA PHE A 628 10.83 -19.97 25.78
C PHE A 628 9.66 -19.18 25.21
N VAL A 629 9.24 -19.51 23.99
CA VAL A 629 8.16 -18.80 23.33
C VAL A 629 6.87 -19.61 23.53
N ILE A 630 5.85 -18.97 24.11
CA ILE A 630 4.56 -19.60 24.34
C ILE A 630 3.58 -19.09 23.31
N GLY A 631 2.97 -20.02 22.56
CA GLY A 631 1.93 -19.68 21.63
C GLY A 631 0.56 -20.00 22.19
N ALA A 632 -0.44 -19.26 21.73
CA ALA A 632 -1.82 -19.47 22.17
C ALA A 632 -2.75 -18.96 21.08
N THR A 633 -3.47 -19.87 20.44
CA THR A 633 -4.39 -19.53 19.37
C THR A 633 -5.73 -20.22 19.59
N ASN A 634 -6.78 -19.58 19.09
CA ASN A 634 -8.13 -20.15 19.14
C ASN A 634 -8.42 -21.05 17.96
N ARG A 635 -7.96 -20.66 16.76
CA ARG A 635 -8.17 -21.44 15.54
C ARG A 635 -6.85 -22.02 15.08
N PRO A 636 -6.57 -23.30 15.35
CA PRO A 636 -5.28 -23.88 14.97
C PRO A 636 -5.12 -24.11 13.47
N ASP A 637 -6.17 -23.99 12.68
CA ASP A 637 -6.06 -24.29 11.25
C ASP A 637 -5.31 -23.22 10.49
N GLN A 638 -5.35 -21.97 10.95
CA GLN A 638 -4.82 -20.83 10.21
C GLN A 638 -3.36 -20.51 10.51
N ILE A 639 -2.66 -21.30 11.32
CA ILE A 639 -1.26 -21.06 11.56
C ILE A 639 -0.44 -21.73 10.45
N ASP A 640 0.62 -21.07 10.02
CA ASP A 640 1.49 -21.63 9.01
C ASP A 640 2.14 -22.91 9.55
N PRO A 641 2.09 -24.02 8.81
CA PRO A 641 2.81 -25.22 9.25
C PRO A 641 4.31 -25.04 9.38
N ALA A 642 4.89 -24.01 8.75
CA ALA A 642 6.32 -23.79 8.89
C ALA A 642 6.72 -23.59 10.35
N ILE A 643 5.86 -22.91 11.12
CA ILE A 643 6.13 -22.69 12.54
C ILE A 643 6.05 -24.00 13.34
N LEU A 644 5.10 -24.88 13.02
CA LEU A 644 4.95 -26.10 13.81
C LEU A 644 6.00 -27.16 13.49
N ARG A 645 7.00 -26.84 12.65
CA ARG A 645 8.07 -27.79 12.39
C ARG A 645 8.82 -28.10 13.68
N PRO A 646 9.29 -29.34 13.86
CA PRO A 646 10.09 -29.64 15.05
C PRO A 646 11.33 -28.77 15.10
N GLY A 647 11.69 -28.39 16.32
CA GLY A 647 12.82 -27.50 16.53
C GLY A 647 12.43 -26.04 16.62
N ARG A 648 11.23 -25.68 16.18
CA ARG A 648 10.71 -24.33 16.26
C ARG A 648 9.60 -24.21 17.30
N LEU A 649 8.52 -24.98 17.13
CA LEU A 649 7.44 -25.09 18.10
C LEU A 649 7.18 -26.58 18.26
N ASP A 650 7.72 -27.18 19.32
CA ASP A 650 7.69 -28.62 19.48
C ASP A 650 6.46 -29.07 20.27
N GLN A 651 6.32 -28.58 21.49
CA GLN A 651 5.20 -29.00 22.33
C GLN A 651 3.90 -28.41 21.79
N LEU A 652 2.88 -29.24 21.69
CA LEU A 652 1.54 -28.82 21.27
C LEU A 652 0.57 -29.33 22.32
N ILE A 653 0.22 -28.48 23.27
CA ILE A 653 -0.72 -28.84 24.31
C ILE A 653 -2.13 -28.49 23.84
N TYR A 654 -3.06 -29.41 24.08
CA TYR A 654 -4.47 -29.19 23.78
C TYR A 654 -5.20 -28.98 25.10
N VAL A 655 -5.88 -27.85 25.21
CA VAL A 655 -6.55 -27.51 26.47
C VAL A 655 -8.02 -27.85 26.28
N PRO A 656 -8.47 -29.01 26.75
CA PRO A 656 -9.83 -29.45 26.48
C PRO A 656 -10.84 -28.78 27.39
N LEU A 657 -12.11 -29.09 27.15
CA LEU A 657 -13.17 -28.58 28.00
C LEU A 657 -13.06 -29.23 29.38
N PRO A 658 -13.31 -28.48 30.46
CA PRO A 658 -13.17 -29.04 31.80
C PRO A 658 -14.10 -30.22 32.04
N ASP A 659 -13.63 -31.15 32.87
CA ASP A 659 -14.44 -32.28 33.31
C ASP A 659 -15.11 -31.94 34.64
N GLU A 660 -15.80 -32.93 35.22
CA GLU A 660 -16.62 -32.66 36.40
C GLU A 660 -15.77 -32.22 37.58
N ASN A 661 -14.68 -32.93 37.84
CA ASN A 661 -13.78 -32.53 38.93
C ASN A 661 -13.07 -31.24 38.61
N ALA A 662 -12.59 -31.10 37.38
CA ALA A 662 -11.95 -29.85 36.96
C ALA A 662 -12.94 -28.69 37.04
N ARG A 663 -14.17 -28.91 36.61
CA ARG A 663 -15.17 -27.84 36.65
C ARG A 663 -15.48 -27.42 38.08
N LEU A 664 -15.62 -28.40 38.99
CA LEU A 664 -15.83 -28.06 40.39
C LEU A 664 -14.65 -27.28 40.95
N SER A 665 -13.42 -27.70 40.61
CA SER A 665 -12.24 -26.98 41.07
C SER A 665 -12.25 -25.55 40.54
N ILE A 666 -12.61 -25.38 39.26
CA ILE A 666 -12.68 -24.05 38.67
C ILE A 666 -13.69 -23.19 39.44
N LEU A 667 -14.88 -23.75 39.68
CA LEU A 667 -15.91 -22.98 40.39
C LEU A 667 -15.41 -22.57 41.77
N ASN A 668 -14.70 -23.46 42.44
CA ASN A 668 -14.10 -23.11 43.73
C ASN A 668 -13.01 -22.04 43.56
N ALA A 669 -12.41 -21.96 42.37
CA ALA A 669 -11.29 -21.04 42.19
C ALA A 669 -11.72 -19.58 42.10
N GLN A 670 -12.91 -19.30 41.52
CA GLN A 670 -13.36 -17.90 41.53
C GLN A 670 -14.01 -17.52 42.85
N LEU A 671 -14.41 -18.48 43.66
CA LEU A 671 -15.07 -18.20 44.92
C LEU A 671 -14.10 -18.29 46.10
N ARG A 672 -12.80 -18.10 45.84
CA ARG A 672 -11.81 -18.11 46.90
C ARG A 672 -11.95 -16.89 47.79
N LYS A 673 -12.02 -15.70 47.19
CA LYS A 673 -12.08 -14.45 47.93
C LYS A 673 -13.51 -14.01 48.24
N THR A 674 -14.50 -14.65 47.64
CA THR A 674 -15.89 -14.24 47.80
C THR A 674 -16.44 -14.78 49.12
N PRO A 675 -16.89 -13.93 50.04
CA PRO A 675 -17.63 -14.44 51.21
C PRO A 675 -18.82 -15.25 50.75
N LEU A 676 -19.01 -16.42 51.36
CA LEU A 676 -20.00 -17.38 50.91
C LEU A 676 -20.82 -17.89 52.09
N GLU A 677 -22.12 -18.07 51.86
CA GLU A 677 -22.99 -18.57 52.90
C GLU A 677 -22.59 -20.00 53.26
N PRO A 678 -22.65 -20.37 54.54
CA PRO A 678 -22.22 -21.73 54.92
C PRO A 678 -23.02 -22.83 54.26
N GLY A 679 -24.32 -22.62 54.05
CA GLY A 679 -25.16 -23.66 53.50
C GLY A 679 -25.25 -23.64 51.98
N LEU A 680 -24.17 -24.02 51.30
CA LEU A 680 -24.16 -24.10 49.85
C LEU A 680 -23.31 -25.29 49.41
N GLU A 681 -23.81 -26.03 48.43
CA GLU A 681 -23.12 -27.17 47.87
C GLU A 681 -23.03 -27.00 46.36
N LEU A 682 -21.81 -27.07 45.83
CA LEU A 682 -21.55 -26.76 44.42
C LEU A 682 -21.55 -27.99 43.52
N THR A 683 -21.61 -29.20 44.09
CA THR A 683 -21.55 -30.40 43.26
C THR A 683 -22.73 -30.48 42.31
N ALA A 684 -23.91 -30.06 42.76
CA ALA A 684 -25.09 -30.08 41.90
C ALA A 684 -24.90 -29.19 40.68
N ILE A 685 -24.37 -27.98 40.89
CA ILE A 685 -24.15 -27.06 39.79
C ILE A 685 -23.24 -27.69 38.73
N ALA A 686 -22.14 -28.28 39.17
CA ALA A 686 -21.23 -28.95 38.25
C ALA A 686 -21.93 -30.10 37.52
N LYS A 687 -22.66 -30.93 38.26
CA LYS A 687 -23.34 -32.08 37.65
C LYS A 687 -24.36 -31.64 36.60
N ALA A 688 -24.99 -30.48 36.80
CA ALA A 688 -26.03 -30.03 35.87
C ALA A 688 -25.45 -29.40 34.61
N THR A 689 -24.20 -28.97 34.64
CA THR A 689 -23.54 -28.35 33.49
C THR A 689 -22.64 -29.36 32.80
N GLN A 690 -22.81 -29.52 31.50
CA GLN A 690 -22.08 -30.51 30.71
C GLN A 690 -21.11 -29.89 29.71
N GLY A 691 -21.59 -28.99 28.87
CA GLY A 691 -20.75 -28.37 27.85
C GLY A 691 -20.21 -26.99 28.18
N PHE A 692 -20.14 -26.66 29.47
CA PHE A 692 -19.77 -25.30 29.83
C PHE A 692 -18.25 -25.12 29.80
N SER A 693 -17.83 -23.86 29.88
CA SER A 693 -16.44 -23.47 29.92
C SER A 693 -16.20 -22.57 31.12
N GLY A 694 -14.92 -22.28 31.38
CA GLY A 694 -14.60 -21.42 32.50
C GLY A 694 -15.25 -20.06 32.40
N ALA A 695 -15.35 -19.51 31.18
CA ALA A 695 -16.01 -18.23 30.99
C ALA A 695 -17.49 -18.32 31.38
N ASP A 696 -18.14 -19.44 31.09
CA ASP A 696 -19.53 -19.61 31.47
C ASP A 696 -19.68 -19.61 32.99
N LEU A 697 -18.76 -20.28 33.68
CA LEU A 697 -18.79 -20.30 35.14
C LEU A 697 -18.58 -18.90 35.71
N LEU A 698 -17.64 -18.15 35.12
CA LEU A 698 -17.44 -16.77 35.53
C LEU A 698 -18.71 -15.96 35.33
N TYR A 699 -19.40 -16.17 34.21
CA TYR A 699 -20.66 -15.45 33.96
C TYR A 699 -21.69 -15.80 35.02
N ILE A 700 -21.78 -17.08 35.40
CA ILE A 700 -22.73 -17.49 36.42
C ILE A 700 -22.43 -16.79 37.74
N VAL A 701 -21.15 -16.78 38.12
CA VAL A 701 -20.77 -16.19 39.40
C VAL A 701 -21.01 -14.68 39.38
N GLN A 702 -20.72 -14.02 38.26
CA GLN A 702 -20.96 -12.59 38.16
C GLN A 702 -22.44 -12.26 38.22
N ARG A 703 -23.28 -13.08 37.58
CA ARG A 703 -24.73 -12.87 37.69
C ARG A 703 -25.20 -13.03 39.12
N ALA A 704 -24.70 -14.05 39.83
CA ALA A 704 -25.06 -14.22 41.23
C ALA A 704 -24.63 -13.01 42.06
N ALA A 705 -23.41 -12.52 41.82
CA ALA A 705 -22.94 -11.35 42.54
C ALA A 705 -23.79 -10.13 42.25
N LYS A 706 -24.22 -9.97 40.99
CA LYS A 706 -25.06 -8.84 40.63
C LYS A 706 -26.40 -8.91 41.33
N TYR A 707 -26.99 -10.11 41.39
CA TYR A 707 -28.26 -10.26 42.11
C TYR A 707 -28.10 -9.96 43.59
N ALA A 708 -26.99 -10.41 44.18
CA ALA A 708 -26.74 -10.11 45.59
C ALA A 708 -26.59 -8.61 45.81
N ILE A 709 -25.87 -7.93 44.92
CA ILE A 709 -25.69 -6.48 45.06
C ILE A 709 -27.02 -5.76 44.91
N LYS A 710 -27.86 -6.22 43.98
CA LYS A 710 -29.18 -5.61 43.82
C LYS A 710 -29.99 -5.76 45.10
N ASP A 711 -29.98 -6.95 45.69
CA ASP A 711 -30.71 -7.15 46.93
C ASP A 711 -30.16 -6.25 48.05
N SER A 712 -28.83 -6.15 48.13
CA SER A 712 -28.22 -5.33 49.18
C SER A 712 -28.60 -3.86 49.02
N ILE A 713 -28.55 -3.34 47.80
CA ILE A 713 -28.89 -1.95 47.57
C ILE A 713 -30.37 -1.71 47.85
N GLU A 714 -31.23 -2.64 47.45
CA GLU A 714 -32.65 -2.50 47.74
C GLU A 714 -32.89 -2.46 49.25
N ALA A 715 -32.25 -3.36 49.99
CA ALA A 715 -32.43 -3.39 51.44
C ALA A 715 -31.90 -2.12 52.09
N HIS A 716 -30.76 -1.61 51.62
CA HIS A 716 -30.23 -0.37 52.18
C HIS A 716 -31.15 0.80 51.91
N ARG A 717 -31.72 0.87 50.69
CA ARG A 717 -32.67 1.92 50.38
C ARG A 717 -33.91 1.82 51.26
N GLN A 718 -34.39 0.59 51.49
CA GLN A 718 -35.53 0.41 52.38
C GLN A 718 -35.20 0.87 53.79
N HIS A 719 -34.00 0.54 54.27
CA HIS A 719 -33.59 0.97 55.61
C HIS A 719 -33.54 2.49 55.71
N GLU A 720 -32.96 3.14 54.70
CA GLU A 720 -32.88 4.59 54.73
C GLU A 720 -34.26 5.22 54.65
N ALA A 721 -35.16 4.63 53.87
CA ALA A 721 -36.52 5.15 53.77
C ALA A 721 -37.25 5.04 55.10
N GLU A 722 -37.19 3.87 55.72
CA GLU A 722 -37.88 3.69 57.00
C GLU A 722 -37.26 4.52 58.11
N LYS A 723 -35.96 4.79 58.04
CA LYS A 723 -35.31 5.64 59.02
C LYS A 723 -35.64 7.11 58.77
N GLU A 746 -27.76 -6.67 61.82
CA GLU A 746 -26.55 -6.42 61.04
C GLU A 746 -26.76 -5.29 60.04
N VAL A 747 -25.69 -4.55 59.77
CA VAL A 747 -25.78 -3.44 58.83
C VAL A 747 -26.09 -3.96 57.43
N ASP A 748 -25.42 -5.02 57.01
CA ASP A 748 -25.63 -5.58 55.68
C ASP A 748 -26.57 -6.78 55.79
N PRO A 749 -27.80 -6.68 55.29
CA PRO A 749 -28.70 -7.85 55.33
C PRO A 749 -28.23 -9.01 54.50
N VAL A 750 -27.35 -8.80 53.53
CA VAL A 750 -26.90 -9.86 52.63
C VAL A 750 -25.38 -9.91 52.63
N PRO A 751 -24.74 -10.38 53.71
CA PRO A 751 -23.28 -10.52 53.70
C PRO A 751 -22.77 -11.71 52.91
N TYR A 752 -23.65 -12.62 52.50
CA TYR A 752 -23.24 -13.83 51.78
C TYR A 752 -24.19 -14.08 50.63
N ILE A 753 -23.68 -14.81 49.63
CA ILE A 753 -24.47 -15.14 48.44
C ILE A 753 -25.34 -16.36 48.75
N THR A 754 -26.48 -16.46 48.07
CA THR A 754 -27.53 -17.39 48.45
C THR A 754 -27.80 -18.40 47.35
N LYS A 755 -28.40 -19.52 47.74
CA LYS A 755 -28.84 -20.51 46.76
C LYS A 755 -29.88 -19.92 45.84
N GLU A 756 -30.74 -19.03 46.34
CA GLU A 756 -31.70 -18.36 45.47
C GLU A 756 -30.98 -17.50 44.44
N HIS A 757 -29.93 -16.79 44.85
CA HIS A 757 -29.15 -16.01 43.90
C HIS A 757 -28.52 -16.90 42.84
N PHE A 758 -27.97 -18.05 43.26
CA PHE A 758 -27.39 -18.97 42.29
C PHE A 758 -28.43 -19.52 41.33
N ALA A 759 -29.63 -19.82 41.85
CA ALA A 759 -30.73 -20.29 41.00
C ALA A 759 -31.12 -19.24 39.99
N GLU A 760 -31.14 -17.97 40.40
CA GLU A 760 -31.54 -16.92 39.47
C GLU A 760 -30.45 -16.66 38.44
N ALA A 761 -29.18 -16.88 38.81
CA ALA A 761 -28.12 -16.75 37.82
C ALA A 761 -28.13 -17.89 36.81
N MET A 762 -28.44 -19.10 37.26
CA MET A 762 -28.44 -20.22 36.33
C MET A 762 -29.76 -20.35 35.59
N LYS A 763 -30.76 -19.56 35.96
CA LYS A 763 -31.96 -19.46 35.15
C LYS A 763 -31.66 -18.83 33.80
N THR A 764 -30.60 -18.02 33.72
CA THR A 764 -30.23 -17.37 32.47
C THR A 764 -28.88 -17.84 31.95
N ALA A 765 -28.07 -18.52 32.76
CA ALA A 765 -26.81 -19.08 32.28
C ALA A 765 -26.98 -19.96 31.05
N LYS A 766 -25.91 -20.12 30.27
CA LYS A 766 -25.92 -20.98 29.09
C LYS A 766 -24.48 -21.16 28.61
N ARG A 767 -24.29 -22.13 27.73
CA ARG A 767 -22.96 -22.48 27.24
C ARG A 767 -22.58 -21.61 26.04
N SER A 768 -21.27 -21.45 25.86
CA SER A 768 -20.72 -20.58 24.82
C SER A 768 -20.34 -21.33 23.56
N VAL A 769 -19.40 -22.29 23.67
CA VAL A 769 -18.86 -22.95 22.50
C VAL A 769 -19.88 -23.94 21.93
N SER A 770 -20.02 -23.92 20.61
CA SER A 770 -20.98 -24.75 19.91
C SER A 770 -20.43 -26.15 19.59
N ASP A 771 -21.34 -27.01 19.12
CA ASP A 771 -20.96 -28.39 18.87
C ASP A 771 -20.16 -28.51 17.58
N ALA A 772 -20.37 -27.61 16.63
CA ALA A 772 -19.55 -27.61 15.42
C ALA A 772 -18.09 -27.31 15.76
N GLU A 773 -17.88 -26.33 16.65
CA GLU A 773 -16.53 -26.03 17.10
C GLU A 773 -15.93 -27.21 17.88
N LEU A 774 -16.74 -27.84 18.75
CA LEU A 774 -16.24 -29.02 19.44
C LEU A 774 -15.84 -30.12 18.45
N ARG A 775 -16.65 -30.33 17.41
CA ARG A 775 -16.33 -31.33 16.40
C ARG A 775 -15.04 -30.98 15.69
N ARG A 776 -14.85 -29.71 15.33
CA ARG A 776 -13.65 -29.31 14.62
C ARG A 776 -12.40 -29.50 15.48
N TYR A 777 -12.49 -29.16 16.76
CA TYR A 777 -11.35 -29.35 17.66
C TYR A 777 -11.07 -30.83 17.89
N GLU A 778 -12.11 -31.64 18.03
CA GLU A 778 -11.91 -33.08 18.19
C GLU A 778 -11.27 -33.68 16.95
N ALA A 779 -11.71 -33.26 15.77
CA ALA A 779 -11.11 -33.75 14.53
C ALA A 779 -9.65 -33.35 14.43
N TYR A 780 -9.33 -32.10 14.79
CA TYR A 780 -7.93 -31.68 14.77
C TYR A 780 -7.09 -32.49 15.75
N SER A 781 -7.63 -32.72 16.96
CA SER A 781 -6.89 -33.49 17.97
C SER A 781 -6.64 -34.89 17.48
N GLN A 782 -7.65 -35.53 16.89
CA GLN A 782 -7.47 -36.89 16.41
C GLN A 782 -6.53 -36.93 15.21
N GLN A 783 -6.51 -35.88 14.39
CA GLN A 783 -5.57 -35.84 13.28
C GLN A 783 -4.12 -35.80 13.80
N MET A 784 -3.85 -35.02 14.84
CA MET A 784 -2.47 -34.99 15.36
C MET A 784 -2.05 -36.39 15.83
N ASN B 209 0.22 33.54 45.76
CA ASN B 209 1.00 33.64 44.53
C ASN B 209 1.81 32.38 44.30
N GLU B 210 2.80 32.14 45.18
CA GLU B 210 3.62 30.94 45.06
C GLU B 210 2.77 29.69 45.23
N VAL B 211 3.08 28.67 44.45
CA VAL B 211 2.34 27.42 44.45
C VAL B 211 3.14 26.41 45.26
N GLY B 212 2.68 26.14 46.48
CA GLY B 212 3.36 25.23 47.37
C GLY B 212 2.84 23.81 47.24
N TYR B 213 3.12 23.00 48.27
CA TYR B 213 2.70 21.61 48.24
C TYR B 213 1.23 21.42 48.54
N ASP B 214 0.52 22.46 48.97
CA ASP B 214 -0.91 22.36 49.20
C ASP B 214 -1.73 22.75 47.98
N ASP B 215 -1.11 23.28 46.93
CA ASP B 215 -1.78 23.53 45.67
C ASP B 215 -1.57 22.43 44.65
N ILE B 216 -0.85 21.36 45.00
CA ILE B 216 -0.53 20.30 44.05
C ILE B 216 -1.15 18.98 44.50
N GLY B 217 -2.27 19.05 45.21
CA GLY B 217 -2.95 17.87 45.70
C GLY B 217 -3.28 16.87 44.61
N GLY B 218 -3.65 15.67 45.06
CA GLY B 218 -4.09 14.60 44.18
C GLY B 218 -3.01 13.68 43.70
N CYS B 219 -1.76 13.89 44.10
CA CYS B 219 -0.65 13.00 43.76
C CYS B 219 0.21 12.78 45.00
N ARG B 220 -0.43 12.45 46.13
CA ARG B 220 0.25 12.41 47.42
C ARG B 220 1.39 11.40 47.43
N LYS B 221 1.18 10.22 46.84
CA LYS B 221 2.24 9.22 46.85
C LYS B 221 3.46 9.68 46.06
N GLN B 222 3.23 10.12 44.81
CA GLN B 222 4.33 10.61 43.99
C GLN B 222 4.93 11.88 44.57
N MET B 223 4.07 12.75 45.13
CA MET B 223 4.57 13.96 45.78
C MET B 223 5.53 13.59 46.90
N ALA B 224 5.17 12.60 47.72
CA ALA B 224 6.05 12.18 48.80
C ALA B 224 7.35 11.59 48.24
N GLN B 225 7.26 10.80 47.17
CA GLN B 225 8.46 10.19 46.61
C GLN B 225 9.44 11.25 46.13
N ILE B 226 8.93 12.25 45.41
CA ILE B 226 9.82 13.26 44.86
C ILE B 226 10.27 14.24 45.94
N ARG B 227 9.41 14.52 46.92
CA ARG B 227 9.81 15.36 48.03
C ARG B 227 10.94 14.69 48.81
N GLU B 228 10.84 13.39 49.04
CA GLU B 228 11.91 12.66 49.69
C GLU B 228 13.20 12.78 48.89
N MET B 229 13.14 12.46 47.59
CA MET B 229 14.37 12.48 46.79
C MET B 229 14.99 13.87 46.74
N VAL B 230 14.19 14.92 46.78
CA VAL B 230 14.76 16.26 46.65
C VAL B 230 15.20 16.84 47.99
N GLU B 231 14.53 16.49 49.08
CA GLU B 231 14.77 17.11 50.38
C GLU B 231 15.70 16.30 51.27
N LEU B 232 15.45 15.00 51.42
CA LEU B 232 16.22 14.22 52.40
C LEU B 232 17.71 14.28 52.16
N PRO B 233 18.24 14.12 50.94
CA PRO B 233 19.68 14.33 50.73
C PRO B 233 20.10 15.79 50.80
N LEU B 234 19.16 16.73 50.95
CA LEU B 234 19.49 18.15 51.06
C LEU B 234 19.00 18.76 52.36
N ARG B 235 18.54 17.95 53.30
CA ARG B 235 18.15 18.43 54.62
C ARG B 235 18.90 17.75 55.74
N HIS B 236 19.07 16.44 55.67
CA HIS B 236 19.84 15.67 56.65
C HIS B 236 20.73 14.68 55.93
N PRO B 237 21.79 15.16 55.26
CA PRO B 237 22.69 14.25 54.56
C PRO B 237 23.36 13.24 55.47
N GLN B 238 23.43 13.52 56.78
CA GLN B 238 24.12 12.63 57.71
C GLN B 238 23.54 11.23 57.67
N LEU B 239 22.22 11.12 57.51
CA LEU B 239 21.59 9.80 57.46
C LEU B 239 22.11 8.97 56.29
N PHE B 240 22.38 9.60 55.16
CA PHE B 240 22.87 8.87 53.99
C PHE B 240 24.33 8.48 54.12
N LYS B 241 25.11 9.21 54.92
CA LYS B 241 26.44 8.73 55.28
C LYS B 241 26.36 7.63 56.33
N ALA B 242 25.32 7.64 57.16
CA ALA B 242 25.19 6.63 58.20
C ALA B 242 24.79 5.29 57.61
N ILE B 243 23.87 5.30 56.65
CA ILE B 243 23.48 4.05 56.01
C ILE B 243 24.62 3.49 55.17
N GLY B 244 25.44 4.37 54.56
CA GLY B 244 26.65 3.98 53.88
C GLY B 244 26.69 4.35 52.40
N ILE B 245 25.55 4.32 51.74
CA ILE B 245 25.51 4.48 50.29
C ILE B 245 25.03 5.89 49.95
N LYS B 246 25.16 6.25 48.69
CA LYS B 246 24.72 7.55 48.17
C LYS B 246 23.25 7.48 47.75
N PRO B 247 22.56 8.61 47.72
CA PRO B 247 21.13 8.59 47.42
C PRO B 247 20.89 8.58 45.92
N PRO B 248 19.68 8.25 45.48
CA PRO B 248 19.34 8.44 44.06
C PRO B 248 19.32 9.93 43.69
N ARG B 249 19.66 10.19 42.43
CA ARG B 249 19.77 11.57 41.96
C ARG B 249 19.05 11.81 40.64
N GLY B 250 18.59 10.77 39.95
CA GLY B 250 17.85 10.96 38.71
C GLY B 250 16.45 10.37 38.75
N VAL B 251 15.45 11.14 38.35
CA VAL B 251 14.06 10.72 38.40
C VAL B 251 13.35 11.24 37.16
N LEU B 252 12.43 10.43 36.63
CA LEU B 252 11.70 10.77 35.42
C LEU B 252 10.20 10.78 35.70
N MET B 253 9.59 11.94 35.51
CA MET B 253 8.13 12.07 35.63
C MET B 253 7.50 11.87 34.26
N TYR B 254 6.49 11.00 34.19
CA TYR B 254 5.80 10.71 32.94
C TYR B 254 4.32 10.53 33.21
N GLY B 255 3.51 10.84 32.20
CA GLY B 255 2.08 10.69 32.29
C GLY B 255 1.36 11.47 31.21
N PRO B 256 0.05 11.32 31.13
CA PRO B 256 -0.73 12.08 30.14
C PRO B 256 -0.62 13.57 30.38
N PRO B 257 -0.88 14.40 29.37
CA PRO B 257 -0.70 15.84 29.54
C PRO B 257 -1.71 16.43 30.50
N GLY B 258 -1.30 17.52 31.16
CA GLY B 258 -2.15 18.23 32.08
C GLY B 258 -2.39 17.53 33.39
N THR B 259 -1.68 16.45 33.67
CA THR B 259 -1.89 15.73 34.93
C THR B 259 -1.30 16.51 36.10
N GLY B 260 -0.28 17.34 35.83
CA GLY B 260 0.27 18.22 36.84
C GLY B 260 1.77 18.06 37.04
N LYS B 261 2.43 17.42 36.07
CA LYS B 261 3.87 17.22 36.18
C LYS B 261 4.62 18.56 36.20
N THR B 262 4.30 19.45 35.25
CA THR B 262 4.94 20.75 35.27
C THR B 262 4.56 21.52 36.52
N LEU B 263 3.33 21.32 37.01
CA LEU B 263 2.94 21.90 38.29
C LEU B 263 3.82 21.37 39.42
N MET B 264 4.13 20.08 39.38
CA MET B 264 5.01 19.49 40.39
C MET B 264 6.40 20.11 40.31
N ALA B 265 6.91 20.32 39.10
CA ALA B 265 8.20 21.00 38.94
C ALA B 265 8.16 22.41 39.51
N ARG B 266 7.07 23.14 39.26
CA ARG B 266 6.94 24.48 39.80
C ARG B 266 6.91 24.45 41.32
N ALA B 267 6.20 23.49 41.90
CA ALA B 267 6.15 23.39 43.35
C ALA B 267 7.52 23.11 43.94
N VAL B 268 8.27 22.18 43.33
CA VAL B 268 9.62 21.88 43.81
C VAL B 268 10.51 23.11 43.70
N ALA B 269 10.41 23.84 42.58
CA ALA B 269 11.23 25.04 42.40
C ALA B 269 10.89 26.09 43.45
N ASN B 270 9.60 26.23 43.78
CA ASN B 270 9.19 27.26 44.74
C ASN B 270 9.58 26.90 46.17
N GLU B 271 9.50 25.60 46.51
CA GLU B 271 9.69 25.24 47.91
C GLU B 271 11.16 25.14 48.29
N THR B 272 11.95 24.40 47.51
CA THR B 272 13.36 24.22 47.84
C THR B 272 14.13 25.52 47.70
N GLY B 273 14.97 25.80 48.69
CA GLY B 273 15.77 27.00 48.70
C GLY B 273 17.05 26.91 47.90
N ALA B 274 17.29 25.77 47.25
CA ALA B 274 18.51 25.54 46.49
C ALA B 274 18.43 26.18 45.11
N PHE B 275 19.57 26.23 44.45
CA PHE B 275 19.64 26.76 43.09
C PHE B 275 18.90 25.86 42.12
N PHE B 276 18.25 26.49 41.13
CA PHE B 276 17.33 25.80 40.24
C PHE B 276 17.61 26.29 38.83
N PHE B 277 17.74 25.36 37.88
CA PHE B 277 17.85 25.69 36.48
C PHE B 277 16.67 25.09 35.72
N LEU B 278 16.08 25.86 34.80
CA LEU B 278 15.01 25.38 33.95
C LEU B 278 15.48 25.36 32.50
N ILE B 279 15.23 24.24 31.82
CA ILE B 279 15.63 24.04 30.43
C ILE B 279 14.43 23.57 29.63
N ASN B 280 13.98 24.41 28.70
CA ASN B 280 13.02 23.96 27.69
C ASN B 280 13.74 23.05 26.71
N GLY B 281 12.99 22.13 26.10
CA GLY B 281 13.59 21.08 25.32
C GLY B 281 14.33 21.57 24.08
N PRO B 282 13.60 22.03 23.07
CA PRO B 282 14.26 22.48 21.83
C PRO B 282 15.08 23.75 21.97
N GLU B 283 14.93 24.51 23.07
CA GLU B 283 15.57 25.81 23.14
C GLU B 283 17.10 25.71 23.11
N VAL B 284 17.65 24.60 23.57
CA VAL B 284 19.10 24.49 23.70
C VAL B 284 19.79 24.52 22.33
N MET B 285 19.16 23.92 21.31
CA MET B 285 19.81 23.82 20.01
C MET B 285 19.97 25.20 19.38
N SER B 286 20.99 25.32 18.52
CA SER B 286 21.30 26.59 17.89
C SER B 286 21.83 26.32 16.49
N LYS B 287 22.05 27.41 15.75
CA LYS B 287 22.38 27.30 14.33
C LYS B 287 23.86 27.03 14.11
N MET B 288 24.73 27.67 14.89
CA MET B 288 26.17 27.48 14.71
C MET B 288 26.55 26.03 14.99
N ALA B 289 27.54 25.55 14.25
CA ALA B 289 27.93 24.15 14.36
C ALA B 289 28.49 23.87 15.75
N GLY B 290 28.08 22.72 16.31
CA GLY B 290 28.56 22.32 17.62
C GLY B 290 28.26 23.31 18.73
N GLU B 291 27.08 23.92 18.71
CA GLU B 291 26.70 24.89 19.72
C GLU B 291 25.78 24.30 20.77
N SER B 292 24.98 23.29 20.40
CA SER B 292 24.10 22.64 21.37
C SER B 292 24.90 21.98 22.48
N GLU B 293 25.91 21.20 22.11
CA GLU B 293 26.72 20.52 23.12
C GLU B 293 27.43 21.51 24.02
N SER B 294 27.89 22.63 23.46
CA SER B 294 28.47 23.69 24.27
C SER B 294 27.45 24.22 25.27
N ASN B 295 26.20 24.38 24.85
CA ASN B 295 25.16 24.85 25.75
C ASN B 295 24.90 23.84 26.87
N LEU B 296 24.86 22.54 26.55
CA LEU B 296 24.66 21.54 27.59
C LEU B 296 25.80 21.56 28.59
N ARG B 297 27.03 21.63 28.10
CA ARG B 297 28.19 21.70 28.98
C ARG B 297 28.15 22.94 29.86
N LYS B 298 27.81 24.09 29.27
CA LYS B 298 27.73 25.32 30.05
C LYS B 298 26.66 25.23 31.12
N ALA B 299 25.50 24.68 30.78
CA ALA B 299 24.42 24.53 31.76
C ALA B 299 24.86 23.65 32.92
N PHE B 300 25.42 22.48 32.62
CA PHE B 300 25.84 21.57 33.68
C PHE B 300 26.96 22.18 34.52
N GLU B 301 27.89 22.88 33.87
CA GLU B 301 28.99 23.51 34.60
C GLU B 301 28.46 24.59 35.54
N GLU B 302 27.50 25.40 35.07
CA GLU B 302 26.92 26.42 35.93
C GLU B 302 26.17 25.78 37.10
N ALA B 303 25.44 24.69 36.84
CA ALA B 303 24.72 24.02 37.90
C ALA B 303 25.68 23.49 38.96
N GLU B 304 26.78 22.87 38.55
CA GLU B 304 27.71 22.30 39.50
C GLU B 304 28.50 23.38 40.23
N LYS B 305 28.90 24.42 39.52
CA LYS B 305 29.85 25.40 40.06
C LYS B 305 29.26 26.18 41.23
N ASN B 306 27.98 26.56 41.13
CA ASN B 306 27.45 27.54 42.06
C ASN B 306 27.13 26.91 43.42
N ALA B 307 26.39 25.81 43.41
CA ALA B 307 25.88 25.22 44.65
C ALA B 307 25.24 23.87 44.32
N PRO B 308 24.86 23.07 45.31
CA PRO B 308 23.99 21.92 45.00
C PRO B 308 22.68 22.44 44.46
N ALA B 309 22.25 21.87 43.34
CA ALA B 309 21.22 22.50 42.52
C ALA B 309 20.29 21.45 41.92
N ILE B 310 19.16 21.93 41.44
CA ILE B 310 18.16 21.10 40.79
C ILE B 310 18.04 21.55 39.33
N ILE B 311 18.38 20.64 38.42
CA ILE B 311 18.12 20.84 37.00
C ILE B 311 16.73 20.33 36.67
N PHE B 312 16.02 21.03 35.80
CA PHE B 312 14.73 20.58 35.30
C PHE B 312 14.76 20.62 33.77
N ILE B 313 14.56 19.47 33.15
CA ILE B 313 14.56 19.35 31.69
C ILE B 313 13.13 19.11 31.25
N ASP B 314 12.49 20.13 30.70
CA ASP B 314 11.11 20.03 30.25
C ASP B 314 11.02 19.53 28.82
N GLU B 315 10.08 18.62 28.57
CA GLU B 315 9.88 18.00 27.26
C GLU B 315 11.14 17.31 26.75
N ILE B 316 11.51 16.25 27.48
CA ILE B 316 12.68 15.45 27.13
C ILE B 316 12.51 14.71 25.81
N ASP B 317 11.28 14.54 25.32
CA ASP B 317 11.07 13.83 24.06
C ASP B 317 11.77 14.52 22.89
N SER B 318 12.00 15.83 22.98
CA SER B 318 12.63 16.56 21.90
C SER B 318 14.14 16.32 21.81
N ILE B 319 14.74 15.74 22.85
CA ILE B 319 16.18 15.63 22.92
C ILE B 319 16.70 14.20 22.75
N ALA B 320 15.94 13.19 23.20
CA ALA B 320 16.38 11.79 23.17
C ALA B 320 15.48 10.93 22.29
N PRO B 321 15.52 11.11 20.97
CA PRO B 321 14.69 10.25 20.10
C PRO B 321 15.32 8.89 19.83
N LYS B 322 15.85 8.24 20.86
CA LYS B 322 16.36 6.87 20.88
C LYS B 322 17.71 6.73 20.19
N ARG B 323 18.23 7.76 19.52
CA ARG B 323 19.55 7.76 18.90
C ARG B 323 19.74 6.62 17.91
N ASP B 324 18.67 5.96 17.50
CA ASP B 324 18.75 4.84 16.57
C ASP B 324 17.80 4.99 15.40
N LYS B 325 16.62 5.56 15.62
CA LYS B 325 15.68 5.83 14.54
C LYS B 325 15.91 7.19 13.90
N THR B 326 16.56 8.11 14.61
CA THR B 326 16.89 9.40 14.04
C THR B 326 17.98 9.24 12.97
N ASN B 327 18.02 10.20 12.05
CA ASN B 327 19.04 10.22 11.01
C ASN B 327 19.83 11.51 10.97
N GLY B 328 19.49 12.50 11.81
CA GLY B 328 20.30 13.69 11.90
C GLY B 328 21.48 13.49 12.84
N GLU B 329 22.65 13.97 12.41
CA GLU B 329 23.84 13.83 13.23
C GLU B 329 23.77 14.73 14.46
N VAL B 330 23.15 15.91 14.34
CA VAL B 330 23.04 16.82 15.48
C VAL B 330 22.31 16.14 16.63
N GLU B 331 21.25 15.39 16.32
CA GLU B 331 20.51 14.68 17.36
C GLU B 331 21.40 13.67 18.06
N ARG B 332 22.18 12.91 17.29
CA ARG B 332 23.03 11.89 17.89
C ARG B 332 24.15 12.51 18.71
N ARG B 333 24.57 13.72 18.34
CA ARG B 333 25.63 14.37 19.09
C ARG B 333 25.09 14.97 20.39
N VAL B 334 23.86 15.47 20.36
CA VAL B 334 23.27 16.01 21.57
C VAL B 334 22.94 14.88 22.53
N VAL B 335 22.47 13.74 22.00
CA VAL B 335 22.21 12.59 22.87
C VAL B 335 23.49 12.08 23.49
N SER B 336 24.57 11.98 22.70
CA SER B 336 25.83 11.50 23.27
C SER B 336 26.38 12.47 24.29
N GLN B 337 26.25 13.78 24.05
CA GLN B 337 26.72 14.76 25.01
C GLN B 337 25.93 14.68 26.31
N LEU B 338 24.61 14.54 26.21
CA LEU B 338 23.78 14.39 27.41
C LEU B 338 24.15 13.13 28.17
N LEU B 339 24.32 12.01 27.46
CA LEU B 339 24.69 10.76 28.11
C LEU B 339 26.02 10.91 28.85
N THR B 340 27.01 11.54 28.21
CA THR B 340 28.30 11.74 28.86
C THR B 340 28.18 12.65 30.08
N LEU B 341 27.43 13.76 29.96
CA LEU B 341 27.32 14.68 31.08
C LEU B 341 26.61 14.05 32.28
N MET B 342 25.53 13.32 32.02
CA MET B 342 24.71 12.81 33.11
C MET B 342 25.29 11.53 33.70
N ASP B 343 26.21 10.89 32.99
CA ASP B 343 26.91 9.71 33.48
C ASP B 343 28.21 9.59 32.72
N GLY B 344 29.31 9.44 33.44
CA GLY B 344 30.61 9.38 32.81
C GLY B 344 31.70 9.75 33.81
N MET B 345 32.80 10.24 33.28
CA MET B 345 33.90 10.70 34.13
C MET B 345 33.56 12.08 34.69
N LYS B 346 33.52 12.18 36.03
CA LYS B 346 33.15 13.41 36.72
C LYS B 346 31.76 13.86 36.24
N ALA B 347 30.77 13.01 36.52
CA ALA B 347 29.43 13.23 35.99
C ALA B 347 28.66 14.24 36.82
N ARG B 348 28.46 13.96 38.10
CA ARG B 348 27.64 14.82 38.95
C ARG B 348 28.18 14.81 40.36
N SER B 349 28.05 15.96 41.03
CA SER B 349 28.45 16.10 42.43
C SER B 349 27.34 16.88 43.14
N ASN B 350 26.36 16.13 43.67
CA ASN B 350 25.29 16.68 44.48
C ASN B 350 24.41 17.64 43.68
N VAL B 351 23.95 17.18 42.51
CA VAL B 351 22.95 17.86 41.72
C VAL B 351 21.98 16.83 41.16
N VAL B 352 20.69 17.13 41.25
CA VAL B 352 19.65 16.19 40.84
C VAL B 352 18.98 16.71 39.59
N VAL B 353 18.58 15.80 38.70
CA VAL B 353 18.00 16.14 37.42
C VAL B 353 16.61 15.53 37.33
N ILE B 354 15.61 16.37 37.07
CA ILE B 354 14.25 15.93 36.78
C ILE B 354 13.91 16.28 35.35
N ALA B 355 13.26 15.34 34.67
CA ALA B 355 12.79 15.52 33.30
C ALA B 355 11.31 15.21 33.23
N ALA B 356 10.62 15.86 32.29
CA ALA B 356 9.20 15.70 32.10
C ALA B 356 8.92 15.22 30.69
N THR B 357 7.99 14.27 30.55
CA THR B 357 7.67 13.69 29.26
C THR B 357 6.21 13.26 29.25
N ASN B 358 5.67 13.16 28.02
CA ASN B 358 4.36 12.58 27.80
C ASN B 358 4.40 11.21 27.16
N ARG B 359 5.52 10.82 26.55
CA ARG B 359 5.66 9.55 25.85
C ARG B 359 6.97 8.91 26.29
N PRO B 360 6.99 8.23 27.43
CA PRO B 360 8.25 7.65 27.93
C PRO B 360 8.84 6.60 27.01
N ASN B 361 8.06 6.01 26.12
CA ASN B 361 8.56 4.98 25.23
C ASN B 361 9.41 5.53 24.08
N SER B 362 9.37 6.85 23.84
CA SER B 362 10.18 7.47 22.81
C SER B 362 11.53 7.96 23.34
N ILE B 363 12.03 7.36 24.42
CA ILE B 363 13.28 7.77 25.04
C ILE B 363 14.33 6.68 24.86
N ASP B 364 15.58 7.08 24.66
CA ASP B 364 16.66 6.14 24.49
C ASP B 364 16.83 5.30 25.76
N PRO B 365 16.94 3.97 25.64
CA PRO B 365 17.10 3.13 26.84
C PRO B 365 18.31 3.47 27.69
N ALA B 366 19.41 3.96 27.10
CA ALA B 366 20.59 4.30 27.90
C ALA B 366 20.29 5.41 28.91
N LEU B 367 19.36 6.31 28.59
CA LEU B 367 18.98 7.35 29.54
C LEU B 367 18.14 6.79 30.67
N ARG B 368 17.50 5.63 30.47
CA ARG B 368 16.58 5.05 31.45
C ARG B 368 17.29 4.04 32.34
N ARG B 369 18.56 4.27 32.63
CA ARG B 369 19.42 3.34 33.36
C ARG B 369 19.72 3.95 34.72
N PHE B 370 20.02 3.10 35.71
CA PHE B 370 20.36 3.61 37.03
C PHE B 370 21.59 4.51 36.97
N GLY B 371 21.54 5.60 37.73
CA GLY B 371 22.58 6.60 37.69
C GLY B 371 22.23 7.79 36.80
N ARG B 372 21.43 7.57 35.76
CA ARG B 372 20.95 8.65 34.90
C ARG B 372 19.49 8.98 35.20
N PHE B 373 18.60 7.99 35.15
CA PHE B 373 17.22 8.13 35.56
C PHE B 373 16.82 6.83 36.25
N ASP B 374 16.98 6.79 37.57
CA ASP B 374 16.84 5.52 38.27
C ASP B 374 15.37 5.15 38.48
N ARG B 375 14.55 6.12 38.86
CA ARG B 375 13.15 5.84 39.20
C ARG B 375 12.23 6.63 38.28
N GLU B 376 11.19 5.96 37.79
CA GLU B 376 10.19 6.57 36.94
C GLU B 376 8.88 6.62 37.71
N VAL B 377 8.43 7.83 38.04
CA VAL B 377 7.18 8.04 38.75
C VAL B 377 6.07 8.22 37.73
N ASP B 378 4.92 7.62 38.01
CA ASP B 378 3.79 7.59 37.08
C ASP B 378 2.73 8.57 37.59
N ILE B 379 2.65 9.72 36.94
CA ILE B 379 1.68 10.76 37.31
C ILE B 379 0.44 10.48 36.47
N GLY B 380 -0.47 9.68 37.02
CA GLY B 380 -1.62 9.20 36.28
C GLY B 380 -2.90 9.94 36.65
N ILE B 381 -3.99 9.47 36.07
CA ILE B 381 -5.30 10.11 36.28
C ILE B 381 -5.68 10.03 37.75
N PRO B 382 -6.15 11.12 38.37
CA PRO B 382 -6.53 11.06 39.78
C PRO B 382 -7.81 10.26 39.98
N ASP B 383 -8.01 9.84 41.23
CA ASP B 383 -9.24 9.19 41.64
C ASP B 383 -10.27 10.25 42.02
N ALA B 384 -11.46 9.77 42.42
CA ALA B 384 -12.52 10.70 42.84
C ALA B 384 -12.06 11.58 43.99
N THR B 385 -11.36 11.00 44.97
CA THR B 385 -10.84 11.79 46.07
C THR B 385 -9.82 12.81 45.55
N GLY B 386 -8.98 12.39 44.60
CA GLY B 386 -8.05 13.32 43.99
C GLY B 386 -8.76 14.49 43.33
N ARG B 387 -9.87 14.20 42.66
CA ARG B 387 -10.67 15.27 42.06
C ARG B 387 -11.22 16.19 43.15
N LEU B 388 -11.57 15.61 44.30
CA LEU B 388 -12.04 16.43 45.42
C LEU B 388 -10.96 17.39 45.90
N GLU B 389 -9.73 16.89 46.07
CA GLU B 389 -8.67 17.80 46.50
C GLU B 389 -8.39 18.86 45.43
N VAL B 390 -8.42 18.48 44.16
CA VAL B 390 -8.18 19.46 43.10
C VAL B 390 -9.24 20.54 43.13
N LEU B 391 -10.51 20.15 43.28
CA LEU B 391 -11.59 21.13 43.34
C LEU B 391 -11.44 22.04 44.56
N ARG B 392 -11.13 21.47 45.72
CA ARG B 392 -10.94 22.29 46.90
C ARG B 392 -9.77 23.25 46.73
N ILE B 393 -8.72 22.83 46.04
CA ILE B 393 -7.58 23.70 45.80
C ILE B 393 -7.99 24.86 44.89
N HIS B 394 -8.70 24.57 43.81
CA HIS B 394 -9.05 25.61 42.86
C HIS B 394 -10.26 26.43 43.28
N THR B 395 -11.05 25.96 44.23
CA THR B 395 -12.23 26.69 44.68
C THR B 395 -12.08 27.22 46.10
N LYS B 396 -10.85 27.35 46.59
CA LYS B 396 -10.61 27.93 47.90
C LYS B 396 -10.33 29.43 47.85
N ASN B 397 -10.05 29.96 46.66
CA ASN B 397 -9.66 31.36 46.50
C ASN B 397 -10.70 32.14 45.70
N MET B 398 -11.97 31.75 45.83
CA MET B 398 -13.06 32.43 45.16
C MET B 398 -14.23 32.55 46.12
N LYS B 399 -15.20 33.39 45.75
CA LYS B 399 -16.42 33.57 46.53
C LYS B 399 -17.50 32.68 45.92
N LEU B 400 -18.00 31.73 46.70
CA LEU B 400 -18.98 30.76 46.23
C LEU B 400 -20.28 30.91 47.00
N ALA B 401 -21.37 30.56 46.34
CA ALA B 401 -22.66 30.51 47.02
C ALA B 401 -22.70 29.33 47.97
N ASP B 402 -23.54 29.44 49.00
CA ASP B 402 -23.62 28.38 50.01
C ASP B 402 -24.15 27.07 49.41
N ASP B 403 -24.93 27.16 48.34
CA ASP B 403 -25.50 25.96 47.72
C ASP B 403 -24.45 25.04 47.12
N VAL B 404 -23.23 25.53 46.88
CA VAL B 404 -22.23 24.75 46.17
C VAL B 404 -21.92 23.47 46.95
N ASP B 405 -21.88 22.35 46.24
CA ASP B 405 -21.59 21.04 46.83
C ASP B 405 -20.48 20.40 45.99
N LEU B 406 -19.25 20.43 46.52
CA LEU B 406 -18.10 19.96 45.74
C LEU B 406 -17.98 18.44 45.68
N GLU B 407 -18.41 17.71 46.71
CA GLU B 407 -18.23 16.27 46.71
C GLU B 407 -19.07 15.60 45.62
N ALA B 408 -20.34 15.97 45.49
CA ALA B 408 -21.16 15.40 44.43
C ALA B 408 -20.60 15.74 43.06
N LEU B 409 -20.12 16.97 42.90
CA LEU B 409 -19.53 17.39 41.63
C LEU B 409 -18.30 16.56 41.28
N ALA B 410 -17.44 16.31 42.27
CA ALA B 410 -16.28 15.46 42.03
C ALA B 410 -16.70 14.02 41.71
N ALA B 411 -17.78 13.55 42.34
CA ALA B 411 -18.28 12.21 42.05
C ALA B 411 -18.79 12.11 40.61
N GLU B 412 -19.50 13.14 40.15
CA GLU B 412 -20.10 13.09 38.82
C GLU B 412 -19.07 13.25 37.70
N THR B 413 -17.91 13.82 37.98
CA THR B 413 -16.81 13.84 37.02
C THR B 413 -16.15 12.47 36.99
N HIS B 414 -15.95 11.93 35.78
CA HIS B 414 -15.53 10.55 35.62
C HIS B 414 -14.19 10.37 34.93
N GLY B 415 -13.75 11.33 34.13
CA GLY B 415 -12.48 11.20 33.45
C GLY B 415 -11.68 12.47 33.44
N TYR B 416 -12.18 13.51 34.10
CA TYR B 416 -11.52 14.79 34.10
C TYR B 416 -10.24 14.73 34.93
N VAL B 417 -9.17 15.32 34.41
CA VAL B 417 -7.87 15.31 35.06
C VAL B 417 -7.34 16.74 35.15
N GLY B 418 -7.08 17.19 36.39
CA GLY B 418 -6.34 18.41 36.59
C GLY B 418 -6.87 19.61 35.84
N ALA B 419 -6.16 19.98 34.77
CA ALA B 419 -6.55 21.14 33.97
C ALA B 419 -7.99 21.04 33.51
N ASP B 420 -8.48 19.82 33.29
CA ASP B 420 -9.90 19.64 33.00
C ASP B 420 -10.78 20.19 34.12
N ILE B 421 -10.46 19.82 35.36
CA ILE B 421 -11.20 20.35 36.51
C ILE B 421 -11.10 21.87 36.55
N ALA B 422 -9.89 22.40 36.34
CA ALA B 422 -9.72 23.86 36.30
C ALA B 422 -10.62 24.48 35.24
N SER B 423 -10.68 23.87 34.06
CA SER B 423 -11.54 24.34 32.98
C SER B 423 -13.00 24.34 33.42
N LEU B 424 -13.44 23.26 34.06
CA LEU B 424 -14.81 23.20 34.56
C LEU B 424 -15.11 24.37 35.48
N CYS B 425 -14.22 24.62 36.45
CA CYS B 425 -14.39 25.73 37.37
C CYS B 425 -14.48 27.06 36.62
N SER B 426 -13.54 27.28 35.69
CA SER B 426 -13.53 28.50 34.90
C SER B 426 -14.83 28.67 34.13
N GLU B 427 -15.31 27.61 33.50
CA GLU B 427 -16.57 27.67 32.75
C GLU B 427 -17.73 28.05 33.66
N ALA B 428 -17.80 27.44 34.85
CA ALA B 428 -18.85 27.80 35.80
C ALA B 428 -18.79 29.28 36.12
N ALA B 429 -17.59 29.78 36.46
CA ALA B 429 -17.43 31.19 36.78
C ALA B 429 -17.85 32.07 35.61
N MET B 430 -17.44 31.72 34.40
CA MET B 430 -17.76 32.53 33.22
C MET B 430 -19.27 32.56 33.00
N GLN B 431 -19.93 31.42 33.17
CA GLN B 431 -21.39 31.41 33.03
C GLN B 431 -22.04 32.29 34.08
N GLN B 432 -21.54 32.25 35.32
CA GLN B 432 -22.06 33.16 36.34
C GLN B 432 -21.86 34.61 35.94
N ILE B 433 -20.73 34.92 35.31
CA ILE B 433 -20.48 36.27 34.82
C ILE B 433 -21.47 36.63 33.72
N ARG B 434 -21.88 35.64 32.92
CA ARG B 434 -22.82 35.87 31.83
C ARG B 434 -24.26 35.73 32.31
N GLU B 435 -24.46 35.48 33.60
CA GLU B 435 -25.78 35.43 34.22
C GLU B 435 -26.16 36.72 34.90
N LYS B 436 -25.18 37.48 35.41
CA LYS B 436 -25.44 38.72 36.12
C LYS B 436 -25.01 39.96 35.35
N MET B 437 -24.24 39.81 34.28
CA MET B 437 -23.94 40.93 33.40
C MET B 437 -25.03 41.19 32.37
N ASP B 438 -26.07 40.37 32.31
CA ASP B 438 -27.20 40.62 31.44
C ASP B 438 -28.24 41.54 32.11
N LEU B 439 -28.55 41.27 33.38
CA LEU B 439 -29.49 42.13 34.10
C LEU B 439 -28.94 43.55 34.22
N ILE B 440 -27.64 43.67 34.41
CA ILE B 440 -26.99 44.97 34.48
C ILE B 440 -26.69 45.45 33.06
N ASP B 441 -26.65 46.76 32.88
CA ASP B 441 -26.34 47.33 31.58
C ASP B 441 -24.88 47.05 31.21
N LEU B 442 -24.49 47.48 30.00
CA LEU B 442 -23.15 47.22 29.52
C LEU B 442 -22.10 47.87 30.41
N ASP B 443 -22.34 49.11 30.84
CA ASP B 443 -21.47 49.82 31.76
C ASP B 443 -20.05 49.92 31.21
N GLU B 444 -19.93 50.67 30.11
CA GLU B 444 -18.65 50.80 29.42
C GLU B 444 -17.57 51.42 30.30
N ASP B 445 -17.93 52.12 31.37
CA ASP B 445 -16.97 52.84 32.19
C ASP B 445 -16.59 52.09 33.46
N GLU B 446 -17.56 51.76 34.31
CA GLU B 446 -17.23 51.25 35.63
C GLU B 446 -18.45 50.49 36.16
N ILE B 447 -18.20 49.59 37.11
CA ILE B 447 -19.23 48.67 37.62
C ILE B 447 -19.56 49.04 39.06
N ASP B 448 -20.85 49.05 39.38
CA ASP B 448 -21.29 49.39 40.72
C ASP B 448 -20.86 48.33 41.73
N ALA B 449 -20.73 48.74 42.99
CA ALA B 449 -20.26 47.84 44.03
C ALA B 449 -21.26 46.72 44.31
N GLU B 450 -22.55 47.03 44.25
CA GLU B 450 -23.57 46.05 44.65
C GLU B 450 -23.53 44.82 43.76
N VAL B 451 -23.11 44.96 42.50
CA VAL B 451 -22.96 43.80 41.64
C VAL B 451 -21.56 43.22 41.76
N LEU B 452 -20.54 44.05 42.01
CA LEU B 452 -19.19 43.55 42.21
C LEU B 452 -19.13 42.61 43.41
N ASP B 453 -19.89 42.91 44.46
CA ASP B 453 -20.04 42.05 45.62
C ASP B 453 -21.30 41.21 45.50
N SER B 454 -21.32 40.09 46.23
CA SER B 454 -22.45 39.17 46.25
C SER B 454 -22.72 38.57 44.87
N LEU B 455 -21.64 38.08 44.24
CA LEU B 455 -21.79 37.37 42.97
C LEU B 455 -22.30 35.95 43.19
N GLY B 456 -21.51 35.12 43.85
CA GLY B 456 -21.91 33.78 44.20
C GLY B 456 -21.91 32.85 43.00
N VAL B 457 -21.50 31.60 43.20
CA VAL B 457 -21.52 30.59 42.16
C VAL B 457 -22.46 29.47 42.60
N THR B 458 -23.64 29.43 42.00
CA THR B 458 -24.60 28.40 42.35
C THR B 458 -24.17 27.05 41.81
N MET B 459 -24.76 25.98 42.36
CA MET B 459 -24.46 24.64 41.87
C MET B 459 -25.01 24.43 40.46
N ASP B 460 -26.10 25.14 40.12
CA ASP B 460 -26.64 25.05 38.77
C ASP B 460 -25.60 25.50 37.74
N ASN B 461 -24.77 26.47 38.09
CA ASN B 461 -23.71 26.90 37.19
C ASN B 461 -22.76 25.75 36.90
N PHE B 462 -22.38 25.01 37.95
CA PHE B 462 -21.49 23.87 37.78
C PHE B 462 -22.14 22.78 36.96
N ARG B 463 -23.43 22.51 37.19
CA ARG B 463 -24.12 21.51 36.39
C ARG B 463 -24.15 21.91 34.92
N PHE B 464 -24.42 23.19 34.64
CA PHE B 464 -24.42 23.64 33.25
C PHE B 464 -23.05 23.48 32.63
N ALA B 465 -22.00 23.85 33.37
CA ALA B 465 -20.65 23.69 32.83
C ALA B 465 -20.30 22.22 32.63
N LEU B 466 -20.85 21.33 33.46
CA LEU B 466 -20.61 19.91 33.27
C LEU B 466 -21.34 19.39 32.04
N GLY B 467 -22.50 19.96 31.71
CA GLY B 467 -23.22 19.51 30.54
C GLY B 467 -22.56 19.90 29.23
N ASN B 468 -21.58 20.80 29.25
CA ASN B 468 -20.85 21.21 28.07
C ASN B 468 -19.44 20.64 28.01
N SER B 469 -18.67 20.80 29.09
CA SER B 469 -17.28 20.38 29.09
C SER B 469 -17.15 18.86 28.96
N ASN B 470 -16.03 18.44 28.40
CA ASN B 470 -15.72 17.04 28.17
C ASN B 470 -14.25 16.81 28.48
N PRO B 471 -13.83 15.57 28.71
CA PRO B 471 -12.41 15.31 28.98
C PRO B 471 -11.53 15.75 27.82
N SER B 472 -10.37 16.33 28.17
CA SER B 472 -9.47 16.84 27.15
C SER B 472 -8.94 15.72 26.26
N ALA B 473 -8.70 14.54 26.84
CA ALA B 473 -8.22 13.41 26.05
C ALA B 473 -9.24 12.99 25.01
N LEU B 474 -10.52 12.99 25.38
CA LEU B 474 -11.57 12.51 24.50
C LEU B 474 -12.13 13.59 23.60
N ARG B 475 -11.55 14.79 23.63
CA ARG B 475 -11.98 15.88 22.77
C ARG B 475 -11.83 15.53 21.29
N GLU B 476 -10.95 14.57 20.97
CA GLU B 476 -10.76 14.17 19.58
C GLU B 476 -12.03 13.56 19.00
N THR B 477 -12.71 12.72 19.77
CA THR B 477 -13.85 11.95 19.31
C THR B 477 -15.14 12.36 20.01
N VAL B 478 -15.34 13.66 20.21
CA VAL B 478 -16.57 14.14 20.81
C VAL B 478 -17.74 13.94 19.85
N VAL B 479 -18.88 13.53 20.39
CA VAL B 479 -20.09 13.27 19.62
C VAL B 479 -21.16 14.28 20.02
N GLU B 480 -21.88 14.79 19.03
CA GLU B 480 -22.94 15.76 19.28
C GLU B 480 -24.04 15.11 20.14
N SER B 481 -24.49 15.84 21.14
CA SER B 481 -25.41 15.30 22.15
C SER B 481 -26.83 15.34 21.61
N VAL B 482 -27.22 14.25 20.94
CA VAL B 482 -28.62 14.05 20.61
C VAL B 482 -29.44 13.92 21.90
N ASN B 483 -30.68 14.38 21.85
CA ASN B 483 -31.53 14.51 23.04
C ASN B 483 -32.55 13.37 23.04
N VAL B 484 -32.30 12.37 23.89
CA VAL B 484 -33.23 11.27 24.11
C VAL B 484 -33.38 11.11 25.63
N THR B 485 -34.43 10.42 26.04
CA THR B 485 -34.71 10.16 27.45
C THR B 485 -35.25 8.74 27.58
N TRP B 486 -35.37 8.28 28.83
CA TRP B 486 -35.90 6.94 29.04
C TRP B 486 -37.37 6.85 28.65
N ASP B 487 -38.12 7.92 28.86
CA ASP B 487 -39.52 7.94 28.45
C ASP B 487 -39.68 8.00 26.94
N ASP B 488 -38.62 8.38 26.22
CA ASP B 488 -38.69 8.38 24.76
C ASP B 488 -38.72 6.98 24.17
N VAL B 489 -38.25 5.98 24.91
CA VAL B 489 -38.22 4.60 24.45
C VAL B 489 -39.47 3.91 24.98
N GLY B 490 -40.41 3.62 24.08
CA GLY B 490 -41.60 2.89 24.47
C GLY B 490 -41.33 1.40 24.55
N GLY B 491 -41.96 0.76 25.53
CA GLY B 491 -41.73 -0.66 25.72
C GLY B 491 -40.33 -0.92 26.22
N LEU B 492 -39.95 -2.20 26.17
CA LEU B 492 -38.61 -2.65 26.56
C LEU B 492 -38.28 -2.24 27.99
N ASP B 493 -39.30 -2.25 28.86
CA ASP B 493 -39.11 -1.80 30.23
C ASP B 493 -38.10 -2.67 30.98
N GLU B 494 -38.24 -3.99 30.87
CA GLU B 494 -37.33 -4.87 31.60
C GLU B 494 -35.91 -4.79 31.04
N ILE B 495 -35.77 -4.63 29.73
CA ILE B 495 -34.44 -4.44 29.16
C ILE B 495 -33.88 -3.11 29.61
N LYS B 496 -34.74 -2.09 29.71
CA LYS B 496 -34.30 -0.78 30.18
C LYS B 496 -33.77 -0.87 31.61
N GLU B 497 -34.49 -1.60 32.46
CA GLU B 497 -34.07 -1.70 33.86
C GLU B 497 -32.79 -2.52 33.99
N GLU B 498 -32.70 -3.63 33.25
CA GLU B 498 -31.49 -4.45 33.32
C GLU B 498 -30.27 -3.68 32.83
N LEU B 499 -30.40 -2.96 31.71
CA LEU B 499 -29.28 -2.17 31.22
C LEU B 499 -28.91 -1.08 32.21
N LYS B 500 -29.92 -0.37 32.75
CA LYS B 500 -29.64 0.71 33.68
C LYS B 500 -28.88 0.21 34.90
N GLU B 501 -29.35 -0.90 35.48
CA GLU B 501 -28.71 -1.42 36.69
C GLU B 501 -27.34 -2.00 36.37
N THR B 502 -27.18 -2.64 35.21
CA THR B 502 -25.91 -3.23 34.85
C THR B 502 -24.87 -2.17 34.50
N VAL B 503 -25.31 -0.96 34.18
CA VAL B 503 -24.35 0.11 33.93
C VAL B 503 -24.07 0.92 35.19
N GLU B 504 -25.08 1.23 36.02
CA GLU B 504 -24.83 2.14 37.12
C GLU B 504 -24.29 1.44 38.37
N TYR B 505 -24.33 0.11 38.43
CA TYR B 505 -23.88 -0.57 39.65
C TYR B 505 -22.38 -0.41 39.85
N PRO B 506 -21.51 -0.72 38.88
CA PRO B 506 -20.06 -0.55 39.12
C PRO B 506 -19.66 0.89 39.40
N VAL B 507 -20.34 1.86 38.81
CA VAL B 507 -19.88 3.24 38.89
C VAL B 507 -20.35 3.96 40.15
N LEU B 508 -21.47 3.54 40.73
CA LEU B 508 -21.98 4.19 41.95
C LEU B 508 -21.73 3.37 43.21
N HIS B 509 -21.59 2.05 43.09
CA HIS B 509 -21.46 1.17 44.25
C HIS B 509 -20.24 0.27 44.09
N PRO B 510 -19.03 0.82 44.21
CA PRO B 510 -17.84 -0.03 44.08
C PRO B 510 -17.49 -0.76 45.35
N ASP B 511 -17.95 -0.27 46.50
CA ASP B 511 -17.62 -0.91 47.78
C ASP B 511 -18.24 -2.30 47.87
N GLN B 512 -19.45 -2.46 47.33
CA GLN B 512 -20.12 -3.75 47.43
C GLN B 512 -19.41 -4.80 46.58
N TYR B 513 -18.91 -4.39 45.40
CA TYR B 513 -18.18 -5.34 44.56
C TYR B 513 -16.91 -5.81 45.25
N THR B 514 -16.20 -4.91 45.93
CA THR B 514 -15.01 -5.30 46.66
C THR B 514 -15.36 -6.10 47.91
N LYS B 515 -16.57 -5.89 48.47
CA LYS B 515 -17.02 -6.73 49.57
C LYS B 515 -17.15 -8.18 49.14
N PHE B 516 -17.76 -8.42 47.98
CA PHE B 516 -17.82 -9.76 47.41
C PHE B 516 -16.53 -10.13 46.69
N GLY B 517 -15.70 -9.16 46.34
CA GLY B 517 -14.41 -9.44 45.76
C GLY B 517 -14.49 -10.07 44.38
N LEU B 518 -15.47 -9.66 43.58
CA LEU B 518 -15.65 -10.18 42.23
C LEU B 518 -15.84 -9.02 41.26
N SER B 519 -15.33 -9.20 40.05
CA SER B 519 -15.45 -8.18 39.03
C SER B 519 -16.84 -8.24 38.38
N PRO B 520 -17.29 -7.14 37.79
CA PRO B 520 -18.61 -7.12 37.16
C PRO B 520 -18.57 -7.63 35.73
N SER B 521 -19.75 -7.85 35.17
CA SER B 521 -19.89 -8.11 33.76
C SER B 521 -19.76 -6.81 32.97
N LYS B 522 -19.17 -6.92 31.77
CA LYS B 522 -18.85 -5.75 30.96
C LYS B 522 -19.67 -5.67 29.68
N GLY B 523 -19.65 -6.71 28.85
CA GLY B 523 -20.23 -6.60 27.52
C GLY B 523 -21.71 -6.94 27.44
N VAL B 524 -22.31 -6.50 26.35
CA VAL B 524 -23.70 -6.80 26.03
C VAL B 524 -23.88 -6.60 24.53
N LEU B 525 -24.70 -7.45 23.92
CA LEU B 525 -24.95 -7.40 22.49
C LEU B 525 -26.45 -7.51 22.22
N PHE B 526 -27.02 -6.46 21.65
CA PHE B 526 -28.40 -6.51 21.18
C PHE B 526 -28.46 -7.15 19.81
N TYR B 527 -29.46 -8.02 19.61
CA TYR B 527 -29.69 -8.60 18.29
C TYR B 527 -31.19 -8.78 18.10
N GLY B 528 -31.63 -8.56 16.87
CA GLY B 528 -33.04 -8.67 16.53
C GLY B 528 -33.32 -8.10 15.15
N PRO B 529 -34.60 -8.06 14.78
CA PRO B 529 -34.96 -7.51 13.47
C PRO B 529 -34.60 -6.03 13.39
N PRO B 530 -34.40 -5.50 12.18
CA PRO B 530 -34.02 -4.10 12.04
C PRO B 530 -35.10 -3.15 12.55
N GLY B 531 -34.64 -2.03 13.12
CA GLY B 531 -35.54 -0.99 13.56
C GLY B 531 -36.28 -1.26 14.86
N THR B 532 -35.93 -2.32 15.59
CA THR B 532 -36.62 -2.58 16.85
C THR B 532 -36.32 -1.53 17.90
N GLY B 533 -35.23 -0.77 17.74
CA GLY B 533 -34.93 0.33 18.63
C GLY B 533 -33.57 0.23 19.30
N LYS B 534 -32.66 -0.52 18.70
CA LYS B 534 -31.33 -0.70 19.30
C LYS B 534 -30.56 0.61 19.32
N THR B 535 -30.46 1.27 18.17
CA THR B 535 -29.78 2.56 18.12
C THR B 535 -30.44 3.59 19.03
N LEU B 536 -31.77 3.49 19.22
CA LEU B 536 -32.44 4.38 20.16
C LEU B 536 -31.95 4.17 21.58
N LEU B 537 -31.81 2.91 22.00
CA LEU B 537 -31.23 2.62 23.31
C LEU B 537 -29.81 3.16 23.41
N ALA B 538 -29.03 2.99 22.34
CA ALA B 538 -27.67 3.52 22.36
C ALA B 538 -27.67 5.04 22.52
N LYS B 539 -28.58 5.73 21.83
CA LYS B 539 -28.67 7.18 21.96
C LYS B 539 -29.05 7.58 23.38
N ALA B 540 -30.00 6.87 23.98
CA ALA B 540 -30.41 7.18 25.34
C ALA B 540 -29.25 7.00 26.31
N VAL B 541 -28.53 5.88 26.19
CA VAL B 541 -27.37 5.65 27.05
C VAL B 541 -26.34 6.76 26.84
N ALA B 542 -26.16 7.18 25.59
CA ALA B 542 -25.18 8.21 25.29
C ALA B 542 -25.54 9.53 25.95
N THR B 543 -26.84 9.86 25.95
CA THR B 543 -27.24 11.20 26.38
C THR B 543 -27.45 11.33 27.89
N GLU B 544 -28.07 10.34 28.53
CA GLU B 544 -28.40 10.51 29.95
C GLU B 544 -27.47 9.77 30.91
N VAL B 545 -27.00 8.56 30.56
CA VAL B 545 -26.14 7.82 31.47
C VAL B 545 -24.87 8.61 31.73
N SER B 546 -24.36 8.54 32.97
CA SER B 546 -23.29 9.43 33.41
C SER B 546 -21.94 9.05 32.80
N ALA B 547 -21.72 7.79 32.49
CA ALA B 547 -20.44 7.36 31.94
C ALA B 547 -20.21 7.99 30.57
N ASN B 548 -18.94 8.14 30.21
CA ASN B 548 -18.62 8.70 28.91
C ASN B 548 -19.06 7.75 27.80
N PHE B 549 -19.39 8.33 26.65
CA PHE B 549 -19.87 7.58 25.50
C PHE B 549 -18.97 7.81 24.30
N ILE B 550 -18.52 6.72 23.67
CA ILE B 550 -17.79 6.78 22.43
C ILE B 550 -18.62 6.04 21.40
N SER B 551 -19.32 6.79 20.54
CA SER B 551 -20.14 6.22 19.49
C SER B 551 -19.29 6.08 18.24
N VAL B 552 -19.05 4.84 17.82
CA VAL B 552 -18.28 4.57 16.61
C VAL B 552 -19.08 3.65 15.69
N LYS B 553 -19.06 3.97 14.39
CA LYS B 553 -19.73 3.13 13.41
C LYS B 553 -18.90 1.88 13.15
N GLY B 554 -19.49 0.94 12.41
CA GLY B 554 -18.83 -0.31 12.12
C GLY B 554 -17.59 -0.18 11.25
N PRO B 555 -17.78 0.14 9.97
CA PRO B 555 -16.65 0.21 9.04
C PRO B 555 -15.85 1.51 9.09
N GLU B 556 -16.08 2.36 10.09
CA GLU B 556 -15.39 3.64 10.16
C GLU B 556 -13.88 3.46 10.32
N LEU B 557 -13.46 2.49 11.13
CA LEU B 557 -12.06 2.42 11.57
C LEU B 557 -11.14 1.73 10.58
N LEU B 558 -11.65 1.16 9.49
CA LEU B 558 -10.79 0.51 8.52
C LEU B 558 -10.01 1.55 7.71
N SER B 559 -8.84 1.13 7.22
CA SER B 559 -7.96 2.04 6.49
C SER B 559 -7.24 1.26 5.40
N MET B 560 -6.86 1.98 4.33
CA MET B 560 -6.21 1.35 3.19
C MET B 560 -4.77 0.95 3.51
N TRP B 561 -4.09 1.65 4.41
CA TRP B 561 -2.70 1.31 4.71
C TRP B 561 -2.64 -0.01 5.48
N TYR B 562 -1.42 -0.43 5.80
CA TYR B 562 -1.15 -1.73 6.42
C TYR B 562 -0.95 -1.53 7.91
N GLY B 563 -1.89 -2.03 8.71
CA GLY B 563 -1.77 -1.97 10.15
C GLY B 563 -2.43 -0.77 10.79
N GLU B 564 -2.88 0.21 10.00
CA GLU B 564 -3.46 1.41 10.58
C GLU B 564 -4.83 1.15 11.18
N SER B 565 -5.52 0.12 10.70
CA SER B 565 -6.79 -0.27 11.33
C SER B 565 -6.59 -0.69 12.77
N GLU B 566 -5.62 -1.60 13.01
CA GLU B 566 -5.37 -2.05 14.38
C GLU B 566 -4.77 -0.95 15.24
N SER B 567 -3.96 -0.07 14.65
CA SER B 567 -3.45 1.07 15.42
C SER B 567 -4.59 1.99 15.85
N ASN B 568 -5.54 2.25 14.93
CA ASN B 568 -6.68 3.09 15.28
C ASN B 568 -7.54 2.42 16.34
N ILE B 569 -7.76 1.11 16.24
CA ILE B 569 -8.55 0.40 17.25
C ILE B 569 -7.88 0.50 18.60
N ARG B 570 -6.55 0.31 18.64
CA ARG B 570 -5.83 0.40 19.89
C ARG B 570 -5.92 1.80 20.47
N ASP B 571 -5.83 2.83 19.62
CA ASP B 571 -5.96 4.19 20.10
C ASP B 571 -7.35 4.45 20.68
N ILE B 572 -8.39 3.97 20.01
CA ILE B 572 -9.75 4.18 20.48
C ILE B 572 -9.94 3.52 21.84
N PHE B 573 -9.47 2.27 21.98
CA PHE B 573 -9.65 1.58 23.25
C PHE B 573 -8.76 2.17 24.33
N ASP B 574 -7.59 2.70 23.97
CA ASP B 574 -6.74 3.36 24.95
C ASP B 574 -7.41 4.61 25.49
N LYS B 575 -8.02 5.40 24.60
CA LYS B 575 -8.78 6.56 25.08
C LYS B 575 -9.97 6.12 25.94
N ALA B 576 -10.64 5.04 25.54
CA ALA B 576 -11.80 4.59 26.29
C ALA B 576 -11.43 4.17 27.70
N ARG B 577 -10.35 3.40 27.85
CA ARG B 577 -9.93 2.96 29.17
C ARG B 577 -9.19 4.04 29.94
N ALA B 578 -8.69 5.07 29.27
CA ALA B 578 -8.01 6.15 29.98
C ALA B 578 -8.99 6.94 30.84
N ALA B 579 -10.05 7.46 30.22
CA ALA B 579 -11.09 8.18 30.94
C ALA B 579 -12.21 7.24 31.38
N ALA B 580 -11.83 6.16 32.05
CA ALA B 580 -12.82 5.22 32.54
C ALA B 580 -13.53 5.81 33.77
N PRO B 581 -14.78 5.40 34.03
CA PRO B 581 -15.61 4.44 33.30
C PRO B 581 -16.14 5.01 31.98
N THR B 582 -16.14 4.20 30.92
CA THR B 582 -16.52 4.64 29.59
C THR B 582 -17.37 3.56 28.93
N VAL B 583 -18.23 3.99 28.02
CA VAL B 583 -19.09 3.09 27.25
C VAL B 583 -18.72 3.22 25.79
N VAL B 584 -18.46 2.09 25.14
CA VAL B 584 -18.07 2.04 23.73
C VAL B 584 -19.18 1.35 22.95
N PHE B 585 -19.71 2.03 21.94
CA PHE B 585 -20.80 1.53 21.11
C PHE B 585 -20.28 1.08 19.76
N LEU B 586 -20.42 -0.21 19.47
CA LEU B 586 -20.03 -0.79 18.19
C LEU B 586 -21.29 -1.04 17.38
N ASP B 587 -21.63 -0.11 16.49
CA ASP B 587 -22.82 -0.25 15.67
C ASP B 587 -22.55 -1.21 14.51
N GLU B 588 -23.46 -2.17 14.33
CA GLU B 588 -23.32 -3.21 13.30
C GLU B 588 -21.98 -3.93 13.45
N LEU B 589 -21.85 -4.62 14.57
CA LEU B 589 -20.62 -5.32 14.92
C LEU B 589 -20.28 -6.41 13.91
N ASP B 590 -21.24 -6.87 13.11
CA ASP B 590 -20.94 -7.91 12.13
C ASP B 590 -20.10 -7.42 10.97
N SER B 591 -19.87 -6.11 10.86
CA SER B 591 -19.00 -5.59 9.82
C SER B 591 -17.54 -5.81 10.17
N ILE B 592 -17.20 -5.66 11.45
CA ILE B 592 -15.82 -5.81 11.91
C ILE B 592 -15.56 -7.22 12.45
N ALA B 593 -16.58 -7.95 12.87
CA ALA B 593 -16.44 -9.30 13.41
C ALA B 593 -16.99 -10.27 12.38
N LYS B 594 -16.12 -10.70 11.47
CA LYS B 594 -16.47 -11.68 10.45
C LYS B 594 -15.95 -13.05 10.87
N ALA B 595 -16.62 -14.09 10.39
CA ALA B 595 -16.16 -15.45 10.63
C ALA B 595 -14.79 -15.64 9.99
N ARG B 596 -13.76 -15.83 10.81
CA ARG B 596 -12.40 -15.90 10.30
C ARG B 596 -12.24 -17.07 9.35
N GLY B 597 -11.59 -16.82 8.22
CA GLY B 597 -11.34 -17.84 7.23
C GLY B 597 -12.48 -18.10 6.27
N GLY B 598 -13.56 -17.31 6.34
CA GLY B 598 -14.69 -17.54 5.46
C GLY B 598 -14.48 -17.06 4.04
N SER B 599 -13.70 -16.00 3.86
CA SER B 599 -13.49 -15.39 2.55
C SER B 599 -12.18 -15.89 1.96
N LEU B 600 -12.28 -16.55 0.80
CA LEU B 600 -11.07 -17.04 0.13
C LEU B 600 -10.20 -15.89 -0.34
N GLY B 601 -10.79 -14.92 -1.05
CA GLY B 601 -10.08 -13.77 -1.53
C GLY B 601 -10.23 -12.60 -0.58
N ASP B 602 -9.11 -12.15 -0.04
CA ASP B 602 -9.11 -11.11 0.97
C ASP B 602 -7.83 -10.31 0.86
N ALA B 603 -7.84 -9.11 1.46
CA ALA B 603 -6.69 -8.22 1.43
C ALA B 603 -5.65 -8.69 2.45
N GLY B 604 -5.10 -9.87 2.18
CA GLY B 604 -4.14 -10.47 3.10
C GLY B 604 -4.72 -10.72 4.47
N GLY B 605 -5.99 -11.09 4.54
CA GLY B 605 -6.65 -11.32 5.83
C GLY B 605 -6.68 -10.07 6.69
N ALA B 606 -7.00 -8.93 6.09
CA ALA B 606 -7.10 -7.69 6.87
C ALA B 606 -8.19 -7.78 7.91
N SER B 607 -9.34 -8.36 7.56
CA SER B 607 -10.41 -8.57 8.53
C SER B 607 -9.96 -9.50 9.65
N ASP B 608 -9.19 -10.54 9.31
CA ASP B 608 -8.72 -11.47 10.33
C ASP B 608 -7.82 -10.77 11.34
N ARG B 609 -6.89 -9.94 10.87
CA ARG B 609 -6.03 -9.22 11.81
C ARG B 609 -6.82 -8.21 12.62
N VAL B 610 -7.83 -7.58 12.02
CA VAL B 610 -8.66 -6.63 12.77
C VAL B 610 -9.40 -7.31 13.90
N VAL B 611 -10.04 -8.44 13.60
CA VAL B 611 -10.81 -9.14 14.64
C VAL B 611 -9.88 -9.70 15.70
N ASN B 612 -8.69 -10.17 15.29
CA ASN B 612 -7.73 -10.65 16.29
C ASN B 612 -7.26 -9.53 17.20
N GLN B 613 -7.02 -8.34 16.63
CA GLN B 613 -6.65 -7.20 17.46
C GLN B 613 -7.75 -6.83 18.43
N LEU B 614 -8.99 -6.79 17.95
CA LEU B 614 -10.10 -6.46 18.83
C LEU B 614 -10.23 -7.47 19.96
N LEU B 615 -10.20 -8.77 19.62
CA LEU B 615 -10.34 -9.81 20.63
C LEU B 615 -9.24 -9.73 21.69
N THR B 616 -7.98 -9.66 21.25
CA THR B 616 -6.89 -9.69 22.22
C THR B 616 -6.79 -8.37 23.01
N GLU B 617 -7.12 -7.24 22.39
CA GLU B 617 -6.95 -5.96 23.06
C GLU B 617 -8.06 -5.72 24.07
N MET B 618 -9.29 -6.14 23.75
CA MET B 618 -10.38 -5.92 24.69
C MET B 618 -10.36 -6.91 25.85
N ASP B 619 -9.58 -7.99 25.72
CA ASP B 619 -9.44 -8.97 26.80
C ASP B 619 -8.09 -9.64 26.61
N GLY B 620 -7.15 -9.33 27.51
CA GLY B 620 -5.81 -9.88 27.50
C GLY B 620 -5.11 -9.61 28.81
N MET B 621 -3.83 -9.27 28.76
CA MET B 621 -3.09 -8.92 29.97
C MET B 621 -3.18 -7.43 30.27
N ASN B 622 -4.42 -6.93 30.30
CA ASN B 622 -4.71 -5.53 30.54
C ASN B 622 -5.15 -5.35 31.99
N ALA B 623 -5.67 -4.16 32.30
CA ALA B 623 -6.14 -3.85 33.64
C ALA B 623 -7.66 -4.05 33.78
N LYS B 624 -8.41 -3.83 32.70
CA LYS B 624 -9.84 -4.13 32.61
C LYS B 624 -10.61 -3.58 33.81
N LYS B 625 -10.43 -2.29 34.07
CA LYS B 625 -11.10 -1.68 35.22
C LYS B 625 -12.58 -1.42 34.92
N ASN B 626 -12.88 -0.52 33.99
CA ASN B 626 -14.27 -0.16 33.66
C ASN B 626 -14.32 0.26 32.20
N VAL B 627 -14.59 -0.71 31.32
CA VAL B 627 -14.92 -0.46 29.92
C VAL B 627 -16.11 -1.33 29.56
N PHE B 628 -17.19 -0.71 29.12
CA PHE B 628 -18.43 -1.41 28.78
C PHE B 628 -18.63 -1.30 27.28
N VAL B 629 -18.58 -2.44 26.58
CA VAL B 629 -18.75 -2.47 25.13
C VAL B 629 -20.21 -2.81 24.83
N ILE B 630 -20.83 -1.99 23.98
CA ILE B 630 -22.21 -2.20 23.56
C ILE B 630 -22.20 -2.53 22.07
N GLY B 631 -22.80 -3.66 21.72
CA GLY B 631 -22.91 -4.09 20.34
C GLY B 631 -24.36 -4.03 19.87
N ALA B 632 -24.54 -3.69 18.59
CA ALA B 632 -25.87 -3.59 17.99
C ALA B 632 -25.77 -4.18 16.60
N THR B 633 -26.33 -5.37 16.41
CA THR B 633 -26.30 -6.03 15.12
C THR B 633 -27.64 -6.72 14.87
N ASN B 634 -28.14 -6.59 13.64
CA ASN B 634 -29.39 -7.24 13.24
C ASN B 634 -29.15 -8.54 12.49
N ARG B 635 -27.90 -8.96 12.33
CA ARG B 635 -27.55 -10.25 11.73
C ARG B 635 -26.52 -10.93 12.61
N PRO B 636 -26.96 -11.55 13.72
CA PRO B 636 -26.00 -12.13 14.67
C PRO B 636 -25.39 -13.44 14.22
N ASP B 637 -25.71 -13.92 13.01
CA ASP B 637 -25.13 -15.17 12.53
C ASP B 637 -23.72 -14.97 11.98
N GLN B 638 -23.38 -13.75 11.57
CA GLN B 638 -22.07 -13.46 10.99
C GLN B 638 -21.01 -13.16 12.04
N ILE B 639 -21.34 -13.28 13.32
CA ILE B 639 -20.37 -12.95 14.36
C ILE B 639 -19.46 -14.14 14.61
N ASP B 640 -18.22 -13.84 14.99
CA ASP B 640 -17.27 -14.87 15.34
C ASP B 640 -17.70 -15.53 16.65
N PRO B 641 -17.49 -16.83 16.82
CA PRO B 641 -17.86 -17.48 18.09
C PRO B 641 -17.12 -16.92 19.29
N ALA B 642 -15.87 -16.48 19.14
CA ALA B 642 -15.11 -15.99 20.28
C ALA B 642 -15.72 -14.72 20.85
N ILE B 643 -16.26 -13.85 19.98
CA ILE B 643 -16.84 -12.60 20.46
C ILE B 643 -18.06 -12.86 21.35
N LEU B 644 -18.83 -13.90 21.04
CA LEU B 644 -19.99 -14.24 21.86
C LEU B 644 -19.61 -14.83 23.21
N ARG B 645 -18.34 -15.12 23.44
CA ARG B 645 -17.91 -15.75 24.68
C ARG B 645 -18.19 -14.86 25.89
N PRO B 646 -18.56 -15.44 27.03
CA PRO B 646 -18.70 -14.63 28.25
C PRO B 646 -17.37 -14.03 28.65
N GLY B 647 -17.46 -12.87 29.32
CA GLY B 647 -16.28 -12.08 29.62
C GLY B 647 -15.88 -11.14 28.51
N ARG B 648 -16.42 -11.32 27.31
CA ARG B 648 -16.26 -10.36 26.22
C ARG B 648 -17.57 -9.66 25.93
N LEU B 649 -18.64 -10.41 25.66
CA LEU B 649 -20.01 -9.90 25.54
C LEU B 649 -20.88 -10.95 26.24
N ASP B 650 -21.11 -10.75 27.53
CA ASP B 650 -21.74 -11.78 28.35
C ASP B 650 -23.26 -11.77 28.24
N GLN B 651 -23.85 -10.62 27.94
CA GLN B 651 -25.30 -10.47 27.91
C GLN B 651 -25.76 -10.39 26.47
N LEU B 652 -26.45 -11.43 26.01
CA LEU B 652 -27.03 -11.47 24.67
C LEU B 652 -28.51 -11.14 24.79
N ILE B 653 -28.88 -9.91 24.43
CA ILE B 653 -30.24 -9.42 24.61
C ILE B 653 -30.95 -9.48 23.27
N TYR B 654 -32.04 -10.24 23.20
CA TYR B 654 -32.89 -10.29 22.02
C TYR B 654 -33.99 -9.25 22.14
N VAL B 655 -34.15 -8.44 21.09
CA VAL B 655 -35.17 -7.40 21.07
C VAL B 655 -36.31 -7.83 20.14
N PRO B 656 -37.33 -8.49 20.66
CA PRO B 656 -38.38 -9.06 19.79
C PRO B 656 -39.31 -7.95 19.30
N LEU B 657 -40.32 -8.36 18.54
CA LEU B 657 -41.33 -7.40 18.11
C LEU B 657 -42.17 -6.94 19.29
N PRO B 658 -42.61 -5.69 19.29
CA PRO B 658 -43.41 -5.19 20.40
C PRO B 658 -44.75 -5.90 20.49
N ASP B 659 -45.24 -6.06 21.72
CA ASP B 659 -46.56 -6.61 21.95
C ASP B 659 -47.59 -5.49 21.86
N GLU B 660 -48.85 -5.82 22.16
CA GLU B 660 -49.90 -4.82 22.06
C GLU B 660 -49.66 -3.67 23.03
N ASN B 661 -49.31 -3.99 24.28
CA ASN B 661 -49.03 -2.94 25.24
C ASN B 661 -47.72 -2.25 24.94
N ALA B 662 -46.81 -2.92 24.25
CA ALA B 662 -45.55 -2.28 23.90
C ALA B 662 -45.72 -1.38 22.68
N ARG B 663 -46.58 -1.79 21.74
CA ARG B 663 -46.91 -0.90 20.63
C ARG B 663 -47.67 0.32 21.15
N LEU B 664 -48.55 0.13 22.13
CA LEU B 664 -49.21 1.27 22.74
C LEU B 664 -48.21 2.20 23.42
N SER B 665 -47.25 1.63 24.15
CA SER B 665 -46.23 2.45 24.81
C SER B 665 -45.40 3.22 23.78
N ILE B 666 -45.02 2.56 22.69
CA ILE B 666 -44.23 3.22 21.65
C ILE B 666 -45.04 4.34 21.02
N LEU B 667 -46.32 4.10 20.74
CA LEU B 667 -47.16 5.14 20.15
C LEU B 667 -47.29 6.34 21.09
N ASN B 668 -47.46 6.08 22.38
CA ASN B 668 -47.53 7.18 23.34
C ASN B 668 -46.21 7.94 23.40
N ALA B 669 -45.09 7.22 23.34
CA ALA B 669 -43.79 7.88 23.39
C ALA B 669 -43.57 8.73 22.14
N GLN B 670 -44.04 8.27 20.99
CA GLN B 670 -43.82 8.98 19.74
C GLN B 670 -44.80 10.13 19.55
N LEU B 671 -45.88 10.17 20.32
CA LEU B 671 -46.85 11.26 20.29
C LEU B 671 -46.74 12.12 21.54
N ARG B 672 -45.61 12.07 22.24
CA ARG B 672 -45.48 12.74 23.53
C ARG B 672 -45.31 14.25 23.39
N LYS B 673 -44.92 14.75 22.21
CA LYS B 673 -44.69 16.17 22.02
C LYS B 673 -45.56 16.77 20.91
N THR B 674 -46.64 16.08 20.54
CA THR B 674 -47.52 16.54 19.47
C THR B 674 -48.93 16.72 19.99
N PRO B 675 -49.62 17.80 19.59
CA PRO B 675 -51.01 17.96 20.01
C PRO B 675 -51.90 16.96 19.29
N LEU B 676 -52.88 16.44 20.02
CA LEU B 676 -53.74 15.36 19.54
C LEU B 676 -55.19 15.67 19.86
N GLU B 677 -56.07 15.04 19.08
CA GLU B 677 -57.51 15.23 19.27
C GLU B 677 -57.94 14.65 20.62
N PRO B 678 -58.80 15.35 21.36
CA PRO B 678 -59.25 14.80 22.66
C PRO B 678 -59.96 13.47 22.53
N GLY B 679 -60.74 13.28 21.47
CA GLY B 679 -61.45 12.02 21.27
C GLY B 679 -60.62 10.90 20.72
N LEU B 680 -59.36 11.18 20.37
CA LEU B 680 -58.50 10.16 19.80
C LEU B 680 -58.05 9.16 20.87
N GLU B 681 -58.04 7.88 20.49
CA GLU B 681 -57.51 6.81 21.33
C GLU B 681 -56.62 5.93 20.48
N LEU B 682 -55.58 5.38 21.11
CA LEU B 682 -54.57 4.62 20.39
C LEU B 682 -54.69 3.11 20.60
N THR B 683 -55.65 2.66 21.41
CA THR B 683 -55.80 1.23 21.64
C THR B 683 -56.25 0.50 20.38
N ALA B 684 -57.08 1.15 19.56
CA ALA B 684 -57.51 0.54 18.30
C ALA B 684 -56.32 0.34 17.36
N ILE B 685 -55.44 1.34 17.27
CA ILE B 685 -54.26 1.22 16.42
C ILE B 685 -53.42 0.03 16.84
N ALA B 686 -53.25 -0.14 18.16
CA ALA B 686 -52.51 -1.30 18.65
C ALA B 686 -53.23 -2.60 18.30
N LYS B 687 -54.55 -2.64 18.48
CA LYS B 687 -55.30 -3.84 18.14
C LYS B 687 -55.22 -4.17 16.66
N ALA B 688 -54.92 -3.19 15.81
CA ALA B 688 -54.95 -3.42 14.38
C ALA B 688 -53.60 -3.82 13.82
N THR B 689 -52.53 -3.23 14.33
CA THR B 689 -51.17 -3.64 13.97
C THR B 689 -50.76 -4.83 14.84
N GLN B 690 -50.39 -5.94 14.20
CA GLN B 690 -49.90 -7.10 14.92
C GLN B 690 -48.49 -7.51 14.55
N GLY B 691 -48.08 -7.33 13.29
CA GLY B 691 -46.74 -7.64 12.86
C GLY B 691 -45.83 -6.44 12.66
N PHE B 692 -46.26 -5.25 13.08
CA PHE B 692 -45.52 -4.04 12.79
C PHE B 692 -44.32 -3.90 13.70
N SER B 693 -43.43 -2.99 13.35
CA SER B 693 -42.27 -2.62 14.16
C SER B 693 -42.39 -1.16 14.57
N GLY B 694 -41.41 -0.71 15.36
CA GLY B 694 -41.40 0.69 15.77
C GLY B 694 -41.30 1.63 14.58
N ALA B 695 -40.50 1.25 13.58
CA ALA B 695 -40.35 2.10 12.41
C ALA B 695 -41.67 2.26 11.67
N ASP B 696 -42.48 1.20 11.61
CA ASP B 696 -43.75 1.29 10.91
C ASP B 696 -44.71 2.23 11.61
N LEU B 697 -44.77 2.16 12.94
CA LEU B 697 -45.62 3.08 13.69
C LEU B 697 -45.13 4.52 13.54
N LEU B 698 -43.81 4.71 13.55
CA LEU B 698 -43.25 6.03 13.27
C LEU B 698 -43.69 6.52 11.89
N TYR B 699 -43.66 5.65 10.90
CA TYR B 699 -44.09 6.04 9.56
C TYR B 699 -45.56 6.41 9.53
N ILE B 700 -46.40 5.66 10.25
CA ILE B 700 -47.82 5.99 10.33
C ILE B 700 -48.00 7.38 10.92
N VAL B 701 -47.29 7.66 12.01
CA VAL B 701 -47.40 8.97 12.66
C VAL B 701 -46.94 10.07 11.72
N GLN B 702 -45.85 9.84 11.00
CA GLN B 702 -45.34 10.85 10.08
C GLN B 702 -46.31 11.10 8.93
N ARG B 703 -46.93 10.03 8.41
CA ARG B 703 -47.95 10.21 7.37
C ARG B 703 -49.11 11.04 7.88
N ALA B 704 -49.57 10.76 9.10
CA ALA B 704 -50.64 11.55 9.68
C ALA B 704 -50.24 13.02 9.81
N ALA B 705 -49.01 13.27 10.27
CA ALA B 705 -48.53 14.64 10.40
C ALA B 705 -48.46 15.33 9.04
N LYS B 706 -48.03 14.61 8.00
CA LYS B 706 -47.95 15.18 6.67
C LYS B 706 -49.33 15.56 6.15
N TYR B 707 -50.32 14.69 6.36
CA TYR B 707 -51.68 15.03 5.95
C TYR B 707 -52.20 16.23 6.73
N ALA B 708 -51.87 16.30 8.02
CA ALA B 708 -52.26 17.46 8.82
C ALA B 708 -51.66 18.75 8.27
N ILE B 709 -50.37 18.71 7.91
CA ILE B 709 -49.72 19.89 7.36
C ILE B 709 -50.32 20.26 6.01
N LYS B 710 -50.64 19.27 5.18
CA LYS B 710 -51.27 19.57 3.90
C LYS B 710 -52.61 20.25 4.09
N ASP B 711 -53.43 19.74 5.02
CA ASP B 711 -54.71 20.38 5.28
C ASP B 711 -54.51 21.79 5.84
N SER B 712 -53.51 21.96 6.70
CA SER B 712 -53.25 23.27 7.29
C SER B 712 -52.88 24.29 6.22
N ILE B 713 -51.97 23.91 5.31
CA ILE B 713 -51.58 24.85 4.26
C ILE B 713 -52.72 25.09 3.28
N GLU B 714 -53.56 24.07 3.04
CA GLU B 714 -54.75 24.26 2.21
C GLU B 714 -55.64 25.34 2.81
N ALA B 715 -55.94 25.21 4.11
CA ALA B 715 -56.75 26.24 4.78
C ALA B 715 -56.04 27.59 4.76
N HIS B 716 -54.71 27.57 4.86
CA HIS B 716 -53.94 28.81 4.89
C HIS B 716 -54.12 29.60 3.61
N ARG B 717 -53.90 28.95 2.45
CA ARG B 717 -54.04 29.75 1.24
C ARG B 717 -55.50 29.90 0.83
N GLN B 718 -56.42 29.11 1.38
CA GLN B 718 -57.84 29.47 1.30
C GLN B 718 -58.08 30.82 1.96
N HIS B 719 -57.57 31.01 3.17
CA HIS B 719 -57.72 32.29 3.86
C HIS B 719 -57.00 33.41 3.11
N GLU B 720 -55.79 33.13 2.62
CA GLU B 720 -54.99 34.16 1.95
C GLU B 720 -55.65 34.61 0.65
N ALA B 721 -56.22 33.68 -0.12
CA ALA B 721 -56.86 34.05 -1.37
C ALA B 721 -58.03 34.99 -1.14
N GLU B 722 -58.83 34.74 -0.10
CA GLU B 722 -59.98 35.58 0.19
C GLU B 722 -59.57 36.84 0.94
N ASP B 748 -55.96 28.92 14.40
CA ASP B 748 -55.42 27.77 13.70
C ASP B 748 -56.55 26.87 13.20
N PRO B 749 -56.59 26.64 11.89
CA PRO B 749 -57.63 25.74 11.34
C PRO B 749 -57.56 24.33 11.91
N VAL B 750 -56.38 23.82 12.19
CA VAL B 750 -56.21 22.48 12.72
C VAL B 750 -55.34 22.52 13.98
N PRO B 751 -55.94 22.75 15.15
CA PRO B 751 -55.13 22.85 16.38
C PRO B 751 -54.37 21.58 16.71
N TYR B 752 -54.83 20.43 16.25
CA TYR B 752 -54.19 19.16 16.54
C TYR B 752 -54.40 18.23 15.35
N ILE B 753 -53.81 17.03 15.44
CA ILE B 753 -53.99 16.03 14.41
C ILE B 753 -55.39 15.43 14.52
N THR B 754 -56.11 15.40 13.40
CA THR B 754 -57.47 14.89 13.39
C THR B 754 -57.48 13.37 13.28
N LYS B 755 -58.63 12.78 13.61
CA LYS B 755 -58.81 11.35 13.44
C LYS B 755 -58.68 10.95 11.97
N GLU B 756 -59.22 11.78 11.08
CA GLU B 756 -59.19 11.46 9.66
C GLU B 756 -57.76 11.38 9.13
N HIS B 757 -56.83 12.13 9.72
CA HIS B 757 -55.45 12.07 9.25
C HIS B 757 -54.83 10.72 9.56
N PHE B 758 -55.25 10.08 10.66
CA PHE B 758 -54.81 8.72 10.91
C PHE B 758 -55.58 7.73 10.06
N ALA B 759 -56.87 7.99 9.83
CA ALA B 759 -57.67 7.09 9.01
C ALA B 759 -57.11 7.00 7.61
N GLU B 760 -56.62 8.11 7.08
CA GLU B 760 -56.04 8.15 5.76
C GLU B 760 -54.55 7.85 5.79
N ALA B 761 -53.92 7.88 6.97
CA ALA B 761 -52.48 7.62 7.04
C ALA B 761 -52.12 6.14 7.20
N MET B 762 -53.05 5.28 7.62
CA MET B 762 -52.73 3.87 7.75
C MET B 762 -53.21 3.05 6.55
N LYS B 763 -53.67 3.72 5.50
CA LYS B 763 -54.10 3.01 4.30
C LYS B 763 -52.93 2.57 3.43
N THR B 764 -51.74 3.11 3.65
CA THR B 764 -50.55 2.71 2.90
C THR B 764 -49.52 1.99 3.75
N ALA B 765 -49.62 2.05 5.07
CA ALA B 765 -48.63 1.43 5.94
C ALA B 765 -48.66 -0.09 5.80
N LYS B 766 -47.50 -0.71 6.04
CA LYS B 766 -47.36 -2.15 5.93
C LYS B 766 -46.23 -2.62 6.85
N ARG B 767 -46.24 -3.91 7.16
CA ARG B 767 -45.18 -4.49 7.98
C ARG B 767 -43.86 -4.48 7.22
N SER B 768 -42.76 -4.39 7.97
CA SER B 768 -41.44 -4.26 7.36
C SER B 768 -40.75 -5.61 7.19
N VAL B 769 -40.52 -6.31 8.29
CA VAL B 769 -39.85 -7.60 8.24
C VAL B 769 -40.84 -8.66 7.79
N SER B 770 -40.42 -9.49 6.84
CA SER B 770 -41.28 -10.54 6.33
C SER B 770 -41.28 -11.73 7.29
N ASP B 771 -42.06 -12.74 6.96
CA ASP B 771 -42.14 -13.91 7.83
C ASP B 771 -40.88 -14.77 7.75
N ALA B 772 -40.15 -14.70 6.64
CA ALA B 772 -38.91 -15.46 6.53
C ALA B 772 -37.87 -14.97 7.54
N GLU B 773 -37.66 -13.65 7.62
CA GLU B 773 -36.72 -13.11 8.58
C GLU B 773 -37.17 -13.36 10.01
N LEU B 774 -38.49 -13.28 10.26
CA LEU B 774 -39.00 -13.60 11.58
C LEU B 774 -38.72 -15.05 11.94
N ARG B 775 -38.89 -15.96 10.97
CA ARG B 775 -38.63 -17.36 11.22
C ARG B 775 -37.15 -17.61 11.45
N ARG B 776 -36.29 -16.87 10.77
CA ARG B 776 -34.86 -17.00 10.99
C ARG B 776 -34.47 -16.54 12.40
N TYR B 777 -35.01 -15.39 12.82
CA TYR B 777 -34.63 -14.87 14.13
C TYR B 777 -35.20 -15.72 15.26
N GLU B 778 -36.43 -16.23 15.09
CA GLU B 778 -36.97 -17.12 16.11
C GLU B 778 -36.22 -18.46 16.14
N ALA B 779 -35.78 -18.95 14.97
CA ALA B 779 -34.99 -20.17 14.96
C ALA B 779 -33.66 -19.97 15.66
N TYR B 780 -33.02 -18.82 15.44
CA TYR B 780 -31.78 -18.52 16.16
C TYR B 780 -32.03 -18.40 17.65
N SER B 781 -33.12 -17.74 18.05
CA SER B 781 -33.45 -17.63 19.47
C SER B 781 -33.63 -19.00 20.08
N GLN B 782 -34.33 -19.89 19.39
CA GLN B 782 -34.55 -21.23 19.90
C GLN B 782 -33.25 -22.03 19.94
N GLN B 783 -32.34 -21.77 19.01
CA GLN B 783 -31.03 -22.42 19.06
C GLN B 783 -30.25 -22.00 20.30
N MET B 784 -30.32 -20.72 20.66
CA MET B 784 -29.74 -20.32 21.95
C MET B 784 -30.48 -20.95 23.12
N LYS B 785 -31.81 -21.02 23.04
CA LYS B 785 -32.59 -21.64 24.11
C LYS B 785 -32.20 -23.11 24.29
N ALA B 786 -31.77 -23.77 23.21
CA ALA B 786 -31.24 -25.13 23.37
C ALA B 786 -30.02 -25.11 24.28
N SER B 787 -29.14 -24.13 24.11
CA SER B 787 -28.04 -23.95 25.05
C SER B 787 -28.56 -23.54 26.41
N ARG B 788 -29.70 -22.86 26.46
CA ARG B 788 -30.34 -22.48 27.72
C ARG B 788 -31.11 -23.64 28.35
N GLY B 789 -31.34 -24.73 27.61
CA GLY B 789 -32.09 -25.86 28.14
C GLY B 789 -31.44 -26.51 29.33
N GLN B 790 -32.05 -27.57 29.86
CA GLN B 790 -31.56 -28.38 30.97
C GLN B 790 -31.63 -27.60 32.29
N PHE B 791 -32.11 -26.36 32.28
CA PHE B 791 -32.13 -25.51 33.46
C PHE B 791 -33.55 -25.08 33.78
N SER B 792 -33.83 -24.97 35.07
CA SER B 792 -35.15 -24.64 35.58
C SER B 792 -34.96 -23.87 36.88
N ASN B 793 -36.00 -23.82 37.72
CA ASN B 793 -35.86 -23.24 39.05
C ASN B 793 -34.69 -23.86 39.80
N PHE B 794 -34.51 -25.18 39.67
CA PHE B 794 -33.29 -25.86 40.11
C PHE B 794 -33.05 -25.65 41.61
N ASN B 795 -33.98 -26.18 42.41
CA ASN B 795 -33.81 -26.13 43.86
C ASN B 795 -32.57 -26.91 44.27
N PHE B 796 -31.85 -26.36 45.25
CA PHE B 796 -30.59 -26.95 45.69
C PHE B 796 -30.82 -27.87 46.89
N ASN C 209 -13.11 51.51 5.29
CA ASN C 209 -12.08 50.54 4.91
C ASN C 209 -11.87 49.51 6.02
N GLU C 210 -11.81 50.00 7.26
CA GLU C 210 -11.58 49.12 8.40
C GLU C 210 -12.77 48.18 8.59
N VAL C 211 -12.48 46.90 8.75
CA VAL C 211 -13.53 45.92 9.01
C VAL C 211 -13.88 45.96 10.50
N GLY C 212 -15.17 46.07 10.78
CA GLY C 212 -15.65 46.12 12.16
C GLY C 212 -16.52 44.95 12.53
N TYR C 213 -17.24 45.07 13.64
CA TYR C 213 -18.09 43.99 14.13
C TYR C 213 -19.39 43.87 13.36
N ASP C 214 -19.75 44.87 12.56
CA ASP C 214 -20.99 44.78 11.81
C ASP C 214 -20.79 43.99 10.51
N ASP C 215 -19.57 44.02 9.96
CA ASP C 215 -19.26 43.28 8.75
C ASP C 215 -19.04 41.79 8.98
N ILE C 216 -19.17 41.28 10.21
CA ILE C 216 -18.95 39.87 10.45
C ILE C 216 -20.25 39.21 10.94
N GLY C 217 -21.37 39.77 10.53
CA GLY C 217 -22.66 39.21 10.91
C GLY C 217 -22.87 37.81 10.39
N GLY C 218 -23.74 37.07 11.08
CA GLY C 218 -24.08 35.71 10.71
C GLY C 218 -23.89 34.68 11.80
N CYS C 219 -22.96 34.93 12.72
CA CYS C 219 -22.69 34.05 13.84
C CYS C 219 -22.68 34.92 15.10
N ARG C 220 -23.85 35.14 15.69
CA ARG C 220 -23.92 35.98 16.87
C ARG C 220 -23.41 35.26 18.12
N LYS C 221 -23.74 33.98 18.27
CA LYS C 221 -23.31 33.24 19.46
C LYS C 221 -21.80 33.15 19.53
N GLN C 222 -21.16 32.70 18.45
CA GLN C 222 -19.72 32.59 18.43
C GLN C 222 -19.05 33.95 18.54
N MET C 223 -19.62 34.97 17.88
CA MET C 223 -19.06 36.31 17.98
C MET C 223 -19.03 36.80 19.42
N ALA C 224 -20.17 36.70 20.12
CA ALA C 224 -20.21 37.14 21.51
C ALA C 224 -19.28 36.29 22.37
N GLN C 225 -19.21 34.99 22.10
CA GLN C 225 -18.35 34.11 22.89
C GLN C 225 -16.89 34.51 22.75
N ILE C 226 -16.45 34.83 21.54
CA ILE C 226 -15.06 35.25 21.34
C ILE C 226 -14.84 36.62 21.97
N ARG C 227 -15.76 37.56 21.71
CA ARG C 227 -15.62 38.92 22.21
C ARG C 227 -15.50 38.93 23.72
N GLU C 228 -16.15 37.99 24.41
CA GLU C 228 -16.12 37.95 25.86
C GLU C 228 -14.67 37.93 26.35
N MET C 229 -13.91 36.87 26.06
CA MET C 229 -12.54 36.89 26.57
C MET C 229 -11.64 37.82 25.78
N VAL C 230 -12.04 38.28 24.60
CA VAL C 230 -11.15 39.19 23.89
C VAL C 230 -11.17 40.58 24.53
N GLU C 231 -12.31 41.00 25.07
CA GLU C 231 -12.43 42.37 25.56
C GLU C 231 -12.61 42.44 27.07
N LEU C 232 -13.52 41.66 27.66
CA LEU C 232 -13.84 41.78 29.09
C LEU C 232 -12.63 41.68 30.01
N PRO C 233 -11.71 40.71 29.86
CA PRO C 233 -10.53 40.70 30.73
C PRO C 233 -9.60 41.87 30.54
N LEU C 234 -9.74 42.65 29.46
CA LEU C 234 -8.91 43.81 29.22
C LEU C 234 -9.63 45.12 29.51
N ARG C 235 -10.93 45.18 29.26
CA ARG C 235 -11.68 46.40 29.52
C ARG C 235 -11.99 46.55 31.00
N HIS C 236 -12.61 45.53 31.60
CA HIS C 236 -13.01 45.55 33.00
C HIS C 236 -12.43 44.33 33.68
N PRO C 237 -11.18 44.39 34.13
CA PRO C 237 -10.60 43.26 34.88
C PRO C 237 -11.11 43.15 36.31
N GLN C 238 -11.89 44.12 36.80
CA GLN C 238 -12.25 44.16 38.21
C GLN C 238 -13.13 42.99 38.63
N LEU C 239 -14.07 42.58 37.76
CA LEU C 239 -14.98 41.50 38.17
C LEU C 239 -14.21 40.19 38.34
N PHE C 240 -13.22 39.93 37.48
CA PHE C 240 -12.46 38.69 37.62
C PHE C 240 -11.65 38.68 38.90
N LYS C 241 -11.13 39.84 39.31
CA LYS C 241 -10.46 39.93 40.60
C LYS C 241 -11.45 39.81 41.76
N ALA C 242 -12.70 40.18 41.55
CA ALA C 242 -13.72 40.00 42.58
C ALA C 242 -14.10 38.54 42.72
N ILE C 243 -14.26 37.84 41.60
CA ILE C 243 -14.62 36.42 41.64
C ILE C 243 -13.39 35.54 41.85
N GLY C 244 -12.19 36.06 41.60
CA GLY C 244 -10.98 35.36 41.98
C GLY C 244 -10.28 34.61 40.87
N ILE C 245 -11.05 33.95 40.01
CA ILE C 245 -10.46 33.09 38.99
C ILE C 245 -10.04 33.92 37.78
N LYS C 246 -9.00 33.46 37.10
CA LYS C 246 -8.54 34.12 35.90
C LYS C 246 -9.37 33.64 34.69
N PRO C 247 -9.48 34.45 33.65
CA PRO C 247 -10.26 34.03 32.48
C PRO C 247 -9.49 33.04 31.63
N PRO C 248 -10.17 32.32 30.75
CA PRO C 248 -9.46 31.50 29.76
C PRO C 248 -8.69 32.36 28.77
N ARG C 249 -7.63 31.77 28.20
CA ARG C 249 -6.77 32.48 27.28
C ARG C 249 -6.48 31.73 25.99
N GLY C 250 -6.86 30.47 25.87
CA GLY C 250 -6.65 29.69 24.66
C GLY C 250 -7.95 29.45 23.92
N VAL C 251 -7.96 29.80 22.63
CA VAL C 251 -9.14 29.72 21.79
C VAL C 251 -8.76 29.05 20.47
N LEU C 252 -9.64 28.19 19.97
CA LEU C 252 -9.41 27.48 18.71
C LEU C 252 -10.67 27.59 17.86
N MET C 253 -10.59 28.38 16.79
CA MET C 253 -11.69 28.50 15.84
C MET C 253 -11.51 27.44 14.75
N TYR C 254 -12.51 26.58 14.58
CA TYR C 254 -12.48 25.56 13.54
C TYR C 254 -13.80 25.57 12.80
N GLY C 255 -13.75 25.08 11.56
CA GLY C 255 -14.92 25.02 10.71
C GLY C 255 -14.55 24.87 9.25
N PRO C 256 -15.55 24.75 8.39
CA PRO C 256 -15.29 24.59 6.95
C PRO C 256 -14.66 25.86 6.38
N PRO C 257 -13.94 25.75 5.26
CA PRO C 257 -13.24 26.92 4.72
C PRO C 257 -14.21 28.02 4.32
N GLY C 258 -13.78 29.26 4.51
CA GLY C 258 -14.56 30.41 4.10
C GLY C 258 -15.66 30.81 5.05
N THR C 259 -15.80 30.12 6.18
CA THR C 259 -16.89 30.43 7.11
C THR C 259 -16.71 31.80 7.74
N GLY C 260 -15.49 32.31 7.80
CA GLY C 260 -15.24 33.64 8.30
C GLY C 260 -14.24 33.70 9.43
N LYS C 261 -13.44 32.64 9.60
CA LYS C 261 -12.46 32.61 10.67
C LYS C 261 -11.40 33.67 10.48
N THR C 262 -10.79 33.74 9.29
CA THR C 262 -9.81 34.80 9.05
C THR C 262 -10.47 36.17 9.13
N LEU C 263 -11.72 36.27 8.69
CA LEU C 263 -12.47 37.51 8.84
C LEU C 263 -12.63 37.85 10.31
N MET C 264 -12.89 36.84 11.14
CA MET C 264 -13.02 37.06 12.57
C MET C 264 -11.70 37.55 13.18
N ALA C 265 -10.59 36.98 12.72
CA ALA C 265 -9.29 37.46 13.18
C ALA C 265 -9.07 38.91 12.78
N ARG C 266 -9.45 39.26 11.55
CA ARG C 266 -9.32 40.64 11.10
C ARG C 266 -10.19 41.58 11.93
N ALA C 267 -11.41 41.17 12.24
CA ALA C 267 -12.29 42.00 13.06
C ALA C 267 -11.73 42.19 14.46
N VAL C 268 -11.22 41.10 15.06
CA VAL C 268 -10.61 41.21 16.39
C VAL C 268 -9.42 42.15 16.36
N ALA C 269 -8.57 42.03 15.34
CA ALA C 269 -7.41 42.91 15.23
C ALA C 269 -7.83 44.36 15.08
N ASN C 270 -8.86 44.62 14.27
CA ASN C 270 -9.30 45.99 14.05
C ASN C 270 -9.96 46.58 15.28
N GLU C 271 -10.59 45.74 16.11
CA GLU C 271 -11.39 46.27 17.22
C GLU C 271 -10.54 46.60 18.43
N THR C 272 -9.64 45.70 18.82
CA THR C 272 -8.87 45.89 20.04
C THR C 272 -7.78 46.93 19.86
N GLY C 273 -7.56 47.72 20.92
CA GLY C 273 -6.45 48.64 20.98
C GLY C 273 -5.14 48.03 21.40
N ALA C 274 -5.17 46.74 21.75
CA ALA C 274 -4.00 46.02 22.19
C ALA C 274 -3.07 45.72 21.02
N PHE C 275 -1.84 45.35 21.33
CA PHE C 275 -0.87 44.96 20.32
C PHE C 275 -1.29 43.64 19.66
N PHE C 276 -1.17 43.59 18.34
CA PHE C 276 -1.51 42.42 17.56
C PHE C 276 -0.27 41.87 16.89
N PHE C 277 -0.15 40.55 16.86
CA PHE C 277 0.96 39.87 16.19
C PHE C 277 0.40 38.69 15.41
N LEU C 278 0.56 38.74 14.09
CA LEU C 278 0.06 37.70 13.20
C LEU C 278 1.22 36.78 12.82
N ILE C 279 1.01 35.48 13.00
CA ILE C 279 1.99 34.46 12.61
C ILE C 279 1.30 33.50 11.65
N ASN C 280 1.76 33.49 10.41
CA ASN C 280 1.29 32.51 9.44
C ASN C 280 1.91 31.14 9.73
N GLY C 281 1.25 30.10 9.24
CA GLY C 281 1.58 28.74 9.63
C GLY C 281 2.97 28.31 9.19
N PRO C 282 3.16 28.13 7.89
CA PRO C 282 4.48 27.71 7.39
C PRO C 282 5.51 28.83 7.34
N GLU C 283 5.16 30.04 7.78
CA GLU C 283 6.07 31.18 7.72
C GLU C 283 7.30 30.99 8.61
N VAL C 284 7.23 30.10 9.60
CA VAL C 284 8.29 29.98 10.60
C VAL C 284 9.42 29.06 10.17
N MET C 285 9.21 28.19 9.20
CA MET C 285 10.19 27.15 8.89
C MET C 285 11.38 27.71 8.12
N SER C 286 12.57 27.28 8.52
CA SER C 286 13.81 27.71 7.88
C SER C 286 14.73 26.51 7.69
N LYS C 287 15.70 26.66 6.79
CA LYS C 287 16.58 25.53 6.47
C LYS C 287 17.59 25.27 7.59
N MET C 288 18.05 26.31 8.28
CA MET C 288 19.04 26.12 9.33
C MET C 288 18.47 25.31 10.48
N ALA C 289 19.31 24.47 11.07
CA ALA C 289 18.90 23.62 12.19
C ALA C 289 18.85 24.46 13.46
N GLY C 290 17.66 24.56 14.05
CA GLY C 290 17.49 25.33 15.27
C GLY C 290 17.11 26.78 15.07
N GLU C 291 16.45 27.11 13.96
CA GLU C 291 16.06 28.49 13.67
C GLU C 291 14.56 28.72 13.75
N SER C 292 13.74 27.73 13.38
CA SER C 292 12.30 27.88 13.46
C SER C 292 11.84 28.09 14.90
N GLU C 293 12.28 27.22 15.82
CA GLU C 293 11.88 27.39 17.21
C GLU C 293 12.45 28.67 17.78
N SER C 294 13.64 29.08 17.33
CA SER C 294 14.18 30.38 17.73
C SER C 294 13.29 31.51 17.25
N ASN C 295 12.76 31.40 16.03
CA ASN C 295 11.83 32.40 15.54
C ASN C 295 10.57 32.46 16.38
N LEU C 296 10.04 31.29 16.76
CA LEU C 296 8.86 31.26 17.62
C LEU C 296 9.15 31.91 18.97
N ARG C 297 10.31 31.60 19.54
CA ARG C 297 10.71 32.21 20.81
C ARG C 297 10.80 33.74 20.67
N LYS C 298 11.39 34.21 19.57
CA LYS C 298 11.49 35.65 19.35
C LYS C 298 10.11 36.28 19.23
N ALA C 299 9.21 35.61 18.52
CA ALA C 299 7.85 36.13 18.37
C ALA C 299 7.17 36.26 19.72
N PHE C 300 7.23 35.21 20.54
CA PHE C 300 6.53 35.24 21.81
C PHE C 300 7.18 36.24 22.77
N GLU C 301 8.51 36.32 22.78
CA GLU C 301 9.17 37.28 23.66
C GLU C 301 8.85 38.71 23.25
N GLU C 302 8.80 38.99 21.94
CA GLU C 302 8.41 40.33 21.50
C GLU C 302 6.98 40.64 21.89
N ALA C 303 6.08 39.66 21.73
CA ALA C 303 4.68 39.86 22.06
C ALA C 303 4.52 40.16 23.55
N GLU C 304 5.29 39.50 24.39
CA GLU C 304 5.16 39.74 25.82
C GLU C 304 5.90 41.01 26.24
N LYS C 305 6.96 41.36 25.53
CA LYS C 305 7.77 42.52 25.86
C LYS C 305 7.11 43.82 25.44
N ASN C 306 6.16 43.78 24.50
CA ASN C 306 5.63 45.02 23.96
C ASN C 306 4.45 45.53 24.78
N ALA C 307 3.41 44.73 24.89
CA ALA C 307 2.17 45.18 25.51
C ALA C 307 1.30 43.97 25.82
N PRO C 308 0.14 44.13 26.46
CA PRO C 308 -0.79 42.99 26.56
C PRO C 308 -1.33 42.67 25.17
N ALA C 309 -0.86 41.58 24.60
CA ALA C 309 -1.01 41.32 23.17
C ALA C 309 -1.93 40.16 22.90
N ILE C 310 -2.26 39.99 21.62
CA ILE C 310 -3.06 38.88 21.12
C ILE C 310 -2.27 38.21 20.02
N ILE C 311 -2.16 36.88 20.11
CA ILE C 311 -1.36 36.09 19.17
C ILE C 311 -2.29 35.24 18.33
N PHE C 312 -2.29 35.47 17.01
CA PHE C 312 -3.10 34.73 16.06
C PHE C 312 -2.22 33.79 15.25
N ILE C 313 -2.50 32.49 15.36
CA ILE C 313 -1.80 31.45 14.60
C ILE C 313 -2.77 30.87 13.58
N ASP C 314 -2.53 31.16 12.30
CA ASP C 314 -3.41 30.71 11.24
C ASP C 314 -2.90 29.38 10.69
N GLU C 315 -3.82 28.46 10.43
CA GLU C 315 -3.53 27.15 9.84
C GLU C 315 -2.47 26.42 10.66
N ILE C 316 -2.90 26.04 11.87
CA ILE C 316 -2.00 25.36 12.81
C ILE C 316 -1.75 23.91 12.43
N ASP C 317 -2.46 23.37 11.43
CA ASP C 317 -2.27 21.99 11.03
C ASP C 317 -0.88 21.74 10.47
N SER C 318 -0.16 22.80 10.09
CA SER C 318 1.19 22.68 9.58
C SER C 318 2.25 22.74 10.68
N ILE C 319 1.86 23.04 11.92
CA ILE C 319 2.80 23.07 13.03
C ILE C 319 2.26 22.18 14.14
N ALA C 320 1.41 21.22 13.78
CA ALA C 320 0.95 20.29 14.80
C ALA C 320 0.48 18.97 14.19
N PRO C 321 1.36 18.16 13.61
CA PRO C 321 0.93 16.85 13.10
C PRO C 321 1.01 15.78 14.17
N LYS C 322 0.54 16.11 15.38
CA LYS C 322 0.35 15.16 16.47
C LYS C 322 1.67 14.62 17.03
N ARG C 323 2.79 14.98 16.40
CA ARG C 323 4.16 14.71 16.83
C ARG C 323 4.42 13.22 17.05
N ASP C 324 3.50 12.35 16.69
CA ASP C 324 3.59 10.92 16.93
C ASP C 324 3.43 10.10 15.66
N LYS C 325 2.56 10.51 14.75
CA LYS C 325 2.46 9.86 13.45
C LYS C 325 3.46 10.41 12.45
N THR C 326 3.97 11.61 12.68
CA THR C 326 4.97 12.21 11.81
C THR C 326 6.33 11.51 11.97
N ASN C 327 7.18 11.65 10.96
CA ASN C 327 8.47 10.99 10.94
C ASN C 327 9.66 11.94 10.83
N GLY C 328 9.44 13.22 10.55
CA GLY C 328 10.53 14.17 10.48
C GLY C 328 11.11 14.44 11.86
N GLU C 329 11.94 15.48 11.92
CA GLU C 329 12.51 15.88 13.19
C GLU C 329 12.26 17.34 13.54
N VAL C 330 12.26 18.24 12.56
CA VAL C 330 12.03 19.65 12.85
C VAL C 330 10.61 19.90 13.32
N GLU C 331 9.63 19.17 12.78
CA GLU C 331 8.25 19.35 13.20
C GLU C 331 8.07 19.00 14.67
N ARG C 332 8.68 17.91 15.12
CA ARG C 332 8.62 17.58 16.54
C ARG C 332 9.21 18.69 17.38
N ARG C 333 10.34 19.27 16.94
CA ARG C 333 11.00 20.31 17.70
C ARG C 333 10.14 21.56 17.79
N VAL C 334 9.52 21.97 16.68
CA VAL C 334 8.65 23.15 16.73
C VAL C 334 7.43 22.89 17.60
N VAL C 335 6.86 21.68 17.52
CA VAL C 335 5.71 21.36 18.35
C VAL C 335 6.08 21.42 19.83
N SER C 336 7.25 20.88 20.19
CA SER C 336 7.69 20.92 21.57
C SER C 336 7.95 22.35 22.04
N GLN C 337 8.58 23.16 21.19
CA GLN C 337 8.82 24.56 21.54
C GLN C 337 7.51 25.30 21.76
N LEU C 338 6.55 25.10 20.86
CA LEU C 338 5.25 25.74 21.00
C LEU C 338 4.55 25.30 22.28
N LEU C 339 4.59 24.00 22.56
CA LEU C 339 3.96 23.49 23.78
C LEU C 339 4.60 24.09 25.02
N THR C 340 5.92 24.20 25.03
CA THR C 340 6.61 24.77 26.19
C THR C 340 6.25 26.24 26.35
N LEU C 341 6.25 27.00 25.25
CA LEU C 341 5.92 28.42 25.31
C LEU C 341 4.48 28.62 25.78
N MET C 342 3.56 27.78 25.30
CA MET C 342 2.16 27.92 25.68
C MET C 342 1.97 27.72 27.18
N ASP C 343 2.61 26.69 27.74
CA ASP C 343 2.49 26.40 29.17
C ASP C 343 3.82 25.86 29.68
N GLY C 344 4.19 26.29 30.88
CA GLY C 344 5.44 25.89 31.49
C GLY C 344 5.74 26.64 32.77
N MET C 345 6.97 27.12 32.91
CA MET C 345 7.31 28.06 33.96
C MET C 345 7.07 29.47 33.43
N LYS C 346 6.45 30.30 34.27
CA LYS C 346 6.03 31.66 33.92
C LYS C 346 5.41 31.68 32.52
N ALA C 347 4.33 30.92 32.39
CA ALA C 347 3.76 30.57 31.09
C ALA C 347 3.32 31.77 30.26
N ARG C 348 2.31 32.50 30.74
CA ARG C 348 1.70 33.54 29.91
C ARG C 348 1.25 34.68 30.81
N SER C 349 1.86 35.84 30.65
CA SER C 349 1.52 37.03 31.43
C SER C 349 0.78 38.00 30.51
N ASN C 350 -0.55 37.94 30.56
CA ASN C 350 -1.41 38.90 29.86
C ASN C 350 -1.24 38.79 28.34
N VAL C 351 -1.37 37.56 27.83
CA VAL C 351 -1.36 37.31 26.39
C VAL C 351 -2.43 36.27 26.07
N VAL C 352 -3.17 36.51 24.98
CA VAL C 352 -4.27 35.65 24.55
C VAL C 352 -3.90 35.08 23.19
N VAL C 353 -4.11 33.77 23.03
CA VAL C 353 -3.72 33.06 21.82
C VAL C 353 -4.97 32.62 21.08
N ILE C 354 -5.05 32.98 19.79
CA ILE C 354 -6.15 32.59 18.92
C ILE C 354 -5.59 31.72 17.81
N ALA C 355 -6.35 30.68 17.43
CA ALA C 355 -5.93 29.75 16.41
C ALA C 355 -7.07 29.49 15.44
N ALA C 356 -6.71 29.19 14.20
CA ALA C 356 -7.66 28.89 13.14
C ALA C 356 -7.22 27.64 12.39
N THR C 357 -8.18 26.77 12.09
CA THR C 357 -7.89 25.53 11.37
C THR C 357 -9.13 25.08 10.61
N ASN C 358 -8.90 24.28 9.57
CA ASN C 358 -9.99 23.72 8.80
C ASN C 358 -10.39 22.32 9.24
N ARG C 359 -9.51 21.61 9.94
CA ARG C 359 -9.81 20.29 10.50
C ARG C 359 -9.23 20.21 11.90
N PRO C 360 -10.07 20.15 12.93
CA PRO C 360 -9.55 20.15 14.30
C PRO C 360 -9.03 18.80 14.78
N ASN C 361 -9.48 17.69 14.19
CA ASN C 361 -9.06 16.38 14.69
C ASN C 361 -7.59 16.08 14.42
N SER C 362 -6.98 16.73 13.43
CA SER C 362 -5.58 16.48 13.10
C SER C 362 -4.63 17.45 13.81
N ILE C 363 -4.77 17.56 15.13
CA ILE C 363 -3.87 18.37 15.95
C ILE C 363 -3.52 17.57 17.19
N ASP C 364 -2.34 17.84 17.74
CA ASP C 364 -1.85 17.12 18.90
C ASP C 364 -2.82 17.29 20.07
N PRO C 365 -3.26 16.21 20.71
CA PRO C 365 -4.15 16.36 21.87
C PRO C 365 -3.58 17.23 22.97
N ALA C 366 -2.26 17.29 23.10
CA ALA C 366 -1.64 18.12 24.13
C ALA C 366 -1.93 19.59 23.93
N LEU C 367 -2.32 20.01 22.72
CA LEU C 367 -2.68 21.39 22.47
C LEU C 367 -4.15 21.69 22.72
N ARG C 368 -5.01 20.67 22.80
CA ARG C 368 -6.45 20.87 22.95
C ARG C 368 -6.87 20.75 24.41
N ARG C 369 -6.02 21.22 25.31
CA ARG C 369 -6.22 21.13 26.75
C ARG C 369 -6.38 22.53 27.33
N PHE C 370 -7.05 22.60 28.48
CA PHE C 370 -7.15 23.85 29.21
C PHE C 370 -5.77 24.39 29.56
N GLY C 371 -5.59 25.69 29.38
CA GLY C 371 -4.30 26.33 29.58
C GLY C 371 -3.60 26.63 28.28
N ARG C 372 -3.76 25.74 27.30
CA ARG C 372 -3.19 25.93 25.97
C ARG C 372 -4.25 26.43 24.99
N PHE C 373 -5.33 25.67 24.81
CA PHE C 373 -6.48 26.09 24.01
C PHE C 373 -7.71 25.74 24.84
N ASP C 374 -8.17 26.68 25.66
CA ASP C 374 -9.21 26.39 26.64
C ASP C 374 -10.51 25.98 25.97
N ARG C 375 -10.91 26.70 24.93
CA ARG C 375 -12.23 26.51 24.33
C ARG C 375 -12.12 26.51 22.81
N GLU C 376 -12.88 25.62 22.18
CA GLU C 376 -12.94 25.51 20.73
C GLU C 376 -14.33 25.91 20.28
N VAL C 377 -14.41 27.01 19.55
CA VAL C 377 -15.67 27.50 18.98
C VAL C 377 -15.87 26.89 17.60
N ASP C 378 -17.09 26.47 17.32
CA ASP C 378 -17.45 25.82 16.06
C ASP C 378 -18.22 26.85 15.22
N ILE C 379 -17.52 27.45 14.25
CA ILE C 379 -18.14 28.39 13.33
C ILE C 379 -18.62 27.59 12.12
N GLY C 380 -19.91 27.26 12.10
CA GLY C 380 -20.48 26.37 11.13
C GLY C 380 -21.30 27.08 10.08
N ILE C 381 -22.19 26.32 9.45
CA ILE C 381 -23.00 26.84 8.34
C ILE C 381 -24.05 27.80 8.89
N PRO C 382 -24.16 29.01 8.36
CA PRO C 382 -25.25 29.91 8.78
C PRO C 382 -26.60 29.41 8.30
N ASP C 383 -27.64 29.90 8.95
CA ASP C 383 -29.02 29.60 8.61
C ASP C 383 -29.58 30.70 7.71
N ALA C 384 -30.90 30.66 7.49
CA ALA C 384 -31.54 31.63 6.62
C ALA C 384 -31.34 33.06 7.15
N THR C 385 -31.52 33.26 8.45
CA THR C 385 -31.32 34.59 9.02
C THR C 385 -29.86 35.03 8.86
N GLY C 386 -28.92 34.12 9.11
CA GLY C 386 -27.51 34.45 8.92
C GLY C 386 -27.19 34.79 7.47
N ARG C 387 -27.76 34.02 6.54
CA ARG C 387 -27.53 34.29 5.13
C ARG C 387 -28.08 35.66 4.74
N LEU C 388 -29.26 36.01 5.26
CA LEU C 388 -29.83 37.32 4.99
C LEU C 388 -28.94 38.42 5.58
N GLU C 389 -28.41 38.20 6.78
CA GLU C 389 -27.53 39.18 7.39
C GLU C 389 -26.27 39.38 6.54
N VAL C 390 -25.69 38.28 6.07
CA VAL C 390 -24.50 38.38 5.22
C VAL C 390 -24.82 39.12 3.93
N LEU C 391 -25.99 38.83 3.35
CA LEU C 391 -26.39 39.50 2.11
C LEU C 391 -26.53 41.00 2.33
N ARG C 392 -27.18 41.40 3.42
CA ARG C 392 -27.29 42.82 3.73
C ARG C 392 -25.92 43.45 3.94
N ILE C 393 -25.01 42.73 4.60
CA ILE C 393 -23.68 43.28 4.86
C ILE C 393 -22.93 43.52 3.55
N HIS C 394 -23.02 42.56 2.62
CA HIS C 394 -22.24 42.67 1.39
C HIS C 394 -22.87 43.64 0.40
N THR C 395 -24.19 43.62 0.26
CA THR C 395 -24.88 44.49 -0.69
C THR C 395 -24.93 45.95 -0.26
N LYS C 396 -24.47 46.28 0.95
CA LYS C 396 -24.54 47.66 1.40
C LYS C 396 -23.76 48.59 0.47
N ASN C 397 -22.55 48.20 0.07
CA ASN C 397 -21.76 49.05 -0.81
C ASN C 397 -22.20 49.02 -2.28
N MET C 398 -23.09 48.12 -2.68
CA MET C 398 -23.54 48.11 -4.06
C MET C 398 -24.84 48.89 -4.19
N LYS C 399 -25.12 49.37 -5.40
CA LYS C 399 -26.32 50.16 -5.68
C LYS C 399 -27.42 49.28 -6.24
N LEU C 400 -28.39 48.96 -5.38
CA LEU C 400 -29.53 48.14 -5.75
C LEU C 400 -30.63 48.97 -6.39
N ALA C 401 -31.49 48.28 -7.15
CA ALA C 401 -32.68 48.90 -7.70
C ALA C 401 -33.81 48.88 -6.67
N ASP C 402 -34.87 49.63 -6.96
CA ASP C 402 -36.01 49.70 -6.05
C ASP C 402 -36.82 48.41 -6.02
N ASP C 403 -36.61 47.53 -6.99
CA ASP C 403 -37.36 46.29 -7.13
C ASP C 403 -36.68 45.10 -6.48
N VAL C 404 -35.57 45.31 -5.77
CA VAL C 404 -34.74 44.23 -5.25
C VAL C 404 -35.16 43.90 -3.83
N ASP C 405 -35.55 42.65 -3.60
CA ASP C 405 -35.78 42.12 -2.27
C ASP C 405 -34.73 41.06 -1.95
N LEU C 406 -34.34 40.98 -0.68
CA LEU C 406 -33.30 40.05 -0.25
C LEU C 406 -33.84 38.82 0.48
N GLU C 407 -35.10 38.83 0.89
CA GLU C 407 -35.65 37.69 1.62
C GLU C 407 -35.76 36.45 0.72
N ALA C 408 -36.25 36.62 -0.51
CA ALA C 408 -36.39 35.50 -1.42
C ALA C 408 -35.02 34.89 -1.74
N LEU C 409 -34.02 35.74 -1.94
CA LEU C 409 -32.68 35.25 -2.23
C LEU C 409 -32.12 34.44 -1.06
N ALA C 410 -32.34 34.92 0.17
CA ALA C 410 -31.88 34.17 1.33
C ALA C 410 -32.66 32.89 1.54
N ALA C 411 -33.90 32.84 1.03
CA ALA C 411 -34.68 31.62 1.12
C ALA C 411 -34.18 30.57 0.14
N GLU C 412 -34.04 30.95 -1.13
CA GLU C 412 -33.59 29.99 -2.14
C GLU C 412 -32.12 29.62 -1.98
N THR C 413 -31.34 30.43 -1.27
CA THR C 413 -29.94 30.07 -0.99
C THR C 413 -29.90 29.16 0.23
N HIS C 414 -29.35 27.96 0.06
CA HIS C 414 -29.46 26.90 1.06
C HIS C 414 -28.13 26.59 1.73
N GLY C 415 -27.12 26.18 0.95
CA GLY C 415 -25.90 25.66 1.52
C GLY C 415 -24.69 26.56 1.42
N TYR C 416 -24.90 27.86 1.24
CA TYR C 416 -23.80 28.78 1.01
C TYR C 416 -23.11 29.10 2.33
N VAL C 417 -21.77 29.00 2.34
CA VAL C 417 -21.01 29.08 3.57
C VAL C 417 -20.70 30.52 3.98
N GLY C 418 -21.19 31.51 3.22
CA GLY C 418 -20.93 32.89 3.51
C GLY C 418 -19.81 33.50 2.69
N ALA C 419 -18.81 32.69 2.33
CA ALA C 419 -17.85 33.12 1.33
C ALA C 419 -18.37 32.95 -0.09
N ASP C 420 -19.43 32.16 -0.27
CA ASP C 420 -20.10 32.06 -1.55
C ASP C 420 -21.13 33.16 -1.77
N ILE C 421 -21.62 33.78 -0.69
CA ILE C 421 -22.51 34.92 -0.83
C ILE C 421 -21.80 36.09 -1.48
N ALA C 422 -20.56 36.37 -1.06
CA ALA C 422 -19.78 37.41 -1.72
C ALA C 422 -19.55 37.06 -3.18
N SER C 423 -19.32 35.78 -3.47
CA SER C 423 -19.19 35.34 -4.86
C SER C 423 -20.47 35.61 -5.64
N LEU C 424 -21.62 35.33 -5.03
CA LEU C 424 -22.90 35.57 -5.69
C LEU C 424 -23.09 37.06 -5.99
N CYS C 425 -22.80 37.90 -5.01
CA CYS C 425 -22.95 39.34 -5.21
C CYS C 425 -22.01 39.85 -6.30
N SER C 426 -20.74 39.41 -6.27
CA SER C 426 -19.79 39.86 -7.27
C SER C 426 -20.18 39.36 -8.66
N GLU C 427 -20.68 38.13 -8.77
CA GLU C 427 -21.09 37.60 -10.06
C GLU C 427 -22.28 38.39 -10.59
N ALA C 428 -23.25 38.72 -9.72
CA ALA C 428 -24.38 39.52 -10.15
C ALA C 428 -23.94 40.89 -10.65
N ALA C 429 -23.02 41.52 -9.92
CA ALA C 429 -22.51 42.82 -10.36
C ALA C 429 -21.79 42.68 -11.69
N MET C 430 -21.04 41.60 -11.88
CA MET C 430 -20.32 41.37 -13.11
C MET C 430 -21.28 41.13 -14.28
N GLN C 431 -22.38 40.42 -14.03
CA GLN C 431 -23.40 40.24 -15.05
C GLN C 431 -24.02 41.57 -15.46
N GLN C 432 -24.36 42.41 -14.46
CA GLN C 432 -24.96 43.70 -14.76
C GLN C 432 -24.00 44.57 -15.57
N ILE C 433 -22.74 44.65 -15.13
CA ILE C 433 -21.76 45.47 -15.84
C ILE C 433 -21.54 44.93 -17.25
N ARG C 434 -21.49 43.60 -17.40
CA ARG C 434 -21.29 43.03 -18.74
C ARG C 434 -22.45 43.38 -19.66
N GLU C 435 -23.68 43.31 -19.14
CA GLU C 435 -24.83 43.69 -19.95
C GLU C 435 -24.78 45.16 -20.35
N LYS C 436 -24.45 46.03 -19.40
CA LYS C 436 -24.47 47.46 -19.66
C LYS C 436 -23.23 47.93 -20.41
N MET C 437 -22.22 47.07 -20.53
CA MET C 437 -21.05 47.35 -21.33
C MET C 437 -21.19 46.82 -22.74
N ASP C 438 -21.88 45.69 -22.92
CA ASP C 438 -22.15 45.19 -24.26
C ASP C 438 -23.19 46.06 -24.96
N LEU C 439 -24.22 46.48 -24.23
CA LEU C 439 -25.24 47.35 -24.85
C LEU C 439 -24.65 48.70 -25.22
N ILE C 440 -23.97 49.36 -24.28
CA ILE C 440 -23.45 50.70 -24.47
C ILE C 440 -22.04 50.60 -25.06
N ASP C 441 -21.61 51.66 -25.75
CA ASP C 441 -20.27 51.68 -26.33
C ASP C 441 -19.22 51.56 -25.24
N LEU C 442 -18.07 50.97 -25.61
CA LEU C 442 -17.04 50.64 -24.63
C LEU C 442 -16.43 51.88 -24.00
N ASP C 443 -16.33 52.99 -24.75
CA ASP C 443 -15.75 54.23 -24.24
C ASP C 443 -14.31 54.01 -23.78
N GLU C 444 -13.51 53.36 -24.64
CA GLU C 444 -12.14 53.02 -24.27
C GLU C 444 -11.31 54.29 -24.05
N ASP C 445 -11.50 55.31 -24.89
CA ASP C 445 -10.73 56.54 -24.74
C ASP C 445 -10.98 57.22 -23.41
N GLU C 446 -12.25 57.29 -23.01
CA GLU C 446 -12.62 57.91 -21.74
C GLU C 446 -14.04 57.51 -21.41
N ILE C 447 -14.25 56.95 -20.22
CA ILE C 447 -15.57 56.50 -19.80
C ILE C 447 -16.34 57.69 -19.25
N ASP C 448 -17.57 57.87 -19.73
CA ASP C 448 -18.40 58.98 -19.29
C ASP C 448 -19.12 58.62 -17.99
N ALA C 449 -19.35 59.64 -17.17
CA ALA C 449 -20.03 59.44 -15.89
C ALA C 449 -21.52 59.17 -16.08
N GLU C 450 -22.11 59.60 -17.20
CA GLU C 450 -23.54 59.40 -17.41
C GLU C 450 -23.89 57.93 -17.53
N VAL C 451 -22.93 57.07 -17.85
CA VAL C 451 -23.20 55.64 -17.89
C VAL C 451 -23.04 55.02 -16.52
N LEU C 452 -22.13 55.55 -15.68
CA LEU C 452 -21.94 55.01 -14.35
C LEU C 452 -23.12 55.32 -13.45
N ASP C 453 -23.74 56.49 -13.64
CA ASP C 453 -24.84 56.90 -12.77
C ASP C 453 -26.08 56.02 -12.92
N SER C 454 -26.19 55.29 -14.04
CA SER C 454 -27.32 54.39 -14.26
C SER C 454 -26.80 53.00 -14.60
N LEU C 455 -26.52 52.20 -13.56
CA LEU C 455 -26.04 50.83 -13.75
C LEU C 455 -27.02 49.81 -13.15
N GLY C 456 -27.35 49.95 -11.87
CA GLY C 456 -28.35 49.11 -11.22
C GLY C 456 -28.03 47.63 -11.17
N VAL C 457 -28.83 46.88 -10.43
CA VAL C 457 -28.76 45.42 -10.38
C VAL C 457 -30.19 44.89 -10.27
N THR C 458 -30.66 44.21 -11.31
CA THR C 458 -32.02 43.72 -11.37
C THR C 458 -32.15 42.36 -10.70
N MET C 459 -33.40 41.93 -10.52
CA MET C 459 -33.66 40.59 -9.96
C MET C 459 -33.21 39.51 -10.92
N ASP C 460 -33.35 39.74 -12.23
CA ASP C 460 -32.93 38.73 -13.20
C ASP C 460 -31.46 38.40 -13.06
N ASN C 461 -30.63 39.38 -12.71
CA ASN C 461 -29.21 39.11 -12.50
C ASN C 461 -28.99 38.12 -11.36
N PHE C 462 -29.69 38.34 -10.23
CA PHE C 462 -29.56 37.42 -9.10
C PHE C 462 -30.12 36.04 -9.43
N ARG C 463 -31.25 35.99 -10.15
CA ARG C 463 -31.80 34.69 -10.54
C ARG C 463 -30.81 33.95 -11.43
N PHE C 464 -30.18 34.66 -12.37
CA PHE C 464 -29.15 34.07 -13.21
C PHE C 464 -28.00 33.55 -12.37
N ALA C 465 -27.56 34.35 -11.40
CA ALA C 465 -26.45 33.94 -10.54
C ALA C 465 -26.80 32.69 -9.75
N LEU C 466 -28.03 32.62 -9.25
CA LEU C 466 -28.45 31.42 -8.52
C LEU C 466 -28.47 30.20 -9.43
N GLY C 467 -28.95 30.37 -10.66
CA GLY C 467 -29.01 29.24 -11.57
C GLY C 467 -27.65 28.79 -12.09
N ASN C 468 -26.65 29.66 -12.06
CA ASN C 468 -25.31 29.30 -12.49
C ASN C 468 -24.36 28.96 -11.35
N SER C 469 -24.61 29.45 -10.14
CA SER C 469 -23.71 29.18 -9.02
C SER C 469 -23.94 27.79 -8.45
N ASN C 470 -23.21 27.50 -7.37
CA ASN C 470 -23.19 26.19 -6.71
C ASN C 470 -22.50 26.35 -5.36
N PRO C 471 -23.00 25.73 -4.30
CA PRO C 471 -22.24 25.69 -3.05
C PRO C 471 -20.84 25.13 -3.25
N SER C 472 -19.86 25.79 -2.63
CA SER C 472 -18.45 25.48 -2.90
C SER C 472 -18.11 24.05 -2.49
N ALA C 473 -18.61 23.60 -1.34
CA ALA C 473 -18.25 22.27 -0.84
C ALA C 473 -18.72 21.16 -1.77
N LEU C 474 -19.82 21.38 -2.47
CA LEU C 474 -20.40 20.41 -3.39
C LEU C 474 -19.83 20.53 -4.81
N ARG C 475 -18.95 21.50 -5.04
CA ARG C 475 -18.53 21.84 -6.41
C ARG C 475 -17.91 20.66 -7.15
N GLU C 476 -17.13 19.82 -6.46
CA GLU C 476 -16.44 18.73 -7.14
C GLU C 476 -17.39 17.69 -7.73
N THR C 477 -18.53 17.44 -7.07
CA THR C 477 -19.48 16.42 -7.54
C THR C 477 -20.72 17.05 -8.17
N VAL C 478 -20.54 18.23 -8.79
CA VAL C 478 -21.64 18.91 -9.45
C VAL C 478 -22.18 18.07 -10.59
N VAL C 479 -23.50 17.98 -10.67
CA VAL C 479 -24.17 17.27 -11.75
C VAL C 479 -24.49 18.25 -12.86
N GLU C 480 -24.13 17.89 -14.09
CA GLU C 480 -24.36 18.76 -15.24
C GLU C 480 -25.85 19.04 -15.40
N SER C 481 -26.17 20.31 -15.65
CA SER C 481 -27.56 20.73 -15.77
C SER C 481 -28.24 20.01 -16.93
N VAL C 482 -29.48 19.57 -16.68
CA VAL C 482 -30.37 19.06 -17.71
C VAL C 482 -31.67 19.85 -17.63
N ASN C 483 -32.32 20.00 -18.77
CA ASN C 483 -33.52 20.84 -18.88
C ASN C 483 -34.74 19.93 -18.97
N VAL C 484 -35.30 19.62 -17.80
CA VAL C 484 -36.53 18.85 -17.68
C VAL C 484 -37.48 19.64 -16.81
N THR C 485 -38.79 19.46 -17.05
CA THR C 485 -39.80 20.19 -16.30
C THR C 485 -40.91 19.22 -15.93
N TRP C 486 -41.72 19.62 -14.95
CA TRP C 486 -42.83 18.77 -14.53
C TRP C 486 -43.81 18.53 -15.67
N ASP C 487 -43.89 19.46 -16.61
CA ASP C 487 -44.72 19.27 -17.80
C ASP C 487 -44.07 18.32 -18.80
N ASP C 488 -42.77 18.06 -18.66
CA ASP C 488 -42.10 17.13 -19.56
C ASP C 488 -42.44 15.69 -19.25
N VAL C 489 -42.83 15.39 -18.02
CA VAL C 489 -43.16 14.04 -17.58
C VAL C 489 -44.67 13.90 -17.62
N GLY C 490 -45.17 13.13 -18.59
CA GLY C 490 -46.59 12.90 -18.67
C GLY C 490 -47.06 11.79 -17.76
N GLY C 491 -48.34 11.83 -17.42
CA GLY C 491 -48.92 10.83 -16.54
C GLY C 491 -48.30 10.86 -15.14
N LEU C 492 -48.69 9.86 -14.36
CA LEU C 492 -48.17 9.68 -13.01
C LEU C 492 -48.36 10.94 -12.17
N ASP C 493 -49.52 11.58 -12.36
CA ASP C 493 -49.79 12.86 -11.71
C ASP C 493 -49.79 12.73 -10.19
N GLU C 494 -50.43 11.67 -9.66
CA GLU C 494 -50.45 11.48 -8.22
C GLU C 494 -49.05 11.22 -7.66
N ILE C 495 -48.22 10.47 -8.39
CA ILE C 495 -46.83 10.29 -7.96
C ILE C 495 -46.09 11.62 -7.95
N LYS C 496 -46.30 12.43 -8.99
CA LYS C 496 -45.65 13.74 -9.05
C LYS C 496 -46.07 14.60 -7.86
N GLU C 497 -47.37 14.63 -7.56
CA GLU C 497 -47.85 15.41 -6.43
C GLU C 497 -47.26 14.92 -5.12
N GLU C 498 -47.28 13.60 -4.90
CA GLU C 498 -46.73 13.06 -3.66
C GLU C 498 -45.26 13.42 -3.51
N LEU C 499 -44.49 13.27 -4.57
CA LEU C 499 -43.06 13.58 -4.49
C LEU C 499 -42.83 15.07 -4.26
N LYS C 500 -43.60 15.92 -4.96
CA LYS C 500 -43.46 17.35 -4.78
C LYS C 500 -43.74 17.75 -3.34
N GLU C 501 -44.78 17.17 -2.74
CA GLU C 501 -45.09 17.47 -1.35
C GLU C 501 -43.98 16.97 -0.45
N THR C 502 -43.53 15.73 -0.65
CA THR C 502 -42.52 15.13 0.21
C THR C 502 -41.21 15.91 0.17
N VAL C 503 -40.93 16.59 -0.94
CA VAL C 503 -39.67 17.32 -1.04
C VAL C 503 -39.82 18.82 -0.73
N GLU C 504 -41.03 19.37 -0.81
CA GLU C 504 -41.22 20.80 -0.58
C GLU C 504 -41.73 21.13 0.81
N TYR C 505 -42.61 20.31 1.38
CA TYR C 505 -43.23 20.66 2.65
C TYR C 505 -42.22 20.86 3.77
N PRO C 506 -41.26 19.94 4.01
CA PRO C 506 -40.26 20.22 5.05
C PRO C 506 -39.39 21.44 4.76
N VAL C 507 -39.28 21.85 3.51
CA VAL C 507 -38.35 22.91 3.13
C VAL C 507 -39.00 24.28 3.30
N LEU C 508 -40.20 24.48 2.73
CA LEU C 508 -40.79 25.81 2.72
C LEU C 508 -41.33 26.22 4.09
N HIS C 509 -41.92 25.28 4.83
CA HIS C 509 -42.62 25.58 6.07
C HIS C 509 -42.10 24.69 7.20
N PRO C 510 -40.88 24.95 7.68
CA PRO C 510 -40.41 24.22 8.86
C PRO C 510 -41.22 24.53 10.11
N ASP C 511 -41.83 25.72 10.15
CA ASP C 511 -42.61 26.14 11.31
C ASP C 511 -43.70 25.13 11.64
N GLN C 512 -44.41 24.64 10.63
CA GLN C 512 -45.47 23.67 10.90
C GLN C 512 -44.90 22.38 11.48
N TYR C 513 -43.79 21.89 10.92
CA TYR C 513 -43.21 20.65 11.42
C TYR C 513 -42.73 20.80 12.86
N THR C 514 -42.11 21.94 13.20
CA THR C 514 -41.65 22.11 14.58
C THR C 514 -42.82 22.36 15.53
N LYS C 515 -43.91 22.96 15.03
CA LYS C 515 -45.11 23.11 15.86
C LYS C 515 -45.76 21.77 16.12
N PHE C 516 -45.69 20.84 15.17
CA PHE C 516 -46.23 19.50 15.35
C PHE C 516 -45.24 18.56 16.01
N GLY C 517 -44.00 18.98 16.20
CA GLY C 517 -43.04 18.17 16.94
C GLY C 517 -42.74 16.83 16.34
N LEU C 518 -42.73 16.74 15.01
CA LEU C 518 -42.42 15.50 14.32
C LEU C 518 -41.56 15.77 13.10
N SER C 519 -40.60 14.89 12.86
CA SER C 519 -39.70 15.03 11.72
C SER C 519 -40.28 14.30 10.50
N PRO C 520 -40.14 14.88 9.31
CA PRO C 520 -40.76 14.29 8.13
C PRO C 520 -40.07 13.00 7.71
N SER C 521 -40.81 12.19 6.95
CA SER C 521 -40.21 11.04 6.31
C SER C 521 -39.36 11.50 5.12
N LYS C 522 -38.21 10.87 4.95
CA LYS C 522 -37.19 11.37 4.02
C LYS C 522 -36.98 10.45 2.83
N GLY C 523 -36.69 9.17 3.05
CA GLY C 523 -36.31 8.32 1.95
C GLY C 523 -37.50 7.89 1.10
N VAL C 524 -37.20 7.46 -0.12
CA VAL C 524 -38.22 6.97 -1.04
C VAL C 524 -37.52 6.18 -2.14
N LEU C 525 -38.13 5.06 -2.53
CA LEU C 525 -37.56 4.17 -3.52
C LEU C 525 -38.51 4.00 -4.70
N PHE C 526 -37.95 3.92 -5.90
CA PHE C 526 -38.69 3.65 -7.11
C PHE C 526 -38.32 2.26 -7.63
N TYR C 527 -39.32 1.44 -7.92
CA TYR C 527 -39.09 0.16 -8.57
C TYR C 527 -40.13 -0.02 -9.68
N GLY C 528 -39.71 -0.69 -10.74
CA GLY C 528 -40.57 -0.93 -11.88
C GLY C 528 -39.79 -1.34 -13.10
N PRO C 529 -40.49 -1.57 -14.21
CA PRO C 529 -39.81 -1.97 -15.46
C PRO C 529 -38.89 -0.87 -15.95
N PRO C 530 -37.87 -1.20 -16.72
CA PRO C 530 -36.88 -0.19 -17.12
C PRO C 530 -37.46 0.83 -18.08
N GLY C 531 -36.87 2.03 -18.06
CA GLY C 531 -37.24 3.09 -18.98
C GLY C 531 -38.61 3.66 -18.80
N THR C 532 -39.31 3.33 -17.70
CA THR C 532 -40.65 3.87 -17.49
C THR C 532 -40.62 5.35 -17.13
N GLY C 533 -39.46 5.85 -16.68
CA GLY C 533 -39.33 7.27 -16.40
C GLY C 533 -38.67 7.61 -15.08
N LYS C 534 -38.09 6.61 -14.42
CA LYS C 534 -37.47 6.84 -13.12
C LYS C 534 -36.35 7.87 -13.21
N THR C 535 -35.43 7.69 -14.15
CA THR C 535 -34.37 8.67 -14.35
C THR C 535 -34.95 10.02 -14.79
N LEU C 536 -36.04 9.99 -15.56
CA LEU C 536 -36.68 11.24 -15.95
C LEU C 536 -37.21 11.99 -14.73
N LEU C 537 -37.84 11.27 -13.79
CA LEU C 537 -38.28 11.89 -12.55
C LEU C 537 -37.09 12.42 -11.76
N ALA C 538 -35.98 11.69 -11.75
CA ALA C 538 -34.79 12.17 -11.05
C ALA C 538 -34.29 13.48 -11.64
N LYS C 539 -34.23 13.56 -12.97
CA LYS C 539 -33.78 14.79 -13.62
C LYS C 539 -34.73 15.93 -13.33
N ALA C 540 -36.04 15.67 -13.38
CA ALA C 540 -37.01 16.71 -13.08
C ALA C 540 -36.86 17.21 -11.66
N VAL C 541 -36.62 16.28 -10.72
CA VAL C 541 -36.38 16.66 -9.34
C VAL C 541 -35.15 17.54 -9.24
N ALA C 542 -34.07 17.14 -9.89
CA ALA C 542 -32.84 17.92 -9.83
C ALA C 542 -33.04 19.31 -10.42
N THR C 543 -33.97 19.44 -11.37
CA THR C 543 -34.18 20.71 -12.03
C THR C 543 -35.04 21.66 -11.21
N GLU C 544 -36.24 21.22 -10.83
CA GLU C 544 -37.27 22.12 -10.32
C GLU C 544 -37.37 22.16 -8.79
N VAL C 545 -36.49 21.49 -8.06
CA VAL C 545 -36.44 21.68 -6.61
C VAL C 545 -35.36 22.70 -6.28
N SER C 546 -35.47 23.29 -5.10
CA SER C 546 -34.55 24.35 -4.69
C SER C 546 -33.38 23.82 -3.86
N ALA C 547 -33.50 22.61 -3.30
CA ALA C 547 -32.43 22.01 -2.54
C ALA C 547 -31.33 21.51 -3.47
N ASN C 548 -30.13 21.35 -2.89
CA ASN C 548 -28.99 20.86 -3.65
C ASN C 548 -29.19 19.41 -4.06
N PHE C 549 -28.56 19.03 -5.17
CA PHE C 549 -28.69 17.70 -5.75
C PHE C 549 -27.33 17.05 -5.88
N ILE C 550 -27.22 15.79 -5.43
CA ILE C 550 -26.04 14.97 -5.65
C ILE C 550 -26.49 13.66 -6.30
N SER C 551 -25.96 13.38 -7.48
CA SER C 551 -26.32 12.20 -8.24
C SER C 551 -25.11 11.29 -8.36
N VAL C 552 -25.30 10.00 -8.08
CA VAL C 552 -24.26 8.99 -8.22
C VAL C 552 -24.86 7.76 -8.91
N LYS C 553 -24.10 7.16 -9.81
CA LYS C 553 -24.49 5.92 -10.45
C LYS C 553 -24.33 4.77 -9.45
N GLY C 554 -24.56 3.55 -9.93
CA GLY C 554 -24.60 2.39 -9.05
C GLY C 554 -23.27 2.02 -8.44
N PRO C 555 -22.35 1.53 -9.27
CA PRO C 555 -21.03 1.13 -8.73
C PRO C 555 -20.03 2.26 -8.69
N GLU C 556 -20.52 3.50 -8.80
CA GLU C 556 -19.63 4.66 -8.89
C GLU C 556 -18.75 4.83 -7.66
N LEU C 557 -19.16 4.28 -6.52
CA LEU C 557 -18.48 4.51 -5.25
C LEU C 557 -17.57 3.37 -4.83
N LEU C 558 -17.16 2.51 -5.77
CA LEU C 558 -16.30 1.38 -5.46
C LEU C 558 -14.85 1.67 -5.77
N SER C 559 -13.96 1.07 -4.98
CA SER C 559 -12.52 1.19 -5.16
C SER C 559 -11.87 -0.13 -4.81
N MET C 560 -10.72 -0.40 -5.44
CA MET C 560 -10.00 -1.64 -5.17
C MET C 560 -9.31 -1.62 -3.81
N TRP C 561 -8.97 -0.44 -3.31
CA TRP C 561 -8.27 -0.36 -2.04
C TRP C 561 -9.19 -0.78 -0.90
N TYR C 562 -8.59 -1.13 0.23
CA TYR C 562 -9.33 -1.70 1.35
C TYR C 562 -9.88 -0.55 2.19
N GLY C 563 -11.20 -0.48 2.31
CA GLY C 563 -11.84 0.53 3.12
C GLY C 563 -12.04 1.87 2.44
N GLU C 564 -11.64 2.02 1.17
CA GLU C 564 -11.80 3.30 0.50
C GLU C 564 -13.24 3.55 0.08
N SER C 565 -13.98 2.49 -0.23
CA SER C 565 -15.40 2.64 -0.54
C SER C 565 -16.14 3.22 0.66
N GLU C 566 -15.82 2.73 1.86
CA GLU C 566 -16.47 3.24 3.06
C GLU C 566 -16.12 4.71 3.27
N SER C 567 -14.88 5.09 2.99
CA SER C 567 -14.48 6.48 3.10
C SER C 567 -15.26 7.34 2.11
N ASN C 568 -15.44 6.85 0.89
CA ASN C 568 -16.19 7.60 -0.11
C ASN C 568 -17.63 7.77 0.32
N ILE C 569 -18.24 6.70 0.86
CA ILE C 569 -19.63 6.78 1.32
C ILE C 569 -19.77 7.79 2.43
N ARG C 570 -18.86 7.73 3.42
CA ARG C 570 -18.91 8.69 4.51
C ARG C 570 -18.74 10.11 4.00
N ASP C 571 -17.81 10.30 3.05
CA ASP C 571 -17.57 11.65 2.54
C ASP C 571 -18.79 12.20 1.81
N ILE C 572 -19.42 11.39 0.96
CA ILE C 572 -20.56 11.91 0.20
C ILE C 572 -21.74 12.18 1.13
N PHE C 573 -21.95 11.32 2.13
CA PHE C 573 -23.08 11.58 3.02
C PHE C 573 -22.79 12.73 3.98
N ASP C 574 -21.53 12.96 4.31
CA ASP C 574 -21.17 14.10 5.13
C ASP C 574 -21.37 15.39 4.35
N LYS C 575 -20.99 15.38 3.07
CA LYS C 575 -21.27 16.53 2.22
C LYS C 575 -22.77 16.76 2.07
N ALA C 576 -23.55 15.68 2.01
CA ALA C 576 -24.99 15.81 1.87
C ALA C 576 -25.62 16.42 3.12
N ARG C 577 -25.22 15.94 4.30
CA ARG C 577 -25.82 16.50 5.52
C ARG C 577 -25.27 17.88 5.86
N ALA C 578 -24.04 18.20 5.45
CA ALA C 578 -23.47 19.50 5.78
C ALA C 578 -24.21 20.62 5.06
N ALA C 579 -24.45 20.46 3.76
CA ALA C 579 -25.10 21.49 2.96
C ALA C 579 -26.59 21.21 2.78
N ALA C 580 -27.26 20.89 3.88
CA ALA C 580 -28.66 20.54 3.78
C ALA C 580 -29.52 21.77 3.55
N PRO C 581 -30.68 21.62 2.88
CA PRO C 581 -31.29 20.39 2.35
C PRO C 581 -30.59 19.84 1.11
N THR C 582 -30.56 18.52 0.95
CA THR C 582 -29.87 17.86 -0.16
C THR C 582 -30.66 16.63 -0.59
N VAL C 583 -30.77 16.45 -1.90
CA VAL C 583 -31.44 15.29 -2.48
C VAL C 583 -30.35 14.40 -3.06
N VAL C 584 -30.18 13.22 -2.48
CA VAL C 584 -29.16 12.26 -2.91
C VAL C 584 -29.86 11.18 -3.73
N PHE C 585 -29.49 11.08 -5.01
CA PHE C 585 -30.04 10.09 -5.92
C PHE C 585 -29.11 8.90 -6.04
N LEU C 586 -29.59 7.72 -5.62
CA LEU C 586 -28.85 6.47 -5.73
C LEU C 586 -29.49 5.63 -6.83
N ASP C 587 -28.91 5.69 -8.02
CA ASP C 587 -29.38 4.88 -9.14
C ASP C 587 -28.92 3.43 -9.00
N GLU C 588 -29.83 2.50 -9.26
CA GLU C 588 -29.52 1.06 -9.30
C GLU C 588 -28.95 0.57 -7.97
N LEU C 589 -29.82 0.57 -6.96
CA LEU C 589 -29.44 0.07 -5.64
C LEU C 589 -28.97 -1.38 -5.71
N ASP C 590 -29.48 -2.16 -6.65
CA ASP C 590 -29.14 -3.58 -6.72
C ASP C 590 -27.64 -3.80 -6.89
N SER C 591 -26.93 -2.82 -7.46
CA SER C 591 -25.47 -2.91 -7.50
C SER C 591 -24.87 -2.64 -6.14
N ILE C 592 -25.30 -1.56 -5.48
CA ILE C 592 -24.67 -1.10 -4.25
C ILE C 592 -25.25 -1.75 -2.99
N ALA C 593 -26.41 -2.38 -3.08
CA ALA C 593 -27.08 -2.91 -1.88
C ALA C 593 -27.59 -4.32 -2.19
N LYS C 594 -26.87 -5.32 -1.68
CA LYS C 594 -27.24 -6.71 -1.83
C LYS C 594 -27.38 -7.33 -0.45
N ALA C 595 -28.16 -8.41 -0.38
CA ALA C 595 -28.39 -9.09 0.89
C ALA C 595 -27.06 -9.54 1.49
N ARG C 596 -26.91 -9.30 2.79
CA ARG C 596 -25.68 -9.68 3.48
C ARG C 596 -25.48 -11.18 3.40
N GLY C 597 -24.26 -11.59 3.05
CA GLY C 597 -23.96 -13.00 2.91
C GLY C 597 -24.76 -13.72 1.86
N GLY C 598 -25.28 -12.99 0.88
CA GLY C 598 -26.08 -13.60 -0.17
C GLY C 598 -25.31 -14.37 -1.23
N SER C 599 -23.99 -14.22 -1.26
CA SER C 599 -23.14 -14.90 -2.22
C SER C 599 -22.36 -16.00 -1.52
N LEU C 600 -22.38 -17.19 -2.10
CA LEU C 600 -21.60 -18.30 -1.54
C LEU C 600 -20.11 -17.98 -1.54
N GLY C 601 -19.61 -17.45 -2.66
CA GLY C 601 -18.22 -17.05 -2.76
C GLY C 601 -18.05 -15.55 -2.66
N ASP C 602 -17.54 -15.07 -1.53
CA ASP C 602 -17.37 -13.65 -1.30
C ASP C 602 -15.98 -13.19 -1.73
N ALA C 603 -15.89 -11.90 -2.07
CA ALA C 603 -14.64 -11.27 -2.46
C ALA C 603 -14.00 -10.53 -1.29
N GLY C 604 -14.15 -11.06 -0.08
CA GLY C 604 -13.76 -10.37 1.13
C GLY C 604 -14.87 -9.63 1.84
N GLY C 605 -16.11 -9.80 1.39
CA GLY C 605 -17.23 -9.11 2.01
C GLY C 605 -17.18 -7.61 1.91
N ALA C 606 -16.49 -7.07 0.91
CA ALA C 606 -16.41 -5.62 0.76
C ALA C 606 -17.79 -5.01 0.54
N SER C 607 -18.61 -5.64 -0.29
CA SER C 607 -19.96 -5.15 -0.51
C SER C 607 -20.76 -5.13 0.79
N ASP C 608 -20.56 -6.14 1.64
CA ASP C 608 -21.21 -6.15 2.94
C ASP C 608 -20.76 -4.96 3.79
N ARG C 609 -19.46 -4.64 3.73
CA ARG C 609 -18.95 -3.49 4.46
C ARG C 609 -19.56 -2.20 3.92
N VAL C 610 -19.72 -2.10 2.60
CA VAL C 610 -20.34 -0.93 2.01
C VAL C 610 -21.79 -0.80 2.48
N VAL C 611 -22.50 -1.92 2.53
CA VAL C 611 -23.90 -1.87 2.94
C VAL C 611 -24.01 -1.47 4.41
N ASN C 612 -23.10 -1.98 5.24
CA ASN C 612 -23.11 -1.60 6.65
C ASN C 612 -22.80 -0.12 6.84
N GLN C 613 -21.80 0.39 6.12
CA GLN C 613 -21.47 1.81 6.23
C GLN C 613 -22.64 2.67 5.77
N LEU C 614 -23.28 2.30 4.66
CA LEU C 614 -24.43 3.05 4.19
C LEU C 614 -25.53 3.05 5.24
N LEU C 615 -25.87 1.87 5.75
CA LEU C 615 -26.90 1.73 6.78
C LEU C 615 -26.65 2.66 7.95
N THR C 616 -25.44 2.58 8.54
CA THR C 616 -25.20 3.28 9.79
C THR C 616 -24.64 4.69 9.61
N GLU C 617 -24.49 5.16 8.38
CA GLU C 617 -24.22 6.57 8.19
C GLU C 617 -25.46 7.33 7.75
N MET C 618 -26.39 6.68 7.04
CA MET C 618 -27.61 7.39 6.67
C MET C 618 -28.62 7.42 7.82
N ASP C 619 -28.48 6.52 8.80
CA ASP C 619 -29.34 6.50 9.98
C ASP C 619 -28.54 5.86 11.09
N GLY C 620 -27.97 6.69 11.95
CA GLY C 620 -27.15 6.24 13.07
C GLY C 620 -26.99 7.33 14.10
N MET C 621 -25.77 7.48 14.62
CA MET C 621 -25.46 8.56 15.56
C MET C 621 -25.20 9.82 14.73
N ASN C 622 -26.28 10.48 14.34
CA ASN C 622 -26.22 11.61 13.44
C ASN C 622 -27.26 12.64 13.86
N ALA C 623 -27.23 13.78 13.17
CA ALA C 623 -28.15 14.89 13.46
C ALA C 623 -29.41 14.82 12.61
N LYS C 624 -29.31 14.31 11.38
CA LYS C 624 -30.43 14.02 10.48
C LYS C 624 -31.34 15.24 10.32
N LYS C 625 -30.75 16.32 9.79
CA LYS C 625 -31.51 17.55 9.62
C LYS C 625 -32.41 17.48 8.39
N ASN C 626 -31.82 17.44 7.20
CA ASN C 626 -32.61 17.38 5.96
C ASN C 626 -31.75 16.70 4.89
N VAL C 627 -31.85 15.39 4.80
CA VAL C 627 -31.23 14.62 3.73
C VAL C 627 -32.25 13.64 3.19
N PHE C 628 -32.64 13.80 1.93
CA PHE C 628 -33.58 12.90 1.28
C PHE C 628 -32.83 11.99 0.32
N VAL C 629 -33.15 10.70 0.37
CA VAL C 629 -32.49 9.69 -0.45
C VAL C 629 -33.48 9.21 -1.50
N ILE C 630 -33.15 9.42 -2.76
CA ILE C 630 -33.95 8.94 -3.88
C ILE C 630 -33.31 7.67 -4.40
N GLY C 631 -34.06 6.58 -4.42
CA GLY C 631 -33.59 5.32 -4.97
C GLY C 631 -34.33 4.99 -6.24
N ALA C 632 -33.62 4.35 -7.17
CA ALA C 632 -34.19 3.92 -8.44
C ALA C 632 -33.58 2.58 -8.81
N THR C 633 -34.42 1.57 -8.98
CA THR C 633 -33.94 0.24 -9.34
C THR C 633 -35.00 -0.45 -10.18
N ASN C 634 -34.55 -1.48 -10.92
CA ASN C 634 -35.46 -2.36 -11.64
C ASN C 634 -35.32 -3.80 -11.19
N ARG C 635 -34.80 -4.02 -9.98
CA ARG C 635 -34.68 -5.35 -9.39
C ARG C 635 -34.85 -5.22 -7.88
N PRO C 636 -36.07 -4.92 -7.42
CA PRO C 636 -36.29 -4.75 -5.98
C PRO C 636 -36.12 -6.03 -5.18
N ASP C 637 -36.26 -7.20 -5.80
CA ASP C 637 -36.21 -8.46 -5.07
C ASP C 637 -34.82 -8.75 -4.52
N GLN C 638 -33.77 -8.17 -5.11
CA GLN C 638 -32.40 -8.42 -4.69
C GLN C 638 -31.84 -7.30 -3.83
N ILE C 639 -32.70 -6.63 -3.05
CA ILE C 639 -32.29 -5.56 -2.16
C ILE C 639 -32.40 -6.06 -0.72
N ASP C 640 -31.47 -5.62 0.12
CA ASP C 640 -31.46 -6.06 1.51
C ASP C 640 -32.72 -5.58 2.22
N PRO C 641 -33.34 -6.42 3.04
CA PRO C 641 -34.53 -5.97 3.78
C PRO C 641 -34.28 -4.81 4.73
N ALA C 642 -33.09 -4.73 5.33
CA ALA C 642 -32.87 -3.72 6.36
C ALA C 642 -32.99 -2.30 5.80
N ILE C 643 -32.61 -2.10 4.54
CA ILE C 643 -32.70 -0.77 3.95
C ILE C 643 -34.10 -0.43 3.49
N LEU C 644 -34.94 -1.43 3.21
CA LEU C 644 -36.32 -1.17 2.82
C LEU C 644 -37.19 -0.74 3.99
N ARG C 645 -36.66 -0.78 5.20
CA ARG C 645 -37.44 -0.45 6.39
C ARG C 645 -37.85 1.02 6.36
N PRO C 646 -39.02 1.35 6.93
CA PRO C 646 -39.37 2.76 7.10
C PRO C 646 -38.37 3.48 7.99
N GLY C 647 -38.25 4.79 7.76
CA GLY C 647 -37.21 5.59 8.35
C GLY C 647 -35.95 5.65 7.51
N ARG C 648 -35.62 4.57 6.82
CA ARG C 648 -34.51 4.58 5.86
C ARG C 648 -35.04 4.90 4.46
N LEU C 649 -35.87 4.02 3.92
CA LEU C 649 -36.55 4.22 2.63
C LEU C 649 -38.01 3.88 2.90
N ASP C 650 -38.77 4.86 3.39
CA ASP C 650 -40.13 4.61 3.83
C ASP C 650 -41.04 4.19 2.69
N GLN C 651 -41.25 5.10 1.73
CA GLN C 651 -42.23 4.87 0.67
C GLN C 651 -41.63 4.02 -0.43
N LEU C 652 -42.38 3.00 -0.86
CA LEU C 652 -42.00 2.15 -1.97
C LEU C 652 -43.00 2.38 -3.10
N ILE C 653 -42.58 3.11 -4.12
CA ILE C 653 -43.47 3.54 -5.20
C ILE C 653 -43.29 2.61 -6.39
N TYR C 654 -44.37 1.92 -6.76
CA TYR C 654 -44.37 1.12 -7.97
C TYR C 654 -44.73 2.01 -9.14
N VAL C 655 -43.86 2.04 -10.14
CA VAL C 655 -44.11 2.83 -11.35
C VAL C 655 -44.61 1.88 -12.44
N PRO C 656 -45.91 1.72 -12.60
CA PRO C 656 -46.46 0.69 -13.48
C PRO C 656 -46.43 1.16 -14.94
N LEU C 657 -46.89 0.29 -15.83
CA LEU C 657 -46.99 0.65 -17.23
C LEU C 657 -48.10 1.69 -17.41
N PRO C 658 -47.90 2.67 -18.30
CA PRO C 658 -48.95 3.67 -18.53
C PRO C 658 -50.19 3.04 -19.12
N ASP C 659 -51.35 3.61 -18.78
CA ASP C 659 -52.60 3.25 -19.41
C ASP C 659 -52.89 4.26 -20.53
N GLU C 660 -54.10 4.17 -21.11
CA GLU C 660 -54.41 4.96 -22.29
C GLU C 660 -54.29 6.46 -22.01
N ASN C 661 -54.89 6.94 -20.93
CA ASN C 661 -54.80 8.36 -20.61
C ASN C 661 -53.37 8.77 -20.31
N ALA C 662 -52.65 7.96 -19.52
CA ALA C 662 -51.25 8.25 -19.25
C ALA C 662 -50.43 8.21 -20.53
N ARG C 663 -50.71 7.24 -21.40
CA ARG C 663 -49.99 7.13 -22.66
C ARG C 663 -50.21 8.36 -23.52
N LEU C 664 -51.45 8.84 -23.59
CA LEU C 664 -51.73 10.06 -24.35
C LEU C 664 -50.99 11.25 -23.75
N SER C 665 -50.97 11.35 -22.42
CA SER C 665 -50.29 12.48 -21.79
C SER C 665 -48.80 12.45 -22.04
N ILE C 666 -48.17 11.27 -21.95
CA ILE C 666 -46.73 11.19 -22.21
C ILE C 666 -46.44 11.47 -23.68
N LEU C 667 -47.29 11.00 -24.59
CA LEU C 667 -47.08 11.31 -26.00
C LEU C 667 -47.16 12.81 -26.24
N ASN C 668 -48.12 13.47 -25.61
CA ASN C 668 -48.23 14.92 -25.74
C ASN C 668 -47.01 15.61 -25.15
N ALA C 669 -46.49 15.10 -24.03
CA ALA C 669 -45.33 15.70 -23.38
C ALA C 669 -44.09 15.56 -24.26
N GLN C 670 -43.92 14.41 -24.90
CA GLN C 670 -42.74 14.20 -25.73
C GLN C 670 -42.76 15.09 -26.97
N LEU C 671 -43.95 15.41 -27.47
CA LEU C 671 -44.13 16.28 -28.62
C LEU C 671 -44.43 17.72 -28.21
N ARG C 672 -43.89 18.16 -27.08
CA ARG C 672 -44.17 19.51 -26.59
C ARG C 672 -43.68 20.57 -27.56
N LYS C 673 -42.42 20.49 -27.98
CA LYS C 673 -41.83 21.48 -28.90
C LYS C 673 -41.53 20.81 -30.24
N THR C 674 -42.55 20.75 -31.10
CA THR C 674 -42.42 20.19 -32.44
C THR C 674 -43.62 20.58 -33.29
N PRO C 675 -43.40 21.10 -34.50
CA PRO C 675 -44.55 21.35 -35.39
C PRO C 675 -45.20 20.05 -35.79
N LEU C 676 -46.53 20.03 -35.75
CA LEU C 676 -47.31 18.85 -36.08
C LEU C 676 -48.44 19.20 -37.03
N GLU C 677 -48.93 18.18 -37.73
CA GLU C 677 -50.07 18.37 -38.61
C GLU C 677 -51.31 18.70 -37.80
N PRO C 678 -52.04 19.76 -38.14
CA PRO C 678 -53.27 20.08 -37.38
C PRO C 678 -54.29 18.95 -37.40
N GLY C 679 -54.37 18.21 -38.50
CA GLY C 679 -55.29 17.08 -38.57
C GLY C 679 -54.84 15.83 -37.85
N LEU C 680 -53.62 15.83 -37.31
CA LEU C 680 -53.11 14.66 -36.60
C LEU C 680 -53.92 14.40 -35.34
N GLU C 681 -54.09 13.11 -35.02
CA GLU C 681 -54.84 12.68 -33.84
C GLU C 681 -54.08 11.54 -33.21
N LEU C 682 -53.52 11.78 -32.02
CA LEU C 682 -52.71 10.78 -31.33
C LEU C 682 -53.54 9.74 -30.58
N THR C 683 -54.87 9.91 -30.52
CA THR C 683 -55.70 8.98 -29.78
C THR C 683 -55.60 7.57 -30.35
N ALA C 684 -55.57 7.46 -31.68
CA ALA C 684 -55.47 6.16 -32.32
C ALA C 684 -54.15 5.48 -31.97
N ILE C 685 -53.06 6.26 -31.89
CA ILE C 685 -51.77 5.70 -31.52
C ILE C 685 -51.82 5.13 -30.11
N ALA C 686 -52.41 5.88 -29.17
CA ALA C 686 -52.51 5.41 -27.80
C ALA C 686 -53.37 4.17 -27.71
N LYS C 687 -54.48 4.13 -28.47
CA LYS C 687 -55.37 2.97 -28.40
C LYS C 687 -54.73 1.73 -29.02
N ALA C 688 -53.94 1.91 -30.09
CA ALA C 688 -53.40 0.75 -30.79
C ALA C 688 -52.28 0.06 -30.00
N THR C 689 -51.52 0.83 -29.23
CA THR C 689 -50.32 0.29 -28.59
C THR C 689 -50.66 -0.49 -27.32
N GLN C 690 -51.22 0.19 -26.32
CA GLN C 690 -51.72 -0.43 -25.09
C GLN C 690 -50.57 -0.93 -24.21
N GLY C 691 -49.91 -2.01 -24.62
CA GLY C 691 -48.86 -2.62 -23.84
C GLY C 691 -47.50 -1.96 -23.91
N PHE C 692 -47.39 -0.80 -24.53
CA PHE C 692 -46.09 -0.18 -24.73
C PHE C 692 -45.64 0.54 -23.46
N SER C 693 -44.38 0.98 -23.49
CA SER C 693 -43.78 1.79 -22.44
C SER C 693 -43.38 3.14 -23.03
N GLY C 694 -42.86 4.01 -22.16
CA GLY C 694 -42.42 5.32 -22.62
C GLY C 694 -41.27 5.25 -23.61
N ALA C 695 -40.36 4.29 -23.41
CA ALA C 695 -39.23 4.14 -24.32
C ALA C 695 -39.71 3.77 -25.73
N ASP C 696 -40.71 2.89 -25.82
CA ASP C 696 -41.23 2.51 -27.13
C ASP C 696 -41.86 3.69 -27.84
N LEU C 697 -42.60 4.51 -27.11
CA LEU C 697 -43.19 5.70 -27.71
C LEU C 697 -42.13 6.70 -28.16
N LEU C 698 -41.08 6.88 -27.35
CA LEU C 698 -39.98 7.73 -27.77
C LEU C 698 -39.34 7.20 -29.04
N TYR C 699 -39.18 5.88 -29.13
CA TYR C 699 -38.61 5.28 -30.34
C TYR C 699 -39.51 5.51 -31.55
N ILE C 700 -40.82 5.38 -31.37
CA ILE C 700 -41.77 5.64 -32.45
C ILE C 700 -41.65 7.09 -32.91
N VAL C 701 -41.60 8.01 -31.96
CA VAL C 701 -41.49 9.42 -32.29
C VAL C 701 -40.20 9.69 -33.05
N GLN C 702 -39.10 9.08 -32.61
CA GLN C 702 -37.82 9.28 -33.28
C GLN C 702 -37.84 8.69 -34.69
N ARG C 703 -38.52 7.55 -34.88
CA ARG C 703 -38.60 6.96 -36.21
C ARG C 703 -39.42 7.83 -37.15
N ALA C 704 -40.53 8.39 -36.65
CA ALA C 704 -41.30 9.33 -37.45
C ALA C 704 -40.46 10.55 -37.80
N ALA C 705 -39.71 11.06 -36.82
CA ALA C 705 -38.81 12.18 -37.07
C ALA C 705 -37.81 11.82 -38.17
N LYS C 706 -37.22 10.64 -38.11
CA LYS C 706 -36.23 10.23 -39.10
C LYS C 706 -36.85 10.16 -40.49
N TYR C 707 -38.06 9.61 -40.59
CA TYR C 707 -38.72 9.56 -41.89
C TYR C 707 -39.01 10.96 -42.42
N ALA C 708 -39.44 11.86 -41.53
CA ALA C 708 -39.69 13.24 -41.95
C ALA C 708 -38.42 13.91 -42.43
N ILE C 709 -37.31 13.71 -41.71
CA ILE C 709 -36.03 14.30 -42.11
C ILE C 709 -35.56 13.71 -43.42
N LYS C 710 -35.80 12.42 -43.64
CA LYS C 710 -35.46 11.80 -44.91
C LYS C 710 -36.22 12.46 -46.06
N ASP C 711 -37.54 12.64 -45.87
CA ASP C 711 -38.34 13.28 -46.91
C ASP C 711 -37.87 14.71 -47.15
N SER C 712 -37.56 15.44 -46.06
CA SER C 712 -37.11 16.82 -46.20
C SER C 712 -35.80 16.90 -46.96
N ILE C 713 -34.84 16.03 -46.62
CA ILE C 713 -33.55 16.04 -47.31
C ILE C 713 -33.71 15.67 -48.77
N GLU C 714 -34.54 14.67 -49.06
CA GLU C 714 -34.78 14.29 -50.45
C GLU C 714 -35.40 15.45 -51.23
N ALA C 715 -36.39 16.13 -50.63
CA ALA C 715 -37.01 17.27 -51.29
C ALA C 715 -36.01 18.39 -51.52
N HIS C 716 -35.16 18.66 -50.53
CA HIS C 716 -34.17 19.72 -50.68
C HIS C 716 -33.17 19.40 -51.78
N ARG C 717 -32.71 18.15 -51.83
CA ARG C 717 -31.78 17.74 -52.88
C ARG C 717 -32.44 17.83 -54.25
N GLN C 718 -33.71 17.43 -54.34
CA GLN C 718 -34.44 17.56 -55.60
C GLN C 718 -34.56 19.02 -56.02
N HIS C 719 -34.89 19.90 -55.06
CA HIS C 719 -35.02 21.32 -55.37
C HIS C 719 -33.70 21.91 -55.86
N GLU C 720 -32.60 21.58 -55.17
CA GLU C 720 -31.30 22.08 -55.59
C GLU C 720 -30.90 21.54 -56.96
N ALA C 721 -31.15 20.26 -57.21
CA ALA C 721 -30.80 19.67 -58.50
C ALA C 721 -31.61 20.29 -59.63
N GLU C 722 -32.92 20.47 -59.41
CA GLU C 722 -33.79 21.00 -60.45
C GLU C 722 -33.92 22.52 -60.34
N ASP C 748 -39.80 25.70 -46.83
CA ASP C 748 -39.90 24.46 -46.07
C ASP C 748 -40.85 23.49 -46.78
N PRO C 749 -40.27 22.56 -47.56
CA PRO C 749 -41.11 21.53 -48.19
C PRO C 749 -41.87 20.67 -47.18
N VAL C 750 -41.35 20.53 -45.96
CA VAL C 750 -41.99 19.70 -44.94
C VAL C 750 -42.23 20.56 -43.71
N PRO C 751 -43.34 21.30 -43.65
CA PRO C 751 -43.61 22.12 -42.45
C PRO C 751 -43.70 21.32 -41.16
N TYR C 752 -44.20 20.08 -41.21
CA TYR C 752 -44.38 19.28 -40.02
C TYR C 752 -44.35 17.81 -40.40
N ILE C 753 -44.49 16.95 -39.40
CA ILE C 753 -44.56 15.52 -39.63
C ILE C 753 -45.96 15.15 -40.10
N THR C 754 -46.03 14.24 -41.06
CA THR C 754 -47.30 13.86 -41.67
C THR C 754 -47.88 12.64 -40.98
N LYS C 755 -49.19 12.44 -41.19
CA LYS C 755 -49.85 11.25 -40.67
C LYS C 755 -49.27 9.98 -41.28
N GLU C 756 -48.85 10.05 -42.55
CA GLU C 756 -48.26 8.89 -43.21
C GLU C 756 -46.95 8.50 -42.54
N HIS C 757 -46.17 9.49 -42.09
CA HIS C 757 -44.91 9.20 -41.40
C HIS C 757 -45.16 8.39 -40.14
N PHE C 758 -46.14 8.78 -39.34
CA PHE C 758 -46.49 8.02 -38.15
C PHE C 758 -47.07 6.66 -38.53
N ALA C 759 -47.86 6.60 -39.59
CA ALA C 759 -48.46 5.35 -40.02
C ALA C 759 -47.39 4.33 -40.39
N GLU C 760 -46.32 4.77 -41.04
CA GLU C 760 -45.27 3.85 -41.46
C GLU C 760 -44.24 3.62 -40.37
N ALA C 761 -44.06 4.57 -39.45
CA ALA C 761 -43.13 4.38 -38.35
C ALA C 761 -43.67 3.45 -37.28
N MET C 762 -44.98 3.23 -37.24
CA MET C 762 -45.58 2.31 -36.29
C MET C 762 -45.61 0.88 -36.79
N LYS C 763 -45.21 0.64 -38.05
CA LYS C 763 -45.21 -0.70 -38.58
C LYS C 763 -44.16 -1.57 -37.90
N THR C 764 -43.06 -0.97 -37.46
CA THR C 764 -41.96 -1.68 -36.82
C THR C 764 -41.93 -1.48 -35.32
N ALA C 765 -42.97 -0.88 -34.73
CA ALA C 765 -43.01 -0.70 -33.29
C ALA C 765 -43.16 -2.04 -32.58
N LYS C 766 -42.44 -2.20 -31.47
CA LYS C 766 -42.46 -3.43 -30.70
C LYS C 766 -42.34 -3.10 -29.23
N ARG C 767 -42.94 -3.96 -28.40
CA ARG C 767 -42.85 -3.78 -26.96
C ARG C 767 -41.44 -4.04 -26.46
N SER C 768 -40.97 -3.17 -25.56
CA SER C 768 -39.63 -3.34 -25.01
C SER C 768 -39.56 -4.45 -23.98
N VAL C 769 -40.66 -4.65 -23.23
CA VAL C 769 -40.68 -5.57 -22.10
C VAL C 769 -41.58 -6.74 -22.44
N SER C 770 -41.07 -7.95 -22.22
CA SER C 770 -41.81 -9.17 -22.51
C SER C 770 -42.82 -9.41 -21.40
N ASP C 771 -43.50 -10.57 -21.46
CA ASP C 771 -44.47 -10.96 -20.44
C ASP C 771 -43.82 -11.68 -19.26
N ALA C 772 -42.49 -11.80 -19.24
CA ALA C 772 -41.82 -12.48 -18.14
C ALA C 772 -41.37 -11.52 -17.04
N GLU C 773 -40.93 -10.31 -17.42
CA GLU C 773 -40.55 -9.33 -16.42
C GLU C 773 -41.79 -8.73 -15.75
N LEU C 774 -42.82 -8.43 -16.55
CA LEU C 774 -44.04 -7.84 -15.99
C LEU C 774 -44.71 -8.77 -14.99
N ARG C 775 -44.69 -10.08 -15.26
CA ARG C 775 -45.25 -11.01 -14.31
C ARG C 775 -44.49 -10.95 -12.98
N ARG C 776 -43.17 -10.82 -13.05
CA ARG C 776 -42.38 -10.70 -11.84
C ARG C 776 -42.73 -9.42 -11.07
N TYR C 777 -42.80 -8.29 -11.78
CA TYR C 777 -43.10 -7.03 -11.12
C TYR C 777 -44.49 -7.03 -10.51
N GLU C 778 -45.49 -7.53 -11.24
CA GLU C 778 -46.84 -7.57 -10.70
C GLU C 778 -46.94 -8.50 -9.50
N ALA C 779 -46.26 -9.66 -9.55
CA ALA C 779 -46.27 -10.56 -8.41
C ALA C 779 -45.60 -9.93 -7.20
N TYR C 780 -44.49 -9.23 -7.42
CA TYR C 780 -43.79 -8.57 -6.32
C TYR C 780 -44.66 -7.48 -5.70
N SER C 781 -45.33 -6.69 -6.55
CA SER C 781 -46.21 -5.64 -6.05
C SER C 781 -47.38 -6.24 -5.29
N GLN C 782 -47.91 -7.36 -5.78
CA GLN C 782 -49.02 -8.02 -5.10
C GLN C 782 -48.59 -8.57 -3.74
N GLN C 783 -47.35 -9.09 -3.64
CA GLN C 783 -46.86 -9.52 -2.33
C GLN C 783 -46.77 -8.35 -1.36
N MET C 784 -46.28 -7.19 -1.82
CA MET C 784 -46.29 -6.01 -0.96
C MET C 784 -47.70 -5.57 -0.57
N LYS C 785 -48.64 -5.61 -1.51
CA LYS C 785 -50.01 -5.25 -1.16
C LYS C 785 -50.59 -6.23 -0.13
N ALA C 786 -50.31 -7.52 -0.29
CA ALA C 786 -50.75 -8.51 0.69
C ALA C 786 -50.15 -8.25 2.07
N SER C 787 -48.86 -7.89 2.09
CA SER C 787 -48.23 -7.44 3.34
C SER C 787 -48.89 -6.17 3.87
N ARG C 788 -49.41 -5.33 2.99
CA ARG C 788 -50.19 -4.16 3.34
C ARG C 788 -51.65 -4.50 3.63
N GLY C 789 -52.04 -5.76 3.45
CA GLY C 789 -53.40 -6.19 3.67
C GLY C 789 -53.78 -6.19 5.13
N GLN C 790 -54.83 -6.93 5.48
CA GLN C 790 -55.37 -6.99 6.84
C GLN C 790 -55.88 -5.63 7.31
N PHE C 791 -56.09 -4.70 6.39
CA PHE C 791 -56.49 -3.34 6.72
C PHE C 791 -57.82 -3.02 6.04
N SER C 792 -58.67 -2.30 6.77
CA SER C 792 -59.95 -1.81 6.25
C SER C 792 -60.02 -0.30 6.45
N ASN C 793 -61.18 0.29 6.23
CA ASN C 793 -61.36 1.69 6.56
C ASN C 793 -61.13 1.92 8.04
N PHE C 794 -61.72 1.07 8.88
CA PHE C 794 -61.40 1.00 10.31
C PHE C 794 -61.56 2.37 10.98
N ASN C 795 -62.76 2.92 10.85
CA ASN C 795 -63.03 4.23 11.42
C ASN C 795 -63.04 4.16 12.94
N PHE C 796 -62.94 5.33 13.56
CA PHE C 796 -62.83 5.43 15.01
C PHE C 796 -64.20 5.27 15.68
N GLU D 204 12.62 42.68 -37.38
CA GLU D 204 11.17 42.63 -37.52
C GLU D 204 10.60 41.41 -36.80
N GLU D 205 11.36 40.31 -36.82
CA GLU D 205 10.91 39.09 -36.16
C GLU D 205 10.79 39.29 -34.65
N ASN D 206 11.72 40.03 -34.05
CA ASN D 206 11.69 40.24 -32.61
C ASN D 206 10.43 40.98 -32.18
N ASN D 207 10.03 42.00 -32.94
CA ASN D 207 8.80 42.73 -32.62
C ASN D 207 7.57 41.83 -32.71
N MET D 208 7.52 40.98 -33.73
CA MET D 208 6.39 40.09 -33.94
C MET D 208 6.57 38.72 -33.29
N ASN D 209 7.68 38.50 -32.56
CA ASN D 209 7.89 37.21 -31.92
C ASN D 209 6.83 36.92 -30.87
N GLU D 210 6.28 37.95 -30.24
CA GLU D 210 5.27 37.76 -29.22
C GLU D 210 3.97 37.25 -29.82
N VAL D 211 3.34 36.30 -29.13
CA VAL D 211 2.03 35.80 -29.53
C VAL D 211 0.96 36.79 -29.07
N GLY D 212 -0.17 36.78 -29.76
CA GLY D 212 -1.25 37.68 -29.41
C GLY D 212 -2.57 36.97 -29.20
N TYR D 213 -3.67 37.74 -29.15
CA TYR D 213 -4.99 37.14 -28.92
C TYR D 213 -5.47 36.32 -30.11
N ASP D 214 -4.83 36.45 -31.27
CA ASP D 214 -5.25 35.73 -32.46
C ASP D 214 -4.68 34.32 -32.51
N ASP D 215 -3.60 34.06 -31.78
CA ASP D 215 -3.03 32.72 -31.74
C ASP D 215 -4.02 31.70 -31.20
N ILE D 216 -4.76 32.06 -30.16
CA ILE D 216 -5.67 31.12 -29.52
C ILE D 216 -6.95 31.01 -30.35
N GLY D 217 -7.37 29.80 -30.63
CA GLY D 217 -8.58 29.57 -31.40
C GLY D 217 -9.44 28.47 -30.81
N GLY D 218 -10.75 28.62 -31.00
CA GLY D 218 -11.72 27.63 -30.56
C GLY D 218 -12.36 27.90 -29.22
N CYS D 219 -11.92 28.91 -28.49
CA CYS D 219 -12.37 29.19 -27.14
C CYS D 219 -12.73 30.67 -26.98
N ARG D 220 -13.52 31.19 -27.91
CA ARG D 220 -13.86 32.62 -27.87
C ARG D 220 -14.61 32.97 -26.60
N LYS D 221 -15.52 32.11 -26.15
CA LYS D 221 -16.30 32.40 -24.95
C LYS D 221 -15.40 32.50 -23.72
N GLN D 222 -14.59 31.46 -23.47
CA GLN D 222 -13.71 31.47 -22.31
C GLN D 222 -12.65 32.54 -22.42
N MET D 223 -12.10 32.75 -23.63
CA MET D 223 -11.13 33.82 -23.83
C MET D 223 -11.77 35.16 -23.48
N ALA D 224 -13.02 35.35 -23.89
CA ALA D 224 -13.73 36.59 -23.57
C ALA D 224 -13.92 36.72 -22.07
N GLN D 225 -14.23 35.62 -21.38
CA GLN D 225 -14.38 35.68 -19.93
C GLN D 225 -13.07 36.13 -19.27
N ILE D 226 -11.94 35.61 -19.74
CA ILE D 226 -10.66 35.98 -19.12
C ILE D 226 -10.32 37.43 -19.46
N ARG D 227 -10.58 37.86 -20.69
CA ARG D 227 -10.36 39.26 -21.03
C ARG D 227 -11.22 40.16 -20.17
N GLU D 228 -12.48 39.75 -19.95
CA GLU D 228 -13.41 40.54 -19.15
C GLU D 228 -12.88 40.70 -17.74
N MET D 229 -12.41 39.61 -17.14
CA MET D 229 -11.95 39.66 -15.75
C MET D 229 -10.59 40.35 -15.62
N VAL D 230 -9.74 40.27 -16.65
CA VAL D 230 -8.40 40.87 -16.57
C VAL D 230 -8.39 42.34 -16.95
N GLU D 231 -8.78 42.62 -18.20
CA GLU D 231 -8.59 43.96 -18.78
C GLU D 231 -9.39 45.02 -18.03
N LEU D 232 -10.69 44.77 -17.82
CA LEU D 232 -11.55 45.83 -17.30
C LEU D 232 -11.08 46.37 -15.96
N PRO D 233 -10.69 45.55 -14.98
CA PRO D 233 -10.12 46.14 -13.75
C PRO D 233 -8.85 46.92 -13.99
N LEU D 234 -8.11 46.61 -15.05
CA LEU D 234 -6.84 47.27 -15.32
C LEU D 234 -6.96 48.44 -16.29
N ARG D 235 -7.97 48.45 -17.15
CA ARG D 235 -8.16 49.57 -18.07
C ARG D 235 -9.12 50.61 -17.51
N HIS D 236 -10.35 50.20 -17.21
CA HIS D 236 -11.37 51.08 -16.65
C HIS D 236 -11.93 50.43 -15.39
N PRO D 237 -11.25 50.57 -14.25
CA PRO D 237 -11.82 50.11 -12.98
C PRO D 237 -12.80 51.09 -12.36
N GLN D 238 -13.03 52.25 -12.99
CA GLN D 238 -13.93 53.24 -12.41
C GLN D 238 -15.35 52.73 -12.33
N LEU D 239 -15.74 51.83 -13.24
CA LEU D 239 -17.07 51.22 -13.18
C LEU D 239 -17.22 50.42 -11.89
N PHE D 240 -16.23 49.60 -11.55
CA PHE D 240 -16.31 48.82 -10.32
C PHE D 240 -16.24 49.73 -9.09
N LYS D 241 -15.57 50.88 -9.20
CA LYS D 241 -15.62 51.85 -8.11
C LYS D 241 -17.00 52.48 -8.00
N ALA D 242 -17.71 52.63 -9.12
CA ALA D 242 -19.06 53.17 -9.08
C ALA D 242 -20.03 52.16 -8.47
N ILE D 243 -19.87 50.88 -8.80
CA ILE D 243 -20.68 49.85 -8.17
C ILE D 243 -20.15 49.51 -6.79
N GLY D 244 -18.88 49.80 -6.52
CA GLY D 244 -18.26 49.50 -5.24
C GLY D 244 -18.09 48.02 -4.95
N ILE D 245 -17.77 47.22 -5.97
CA ILE D 245 -17.49 45.80 -5.80
C ILE D 245 -16.16 45.50 -6.46
N LYS D 246 -15.27 44.83 -5.71
CA LYS D 246 -13.98 44.46 -6.29
C LYS D 246 -14.17 43.25 -7.20
N PRO D 247 -13.39 43.16 -8.28
CA PRO D 247 -13.57 42.06 -9.22
C PRO D 247 -13.03 40.76 -8.65
N PRO D 248 -13.48 39.62 -9.16
CA PRO D 248 -12.80 38.35 -8.86
C PRO D 248 -11.36 38.38 -9.32
N ARG D 249 -10.51 37.65 -8.60
CA ARG D 249 -9.08 37.60 -8.89
C ARG D 249 -8.54 36.18 -8.95
N GLY D 250 -9.41 35.19 -9.08
CA GLY D 250 -8.96 33.81 -9.15
C GLY D 250 -9.55 33.04 -10.32
N VAL D 251 -8.72 32.30 -11.03
CA VAL D 251 -9.14 31.51 -12.18
C VAL D 251 -8.45 30.16 -12.11
N LEU D 252 -9.19 29.10 -12.43
CA LEU D 252 -8.63 27.75 -12.51
C LEU D 252 -8.99 27.19 -13.88
N MET D 253 -8.05 27.30 -14.82
CA MET D 253 -8.25 26.79 -16.18
C MET D 253 -7.93 25.30 -16.19
N TYR D 254 -8.91 24.47 -16.53
CA TYR D 254 -8.73 23.03 -16.58
C TYR D 254 -9.19 22.49 -17.93
N GLY D 255 -8.92 21.22 -18.16
CA GLY D 255 -9.18 20.58 -19.42
C GLY D 255 -8.11 19.57 -19.79
N PRO D 256 -8.29 18.91 -20.93
CA PRO D 256 -7.31 17.89 -21.35
C PRO D 256 -5.99 18.52 -21.75
N PRO D 257 -4.90 17.75 -21.75
CA PRO D 257 -3.59 18.33 -22.06
C PRO D 257 -3.50 18.75 -23.52
N GLY D 258 -2.88 19.91 -23.74
CA GLY D 258 -2.63 20.41 -25.08
C GLY D 258 -3.77 21.21 -25.66
N THR D 259 -4.89 21.34 -24.96
CA THR D 259 -6.04 22.05 -25.51
C THR D 259 -5.73 23.52 -25.78
N GLY D 260 -4.76 24.08 -25.06
CA GLY D 260 -4.31 25.44 -25.33
C GLY D 260 -4.47 26.37 -24.15
N LYS D 261 -4.62 25.82 -22.94
CA LYS D 261 -4.77 26.66 -21.76
C LYS D 261 -3.51 27.48 -21.53
N THR D 262 -2.35 26.84 -21.61
CA THR D 262 -1.11 27.59 -21.50
C THR D 262 -0.99 28.59 -22.64
N LEU D 263 -1.53 28.24 -23.81
CA LEU D 263 -1.55 29.18 -24.93
C LEU D 263 -2.37 30.42 -24.58
N MET D 264 -3.51 30.24 -23.92
CA MET D 264 -4.29 31.40 -23.53
C MET D 264 -3.57 32.22 -22.48
N ALA D 265 -2.82 31.55 -21.59
CA ALA D 265 -2.02 32.28 -20.63
C ALA D 265 -0.96 33.14 -21.31
N ARG D 266 -0.23 32.57 -22.28
CA ARG D 266 0.75 33.40 -22.99
C ARG D 266 0.07 34.55 -23.73
N ALA D 267 -1.08 34.28 -24.36
CA ALA D 267 -1.76 35.32 -25.12
C ALA D 267 -2.16 36.49 -24.23
N VAL D 268 -2.83 36.19 -23.11
CA VAL D 268 -3.23 37.26 -22.21
C VAL D 268 -2.03 37.93 -21.57
N ALA D 269 -0.90 37.22 -21.45
CA ALA D 269 0.29 37.83 -20.87
C ALA D 269 0.95 38.81 -21.83
N ASN D 270 1.11 38.41 -23.09
CA ASN D 270 1.84 39.23 -24.06
C ASN D 270 1.07 40.47 -24.48
N GLU D 271 -0.24 40.52 -24.25
CA GLU D 271 -1.05 41.62 -24.74
C GLU D 271 -1.13 42.76 -23.72
N THR D 272 -1.53 42.44 -22.50
CA THR D 272 -1.63 43.46 -21.46
C THR D 272 -0.24 43.98 -21.09
N GLY D 273 -0.18 45.26 -20.73
CA GLY D 273 1.07 45.88 -20.34
C GLY D 273 1.48 45.68 -18.90
N ALA D 274 0.76 44.87 -18.15
CA ALA D 274 1.09 44.64 -16.75
C ALA D 274 2.21 43.61 -16.62
N PHE D 275 2.85 43.62 -15.46
CA PHE D 275 3.95 42.70 -15.18
C PHE D 275 3.47 41.25 -15.15
N PHE D 276 4.29 40.36 -15.71
CA PHE D 276 4.00 38.93 -15.72
C PHE D 276 5.13 38.18 -15.02
N PHE D 277 4.77 37.34 -14.06
CA PHE D 277 5.70 36.48 -13.35
C PHE D 277 5.24 35.04 -13.52
N LEU D 278 6.16 34.16 -13.87
CA LEU D 278 5.84 32.76 -14.15
C LEU D 278 6.33 31.88 -13.01
N ILE D 279 5.47 30.96 -12.57
CA ILE D 279 5.82 29.95 -11.57
C ILE D 279 5.63 28.58 -12.20
N ASN D 280 6.66 27.75 -12.13
CA ASN D 280 6.59 26.39 -12.62
C ASN D 280 6.28 25.43 -11.46
N GLY D 281 5.84 24.23 -11.83
CA GLY D 281 5.40 23.27 -10.85
C GLY D 281 6.51 22.75 -9.95
N PRO D 282 7.46 22.01 -10.52
CA PRO D 282 8.46 21.33 -9.69
C PRO D 282 9.51 22.26 -9.08
N GLU D 283 9.62 23.50 -9.55
CA GLU D 283 10.71 24.35 -9.12
C GLU D 283 10.47 25.03 -7.77
N VAL D 284 9.23 25.04 -7.28
CA VAL D 284 8.97 25.71 -6.01
C VAL D 284 9.07 24.75 -4.82
N MET D 285 8.64 23.50 -4.98
CA MET D 285 8.62 22.55 -3.88
C MET D 285 9.92 21.75 -3.87
N SER D 286 10.41 21.44 -2.68
CA SER D 286 11.68 20.75 -2.53
C SER D 286 11.59 19.79 -1.36
N LYS D 287 12.74 19.30 -0.91
CA LYS D 287 12.84 18.36 0.21
C LYS D 287 13.37 19.01 1.47
N MET D 288 14.08 20.12 1.34
CA MET D 288 14.70 20.73 2.51
C MET D 288 13.61 21.33 3.38
N ALA D 289 13.91 21.45 4.67
CA ALA D 289 12.91 21.98 5.60
C ALA D 289 12.95 23.50 5.57
N GLY D 290 11.86 24.10 5.12
CA GLY D 290 11.76 25.55 5.13
C GLY D 290 12.23 26.26 3.88
N GLU D 291 12.20 25.60 2.73
CA GLU D 291 12.64 26.23 1.48
C GLU D 291 11.55 26.41 0.44
N SER D 292 10.60 25.47 0.33
CA SER D 292 9.49 25.63 -0.60
C SER D 292 8.59 26.82 -0.28
N GLU D 293 8.15 26.95 0.98
CA GLU D 293 7.31 28.10 1.29
C GLU D 293 8.09 29.38 1.10
N SER D 294 9.40 29.35 1.39
CA SER D 294 10.24 30.51 1.12
C SER D 294 10.24 30.84 -0.37
N ASN D 295 10.25 29.81 -1.23
CA ASN D 295 10.19 30.05 -2.67
C ASN D 295 8.89 30.74 -3.05
N LEU D 296 7.77 30.25 -2.53
CA LEU D 296 6.48 30.88 -2.83
C LEU D 296 6.43 32.30 -2.32
N ARG D 297 6.94 32.53 -1.10
CA ARG D 297 6.97 33.87 -0.52
C ARG D 297 7.79 34.81 -1.38
N LYS D 298 8.98 34.37 -1.82
CA LYS D 298 9.82 35.22 -2.65
C LYS D 298 9.11 35.53 -3.97
N ALA D 299 8.47 34.53 -4.56
CA ALA D 299 7.76 34.75 -5.82
C ALA D 299 6.67 35.80 -5.65
N PHE D 300 5.84 35.64 -4.62
CA PHE D 300 4.72 36.55 -4.44
C PHE D 300 5.19 37.97 -4.09
N GLU D 301 6.21 38.08 -3.23
CA GLU D 301 6.70 39.42 -2.88
C GLU D 301 7.32 40.11 -4.09
N GLU D 302 8.07 39.37 -4.91
CA GLU D 302 8.62 39.97 -6.12
C GLU D 302 7.51 40.40 -7.08
N ALA D 303 6.49 39.56 -7.22
CA ALA D 303 5.40 39.88 -8.14
C ALA D 303 4.63 41.12 -7.68
N GLU D 304 4.38 41.24 -6.38
CA GLU D 304 3.58 42.34 -5.86
C GLU D 304 4.40 43.59 -5.54
N LYS D 305 5.73 43.50 -5.53
CA LYS D 305 6.53 44.66 -5.18
C LYS D 305 6.58 45.68 -6.32
N ASN D 306 6.66 45.20 -7.55
CA ASN D 306 7.03 46.08 -8.66
C ASN D 306 5.83 46.83 -9.21
N ALA D 307 4.85 46.10 -9.74
CA ALA D 307 3.75 46.68 -10.49
C ALA D 307 2.56 45.76 -10.34
N PRO D 308 1.37 46.21 -10.74
CA PRO D 308 0.24 45.27 -10.88
C PRO D 308 0.64 44.13 -11.80
N ALA D 309 0.50 42.91 -11.32
CA ALA D 309 1.12 41.75 -11.93
C ALA D 309 0.15 40.61 -12.11
N ILE D 310 0.46 39.77 -13.09
CA ILE D 310 -0.25 38.51 -13.34
C ILE D 310 0.71 37.36 -13.08
N ILE D 311 0.29 36.42 -12.23
CA ILE D 311 1.06 35.22 -11.94
C ILE D 311 0.36 34.03 -12.57
N PHE D 312 1.14 33.06 -13.05
CA PHE D 312 0.61 31.85 -13.67
C PHE D 312 1.34 30.64 -13.09
N ILE D 313 0.63 29.80 -12.35
CA ILE D 313 1.19 28.58 -11.78
C ILE D 313 0.64 27.42 -12.61
N ASP D 314 1.47 26.88 -13.50
CA ASP D 314 1.07 25.76 -14.35
C ASP D 314 1.10 24.45 -13.57
N GLU D 315 0.15 23.57 -13.88
CA GLU D 315 0.00 22.23 -13.30
C GLU D 315 -0.06 22.27 -11.76
N ILE D 316 -1.12 22.93 -11.28
CA ILE D 316 -1.36 23.04 -9.84
C ILE D 316 -1.71 21.70 -9.20
N ASP D 317 -2.14 20.71 -10.00
CA ASP D 317 -2.52 19.43 -9.41
C ASP D 317 -1.35 18.73 -8.71
N SER D 318 -0.12 19.10 -9.04
CA SER D 318 1.06 18.59 -8.36
C SER D 318 1.34 19.29 -7.04
N ILE D 319 0.64 20.38 -6.73
CA ILE D 319 0.92 21.15 -5.52
C ILE D 319 -0.40 21.30 -4.74
N ALA D 320 -1.37 20.45 -5.03
CA ALA D 320 -2.63 20.42 -4.29
C ALA D 320 -3.11 18.99 -4.09
N PRO D 321 -2.43 18.24 -3.22
CA PRO D 321 -2.84 16.85 -2.97
C PRO D 321 -4.01 16.70 -2.02
N LYS D 322 -4.72 17.78 -1.72
CA LYS D 322 -5.93 17.91 -0.90
C LYS D 322 -5.60 17.88 0.59
N ARG D 323 -4.33 17.69 0.97
CA ARG D 323 -3.84 17.82 2.33
C ARG D 323 -4.40 16.76 3.26
N ASP D 324 -5.13 15.79 2.73
CA ASP D 324 -5.76 14.75 3.54
C ASP D 324 -5.41 13.34 3.07
N LYS D 325 -5.27 13.13 1.78
CA LYS D 325 -4.94 11.82 1.22
C LYS D 325 -3.44 11.60 1.07
N THR D 326 -2.63 12.54 1.53
CA THR D 326 -1.18 12.50 1.37
C THR D 326 -0.50 12.34 2.72
N ASN D 327 0.62 11.62 2.73
CA ASN D 327 1.38 11.36 3.94
C ASN D 327 2.65 12.21 4.04
N GLY D 328 3.07 12.84 2.95
CA GLY D 328 4.25 13.70 2.99
C GLY D 328 3.92 15.04 3.64
N GLU D 329 4.74 15.43 4.62
CA GLU D 329 4.49 16.67 5.34
C GLU D 329 4.81 17.90 4.47
N VAL D 330 5.75 17.78 3.54
CA VAL D 330 6.14 18.91 2.72
C VAL D 330 4.98 19.42 1.87
N GLU D 331 4.23 18.51 1.23
CA GLU D 331 3.10 18.95 0.42
C GLU D 331 2.04 19.63 1.27
N ARG D 332 1.74 19.10 2.45
CA ARG D 332 0.77 19.74 3.33
C ARG D 332 1.24 21.14 3.72
N ARG D 333 2.53 21.28 4.03
CA ARG D 333 3.07 22.57 4.40
C ARG D 333 2.95 23.56 3.25
N VAL D 334 3.25 23.10 2.03
CA VAL D 334 3.18 23.99 0.87
C VAL D 334 1.74 24.38 0.59
N VAL D 335 0.80 23.46 0.75
CA VAL D 335 -0.62 23.78 0.57
C VAL D 335 -1.04 24.84 1.58
N SER D 336 -0.64 24.67 2.85
CA SER D 336 -0.99 25.66 3.85
C SER D 336 -0.39 27.02 3.53
N GLN D 337 0.86 27.03 3.04
CA GLN D 337 1.50 28.29 2.68
C GLN D 337 0.77 28.96 1.52
N LEU D 338 0.35 28.17 0.52
CA LEU D 338 -0.38 28.74 -0.61
C LEU D 338 -1.71 29.33 -0.15
N LEU D 339 -2.42 28.60 0.71
CA LEU D 339 -3.70 29.10 1.22
C LEU D 339 -3.48 30.41 1.98
N THR D 340 -2.45 30.46 2.81
CA THR D 340 -2.18 31.68 3.57
C THR D 340 -1.79 32.83 2.66
N LEU D 341 -1.00 32.55 1.63
CA LEU D 341 -0.56 33.60 0.72
C LEU D 341 -1.72 34.20 -0.04
N MET D 342 -2.58 33.35 -0.63
CA MET D 342 -3.71 33.88 -1.38
C MET D 342 -4.85 34.35 -0.48
N ASP D 343 -4.79 34.07 0.82
CA ASP D 343 -5.88 34.41 1.72
C ASP D 343 -5.28 34.65 3.09
N GLY D 344 -5.43 35.86 3.61
CA GLY D 344 -4.88 36.19 4.91
C GLY D 344 -4.96 37.69 5.16
N MET D 345 -4.08 38.16 6.03
CA MET D 345 -4.01 39.59 6.34
C MET D 345 -3.42 40.35 5.15
N LYS D 346 -4.20 41.28 4.60
CA LYS D 346 -3.85 42.07 3.43
C LYS D 346 -3.06 41.25 2.41
N ALA D 347 -3.67 40.13 2.00
CA ALA D 347 -2.97 39.15 1.18
C ALA D 347 -2.63 39.72 -0.19
N ARG D 348 -3.63 40.10 -0.96
CA ARG D 348 -3.43 40.49 -2.36
C ARG D 348 -3.90 41.92 -2.59
N SER D 349 -3.22 42.60 -3.51
CA SER D 349 -3.54 43.99 -3.84
C SER D 349 -3.18 44.19 -5.32
N ASN D 350 -4.21 44.22 -6.18
CA ASN D 350 -4.01 44.43 -7.61
C ASN D 350 -3.19 43.32 -8.24
N VAL D 351 -3.40 42.09 -7.77
CA VAL D 351 -2.71 40.92 -8.29
C VAL D 351 -3.76 39.91 -8.74
N VAL D 352 -3.43 39.13 -9.76
CA VAL D 352 -4.34 38.13 -10.32
C VAL D 352 -3.61 36.81 -10.42
N VAL D 353 -4.31 35.72 -10.06
CA VAL D 353 -3.72 34.39 -10.07
C VAL D 353 -4.52 33.50 -11.01
N ILE D 354 -3.82 32.73 -11.83
CA ILE D 354 -4.41 31.78 -12.76
C ILE D 354 -3.76 30.43 -12.54
N ALA D 355 -4.55 29.37 -12.61
CA ALA D 355 -4.06 28.02 -12.43
C ALA D 355 -4.41 27.17 -13.65
N ALA D 356 -3.70 26.06 -13.79
CA ALA D 356 -3.89 25.11 -14.86
C ALA D 356 -3.76 23.72 -14.28
N THR D 357 -4.71 22.84 -14.59
CA THR D 357 -4.69 21.49 -14.05
C THR D 357 -5.34 20.52 -15.03
N ASN D 358 -4.95 19.26 -14.89
CA ASN D 358 -5.55 18.16 -15.64
C ASN D 358 -6.53 17.36 -14.79
N ARG D 359 -6.43 17.47 -13.46
CA ARG D 359 -7.28 16.73 -12.53
C ARG D 359 -7.87 17.72 -11.53
N PRO D 360 -8.92 18.45 -11.92
CA PRO D 360 -9.51 19.43 -11.00
C PRO D 360 -10.01 18.82 -9.71
N ASN D 361 -10.55 17.60 -9.76
CA ASN D 361 -11.05 16.95 -8.56
C ASN D 361 -9.93 16.65 -7.56
N SER D 362 -8.69 16.56 -8.03
CA SER D 362 -7.53 16.32 -7.16
C SER D 362 -6.91 17.64 -6.72
N ILE D 363 -7.75 18.53 -6.19
CA ILE D 363 -7.30 19.81 -5.65
C ILE D 363 -7.95 19.99 -4.29
N ASP D 364 -7.24 20.70 -3.41
CA ASP D 364 -7.77 20.94 -2.07
C ASP D 364 -9.05 21.77 -2.17
N PRO D 365 -10.15 21.34 -1.54
CA PRO D 365 -11.37 22.14 -1.60
C PRO D 365 -11.22 23.54 -1.02
N ALA D 366 -10.30 23.74 -0.08
CA ALA D 366 -10.03 25.08 0.42
C ALA D 366 -9.45 25.99 -0.65
N LEU D 367 -8.88 25.41 -1.71
CA LEU D 367 -8.33 26.19 -2.80
C LEU D 367 -9.35 26.58 -3.85
N ARG D 368 -10.49 25.88 -3.90
CA ARG D 368 -11.53 26.09 -4.92
C ARG D 368 -12.65 26.97 -4.40
N ARG D 369 -12.32 27.94 -3.56
CA ARG D 369 -13.29 28.83 -2.94
C ARG D 369 -13.17 30.22 -3.55
N PHE D 370 -14.27 30.99 -3.46
CA PHE D 370 -14.23 32.39 -3.84
C PHE D 370 -13.15 33.13 -3.06
N GLY D 371 -12.41 33.98 -3.77
CA GLY D 371 -11.26 34.65 -3.21
C GLY D 371 -9.95 33.96 -3.52
N ARG D 372 -9.99 32.68 -3.89
CA ARG D 372 -8.83 31.92 -4.32
C ARG D 372 -8.90 31.57 -5.80
N PHE D 373 -9.94 30.85 -6.21
CA PHE D 373 -10.16 30.48 -7.61
C PHE D 373 -11.65 30.60 -7.90
N ASP D 374 -12.04 31.76 -8.45
CA ASP D 374 -13.46 32.07 -8.58
C ASP D 374 -14.07 31.58 -9.88
N ARG D 375 -13.32 31.58 -10.98
CA ARG D 375 -13.81 31.13 -12.28
C ARG D 375 -13.03 29.91 -12.72
N GLU D 376 -13.65 28.74 -12.67
CA GLU D 376 -13.05 27.50 -13.16
C GLU D 376 -13.58 27.27 -14.57
N VAL D 377 -12.84 27.75 -15.55
CA VAL D 377 -13.24 27.65 -16.96
C VAL D 377 -12.83 26.30 -17.51
N ASP D 378 -13.69 25.72 -18.33
CA ASP D 378 -13.47 24.40 -18.92
C ASP D 378 -12.95 24.60 -20.34
N ILE D 379 -11.65 24.40 -20.52
CA ILE D 379 -11.01 24.56 -21.83
C ILE D 379 -11.05 23.19 -22.49
N GLY D 380 -12.10 22.93 -23.27
CA GLY D 380 -12.31 21.66 -23.91
C GLY D 380 -12.01 21.71 -25.40
N ILE D 381 -12.34 20.62 -26.09
CA ILE D 381 -12.00 20.53 -27.51
C ILE D 381 -12.78 21.59 -28.28
N PRO D 382 -12.20 22.23 -29.28
CA PRO D 382 -12.98 23.14 -30.13
C PRO D 382 -13.91 22.35 -31.04
N ASP D 383 -14.93 23.05 -31.53
CA ASP D 383 -15.91 22.46 -32.45
C ASP D 383 -15.29 22.37 -33.85
N ALA D 384 -16.10 21.96 -34.82
CA ALA D 384 -15.61 21.88 -36.19
C ALA D 384 -15.21 23.25 -36.72
N THR D 385 -16.03 24.27 -36.44
CA THR D 385 -15.69 25.63 -36.85
C THR D 385 -14.42 26.11 -36.16
N GLY D 386 -14.29 25.82 -34.87
CA GLY D 386 -13.07 26.17 -34.16
C GLY D 386 -11.86 25.47 -34.73
N ARG D 387 -12.02 24.21 -35.13
CA ARG D 387 -10.92 23.48 -35.74
C ARG D 387 -10.55 24.06 -37.10
N LEU D 388 -11.56 24.51 -37.86
CA LEU D 388 -11.29 25.22 -39.10
C LEU D 388 -10.49 26.49 -38.84
N GLU D 389 -10.87 27.24 -37.81
CA GLU D 389 -10.13 28.45 -37.45
C GLU D 389 -8.70 28.11 -37.07
N VAL D 390 -8.50 27.02 -36.30
CA VAL D 390 -7.17 26.61 -35.89
C VAL D 390 -6.33 26.24 -37.11
N LEU D 391 -6.94 25.53 -38.06
CA LEU D 391 -6.23 25.17 -39.29
C LEU D 391 -5.83 26.41 -40.05
N ARG D 392 -6.74 27.39 -40.16
CA ARG D 392 -6.41 28.64 -40.83
C ARG D 392 -5.29 29.38 -40.11
N ILE D 393 -5.24 29.27 -38.78
CA ILE D 393 -4.17 29.90 -38.02
C ILE D 393 -2.84 29.24 -38.30
N HIS D 394 -2.81 27.90 -38.33
CA HIS D 394 -1.55 27.20 -38.50
C HIS D 394 -1.05 27.29 -39.95
N THR D 395 -1.96 27.37 -40.91
CA THR D 395 -1.60 27.42 -42.32
C THR D 395 -1.57 28.86 -42.86
N LYS D 396 -1.25 29.82 -42.00
CA LYS D 396 -1.19 31.22 -42.43
C LYS D 396 0.20 31.65 -42.85
N ASN D 397 1.26 30.98 -42.36
CA ASN D 397 2.62 31.35 -42.69
C ASN D 397 3.27 30.41 -43.69
N MET D 398 2.76 29.19 -43.83
CA MET D 398 3.28 28.21 -44.76
C MET D 398 2.61 28.33 -46.12
N LYS D 399 3.35 27.95 -47.17
CA LYS D 399 2.87 28.07 -48.55
C LYS D 399 2.21 26.77 -48.99
N LEU D 400 0.96 26.86 -49.42
CA LEU D 400 0.14 25.72 -49.80
C LEU D 400 -0.04 25.64 -51.31
N ALA D 401 -0.76 24.61 -51.73
CA ALA D 401 -1.12 24.39 -53.13
C ALA D 401 -2.54 24.86 -53.41
N ASP D 402 -2.86 24.98 -54.70
CA ASP D 402 -4.18 25.45 -55.10
C ASP D 402 -5.27 24.49 -54.66
N ASP D 403 -5.02 23.18 -54.74
CA ASP D 403 -6.06 22.17 -54.57
C ASP D 403 -6.25 21.71 -53.12
N VAL D 404 -5.81 22.50 -52.14
CA VAL D 404 -6.02 22.17 -50.73
C VAL D 404 -7.25 22.90 -50.23
N ASP D 405 -8.09 22.20 -49.46
CA ASP D 405 -9.21 22.81 -48.77
C ASP D 405 -9.16 22.46 -47.28
N LEU D 406 -9.68 23.37 -46.46
CA LEU D 406 -9.68 23.18 -45.02
C LEU D 406 -11.04 22.86 -44.44
N GLU D 407 -12.12 23.10 -45.19
CA GLU D 407 -13.46 22.76 -44.71
C GLU D 407 -13.64 21.26 -44.63
N ALA D 408 -13.27 20.54 -45.68
CA ALA D 408 -13.34 19.08 -45.65
C ALA D 408 -12.38 18.51 -44.62
N LEU D 409 -11.18 19.07 -44.51
CA LEU D 409 -10.21 18.59 -43.54
C LEU D 409 -10.73 18.75 -42.11
N ALA D 410 -11.33 19.91 -41.81
CA ALA D 410 -11.88 20.11 -40.48
C ALA D 410 -13.10 19.23 -40.25
N ALA D 411 -13.92 19.01 -41.27
CA ALA D 411 -15.13 18.23 -41.07
C ALA D 411 -14.82 16.75 -40.88
N GLU D 412 -13.81 16.23 -41.58
CA GLU D 412 -13.51 14.80 -41.52
C GLU D 412 -13.11 14.35 -40.12
N THR D 413 -12.25 15.12 -39.46
CA THR D 413 -11.81 14.80 -38.11
C THR D 413 -12.58 15.63 -37.08
N HIS D 414 -12.98 14.97 -35.99
CA HIS D 414 -13.75 15.63 -34.94
C HIS D 414 -13.02 15.73 -33.61
N GLY D 415 -12.02 14.90 -33.35
CA GLY D 415 -11.38 14.91 -32.05
C GLY D 415 -10.04 15.60 -32.00
N TYR D 416 -9.52 16.03 -33.14
CA TYR D 416 -8.19 16.64 -33.18
C TYR D 416 -8.23 18.00 -32.47
N VAL D 417 -7.40 18.14 -31.44
CA VAL D 417 -7.37 19.34 -30.61
C VAL D 417 -5.97 19.97 -30.67
N GLY D 418 -5.91 21.23 -31.08
CA GLY D 418 -4.71 22.03 -30.88
C GLY D 418 -3.41 21.43 -31.39
N ALA D 419 -2.58 20.98 -30.44
CA ALA D 419 -1.29 20.41 -30.79
C ALA D 419 -1.44 19.28 -31.80
N ASP D 420 -2.56 18.56 -31.75
CA ASP D 420 -2.85 17.59 -32.80
C ASP D 420 -2.83 18.26 -34.17
N ILE D 421 -3.53 19.38 -34.30
CA ILE D 421 -3.56 20.11 -35.57
C ILE D 421 -2.16 20.58 -35.95
N ALA D 422 -1.43 21.14 -34.99
CA ALA D 422 -0.07 21.61 -35.27
C ALA D 422 0.81 20.47 -35.79
N SER D 423 0.79 19.33 -35.10
CA SER D 423 1.54 18.17 -35.54
C SER D 423 1.10 17.72 -36.93
N LEU D 424 -0.22 17.70 -37.18
CA LEU D 424 -0.72 17.36 -38.50
C LEU D 424 -0.10 18.24 -39.58
N CYS D 425 -0.12 19.56 -39.35
CA CYS D 425 0.46 20.49 -40.30
C CYS D 425 1.93 20.21 -40.54
N SER D 426 2.71 20.09 -39.46
CA SER D 426 4.14 19.83 -39.59
C SER D 426 4.39 18.52 -40.33
N GLU D 427 3.68 17.47 -39.97
CA GLU D 427 3.85 16.17 -40.62
C GLU D 427 3.52 16.25 -42.09
N ALA D 428 2.44 16.95 -42.44
CA ALA D 428 2.08 17.14 -43.85
C ALA D 428 3.21 17.85 -44.60
N ALA D 429 3.77 18.91 -44.00
CA ALA D 429 4.90 19.59 -44.63
C ALA D 429 6.06 18.62 -44.82
N MET D 430 6.35 17.79 -43.82
CA MET D 430 7.41 16.79 -43.94
C MET D 430 7.12 15.82 -45.08
N GLN D 431 5.88 15.37 -45.20
CA GLN D 431 5.49 14.48 -46.29
C GLN D 431 5.73 15.15 -47.64
N GLN D 432 5.35 16.42 -47.76
CA GLN D 432 5.62 17.13 -49.01
C GLN D 432 7.11 17.21 -49.30
N ILE D 433 7.92 17.47 -48.28
CA ILE D 433 9.37 17.50 -48.46
C ILE D 433 9.86 16.13 -48.92
N ARG D 434 9.27 15.06 -48.37
CA ARG D 434 9.63 13.71 -48.77
C ARG D 434 9.14 13.38 -50.18
N GLU D 435 8.20 14.15 -50.69
CA GLU D 435 7.82 14.05 -52.10
C GLU D 435 8.83 14.74 -53.01
N LYS D 436 9.47 15.82 -52.52
CA LYS D 436 10.36 16.65 -53.34
C LYS D 436 11.85 16.52 -52.98
N MET D 437 12.29 15.40 -52.42
CA MET D 437 13.74 15.23 -52.27
C MET D 437 14.33 14.27 -53.29
N ASP D 438 13.54 13.32 -53.79
CA ASP D 438 14.02 12.37 -54.79
C ASP D 438 13.70 12.83 -56.20
N ALA D 449 17.33 27.30 -56.70
CA ALA D 449 16.34 28.34 -56.87
C ALA D 449 15.07 27.79 -57.49
N GLU D 450 15.22 26.77 -58.33
CA GLU D 450 14.08 26.13 -58.96
C GLU D 450 13.26 25.28 -58.00
N VAL D 451 13.71 25.12 -56.76
CA VAL D 451 12.97 24.38 -55.75
C VAL D 451 12.33 25.37 -54.78
N LEU D 452 12.95 26.55 -54.65
CA LEU D 452 12.37 27.59 -53.81
C LEU D 452 11.08 28.13 -54.40
N ASP D 453 11.06 28.39 -55.71
CA ASP D 453 9.87 28.94 -56.35
C ASP D 453 8.70 27.97 -56.27
N SER D 454 8.96 26.67 -56.49
CA SER D 454 7.91 25.66 -56.50
C SER D 454 7.77 25.02 -55.12
N LEU D 455 7.41 25.85 -54.15
CA LEU D 455 7.14 25.38 -52.79
C LEU D 455 5.63 25.33 -52.60
N GLY D 456 5.10 24.12 -52.48
CA GLY D 456 3.69 23.90 -52.22
C GLY D 456 3.51 22.76 -51.24
N VAL D 457 2.24 22.49 -50.93
CA VAL D 457 1.83 21.34 -50.11
C VAL D 457 0.53 20.83 -50.69
N THR D 458 0.55 19.62 -51.24
CA THR D 458 -0.64 19.13 -51.92
C THR D 458 -1.68 18.65 -50.90
N MET D 459 -2.91 18.50 -51.40
CA MET D 459 -4.01 18.05 -50.55
C MET D 459 -3.75 16.60 -50.13
N ASP D 460 -3.12 15.82 -51.03
CA ASP D 460 -2.79 14.43 -50.75
C ASP D 460 -1.88 14.30 -49.54
N ASN D 461 -1.03 15.31 -49.31
CA ASN D 461 -0.24 15.32 -48.08
C ASN D 461 -1.17 15.31 -46.88
N PHE D 462 -2.22 16.13 -46.95
CA PHE D 462 -3.18 16.19 -45.85
C PHE D 462 -3.90 14.85 -45.68
N ARG D 463 -4.24 14.18 -46.79
CA ARG D 463 -4.84 12.85 -46.66
C ARG D 463 -3.88 11.87 -45.98
N PHE D 464 -2.61 11.90 -46.38
CA PHE D 464 -1.62 11.01 -45.78
C PHE D 464 -1.47 11.29 -44.29
N ALA D 465 -1.38 12.57 -43.92
CA ALA D 465 -1.26 12.94 -42.51
C ALA D 465 -2.51 12.56 -41.72
N LEU D 466 -3.68 12.62 -42.36
CA LEU D 466 -4.91 12.25 -41.67
C LEU D 466 -4.97 10.76 -41.41
N GLY D 467 -4.63 9.96 -42.43
CA GLY D 467 -4.61 8.51 -42.24
C GLY D 467 -3.53 8.03 -41.30
N ASN D 468 -2.54 8.87 -41.02
CA ASN D 468 -1.39 8.51 -40.19
C ASN D 468 -1.46 9.11 -38.79
N SER D 469 -2.62 9.59 -38.36
CA SER D 469 -2.68 10.29 -37.08
C SER D 469 -4.01 10.01 -36.39
N ASN D 470 -3.96 10.05 -35.05
CA ASN D 470 -5.11 9.92 -34.18
C ASN D 470 -5.02 11.09 -33.20
N PRO D 471 -6.13 11.81 -32.95
CA PRO D 471 -6.10 12.89 -31.94
C PRO D 471 -5.51 12.45 -30.61
N SER D 472 -5.03 13.43 -29.83
CA SER D 472 -4.12 13.15 -28.73
C SER D 472 -4.77 12.29 -27.65
N ALA D 473 -6.02 12.60 -27.31
CA ALA D 473 -6.64 11.97 -26.14
C ALA D 473 -6.80 10.47 -26.33
N LEU D 474 -6.97 10.00 -27.57
CA LEU D 474 -7.39 8.63 -27.83
C LEU D 474 -6.29 7.80 -28.48
N ARG D 475 -5.02 8.06 -28.17
CA ARG D 475 -3.94 7.22 -28.69
C ARG D 475 -4.06 5.79 -28.18
N GLU D 476 -4.41 5.63 -26.90
CA GLU D 476 -4.38 4.30 -26.28
C GLU D 476 -5.35 3.34 -26.98
N THR D 477 -6.51 3.83 -27.38
CA THR D 477 -7.54 3.01 -28.03
C THR D 477 -7.62 3.34 -29.52
N VAL D 478 -6.47 3.59 -30.15
CA VAL D 478 -6.44 3.86 -31.58
C VAL D 478 -6.95 2.65 -32.35
N VAL D 479 -7.87 2.90 -33.26
CA VAL D 479 -8.39 1.85 -34.14
C VAL D 479 -7.49 1.81 -35.38
N GLU D 480 -6.78 0.70 -35.54
CA GLU D 480 -5.86 0.57 -36.67
C GLU D 480 -6.62 0.57 -37.98
N SER D 481 -6.06 1.28 -38.97
CA SER D 481 -6.72 1.44 -40.25
C SER D 481 -6.84 0.11 -40.98
N VAL D 482 -8.03 -0.16 -41.53
CA VAL D 482 -8.27 -1.35 -42.34
C VAL D 482 -9.12 -0.91 -43.53
N ASN D 483 -8.72 -1.34 -44.72
CA ASN D 483 -9.36 -0.88 -45.95
C ASN D 483 -10.63 -1.69 -46.18
N VAL D 484 -11.77 -1.11 -45.79
CA VAL D 484 -13.08 -1.71 -46.05
C VAL D 484 -14.00 -0.60 -46.53
N THR D 485 -14.50 -0.73 -47.77
CA THR D 485 -15.41 0.23 -48.35
C THR D 485 -16.83 -0.34 -48.39
N TRP D 486 -17.80 0.55 -48.59
CA TRP D 486 -19.19 0.11 -48.65
C TRP D 486 -19.44 -0.88 -49.77
N ASP D 487 -18.76 -0.73 -50.90
CA ASP D 487 -18.88 -1.72 -51.97
C ASP D 487 -18.12 -3.01 -51.66
N ASP D 488 -17.18 -2.95 -50.72
CA ASP D 488 -16.39 -4.13 -50.36
C ASP D 488 -17.17 -5.15 -49.54
N VAL D 489 -18.34 -4.77 -49.02
CA VAL D 489 -19.21 -5.67 -48.27
C VAL D 489 -20.38 -6.02 -49.17
N GLY D 490 -20.47 -7.29 -49.57
CA GLY D 490 -21.51 -7.74 -50.47
C GLY D 490 -22.80 -8.12 -49.77
N GLY D 491 -23.91 -7.89 -50.46
CA GLY D 491 -25.22 -8.13 -49.91
C GLY D 491 -25.53 -7.13 -48.80
N LEU D 492 -26.65 -7.40 -48.12
CA LEU D 492 -27.10 -6.59 -46.99
C LEU D 492 -27.24 -5.12 -47.39
N ASP D 493 -27.74 -4.88 -48.61
CA ASP D 493 -27.87 -3.51 -49.09
C ASP D 493 -28.85 -2.71 -48.23
N GLU D 494 -29.98 -3.32 -47.89
CA GLU D 494 -30.96 -2.62 -47.06
C GLU D 494 -30.38 -2.31 -45.68
N ILE D 495 -29.61 -3.25 -45.11
CA ILE D 495 -28.98 -2.99 -43.82
C ILE D 495 -27.95 -1.88 -43.96
N LYS D 496 -27.19 -1.89 -45.05
CA LYS D 496 -26.20 -0.85 -45.28
C LYS D 496 -26.86 0.52 -45.33
N GLU D 497 -27.94 0.65 -46.11
CA GLU D 497 -28.59 1.95 -46.24
C GLU D 497 -29.25 2.38 -44.93
N GLU D 498 -29.81 1.43 -44.18
CA GLU D 498 -30.40 1.78 -42.89
C GLU D 498 -29.34 2.28 -41.92
N LEU D 499 -28.19 1.60 -41.88
CA LEU D 499 -27.10 2.07 -41.03
C LEU D 499 -26.61 3.44 -41.47
N LYS D 500 -26.49 3.65 -42.79
CA LYS D 500 -26.07 4.95 -43.30
C LYS D 500 -27.05 6.03 -42.86
N GLU D 501 -28.35 5.74 -42.97
CA GLU D 501 -29.37 6.70 -42.57
C GLU D 501 -29.23 7.04 -41.10
N THR D 502 -29.25 6.02 -40.23
CA THR D 502 -29.24 6.29 -38.80
C THR D 502 -27.92 6.87 -38.30
N VAL D 503 -26.81 6.66 -39.01
CA VAL D 503 -25.54 7.20 -38.56
C VAL D 503 -25.34 8.63 -39.08
N GLU D 504 -25.39 8.81 -40.39
CA GLU D 504 -24.90 10.05 -41.00
C GLU D 504 -25.99 11.08 -41.24
N TYR D 505 -27.25 10.78 -40.92
CA TYR D 505 -28.25 11.86 -40.91
C TYR D 505 -28.06 12.81 -39.73
N PRO D 506 -27.93 12.34 -38.48
CA PRO D 506 -27.73 13.29 -37.38
C PRO D 506 -26.47 14.12 -37.52
N VAL D 507 -25.43 13.60 -38.15
CA VAL D 507 -24.14 14.28 -38.13
C VAL D 507 -23.97 15.22 -39.32
N LEU D 508 -24.53 14.87 -40.49
CA LEU D 508 -24.42 15.74 -41.65
C LEU D 508 -25.52 16.79 -41.69
N HIS D 509 -26.67 16.52 -41.08
CA HIS D 509 -27.79 17.46 -41.06
C HIS D 509 -28.36 17.53 -39.64
N PRO D 510 -27.63 18.18 -38.72
CA PRO D 510 -28.20 18.42 -37.39
C PRO D 510 -29.29 19.48 -37.39
N ASP D 511 -29.30 20.36 -38.39
CA ASP D 511 -30.29 21.43 -38.43
C ASP D 511 -31.71 20.88 -38.51
N GLN D 512 -31.89 19.76 -39.22
CA GLN D 512 -33.21 19.15 -39.31
C GLN D 512 -33.72 18.74 -37.94
N TYR D 513 -32.86 18.10 -37.13
CA TYR D 513 -33.28 17.65 -35.81
C TYR D 513 -33.62 18.83 -34.91
N THR D 514 -32.85 19.91 -34.99
CA THR D 514 -33.17 21.09 -34.20
C THR D 514 -34.44 21.76 -34.68
N LYS D 515 -34.73 21.68 -35.98
CA LYS D 515 -35.99 22.18 -36.49
C LYS D 515 -37.16 21.37 -35.93
N PHE D 516 -37.03 20.05 -35.92
CA PHE D 516 -38.06 19.21 -35.33
C PHE D 516 -37.97 19.11 -33.82
N GLY D 517 -36.85 19.52 -33.23
CA GLY D 517 -36.72 19.52 -31.78
C GLY D 517 -36.75 18.15 -31.16
N LEU D 518 -36.10 17.17 -31.78
CA LEU D 518 -36.06 15.81 -31.26
C LEU D 518 -34.65 15.27 -31.38
N SER D 519 -34.30 14.35 -30.45
CA SER D 519 -33.01 13.68 -30.42
C SER D 519 -33.04 12.44 -31.30
N PRO D 520 -31.90 12.01 -31.86
CA PRO D 520 -31.88 10.81 -32.70
C PRO D 520 -31.67 9.54 -31.89
N SER D 521 -31.92 8.41 -32.53
CA SER D 521 -31.61 7.12 -31.95
C SER D 521 -30.11 6.85 -31.99
N LYS D 522 -29.63 6.14 -30.98
CA LYS D 522 -28.20 5.95 -30.78
C LYS D 522 -27.75 4.51 -30.96
N GLY D 523 -28.41 3.55 -30.32
CA GLY D 523 -27.91 2.19 -30.26
C GLY D 523 -28.41 1.31 -31.39
N VAL D 524 -27.58 0.33 -31.75
CA VAL D 524 -27.90 -0.68 -32.74
C VAL D 524 -27.29 -2.00 -32.28
N LEU D 525 -27.96 -3.11 -32.62
CA LEU D 525 -27.45 -4.44 -32.26
C LEU D 525 -27.62 -5.38 -33.44
N PHE D 526 -26.50 -5.84 -34.00
CA PHE D 526 -26.51 -6.91 -34.99
C PHE D 526 -26.41 -8.26 -34.30
N TYR D 527 -27.29 -9.19 -34.69
CA TYR D 527 -27.20 -10.57 -34.23
C TYR D 527 -27.48 -11.50 -35.39
N GLY D 528 -26.83 -12.65 -35.38
CA GLY D 528 -26.95 -13.63 -36.44
C GLY D 528 -25.85 -14.67 -36.37
N PRO D 529 -25.81 -15.56 -37.35
CA PRO D 529 -24.78 -16.61 -37.34
C PRO D 529 -23.40 -16.00 -37.43
N PRO D 530 -22.39 -16.69 -36.92
CA PRO D 530 -21.03 -16.15 -36.94
C PRO D 530 -20.46 -16.06 -38.35
N GLY D 531 -19.62 -15.06 -38.56
CA GLY D 531 -18.95 -14.90 -39.84
C GLY D 531 -19.81 -14.32 -40.94
N THR D 532 -20.99 -13.82 -40.62
CA THR D 532 -21.87 -13.28 -41.64
C THR D 532 -21.42 -11.90 -42.13
N GLY D 533 -20.64 -11.19 -41.32
CA GLY D 533 -20.11 -9.91 -41.72
C GLY D 533 -20.33 -8.80 -40.70
N LYS D 534 -20.68 -9.18 -39.47
CA LYS D 534 -20.90 -8.19 -38.43
C LYS D 534 -19.64 -7.39 -38.16
N THR D 535 -18.52 -8.09 -37.88
CA THR D 535 -17.25 -7.41 -37.72
C THR D 535 -16.83 -6.72 -39.01
N LEU D 536 -17.23 -7.26 -40.16
CA LEU D 536 -16.96 -6.58 -41.42
C LEU D 536 -17.71 -5.25 -41.49
N LEU D 537 -18.97 -5.25 -41.05
CA LEU D 537 -19.71 -3.98 -41.00
C LEU D 537 -19.08 -3.01 -40.03
N ALA D 538 -18.58 -3.52 -38.91
CA ALA D 538 -17.87 -2.65 -37.97
C ALA D 538 -16.62 -2.05 -38.61
N LYS D 539 -15.87 -2.85 -39.35
CA LYS D 539 -14.70 -2.34 -40.06
C LYS D 539 -15.11 -1.28 -41.08
N ALA D 540 -16.19 -1.54 -41.81
CA ALA D 540 -16.66 -0.56 -42.80
C ALA D 540 -17.03 0.75 -42.13
N VAL D 541 -17.70 0.67 -40.97
CA VAL D 541 -18.06 1.88 -40.23
C VAL D 541 -16.81 2.62 -39.80
N ALA D 542 -15.83 1.88 -39.25
CA ALA D 542 -14.59 2.50 -38.81
C ALA D 542 -13.86 3.17 -39.96
N THR D 543 -14.03 2.64 -41.17
CA THR D 543 -13.32 3.14 -42.34
C THR D 543 -14.03 4.29 -43.02
N GLU D 544 -15.36 4.40 -42.89
CA GLU D 544 -16.12 5.30 -43.73
C GLU D 544 -16.83 6.44 -43.01
N VAL D 545 -17.27 6.25 -41.77
CA VAL D 545 -17.89 7.36 -41.05
C VAL D 545 -16.84 8.38 -40.67
N SER D 546 -17.20 9.66 -40.71
CA SER D 546 -16.26 10.72 -40.37
C SER D 546 -15.95 10.73 -38.89
N ALA D 547 -16.92 10.36 -38.04
CA ALA D 547 -16.74 10.39 -36.60
C ALA D 547 -15.68 9.37 -36.17
N ASN D 548 -15.10 9.62 -35.00
CA ASN D 548 -14.05 8.76 -34.48
C ASN D 548 -14.59 7.40 -34.09
N PHE D 549 -13.72 6.40 -34.17
CA PHE D 549 -14.04 5.01 -33.86
C PHE D 549 -13.38 4.63 -32.54
N ILE D 550 -14.15 4.01 -31.65
CA ILE D 550 -13.63 3.48 -30.40
C ILE D 550 -13.99 2.00 -30.35
N SER D 551 -13.05 1.15 -30.78
CA SER D 551 -13.25 -0.28 -30.71
C SER D 551 -12.97 -0.78 -29.29
N VAL D 552 -13.79 -1.73 -28.83
CA VAL D 552 -13.64 -2.34 -27.53
C VAL D 552 -13.82 -3.84 -27.68
N LYS D 553 -12.94 -4.61 -27.04
CA LYS D 553 -13.06 -6.06 -27.07
C LYS D 553 -14.02 -6.52 -25.99
N GLY D 554 -14.44 -7.79 -26.08
CA GLY D 554 -15.50 -8.29 -25.24
C GLY D 554 -15.10 -8.42 -23.77
N PRO D 555 -14.24 -9.39 -23.46
CA PRO D 555 -13.76 -9.55 -22.08
C PRO D 555 -12.54 -8.71 -21.74
N GLU D 556 -12.14 -7.76 -22.58
CA GLU D 556 -10.87 -7.07 -22.37
C GLU D 556 -10.91 -6.18 -21.14
N LEU D 557 -12.06 -5.60 -20.81
CA LEU D 557 -12.15 -4.61 -19.75
C LEU D 557 -12.33 -5.20 -18.36
N LEU D 558 -12.67 -6.48 -18.25
CA LEU D 558 -12.83 -7.08 -16.93
C LEU D 558 -11.49 -7.18 -16.24
N SER D 559 -11.51 -7.14 -14.91
CA SER D 559 -10.28 -7.11 -14.13
C SER D 559 -10.45 -8.00 -12.90
N MET D 560 -9.31 -8.49 -12.39
CA MET D 560 -9.35 -9.32 -11.20
C MET D 560 -9.69 -8.50 -9.95
N TRP D 561 -9.17 -7.28 -9.86
CA TRP D 561 -9.34 -6.50 -8.65
C TRP D 561 -10.81 -6.10 -8.48
N TYR D 562 -11.09 -5.35 -7.41
CA TYR D 562 -12.45 -4.97 -7.06
C TYR D 562 -12.77 -3.58 -7.59
N GLY D 563 -13.81 -3.48 -8.40
CA GLY D 563 -14.26 -2.18 -8.89
C GLY D 563 -13.46 -1.54 -9.99
N GLU D 564 -12.72 -2.32 -10.79
CA GLU D 564 -11.95 -1.75 -11.90
C GLU D 564 -12.60 -1.98 -13.26
N SER D 565 -13.38 -3.05 -13.44
CA SER D 565 -14.10 -3.18 -14.71
C SER D 565 -15.10 -2.05 -14.88
N GLU D 566 -15.69 -1.59 -13.79
CA GLU D 566 -16.61 -0.46 -13.88
C GLU D 566 -15.86 0.85 -14.05
N SER D 567 -14.67 0.96 -13.45
CA SER D 567 -13.83 2.12 -13.71
C SER D 567 -13.41 2.15 -15.18
N ASN D 568 -13.16 0.98 -15.77
CA ASN D 568 -12.83 0.92 -17.20
C ASN D 568 -14.01 1.39 -18.05
N ILE D 569 -15.21 0.90 -17.73
CA ILE D 569 -16.39 1.32 -18.47
C ILE D 569 -16.57 2.84 -18.35
N ARG D 570 -16.42 3.36 -17.13
CA ARG D 570 -16.54 4.79 -16.91
C ARG D 570 -15.51 5.57 -17.72
N ASP D 571 -14.26 5.10 -17.72
CA ASP D 571 -13.20 5.80 -18.42
C ASP D 571 -13.45 5.81 -19.92
N ILE D 572 -13.84 4.68 -20.50
CA ILE D 572 -14.06 4.65 -21.95
C ILE D 572 -15.24 5.52 -22.32
N PHE D 573 -16.29 5.55 -21.48
CA PHE D 573 -17.45 6.36 -21.82
C PHE D 573 -17.15 7.84 -21.65
N ASP D 574 -16.34 8.20 -20.65
CA ASP D 574 -15.90 9.58 -20.50
C ASP D 574 -15.06 9.99 -21.69
N LYS D 575 -14.19 9.10 -22.17
CA LYS D 575 -13.40 9.39 -23.36
C LYS D 575 -14.29 9.59 -24.58
N ALA D 576 -15.32 8.76 -24.73
CA ALA D 576 -16.23 8.88 -25.86
C ALA D 576 -16.97 10.21 -25.81
N ARG D 577 -17.47 10.60 -24.64
CA ARG D 577 -18.22 11.85 -24.55
C ARG D 577 -17.31 13.07 -24.65
N ALA D 578 -16.05 12.94 -24.27
CA ALA D 578 -15.13 14.07 -24.36
C ALA D 578 -14.85 14.44 -25.81
N ALA D 579 -14.51 13.44 -26.63
CA ALA D 579 -14.22 13.65 -28.05
C ALA D 579 -15.42 13.30 -28.92
N ALA D 580 -16.62 13.66 -28.48
CA ALA D 580 -17.82 13.33 -29.23
C ALA D 580 -17.91 14.16 -30.50
N PRO D 581 -18.63 13.66 -31.52
CA PRO D 581 -19.28 12.35 -31.62
C PRO D 581 -18.32 11.18 -31.82
N THR D 582 -18.68 10.00 -31.32
CA THR D 582 -17.87 8.79 -31.42
C THR D 582 -18.80 7.60 -31.52
N VAL D 583 -18.35 6.57 -32.22
CA VAL D 583 -19.10 5.34 -32.40
C VAL D 583 -18.33 4.21 -31.73
N VAL D 584 -18.93 3.62 -30.70
CA VAL D 584 -18.33 2.54 -29.92
C VAL D 584 -18.89 1.21 -30.38
N PHE D 585 -18.00 0.31 -30.80
CA PHE D 585 -18.36 -1.01 -31.32
C PHE D 585 -18.16 -2.03 -30.21
N LEU D 586 -19.25 -2.45 -29.58
CA LEU D 586 -19.22 -3.46 -28.54
C LEU D 586 -19.36 -4.84 -29.19
N ASP D 587 -18.29 -5.63 -29.13
CA ASP D 587 -18.25 -6.95 -29.76
C ASP D 587 -18.50 -8.04 -28.72
N GLU D 588 -19.29 -9.04 -29.09
CA GLU D 588 -19.59 -10.18 -28.23
C GLU D 588 -20.25 -9.69 -26.93
N LEU D 589 -21.46 -9.16 -27.12
CA LEU D 589 -22.26 -8.69 -26.00
C LEU D 589 -22.60 -9.80 -25.01
N ASP D 590 -22.47 -11.07 -25.44
CA ASP D 590 -22.83 -12.20 -24.58
C ASP D 590 -21.98 -12.27 -23.33
N SER D 591 -20.81 -11.62 -23.32
CA SER D 591 -19.91 -11.67 -22.18
C SER D 591 -20.26 -10.63 -21.11
N ILE D 592 -20.24 -9.34 -21.49
CA ILE D 592 -20.42 -8.29 -20.50
C ILE D 592 -21.85 -8.23 -19.99
N ALA D 593 -22.83 -8.52 -20.85
CA ALA D 593 -24.22 -8.38 -20.45
C ALA D 593 -24.72 -9.59 -19.67
N LYS D 594 -24.75 -10.76 -20.32
CA LYS D 594 -25.27 -11.98 -19.72
C LYS D 594 -26.64 -11.71 -19.14
N ALA D 595 -26.80 -11.86 -17.83
CA ALA D 595 -28.08 -11.58 -17.18
C ALA D 595 -27.84 -11.41 -15.69
N ARG D 596 -28.34 -10.29 -15.13
CA ARG D 596 -28.10 -10.01 -13.72
C ARG D 596 -28.61 -11.15 -12.85
N GLY D 597 -29.81 -11.64 -13.13
CA GLY D 597 -30.38 -12.77 -12.43
C GLY D 597 -30.26 -14.01 -13.29
N GLY D 598 -29.54 -15.01 -12.77
CA GLY D 598 -29.29 -16.20 -13.55
C GLY D 598 -28.53 -17.28 -12.80
N SER D 599 -27.26 -17.45 -13.16
CA SER D 599 -26.41 -18.50 -12.58
C SER D 599 -26.52 -18.52 -11.07
N LEU D 600 -26.83 -19.70 -10.52
CA LEU D 600 -26.92 -19.85 -9.07
C LEU D 600 -25.61 -19.46 -8.40
N GLY D 601 -24.49 -19.94 -8.93
CA GLY D 601 -23.19 -19.54 -8.42
C GLY D 601 -22.82 -18.16 -8.92
N ASP D 602 -22.59 -17.23 -8.01
CA ASP D 602 -22.27 -15.85 -8.36
C ASP D 602 -20.96 -15.45 -7.68
N ALA D 603 -20.06 -14.85 -8.47
CA ALA D 603 -18.78 -14.36 -7.94
C ALA D 603 -19.00 -12.98 -7.32
N GLY D 604 -19.78 -12.97 -6.24
CA GLY D 604 -20.13 -11.73 -5.58
C GLY D 604 -20.74 -10.71 -6.50
N GLY D 605 -21.58 -11.17 -7.42
CA GLY D 605 -22.24 -10.27 -8.36
C GLY D 605 -21.29 -9.46 -9.20
N ALA D 606 -20.17 -10.06 -9.61
CA ALA D 606 -19.24 -9.37 -10.50
C ALA D 606 -19.89 -9.04 -11.83
N SER D 607 -20.52 -10.04 -12.46
CA SER D 607 -21.21 -9.81 -13.72
C SER D 607 -22.30 -8.76 -13.57
N ASP D 608 -22.90 -8.66 -12.40
CA ASP D 608 -23.95 -7.67 -12.17
C ASP D 608 -23.39 -6.27 -12.00
N ARG D 609 -22.22 -6.15 -11.37
CA ARG D 609 -21.64 -4.83 -11.14
C ARG D 609 -21.28 -4.15 -12.45
N VAL D 610 -20.73 -4.89 -13.41
CA VAL D 610 -20.37 -4.30 -14.69
C VAL D 610 -21.63 -3.91 -15.47
N VAL D 611 -22.66 -4.74 -15.43
CA VAL D 611 -23.89 -4.44 -16.15
C VAL D 611 -24.54 -3.18 -15.62
N ASN D 612 -24.57 -3.02 -14.29
CA ASN D 612 -25.20 -1.85 -13.70
C ASN D 612 -24.47 -0.58 -14.09
N GLN D 613 -23.14 -0.64 -14.13
CA GLN D 613 -22.37 0.50 -14.63
C GLN D 613 -22.71 0.79 -16.09
N LEU D 614 -22.80 -0.26 -16.90
CA LEU D 614 -23.17 -0.09 -18.31
C LEU D 614 -24.58 0.47 -18.44
N LEU D 615 -25.51 -0.02 -17.61
CA LEU D 615 -26.90 0.40 -17.72
C LEU D 615 -27.02 1.91 -17.51
N THR D 616 -26.37 2.45 -16.49
CA THR D 616 -26.43 3.87 -16.18
C THR D 616 -25.57 4.72 -17.10
N GLU D 617 -24.65 4.14 -17.86
CA GLU D 617 -23.78 4.96 -18.70
C GLU D 617 -24.44 5.32 -20.03
N MET D 618 -25.21 4.40 -20.60
CA MET D 618 -25.85 4.71 -21.88
C MET D 618 -27.04 5.65 -21.69
N ASP D 619 -27.84 5.44 -20.65
CA ASP D 619 -28.98 6.31 -20.33
C ASP D 619 -28.94 6.58 -18.83
N GLY D 620 -28.26 7.65 -18.44
CA GLY D 620 -28.21 8.06 -17.06
C GLY D 620 -28.34 9.56 -16.89
N MET D 621 -27.61 10.14 -15.95
CA MET D 621 -27.61 11.59 -15.74
C MET D 621 -26.44 12.18 -16.52
N ASN D 622 -26.65 12.39 -17.81
CA ASN D 622 -25.65 12.96 -18.70
C ASN D 622 -26.33 13.99 -19.59
N ALA D 623 -25.53 14.58 -20.48
CA ALA D 623 -26.00 15.64 -21.37
C ALA D 623 -26.61 15.10 -22.66
N LYS D 624 -26.69 13.78 -22.81
CA LYS D 624 -27.29 13.15 -24.00
C LYS D 624 -26.54 13.54 -25.28
N LYS D 625 -25.24 13.76 -25.18
CA LYS D 625 -24.44 14.07 -26.35
C LYS D 625 -24.43 12.90 -27.32
N ASN D 626 -24.25 13.20 -28.60
CA ASN D 626 -24.30 12.19 -29.65
C ASN D 626 -23.20 11.15 -29.50
N VAL D 627 -23.59 9.93 -29.12
CA VAL D 627 -22.69 8.79 -29.02
C VAL D 627 -23.48 7.56 -29.45
N PHE D 628 -23.04 6.89 -30.51
CA PHE D 628 -23.77 5.79 -31.11
C PHE D 628 -23.13 4.46 -30.70
N VAL D 629 -23.89 3.62 -30.01
CA VAL D 629 -23.40 2.33 -29.52
C VAL D 629 -23.81 1.25 -30.51
N ILE D 630 -22.83 0.50 -31.01
CA ILE D 630 -23.06 -0.63 -31.88
C ILE D 630 -22.72 -1.91 -31.14
N GLY D 631 -23.67 -2.83 -31.08
CA GLY D 631 -23.48 -4.11 -30.43
C GLY D 631 -23.39 -5.23 -31.45
N ALA D 632 -22.64 -6.27 -31.12
CA ALA D 632 -22.43 -7.42 -32.00
C ALA D 632 -22.40 -8.67 -31.13
N THR D 633 -23.40 -9.53 -31.28
CA THR D 633 -23.52 -10.74 -30.48
C THR D 633 -23.79 -11.92 -31.39
N ASN D 634 -23.70 -13.12 -30.80
CA ASN D 634 -24.06 -14.35 -31.50
C ASN D 634 -25.03 -15.21 -30.69
N ARG D 635 -25.46 -14.76 -29.52
CA ARG D 635 -26.50 -15.45 -28.74
C ARG D 635 -27.35 -14.41 -28.04
N PRO D 636 -28.23 -13.73 -28.77
CA PRO D 636 -28.98 -12.62 -28.18
C PRO D 636 -30.03 -13.06 -27.17
N ASP D 637 -30.30 -14.36 -27.05
CA ASP D 637 -31.21 -14.85 -26.03
C ASP D 637 -30.62 -14.77 -24.62
N GLN D 638 -29.31 -14.56 -24.49
CA GLN D 638 -28.63 -14.55 -23.21
C GLN D 638 -28.25 -13.13 -22.79
N ILE D 639 -29.12 -12.17 -23.08
CA ILE D 639 -28.86 -10.76 -22.79
C ILE D 639 -29.99 -10.22 -21.93
N ASP D 640 -29.63 -9.34 -21.00
CA ASP D 640 -30.63 -8.71 -20.14
C ASP D 640 -31.54 -7.82 -20.99
N PRO D 641 -32.86 -7.92 -20.84
CA PRO D 641 -33.76 -7.00 -21.55
C PRO D 641 -33.54 -5.54 -21.19
N ALA D 642 -32.93 -5.25 -20.04
CA ALA D 642 -32.68 -3.87 -19.64
C ALA D 642 -31.71 -3.16 -20.57
N ILE D 643 -30.98 -3.91 -21.41
CA ILE D 643 -30.05 -3.31 -22.36
C ILE D 643 -30.74 -3.22 -23.72
N LEU D 644 -31.60 -4.19 -24.02
CA LEU D 644 -32.32 -4.22 -25.29
C LEU D 644 -33.37 -3.12 -25.39
N ARG D 645 -33.68 -2.42 -24.30
CA ARG D 645 -34.71 -1.41 -24.33
C ARG D 645 -34.32 -0.28 -25.28
N PRO D 646 -35.30 0.35 -25.94
CA PRO D 646 -35.00 1.53 -26.74
C PRO D 646 -34.41 2.64 -25.88
N GLY D 647 -33.53 3.44 -26.49
CA GLY D 647 -32.77 4.44 -25.79
C GLY D 647 -31.36 3.99 -25.41
N ARG D 648 -31.13 2.68 -25.35
CA ARG D 648 -29.80 2.13 -25.19
C ARG D 648 -29.34 1.42 -26.45
N LEU D 649 -30.11 0.43 -26.92
CA LEU D 649 -29.87 -0.26 -28.20
C LEU D 649 -31.22 -0.28 -28.92
N ASP D 650 -31.55 0.84 -29.57
CA ASP D 650 -32.87 0.98 -30.19
C ASP D 650 -33.06 -0.01 -31.34
N GLN D 651 -32.07 -0.10 -32.22
CA GLN D 651 -32.18 -0.93 -33.41
C GLN D 651 -31.77 -2.36 -33.13
N LEU D 652 -32.65 -3.31 -33.46
CA LEU D 652 -32.40 -4.73 -33.27
C LEU D 652 -32.41 -5.37 -34.66
N ILE D 653 -31.23 -5.40 -35.29
CA ILE D 653 -31.10 -5.90 -36.66
C ILE D 653 -30.70 -7.37 -36.63
N TYR D 654 -31.44 -8.19 -37.36
CA TYR D 654 -31.11 -9.60 -37.54
C TYR D 654 -30.50 -9.78 -38.92
N VAL D 655 -29.30 -10.35 -38.96
CA VAL D 655 -28.62 -10.61 -40.22
C VAL D 655 -28.71 -12.11 -40.49
N PRO D 656 -29.58 -12.54 -41.40
CA PRO D 656 -29.77 -13.98 -41.63
C PRO D 656 -28.71 -14.52 -42.58
N LEU D 657 -28.79 -15.82 -42.84
CA LEU D 657 -27.88 -16.45 -43.79
C LEU D 657 -28.20 -15.96 -45.20
N PRO D 658 -27.19 -15.60 -45.99
CA PRO D 658 -27.46 -15.01 -47.31
C PRO D 658 -28.26 -15.94 -48.21
N ASP D 659 -29.13 -15.34 -49.02
CA ASP D 659 -29.85 -16.07 -50.05
C ASP D 659 -29.01 -16.16 -51.32
N GLU D 660 -29.59 -16.75 -52.37
CA GLU D 660 -28.85 -16.99 -53.60
C GLU D 660 -28.33 -15.68 -54.20
N ASN D 661 -29.22 -14.70 -54.34
CA ASN D 661 -28.80 -13.39 -54.84
C ASN D 661 -27.79 -12.76 -53.90
N ALA D 662 -28.02 -12.89 -52.58
CA ALA D 662 -27.07 -12.36 -51.62
C ALA D 662 -25.72 -13.09 -51.72
N ARG D 663 -25.75 -14.40 -51.93
CA ARG D 663 -24.50 -15.14 -52.10
C ARG D 663 -23.75 -14.67 -53.34
N LEU D 664 -24.48 -14.43 -54.44
CA LEU D 664 -23.84 -13.92 -55.65
C LEU D 664 -23.24 -12.55 -55.42
N SER D 665 -23.96 -11.68 -54.72
CA SER D 665 -23.44 -10.34 -54.44
C SER D 665 -22.21 -10.40 -53.55
N ILE D 666 -22.20 -11.32 -52.58
CA ILE D 666 -21.04 -11.47 -51.70
C ILE D 666 -19.84 -11.97 -52.50
N LEU D 667 -20.06 -12.96 -53.37
CA LEU D 667 -18.96 -13.46 -54.21
C LEU D 667 -18.43 -12.35 -55.12
N ASN D 668 -19.32 -11.53 -55.67
CA ASN D 668 -18.88 -10.44 -56.53
C ASN D 668 -18.10 -9.40 -55.73
N ALA D 669 -18.50 -9.16 -54.49
CA ALA D 669 -17.77 -8.22 -53.64
C ALA D 669 -16.39 -8.75 -53.28
N GLN D 670 -16.28 -10.06 -53.05
CA GLN D 670 -15.00 -10.64 -52.69
C GLN D 670 -14.00 -10.58 -53.83
N LEU D 671 -14.49 -10.67 -55.07
CA LEU D 671 -13.65 -10.59 -56.26
C LEU D 671 -13.55 -9.17 -56.81
N ARG D 672 -13.63 -8.16 -55.96
CA ARG D 672 -13.62 -6.78 -56.43
C ARG D 672 -12.32 -6.47 -57.16
N LYS D 673 -11.19 -6.83 -56.57
CA LYS D 673 -9.88 -6.65 -57.19
C LYS D 673 -9.22 -8.03 -57.28
N THR D 674 -9.56 -8.76 -58.33
CA THR D 674 -9.04 -10.10 -58.63
C THR D 674 -9.21 -10.40 -60.11
N PRO D 675 -8.12 -10.73 -60.81
CA PRO D 675 -8.29 -11.24 -62.19
C PRO D 675 -9.10 -12.53 -62.18
N LEU D 676 -10.13 -12.56 -63.04
CA LEU D 676 -10.99 -13.72 -63.15
C LEU D 676 -11.18 -14.10 -64.60
N GLU D 677 -11.58 -15.34 -64.82
CA GLU D 677 -11.78 -15.82 -66.18
C GLU D 677 -12.92 -15.06 -66.84
N PRO D 678 -12.74 -14.58 -68.08
CA PRO D 678 -13.84 -13.85 -68.74
C PRO D 678 -15.09 -14.69 -68.94
N GLY D 679 -14.94 -15.98 -69.22
CA GLY D 679 -16.06 -16.83 -69.53
C GLY D 679 -16.71 -17.46 -68.32
N LEU D 680 -15.99 -17.48 -67.19
CA LEU D 680 -16.50 -18.10 -65.99
C LEU D 680 -17.76 -17.38 -65.51
N GLU D 681 -18.79 -18.16 -65.20
CA GLU D 681 -20.06 -17.64 -64.70
C GLU D 681 -20.23 -18.09 -63.26
N LEU D 682 -20.42 -17.13 -62.36
CA LEU D 682 -20.55 -17.45 -60.94
C LEU D 682 -21.97 -17.82 -60.54
N THR D 683 -22.93 -17.75 -61.47
CA THR D 683 -24.29 -18.17 -61.17
C THR D 683 -24.34 -19.63 -60.74
N ALA D 684 -23.49 -20.46 -61.34
CA ALA D 684 -23.44 -21.87 -60.97
C ALA D 684 -22.92 -22.05 -59.55
N ILE D 685 -21.83 -21.34 -59.21
CA ILE D 685 -21.28 -21.43 -57.86
C ILE D 685 -22.26 -20.84 -56.85
N ALA D 686 -23.13 -19.92 -57.29
CA ALA D 686 -24.08 -19.31 -56.39
C ALA D 686 -25.30 -20.22 -56.18
N LYS D 687 -25.71 -20.95 -57.20
CA LYS D 687 -26.86 -21.84 -57.08
C LYS D 687 -26.50 -23.16 -56.42
N ALA D 688 -25.21 -23.48 -56.31
CA ALA D 688 -24.79 -24.77 -55.76
C ALA D 688 -24.45 -24.70 -54.28
N THR D 689 -24.14 -23.51 -53.76
CA THR D 689 -23.91 -23.37 -52.33
C THR D 689 -25.15 -23.79 -51.55
N GLN D 690 -26.30 -23.21 -51.87
CA GLN D 690 -27.61 -23.70 -51.42
C GLN D 690 -27.77 -23.51 -49.91
N GLY D 691 -27.53 -22.29 -49.45
CA GLY D 691 -27.73 -21.97 -48.04
C GLY D 691 -26.49 -22.11 -47.17
N PHE D 692 -25.42 -21.42 -47.53
CA PHE D 692 -24.22 -21.37 -46.70
C PHE D 692 -23.78 -19.93 -46.52
N SER D 693 -22.81 -19.73 -45.63
CA SER D 693 -22.46 -18.41 -45.16
C SER D 693 -21.34 -17.79 -46.00
N GLY D 694 -21.08 -16.50 -45.72
CA GLY D 694 -20.01 -15.79 -46.40
C GLY D 694 -18.64 -16.38 -46.14
N ALA D 695 -18.43 -16.91 -44.93
CA ALA D 695 -17.16 -17.54 -44.61
C ALA D 695 -16.89 -18.73 -45.52
N ASP D 696 -17.94 -19.49 -45.85
CA ASP D 696 -17.76 -20.63 -46.76
C ASP D 696 -17.34 -20.14 -48.15
N LEU D 697 -17.94 -19.06 -48.64
CA LEU D 697 -17.54 -18.51 -49.92
C LEU D 697 -16.11 -18.00 -49.88
N LEU D 698 -15.72 -17.36 -48.77
CA LEU D 698 -14.34 -16.94 -48.60
C LEU D 698 -13.40 -18.15 -48.65
N TYR D 699 -13.77 -19.24 -47.99
CA TYR D 699 -12.96 -20.45 -48.03
C TYR D 699 -12.82 -20.98 -49.45
N ILE D 700 -13.93 -20.97 -50.20
CA ILE D 700 -13.90 -21.46 -51.58
C ILE D 700 -12.99 -20.61 -52.44
N VAL D 701 -13.12 -19.28 -52.34
CA VAL D 701 -12.29 -18.41 -53.16
C VAL D 701 -10.83 -18.53 -52.77
N GLN D 702 -10.53 -18.64 -51.47
CA GLN D 702 -9.15 -18.79 -51.05
C GLN D 702 -8.55 -20.10 -51.56
N ARG D 703 -9.34 -21.20 -51.52
CA ARG D 703 -8.83 -22.46 -52.04
C ARG D 703 -8.57 -22.39 -53.54
N ALA D 704 -9.48 -21.76 -54.28
CA ALA D 704 -9.26 -21.57 -55.72
C ALA D 704 -8.02 -20.74 -55.98
N ALA D 705 -7.83 -19.66 -55.20
CA ALA D 705 -6.65 -18.81 -55.35
C ALA D 705 -5.38 -19.60 -55.05
N LYS D 706 -5.42 -20.46 -54.03
CA LYS D 706 -4.25 -21.26 -53.70
C LYS D 706 -3.92 -22.26 -54.80
N TYR D 707 -4.95 -22.85 -55.41
CA TYR D 707 -4.71 -23.72 -56.55
C TYR D 707 -4.10 -22.94 -57.71
N ALA D 708 -4.61 -21.72 -57.95
CA ALA D 708 -4.06 -20.88 -59.02
C ALA D 708 -2.61 -20.52 -58.74
N ILE D 709 -2.27 -20.18 -57.49
CA ILE D 709 -0.90 -19.82 -57.16
C ILE D 709 0.01 -21.05 -57.26
N LYS D 710 -0.50 -22.22 -56.88
CA LYS D 710 0.25 -23.46 -57.09
C LYS D 710 0.60 -23.63 -58.57
N ASP D 711 -0.41 -23.47 -59.45
CA ASP D 711 -0.15 -23.60 -60.87
C ASP D 711 0.82 -22.54 -61.38
N SER D 712 0.73 -21.32 -60.84
CA SER D 712 1.64 -20.26 -61.22
C SER D 712 3.08 -20.60 -60.81
N ILE D 713 3.24 -21.15 -59.61
CA ILE D 713 4.57 -21.57 -59.14
C ILE D 713 5.10 -22.69 -60.05
N GLU D 714 4.23 -23.61 -60.45
CA GLU D 714 4.64 -24.64 -61.40
C GLU D 714 5.10 -24.03 -62.71
N ALA D 715 4.35 -23.05 -63.22
CA ALA D 715 4.72 -22.41 -64.47
C ALA D 715 6.06 -21.69 -64.36
N HIS D 716 6.28 -20.98 -63.25
CA HIS D 716 7.55 -20.30 -63.05
C HIS D 716 8.70 -21.30 -62.92
N ARG D 717 8.44 -22.44 -62.26
CA ARG D 717 9.46 -23.48 -62.16
C ARG D 717 9.83 -24.02 -63.54
N GLN D 718 8.83 -24.23 -64.39
CA GLN D 718 9.10 -24.66 -65.76
C GLN D 718 9.87 -23.60 -66.53
N HIS D 719 9.51 -22.33 -66.32
CA HIS D 719 10.21 -21.24 -67.00
C HIS D 719 11.69 -21.21 -66.62
N GLU D 720 11.97 -21.29 -65.32
CA GLU D 720 13.36 -21.30 -64.86
C GLU D 720 14.09 -22.54 -65.35
N ALA D 721 13.44 -23.70 -65.32
CA ALA D 721 14.05 -24.94 -65.77
C ALA D 721 14.33 -24.90 -67.27
N ASP D 748 3.25 -12.79 -65.46
CA ASP D 748 2.14 -13.60 -64.98
C ASP D 748 1.77 -14.65 -66.03
N PRO D 749 2.38 -15.84 -65.93
CA PRO D 749 2.03 -16.91 -66.88
C PRO D 749 0.56 -17.28 -66.89
N VAL D 750 -0.10 -17.25 -65.74
CA VAL D 750 -1.52 -17.57 -65.64
C VAL D 750 -2.26 -16.27 -65.30
N PRO D 751 -2.97 -15.66 -66.26
CA PRO D 751 -3.56 -14.34 -66.00
C PRO D 751 -4.59 -14.34 -64.88
N TYR D 752 -5.34 -15.42 -64.71
CA TYR D 752 -6.49 -15.40 -63.81
C TYR D 752 -6.72 -16.79 -63.24
N ILE D 753 -7.66 -16.86 -62.31
CA ILE D 753 -8.16 -18.14 -61.80
C ILE D 753 -9.11 -18.74 -62.82
N THR D 754 -8.85 -19.99 -63.21
CA THR D 754 -9.69 -20.66 -64.19
C THR D 754 -10.85 -21.39 -63.51
N LYS D 755 -11.80 -21.83 -64.33
CA LYS D 755 -12.91 -22.62 -63.82
C LYS D 755 -12.43 -23.92 -63.19
N GLU D 756 -11.33 -24.48 -63.69
CA GLU D 756 -10.77 -25.68 -63.10
C GLU D 756 -10.36 -25.44 -61.65
N HIS D 757 -9.74 -24.29 -61.37
CA HIS D 757 -9.31 -24.00 -60.01
C HIS D 757 -10.50 -23.91 -59.06
N PHE D 758 -11.55 -23.20 -59.47
CA PHE D 758 -12.75 -23.10 -58.64
C PHE D 758 -13.41 -24.45 -58.46
N ALA D 759 -13.45 -25.27 -59.51
CA ALA D 759 -14.05 -26.60 -59.40
C ALA D 759 -13.28 -27.47 -58.42
N GLU D 760 -11.95 -27.41 -58.48
CA GLU D 760 -11.13 -28.16 -57.52
C GLU D 760 -11.34 -27.63 -56.11
N ALA D 761 -11.47 -26.32 -55.95
CA ALA D 761 -11.74 -25.75 -54.64
C ALA D 761 -13.09 -26.20 -54.10
N MET D 762 -14.06 -26.43 -54.99
CA MET D 762 -15.38 -26.87 -54.56
C MET D 762 -15.44 -28.37 -54.28
N LYS D 763 -14.40 -29.12 -54.66
CA LYS D 763 -14.36 -30.56 -54.38
C LYS D 763 -14.29 -30.85 -52.89
N THR D 764 -13.90 -29.88 -52.07
CA THR D 764 -13.82 -30.10 -50.62
C THR D 764 -15.17 -30.50 -50.04
N ALA D 765 -16.27 -30.00 -50.60
CA ALA D 765 -17.62 -30.33 -50.15
C ALA D 765 -17.82 -29.98 -48.68
N LYS D 766 -17.23 -28.85 -48.26
CA LYS D 766 -17.33 -28.43 -46.87
C LYS D 766 -18.74 -27.99 -46.52
N ARG D 767 -19.07 -28.12 -45.24
CA ARG D 767 -20.38 -27.67 -44.73
C ARG D 767 -20.16 -27.24 -43.28
N SER D 768 -20.01 -25.93 -43.07
CA SER D 768 -19.63 -25.41 -41.76
C SER D 768 -20.84 -25.10 -40.89
N VAL D 769 -21.80 -24.33 -41.42
CA VAL D 769 -22.91 -23.86 -40.62
C VAL D 769 -23.82 -25.04 -40.28
N SER D 770 -24.14 -25.19 -38.99
CA SER D 770 -24.99 -26.27 -38.55
C SER D 770 -26.45 -25.92 -38.74
N ASP D 771 -27.28 -26.96 -38.90
CA ASP D 771 -28.69 -26.75 -39.16
C ASP D 771 -29.48 -26.48 -37.89
N ALA D 772 -28.99 -26.93 -36.74
CA ALA D 772 -29.67 -26.64 -35.48
C ALA D 772 -29.46 -25.20 -35.07
N GLU D 773 -28.26 -24.67 -35.25
CA GLU D 773 -27.99 -23.26 -34.97
C GLU D 773 -28.86 -22.36 -35.82
N LEU D 774 -28.98 -22.68 -37.11
CA LEU D 774 -29.88 -21.92 -37.99
C LEU D 774 -31.32 -22.00 -37.51
N ARG D 775 -31.74 -23.19 -37.06
CA ARG D 775 -33.07 -23.35 -36.51
C ARG D 775 -33.25 -22.49 -35.25
N ARG D 776 -32.19 -22.40 -34.43
CA ARG D 776 -32.26 -21.56 -33.24
C ARG D 776 -32.44 -20.09 -33.63
N TYR D 777 -31.68 -19.63 -34.62
CA TYR D 777 -31.80 -18.24 -35.06
C TYR D 777 -33.18 -17.97 -35.65
N GLU D 778 -33.70 -18.92 -36.43
CA GLU D 778 -35.02 -18.75 -37.01
C GLU D 778 -36.09 -18.70 -35.93
N ALA D 779 -35.96 -19.55 -34.91
CA ALA D 779 -36.93 -19.53 -33.81
C ALA D 779 -36.86 -18.21 -33.05
N TYR D 780 -35.65 -17.71 -32.81
CA TYR D 780 -35.52 -16.43 -32.11
C TYR D 780 -36.12 -15.29 -32.93
N SER D 781 -35.87 -15.28 -34.24
CA SER D 781 -36.44 -14.25 -35.09
C SER D 781 -37.96 -14.34 -35.13
N GLN D 782 -38.50 -15.57 -35.17
CA GLN D 782 -39.95 -15.74 -35.16
C GLN D 782 -40.55 -15.25 -33.85
N GLN D 783 -39.90 -15.54 -32.73
CA GLN D 783 -40.38 -15.06 -31.43
C GLN D 783 -40.34 -13.54 -31.36
N MET D 784 -39.26 -12.93 -31.86
CA MET D 784 -39.18 -11.47 -31.87
C MET D 784 -40.26 -10.87 -32.76
N LYS D 785 -40.51 -11.47 -33.92
CA LYS D 785 -41.58 -11.00 -34.79
C LYS D 785 -42.95 -11.13 -34.13
N ALA D 786 -43.14 -12.20 -33.36
CA ALA D 786 -44.40 -12.38 -32.63
C ALA D 786 -44.63 -11.25 -31.63
N SER D 787 -43.55 -10.71 -31.06
CA SER D 787 -43.69 -9.55 -30.16
C SER D 787 -44.27 -8.36 -30.90
N ARG D 788 -43.83 -8.12 -32.13
CA ARG D 788 -44.34 -7.03 -32.94
C ARG D 788 -45.84 -7.17 -33.19
N VAL E 211 34.08 9.53 -35.93
CA VAL E 211 33.17 8.59 -36.58
C VAL E 211 32.50 9.24 -37.78
N GLY E 212 31.84 8.44 -38.60
CA GLY E 212 31.20 8.95 -39.79
C GLY E 212 30.10 8.03 -40.28
N TYR E 213 29.57 8.36 -41.45
CA TYR E 213 28.52 7.54 -42.06
C TYR E 213 29.06 6.21 -42.59
N ASP E 214 30.37 6.11 -42.82
CA ASP E 214 31.00 4.87 -43.25
C ASP E 214 31.20 3.88 -42.10
N ASP E 215 30.87 4.25 -40.88
CA ASP E 215 31.02 3.37 -39.72
C ASP E 215 29.68 2.91 -39.17
N ILE E 216 28.63 2.92 -39.99
CA ILE E 216 27.30 2.48 -39.60
C ILE E 216 26.85 1.40 -40.57
N GLY E 217 26.34 0.30 -40.05
CA GLY E 217 25.94 -0.82 -40.89
C GLY E 217 24.64 -1.49 -40.48
N GLY E 218 23.75 -1.66 -41.46
CA GLY E 218 22.48 -2.34 -41.28
C GLY E 218 21.31 -1.40 -41.04
N CYS E 219 21.56 -0.26 -40.41
CA CYS E 219 20.52 0.72 -40.14
C CYS E 219 20.46 1.77 -41.25
N ARG E 220 20.28 1.28 -42.49
CA ARG E 220 20.48 2.14 -43.65
C ARG E 220 19.39 3.20 -43.77
N LYS E 221 18.13 2.77 -43.77
CA LYS E 221 17.04 3.71 -44.01
C LYS E 221 16.89 4.70 -42.85
N GLN E 222 17.00 4.22 -41.61
CA GLN E 222 16.88 5.13 -40.49
C GLN E 222 18.11 6.04 -40.35
N MET E 223 19.30 5.56 -40.71
CA MET E 223 20.46 6.44 -40.71
C MET E 223 20.33 7.53 -41.75
N ALA E 224 19.80 7.19 -42.94
CA ALA E 224 19.61 8.20 -43.97
C ALA E 224 18.53 9.19 -43.56
N GLN E 225 17.49 8.70 -42.89
CA GLN E 225 16.42 9.58 -42.43
C GLN E 225 16.92 10.54 -41.36
N ILE E 226 17.71 10.04 -40.41
CA ILE E 226 18.27 10.91 -39.38
C ILE E 226 19.21 11.92 -40.00
N ARG E 227 20.00 11.49 -41.00
CA ARG E 227 20.92 12.40 -41.64
C ARG E 227 20.16 13.52 -42.34
N GLU E 228 19.09 13.19 -43.07
CA GLU E 228 18.39 14.25 -43.79
C GLU E 228 17.60 15.17 -42.88
N MET E 229 16.89 14.66 -41.85
CA MET E 229 16.11 15.64 -41.07
C MET E 229 17.02 16.47 -40.16
N VAL E 230 18.26 16.03 -39.94
CA VAL E 230 19.20 16.90 -39.23
C VAL E 230 19.89 17.88 -40.19
N GLU E 231 20.35 17.40 -41.34
CA GLU E 231 21.20 18.23 -42.18
C GLU E 231 20.41 19.20 -43.05
N LEU E 232 19.12 18.92 -43.32
CA LEU E 232 18.35 19.84 -44.13
C LEU E 232 18.06 21.16 -43.40
N PRO E 233 17.90 21.16 -42.08
CA PRO E 233 17.98 22.45 -41.36
C PRO E 233 19.38 23.02 -41.34
N LEU E 234 20.41 22.17 -41.33
CA LEU E 234 21.77 22.65 -41.15
C LEU E 234 22.47 23.02 -42.45
N ARG E 235 22.17 22.32 -43.54
CA ARG E 235 22.80 22.64 -44.82
C ARG E 235 22.22 23.91 -45.42
N HIS E 236 20.89 24.05 -45.41
CA HIS E 236 20.22 25.22 -45.95
C HIS E 236 18.89 25.45 -45.22
N PRO E 237 18.79 26.49 -44.40
CA PRO E 237 17.49 26.84 -43.81
C PRO E 237 16.59 27.64 -44.74
N GLN E 238 17.06 27.98 -45.94
CA GLN E 238 16.24 28.74 -46.89
C GLN E 238 15.08 27.91 -47.41
N LEU E 239 15.22 26.59 -47.46
CA LEU E 239 14.12 25.73 -47.89
C LEU E 239 12.98 25.75 -46.87
N PHE E 240 13.30 25.67 -45.58
CA PHE E 240 12.27 25.77 -44.55
C PHE E 240 11.75 27.20 -44.39
N LYS E 241 12.54 28.20 -44.81
CA LYS E 241 12.01 29.55 -44.87
C LYS E 241 11.03 29.71 -46.02
N ALA E 242 11.30 29.08 -47.16
CA ALA E 242 10.41 29.19 -48.30
C ALA E 242 9.13 28.39 -48.08
N ILE E 243 9.24 27.22 -47.43
CA ILE E 243 8.04 26.44 -47.15
C ILE E 243 7.27 26.99 -45.96
N GLY E 244 7.92 27.79 -45.12
CA GLY E 244 7.23 28.48 -44.05
C GLY E 244 6.79 27.57 -42.93
N ILE E 245 7.67 26.67 -42.49
CA ILE E 245 7.36 25.75 -41.40
C ILE E 245 8.66 25.41 -40.67
N LYS E 246 8.52 24.95 -39.43
CA LYS E 246 9.63 24.58 -38.58
C LYS E 246 9.88 23.09 -38.66
N PRO E 247 11.14 22.66 -38.66
CA PRO E 247 11.44 21.23 -38.73
C PRO E 247 11.18 20.58 -37.38
N PRO E 248 11.02 19.27 -37.34
CA PRO E 248 10.89 18.58 -36.05
C PRO E 248 12.20 18.64 -35.28
N ARG E 249 12.08 18.66 -33.96
CA ARG E 249 13.21 18.80 -33.05
C ARG E 249 13.15 17.73 -31.96
N GLY E 250 12.91 16.49 -32.38
CA GLY E 250 12.88 15.39 -31.45
C GLY E 250 12.86 14.03 -32.12
N VAL E 251 13.75 13.14 -31.71
CA VAL E 251 13.82 11.78 -32.22
C VAL E 251 13.79 10.84 -31.02
N LEU E 252 12.77 9.98 -30.96
CA LEU E 252 12.67 8.98 -29.91
C LEU E 252 13.05 7.64 -30.53
N MET E 253 14.24 7.15 -30.20
CA MET E 253 14.74 5.88 -30.69
C MET E 253 14.49 4.82 -29.61
N TYR E 254 14.00 3.66 -30.03
CA TYR E 254 13.73 2.58 -29.08
C TYR E 254 14.15 1.25 -29.68
N GLY E 255 14.52 0.33 -28.80
CA GLY E 255 15.00 -0.98 -29.20
C GLY E 255 15.85 -1.63 -28.13
N PRO E 256 16.48 -2.75 -28.45
CA PRO E 256 17.32 -3.43 -27.46
C PRO E 256 18.62 -2.69 -27.23
N PRO E 257 19.14 -2.69 -26.00
CA PRO E 257 20.44 -2.07 -25.75
C PRO E 257 21.54 -2.81 -26.52
N GLY E 258 22.60 -2.08 -26.86
CA GLY E 258 23.64 -2.71 -27.63
C GLY E 258 23.28 -2.79 -29.10
N THR E 259 22.91 -1.67 -29.69
CA THR E 259 22.63 -1.61 -31.11
C THR E 259 23.57 -0.71 -31.89
N GLY E 260 23.96 0.45 -31.34
CA GLY E 260 24.81 1.35 -32.09
C GLY E 260 24.15 2.71 -32.10
N LYS E 261 23.29 2.91 -31.12
CA LYS E 261 22.47 4.12 -31.06
C LYS E 261 23.32 5.36 -30.77
N THR E 262 24.20 5.26 -29.78
CA THR E 262 25.07 6.39 -29.50
C THR E 262 26.14 6.56 -30.56
N LEU E 263 26.53 5.48 -31.25
CA LEU E 263 27.46 5.62 -32.35
C LEU E 263 26.86 6.35 -33.55
N MET E 264 25.63 6.04 -33.97
CA MET E 264 25.09 6.81 -35.08
C MET E 264 24.83 8.26 -34.66
N ALA E 265 24.34 8.46 -33.42
CA ALA E 265 24.11 9.84 -32.99
C ALA E 265 25.41 10.64 -32.94
N ARG E 266 26.50 10.01 -32.49
CA ARG E 266 27.79 10.70 -32.48
C ARG E 266 28.32 10.92 -33.88
N ALA E 267 28.04 9.99 -34.80
CA ALA E 267 28.48 10.17 -36.18
C ALA E 267 27.75 11.33 -36.86
N VAL E 268 26.44 11.44 -36.62
CA VAL E 268 25.70 12.57 -37.17
C VAL E 268 26.15 13.88 -36.52
N ALA E 269 26.46 13.85 -35.22
CA ALA E 269 26.91 15.06 -34.56
C ALA E 269 28.34 15.45 -34.94
N ASN E 270 29.13 14.49 -35.44
CA ASN E 270 30.50 14.76 -35.87
C ASN E 270 30.56 15.20 -37.33
N GLU E 271 29.73 14.63 -38.20
CA GLU E 271 29.77 15.01 -39.61
C GLU E 271 29.17 16.38 -39.85
N THR E 272 28.37 16.88 -38.91
CA THR E 272 27.78 18.21 -38.98
C THR E 272 28.37 19.06 -37.87
N GLY E 273 28.38 20.37 -38.07
CA GLY E 273 29.00 21.27 -37.10
C GLY E 273 28.17 21.50 -35.86
N ALA E 274 27.82 20.41 -35.17
CA ALA E 274 27.09 20.44 -33.92
C ALA E 274 28.04 20.18 -32.76
N PHE E 275 27.48 20.02 -31.56
CA PHE E 275 28.27 19.73 -30.37
C PHE E 275 27.60 18.57 -29.64
N PHE E 276 28.21 17.39 -29.71
CA PHE E 276 27.66 16.18 -29.12
C PHE E 276 27.87 16.23 -27.61
N PHE E 277 26.78 16.42 -26.87
CA PHE E 277 26.80 16.44 -25.42
C PHE E 277 26.06 15.21 -24.91
N LEU E 278 26.71 14.44 -24.04
CA LEU E 278 26.17 13.17 -23.57
C LEU E 278 25.58 13.35 -22.17
N ILE E 279 24.30 13.03 -22.03
CA ILE E 279 23.61 13.06 -20.75
C ILE E 279 23.13 11.64 -20.43
N ASN E 280 23.50 11.15 -19.26
CA ASN E 280 23.12 9.81 -18.84
C ASN E 280 21.88 9.87 -17.94
N GLY E 281 21.15 8.75 -17.91
CA GLY E 281 19.93 8.67 -17.15
C GLY E 281 20.17 8.67 -15.65
N PRO E 282 20.75 7.57 -15.14
CA PRO E 282 21.00 7.49 -13.69
C PRO E 282 22.13 8.40 -13.21
N GLU E 283 22.91 8.99 -14.12
CA GLU E 283 23.97 9.89 -13.67
C GLU E 283 23.41 11.24 -13.24
N VAL E 284 22.46 11.79 -14.01
CA VAL E 284 21.94 13.11 -13.69
C VAL E 284 20.99 13.06 -12.51
N MET E 285 20.40 11.90 -12.23
CA MET E 285 19.46 11.76 -11.13
C MET E 285 20.22 11.63 -9.81
N SER E 286 19.73 12.34 -8.79
CA SER E 286 20.36 12.32 -7.47
C SER E 286 19.27 12.35 -6.42
N LYS E 287 19.69 12.25 -5.15
CA LYS E 287 18.75 12.29 -4.04
C LYS E 287 18.56 13.68 -3.48
N MET E 288 19.47 14.61 -3.80
CA MET E 288 19.33 15.99 -3.34
C MET E 288 18.21 16.67 -4.12
N ALA E 289 17.34 17.37 -3.39
CA ALA E 289 16.21 18.05 -4.02
C ALA E 289 16.69 19.28 -4.78
N GLY E 290 16.25 19.40 -6.02
CA GLY E 290 16.60 20.56 -6.83
C GLY E 290 18.03 20.56 -7.32
N GLU E 291 18.69 19.41 -7.31
CA GLU E 291 20.06 19.29 -7.81
C GLU E 291 20.11 18.64 -9.17
N SER E 292 19.28 17.62 -9.40
CA SER E 292 19.22 16.99 -10.71
C SER E 292 18.55 17.93 -11.70
N GLU E 293 17.54 18.66 -11.25
CA GLU E 293 16.93 19.68 -12.08
C GLU E 293 17.87 20.84 -12.35
N SER E 294 18.69 21.20 -11.35
CA SER E 294 19.69 22.24 -11.59
C SER E 294 20.77 21.78 -12.56
N ASN E 295 21.16 20.50 -12.48
CA ASN E 295 22.14 19.99 -13.44
C ASN E 295 21.57 19.92 -14.86
N LEU E 296 20.31 19.51 -15.00
CA LEU E 296 19.71 19.48 -16.32
C LEU E 296 19.51 20.88 -16.89
N ARG E 297 19.12 21.84 -16.04
CA ARG E 297 18.97 23.21 -16.50
C ARG E 297 20.32 23.82 -16.89
N LYS E 298 21.38 23.50 -16.15
CA LYS E 298 22.71 23.98 -16.50
C LYS E 298 23.17 23.35 -17.81
N ALA E 299 22.86 22.06 -18.01
CA ALA E 299 23.23 21.39 -19.24
C ALA E 299 22.50 21.97 -20.44
N PHE E 300 21.21 22.28 -20.27
CA PHE E 300 20.44 22.88 -21.37
C PHE E 300 20.91 24.30 -21.65
N GLU E 301 21.29 25.04 -20.61
CA GLU E 301 21.81 26.39 -20.82
C GLU E 301 23.16 26.37 -21.49
N GLU E 302 24.00 25.38 -21.18
CA GLU E 302 25.29 25.26 -21.83
C GLU E 302 25.13 24.81 -23.28
N ALA E 303 24.13 23.96 -23.56
CA ALA E 303 23.87 23.55 -24.94
C ALA E 303 23.27 24.67 -25.77
N GLU E 304 22.52 25.57 -25.14
CA GLU E 304 21.94 26.70 -25.86
C GLU E 304 22.83 27.93 -25.86
N LYS E 305 23.92 27.92 -25.08
CA LYS E 305 24.75 29.11 -24.94
C LYS E 305 25.74 29.26 -26.11
N ASN E 306 26.47 28.19 -26.42
CA ASN E 306 27.60 28.33 -27.35
C ASN E 306 27.15 28.33 -28.81
N ALA E 307 26.41 27.32 -29.22
CA ALA E 307 26.12 27.12 -30.64
C ALA E 307 24.89 26.24 -30.76
N PRO E 308 24.26 26.19 -31.95
CA PRO E 308 23.28 25.13 -32.22
C PRO E 308 23.91 23.75 -32.15
N ALA E 309 23.50 22.95 -31.17
CA ALA E 309 24.17 21.71 -30.82
C ALA E 309 23.15 20.57 -30.82
N ILE E 310 23.61 19.38 -30.47
CA ILE E 310 22.77 18.19 -30.41
C ILE E 310 22.86 17.62 -29.00
N ILE E 311 21.71 17.52 -28.34
CA ILE E 311 21.62 16.98 -26.98
C ILE E 311 21.23 15.52 -27.05
N PHE E 312 22.02 14.66 -26.40
CA PHE E 312 21.74 13.24 -26.31
C PHE E 312 21.49 12.89 -24.85
N ILE E 313 20.21 12.75 -24.48
CA ILE E 313 19.84 12.30 -23.14
C ILE E 313 19.66 10.80 -23.21
N ASP E 314 20.52 10.06 -22.52
CA ASP E 314 20.57 8.62 -22.58
C ASP E 314 19.76 7.99 -21.45
N GLU E 315 19.11 6.87 -21.76
CA GLU E 315 18.34 6.08 -20.81
C GLU E 315 17.23 6.92 -20.15
N ILE E 316 16.30 7.38 -21.00
CA ILE E 316 15.22 8.24 -20.52
C ILE E 316 14.12 7.47 -19.81
N ASP E 317 14.13 6.13 -19.88
CA ASP E 317 13.10 5.35 -19.21
C ASP E 317 13.30 5.29 -17.71
N SER E 318 14.51 5.55 -17.23
CA SER E 318 14.76 5.56 -15.79
C SER E 318 14.29 6.84 -15.13
N ILE E 319 14.21 7.94 -15.89
CA ILE E 319 13.79 9.23 -15.35
C ILE E 319 12.44 9.60 -15.93
N ALA E 320 11.65 8.60 -16.35
CA ALA E 320 10.28 8.81 -16.79
C ALA E 320 9.41 7.67 -16.26
N PRO E 321 8.99 7.76 -15.00
CA PRO E 321 8.25 6.66 -14.39
C PRO E 321 6.74 6.77 -14.62
N LYS E 322 6.36 7.58 -15.60
CA LYS E 322 4.98 7.81 -16.04
C LYS E 322 4.14 8.58 -15.02
N ARG E 323 4.75 9.13 -13.98
CA ARG E 323 4.14 10.04 -13.02
C ARG E 323 2.96 9.43 -12.26
N ASP E 324 2.69 8.14 -12.42
CA ASP E 324 1.56 7.56 -11.70
C ASP E 324 1.94 6.28 -10.97
N LYS E 325 2.90 5.53 -11.51
CA LYS E 325 3.34 4.31 -10.86
C LYS E 325 4.43 4.55 -9.81
N THR E 326 5.14 5.66 -9.91
CA THR E 326 6.22 5.98 -9.00
C THR E 326 5.71 6.56 -7.70
N ASN E 327 6.61 6.61 -6.71
CA ASN E 327 6.34 7.25 -5.43
C ASN E 327 7.29 8.39 -5.13
N GLY E 328 8.45 8.44 -5.80
CA GLY E 328 9.43 9.48 -5.52
C GLY E 328 9.02 10.78 -6.18
N GLU E 329 9.26 11.89 -5.47
CA GLU E 329 8.94 13.21 -5.99
C GLU E 329 9.98 13.72 -6.98
N VAL E 330 11.24 13.30 -6.85
CA VAL E 330 12.29 13.85 -7.71
C VAL E 330 12.11 13.38 -9.16
N GLU E 331 11.57 12.18 -9.35
CA GLU E 331 11.33 11.71 -10.72
C GLU E 331 10.23 12.52 -11.40
N ARG E 332 9.14 12.81 -10.68
CA ARG E 332 8.11 13.68 -11.24
C ARG E 332 8.62 15.10 -11.42
N ARG E 333 9.56 15.54 -10.58
CA ARG E 333 10.10 16.88 -10.71
C ARG E 333 10.97 17.00 -11.95
N VAL E 334 11.78 15.99 -12.23
CA VAL E 334 12.59 16.06 -13.44
C VAL E 334 11.76 15.78 -14.69
N VAL E 335 10.66 15.04 -14.56
CA VAL E 335 9.74 14.88 -15.68
C VAL E 335 9.08 16.21 -16.03
N SER E 336 8.60 16.94 -15.01
CA SER E 336 8.00 18.25 -15.28
C SER E 336 9.03 19.26 -15.76
N GLN E 337 10.27 19.14 -15.28
CA GLN E 337 11.33 20.02 -15.75
C GLN E 337 11.65 19.74 -17.21
N LEU E 338 11.66 18.46 -17.60
CA LEU E 338 11.91 18.11 -18.99
C LEU E 338 10.78 18.59 -19.90
N LEU E 339 9.53 18.46 -19.44
CA LEU E 339 8.43 18.94 -20.27
C LEU E 339 8.44 20.46 -20.38
N THR E 340 8.96 21.15 -19.36
CA THR E 340 9.08 22.61 -19.44
C THR E 340 10.26 23.02 -20.33
N LEU E 341 11.38 22.32 -20.22
CA LEU E 341 12.56 22.67 -21.01
C LEU E 341 12.40 22.32 -22.49
N MET E 342 11.55 21.35 -22.83
CA MET E 342 11.36 20.99 -24.23
C MET E 342 10.31 21.85 -24.93
N ASP E 343 9.30 22.30 -24.19
CA ASP E 343 8.22 23.13 -24.73
C ASP E 343 7.85 24.16 -23.67
N GLY E 344 7.57 25.38 -24.14
CA GLY E 344 7.21 26.45 -23.24
C GLY E 344 7.53 27.78 -23.91
N MET E 345 7.55 28.82 -23.10
CA MET E 345 7.91 30.14 -23.60
C MET E 345 9.41 30.20 -23.88
N LYS E 346 9.76 30.62 -25.10
CA LYS E 346 11.11 30.58 -25.66
C LYS E 346 11.85 29.31 -25.20
N ALA E 347 11.24 28.16 -25.51
CA ALA E 347 11.77 26.89 -25.02
C ALA E 347 13.07 26.52 -25.72
N ARG E 348 13.02 26.37 -27.04
CA ARG E 348 14.18 25.93 -27.81
C ARG E 348 14.44 26.87 -28.97
N SER E 349 15.71 27.22 -29.17
CA SER E 349 16.14 28.11 -30.25
C SER E 349 17.20 27.38 -31.07
N ASN E 350 16.74 26.65 -32.10
CA ASN E 350 17.62 25.93 -33.02
C ASN E 350 18.50 24.93 -32.28
N VAL E 351 17.85 23.95 -31.64
CA VAL E 351 18.55 22.89 -30.93
C VAL E 351 17.68 21.64 -30.95
N VAL E 352 18.29 20.50 -31.26
CA VAL E 352 17.59 19.23 -31.37
C VAL E 352 18.07 18.31 -30.26
N VAL E 353 17.12 17.59 -29.65
CA VAL E 353 17.41 16.66 -28.56
C VAL E 353 17.25 15.24 -29.08
N ILE E 354 18.08 14.34 -28.59
CA ILE E 354 18.04 12.93 -28.94
C ILE E 354 17.90 12.12 -27.66
N ALA E 355 17.12 11.05 -27.73
CA ALA E 355 16.87 10.19 -26.58
C ALA E 355 17.33 8.76 -26.88
N ALA E 356 17.23 7.91 -25.86
CA ALA E 356 17.58 6.50 -25.98
C ALA E 356 16.87 5.73 -24.89
N THR E 357 16.22 4.63 -25.25
CA THR E 357 15.49 3.81 -24.29
C THR E 357 15.39 2.40 -24.83
N ASN E 358 14.99 1.47 -23.94
CA ASN E 358 14.75 0.08 -24.32
C ASN E 358 13.27 -0.23 -24.46
N ARG E 359 12.44 0.24 -23.53
CA ARG E 359 11.01 0.07 -23.62
C ARG E 359 10.34 1.42 -23.81
N PRO E 360 9.85 1.76 -25.00
CA PRO E 360 9.26 3.08 -25.23
C PRO E 360 7.85 3.24 -24.69
N ASN E 361 7.30 2.23 -24.04
CA ASN E 361 5.94 2.34 -23.51
C ASN E 361 5.91 3.00 -22.14
N SER E 362 7.03 3.02 -21.43
CA SER E 362 7.10 3.67 -20.12
C SER E 362 7.57 5.12 -20.25
N ILE E 363 6.95 5.85 -21.18
CA ILE E 363 7.20 7.28 -21.35
C ILE E 363 5.88 8.02 -21.24
N ASP E 364 5.98 9.30 -20.90
CA ASP E 364 4.79 10.12 -20.71
C ASP E 364 4.08 10.35 -22.04
N PRO E 365 2.75 10.39 -22.05
CA PRO E 365 2.04 10.85 -23.25
C PRO E 365 2.27 12.32 -23.56
N ALA E 366 2.61 13.13 -22.54
CA ALA E 366 3.04 14.51 -22.79
C ALA E 366 4.46 14.59 -23.31
N LEU E 367 5.29 13.59 -23.01
CA LEU E 367 6.65 13.57 -23.56
C LEU E 367 6.65 13.07 -25.00
N ARG E 368 5.74 12.17 -25.34
CA ARG E 368 5.60 11.65 -26.70
C ARG E 368 4.73 12.59 -27.55
N ARG E 369 4.64 13.85 -27.16
CA ARG E 369 3.82 14.82 -27.86
C ARG E 369 4.66 15.47 -28.96
N PHE E 370 4.02 16.26 -29.80
CA PHE E 370 4.75 17.01 -30.81
C PHE E 370 5.58 18.11 -30.15
N GLY E 371 6.81 18.28 -30.65
CA GLY E 371 7.75 19.23 -30.12
C GLY E 371 8.80 18.66 -29.18
N ARG E 372 8.57 17.49 -28.60
CA ARG E 372 9.56 16.83 -27.74
C ARG E 372 10.12 15.57 -28.36
N PHE E 373 9.28 14.59 -28.65
CA PHE E 373 9.70 13.31 -29.23
C PHE E 373 8.79 12.94 -30.39
N ASP E 374 8.59 13.89 -31.31
CA ASP E 374 7.63 13.76 -32.39
C ASP E 374 7.98 12.69 -33.41
N ARG E 375 9.19 12.14 -33.39
CA ARG E 375 9.58 11.07 -34.31
C ARG E 375 10.09 9.86 -33.54
N GLU E 376 9.53 8.69 -33.87
CA GLU E 376 9.92 7.42 -33.25
C GLU E 376 10.57 6.53 -34.30
N VAL E 377 11.83 6.17 -34.07
CA VAL E 377 12.61 5.42 -35.05
C VAL E 377 12.89 4.05 -34.45
N ASP E 378 12.49 3.00 -35.16
CA ASP E 378 12.70 1.63 -34.69
C ASP E 378 14.01 1.09 -35.27
N ILE E 379 15.08 1.12 -34.50
CA ILE E 379 16.35 0.53 -34.91
C ILE E 379 16.46 -0.82 -34.20
N GLY E 380 15.98 -1.87 -34.86
CA GLY E 380 15.95 -3.19 -34.26
C GLY E 380 17.13 -4.06 -34.64
N ASP E 383 17.70 -9.49 -38.44
CA ASP E 383 17.59 -10.78 -39.11
C ASP E 383 18.96 -11.29 -39.55
N ALA E 384 18.96 -12.29 -40.44
CA ALA E 384 20.21 -12.96 -40.80
C ALA E 384 21.13 -12.05 -41.60
N THR E 385 20.59 -11.28 -42.54
CA THR E 385 21.44 -10.39 -43.32
C THR E 385 21.93 -9.22 -42.48
N GLY E 386 21.12 -8.73 -41.54
CA GLY E 386 21.59 -7.69 -40.65
C GLY E 386 22.64 -8.20 -39.68
N ARG E 387 22.48 -9.44 -39.22
CA ARG E 387 23.50 -10.05 -38.36
C ARG E 387 24.81 -10.26 -39.12
N LEU E 388 24.72 -10.63 -40.40
CA LEU E 388 25.92 -10.75 -41.22
C LEU E 388 26.56 -9.39 -41.47
N GLU E 389 25.75 -8.34 -41.60
CA GLU E 389 26.30 -6.99 -41.73
C GLU E 389 26.99 -6.56 -40.44
N VAL E 390 26.43 -6.95 -39.29
CA VAL E 390 27.05 -6.65 -38.01
C VAL E 390 28.37 -7.39 -37.87
N LEU E 391 28.43 -8.63 -38.34
CA LEU E 391 29.68 -9.37 -38.35
C LEU E 391 30.71 -8.75 -39.28
N ARG E 392 30.26 -8.20 -40.40
CA ARG E 392 31.20 -7.58 -41.33
C ARG E 392 31.71 -6.24 -40.82
N ILE E 393 30.85 -5.46 -40.16
CA ILE E 393 31.30 -4.15 -39.71
C ILE E 393 32.04 -4.19 -38.38
N HIS E 394 31.86 -5.24 -37.57
CA HIS E 394 32.61 -5.36 -36.33
C HIS E 394 33.92 -6.13 -36.48
N THR E 395 34.07 -6.91 -37.55
CA THR E 395 35.33 -7.59 -37.84
C THR E 395 36.09 -6.90 -38.97
N LYS E 396 35.95 -5.57 -39.09
CA LYS E 396 36.54 -4.82 -40.18
C LYS E 396 37.98 -4.39 -39.89
N ASN E 397 38.31 -4.12 -38.63
CA ASN E 397 39.62 -3.61 -38.27
C ASN E 397 40.61 -4.70 -37.86
N MET E 398 40.42 -5.92 -38.36
CA MET E 398 41.33 -7.02 -38.03
C MET E 398 41.33 -8.04 -39.16
N LYS E 399 42.52 -8.48 -39.56
CA LYS E 399 42.67 -9.56 -40.53
C LYS E 399 42.50 -10.88 -39.79
N LEU E 400 41.29 -11.44 -39.82
CA LEU E 400 41.02 -12.64 -39.04
C LEU E 400 41.66 -13.87 -39.69
N ALA E 401 41.38 -14.10 -40.98
CA ALA E 401 41.90 -15.25 -41.70
C ALA E 401 41.50 -15.19 -43.16
N ASP E 402 41.74 -16.28 -43.89
CA ASP E 402 41.28 -16.40 -45.28
C ASP E 402 40.17 -17.42 -45.47
N ASP E 403 40.04 -18.39 -44.56
CA ASP E 403 39.08 -19.48 -44.72
C ASP E 403 37.98 -19.45 -43.68
N VAL E 404 37.71 -18.28 -43.10
CA VAL E 404 36.63 -18.12 -42.14
C VAL E 404 35.37 -17.74 -42.91
N ASP E 405 34.33 -18.56 -42.79
CA ASP E 405 33.05 -18.31 -43.44
C ASP E 405 32.07 -17.72 -42.44
N LEU E 406 31.50 -16.57 -42.78
CA LEU E 406 30.57 -15.88 -41.89
C LEU E 406 29.16 -16.42 -41.99
N GLU E 407 28.90 -17.40 -42.85
CA GLU E 407 27.56 -17.97 -42.97
C GLU E 407 27.21 -18.77 -41.73
N ALA E 408 28.14 -19.56 -41.22
CA ALA E 408 27.90 -20.30 -39.98
C ALA E 408 27.82 -19.37 -38.78
N LEU E 409 28.58 -18.27 -38.79
CA LEU E 409 28.50 -17.30 -37.70
C LEU E 409 27.22 -16.50 -37.74
N ALA E 410 26.60 -16.36 -38.90
CA ALA E 410 25.31 -15.68 -39.02
C ALA E 410 24.12 -16.62 -38.88
N ALA E 411 24.33 -17.92 -39.05
CA ALA E 411 23.26 -18.90 -38.91
C ALA E 411 23.20 -19.56 -37.54
N GLU E 412 24.32 -19.66 -36.84
CA GLU E 412 24.33 -20.33 -35.54
C GLU E 412 23.92 -19.41 -34.41
N THR E 413 24.27 -18.12 -34.49
CA THR E 413 23.91 -17.13 -33.47
C THR E 413 22.54 -16.52 -33.77
N HIS E 414 21.51 -17.35 -33.69
CA HIS E 414 20.16 -16.92 -34.06
C HIS E 414 19.50 -16.05 -33.00
N GLY E 415 20.07 -15.97 -31.80
CA GLY E 415 19.47 -15.21 -30.72
C GLY E 415 20.34 -14.10 -30.18
N TYR E 416 21.27 -13.60 -31.00
CA TYR E 416 22.17 -12.55 -30.56
C TYR E 416 21.57 -11.18 -30.84
N VAL E 417 21.79 -10.25 -29.90
CA VAL E 417 21.38 -8.86 -30.07
C VAL E 417 22.22 -8.12 -31.11
N GLY E 418 23.31 -8.73 -31.56
CA GLY E 418 24.24 -8.09 -32.47
C GLY E 418 25.42 -7.57 -31.69
N ALA E 419 25.15 -6.84 -30.60
CA ALA E 419 26.25 -6.42 -29.74
C ALA E 419 26.89 -7.63 -29.09
N ASP E 420 26.10 -8.66 -28.81
CA ASP E 420 26.63 -9.91 -28.26
C ASP E 420 27.63 -10.54 -29.22
N ILE E 421 27.33 -10.52 -30.52
CA ILE E 421 28.27 -11.08 -31.49
C ILE E 421 29.53 -10.22 -31.56
N ALA E 422 29.40 -8.92 -31.25
CA ALA E 422 30.56 -8.04 -31.23
C ALA E 422 31.48 -8.43 -30.09
N SER E 423 30.93 -8.46 -28.86
CA SER E 423 31.72 -8.94 -27.74
C SER E 423 32.34 -10.29 -28.10
N LEU E 424 31.51 -11.28 -28.44
CA LEU E 424 31.94 -12.57 -28.98
C LEU E 424 33.22 -12.48 -29.81
N CYS E 425 33.25 -11.53 -30.76
CA CYS E 425 34.43 -11.35 -31.60
C CYS E 425 35.61 -10.83 -30.77
N SER E 426 35.34 -9.97 -29.79
CA SER E 426 36.44 -9.48 -28.94
C SER E 426 37.00 -10.61 -28.08
N GLU E 427 36.12 -11.48 -27.58
CA GLU E 427 36.55 -12.63 -26.79
C GLU E 427 37.32 -13.62 -27.64
N ALA E 428 36.91 -13.80 -28.90
CA ALA E 428 37.66 -14.67 -29.80
C ALA E 428 39.04 -14.10 -30.10
N ALA E 429 39.12 -12.78 -30.34
CA ALA E 429 40.41 -12.15 -30.60
C ALA E 429 41.31 -12.14 -29.37
N MET E 430 40.72 -12.13 -28.17
CA MET E 430 41.54 -12.25 -26.98
C MET E 430 41.99 -13.69 -26.76
N GLN E 431 41.12 -14.67 -27.02
CA GLN E 431 41.47 -16.06 -26.76
C GLN E 431 42.46 -16.60 -27.77
N GLN E 432 42.43 -16.08 -29.01
CA GLN E 432 43.42 -16.49 -29.99
C GLN E 432 44.82 -16.03 -29.60
N ILE E 433 44.94 -14.78 -29.16
CA ILE E 433 46.23 -14.27 -28.71
C ILE E 433 46.64 -14.92 -27.39
N ARG E 434 45.66 -15.32 -26.57
CA ARG E 434 45.97 -16.00 -25.32
C ARG E 434 46.55 -17.38 -25.58
N GLU E 435 45.98 -18.11 -26.53
CA GLU E 435 46.49 -19.43 -26.89
C GLU E 435 47.70 -19.37 -27.81
N LYS E 436 48.02 -18.21 -28.38
CA LYS E 436 49.19 -18.07 -29.24
C LYS E 436 50.34 -17.34 -28.56
N MET E 437 50.37 -17.34 -27.22
CA MET E 437 51.44 -16.70 -26.46
C MET E 437 52.04 -17.63 -25.41
N ASP E 438 51.68 -18.91 -25.42
CA ASP E 438 52.14 -19.84 -24.40
C ASP E 438 53.61 -20.19 -24.60
N GLU E 450 58.25 -11.40 -36.46
CA GLU E 450 57.65 -12.51 -37.18
C GLU E 450 56.41 -13.05 -36.46
N VAL E 451 56.23 -12.61 -35.21
CA VAL E 451 55.08 -13.05 -34.45
C VAL E 451 53.83 -12.29 -34.87
N LEU E 452 53.97 -11.02 -35.24
CA LEU E 452 52.83 -10.23 -35.69
C LEU E 452 52.32 -10.67 -37.06
N ASP E 453 53.15 -11.30 -37.86
CA ASP E 453 52.69 -11.89 -39.12
C ASP E 453 51.87 -13.15 -38.86
N SER E 454 50.88 -13.35 -39.73
CA SER E 454 50.00 -14.52 -39.68
C SER E 454 49.26 -14.59 -38.35
N LEU E 455 48.69 -13.46 -37.94
CA LEU E 455 47.85 -13.40 -36.74
C LEU E 455 46.39 -13.31 -37.14
N GLY E 456 45.52 -13.65 -36.19
CA GLY E 456 44.08 -13.55 -36.41
C GLY E 456 43.34 -14.77 -35.91
N VAL E 457 42.02 -14.68 -35.86
CA VAL E 457 41.18 -15.75 -35.34
C VAL E 457 40.84 -16.71 -36.47
N THR E 458 40.56 -17.95 -36.10
CA THR E 458 40.15 -18.98 -37.04
C THR E 458 38.74 -19.46 -36.66
N MET E 459 38.30 -20.55 -37.30
CA MET E 459 36.96 -21.04 -37.05
C MET E 459 36.85 -21.65 -35.65
N ASP E 460 37.91 -22.29 -35.17
CA ASP E 460 37.86 -22.90 -33.84
C ASP E 460 37.84 -21.84 -32.74
N ASN E 461 38.43 -20.68 -33.01
CA ASN E 461 38.31 -19.57 -32.05
C ASN E 461 36.87 -19.09 -31.94
N PHE E 462 36.15 -19.00 -33.06
CA PHE E 462 34.74 -18.65 -33.02
C PHE E 462 33.91 -19.77 -32.39
N ARG E 463 34.32 -21.02 -32.57
CA ARG E 463 33.61 -22.12 -31.90
C ARG E 463 33.80 -22.06 -30.39
N PHE E 464 35.01 -21.74 -29.94
CA PHE E 464 35.25 -21.59 -28.50
C PHE E 464 34.53 -20.36 -27.95
N ALA E 465 34.41 -19.31 -28.76
CA ALA E 465 33.66 -18.13 -28.32
C ALA E 465 32.17 -18.43 -28.21
N LEU E 466 31.64 -19.24 -29.13
CA LEU E 466 30.25 -19.67 -29.03
C LEU E 466 30.05 -20.62 -27.86
N GLY E 467 31.05 -21.43 -27.53
CA GLY E 467 30.95 -22.27 -26.35
C GLY E 467 31.02 -21.49 -25.06
N ASN E 468 31.78 -20.39 -25.05
CA ASN E 468 31.88 -19.52 -23.88
C ASN E 468 30.69 -18.56 -23.81
N SER E 481 12.90 -22.65 -31.06
CA SER E 481 13.94 -23.11 -30.14
C SER E 481 14.01 -24.63 -30.12
N VAL E 482 13.30 -25.26 -31.06
CA VAL E 482 13.28 -26.72 -31.17
C VAL E 482 14.27 -27.14 -32.24
N ASN E 483 14.73 -28.39 -32.15
CA ASN E 483 15.75 -28.90 -33.06
C ASN E 483 15.14 -30.01 -33.93
N VAL E 484 14.45 -29.58 -34.99
CA VAL E 484 13.92 -30.46 -36.01
C VAL E 484 14.14 -29.79 -37.36
N THR E 485 14.27 -30.60 -38.41
CA THR E 485 14.22 -30.05 -39.77
C THR E 485 13.63 -31.12 -40.70
N TRP E 486 12.30 -31.11 -40.82
CA TRP E 486 11.55 -31.87 -41.81
C TRP E 486 11.94 -33.35 -41.86
N ASP E 487 12.57 -33.87 -40.80
CA ASP E 487 13.11 -35.22 -40.88
C ASP E 487 12.72 -36.07 -39.68
N ASP E 488 12.44 -35.44 -38.54
CA ASP E 488 12.11 -36.20 -37.34
C ASP E 488 10.70 -36.78 -37.37
N VAL E 489 9.84 -36.27 -38.23
CA VAL E 489 8.50 -36.81 -38.36
C VAL E 489 8.52 -37.93 -39.39
N GLY E 490 7.78 -38.99 -39.11
CA GLY E 490 7.72 -40.16 -39.99
C GLY E 490 6.33 -40.33 -40.56
N GLY E 491 6.26 -40.62 -41.85
CA GLY E 491 5.00 -40.80 -42.53
C GLY E 491 4.27 -39.49 -42.74
N LEU E 492 2.99 -39.62 -43.08
CA LEU E 492 2.08 -38.49 -43.29
C LEU E 492 2.64 -37.54 -44.36
N ASP E 493 2.85 -38.09 -45.55
CA ASP E 493 3.50 -37.34 -46.62
C ASP E 493 2.58 -36.26 -47.17
N GLU E 494 1.29 -36.58 -47.36
CA GLU E 494 0.38 -35.58 -47.92
C GLU E 494 0.04 -34.51 -46.89
N ILE E 495 0.05 -34.85 -45.59
CA ILE E 495 -0.19 -33.85 -44.56
C ILE E 495 1.01 -32.91 -44.46
N LYS E 496 2.21 -33.47 -44.57
CA LYS E 496 3.41 -32.63 -44.57
C LYS E 496 3.44 -31.74 -45.80
N GLU E 497 3.01 -32.27 -46.96
CA GLU E 497 2.98 -31.46 -48.17
C GLU E 497 1.96 -30.33 -48.06
N GLU E 498 0.78 -30.62 -47.52
CA GLU E 498 -0.24 -29.58 -47.39
C GLU E 498 0.17 -28.51 -46.40
N LEU E 499 0.74 -28.89 -45.26
CA LEU E 499 1.21 -27.90 -44.30
C LEU E 499 2.37 -27.09 -44.86
N LYS E 500 3.30 -27.76 -45.56
CA LYS E 500 4.42 -27.04 -46.15
C LYS E 500 3.95 -26.03 -47.17
N GLU E 501 2.94 -26.40 -47.96
CA GLU E 501 2.38 -25.46 -48.93
C GLU E 501 1.74 -24.28 -48.21
N THR E 502 0.77 -24.55 -47.34
CA THR E 502 0.01 -23.47 -46.71
C THR E 502 0.79 -22.70 -45.66
N VAL E 503 2.05 -23.02 -45.39
CA VAL E 503 2.91 -22.17 -44.57
C VAL E 503 3.97 -21.47 -45.42
N GLU E 504 4.63 -22.20 -46.32
CA GLU E 504 5.73 -21.62 -47.09
C GLU E 504 5.26 -20.70 -48.21
N TYR E 505 4.03 -20.85 -48.69
CA TYR E 505 3.62 -19.98 -49.79
C TYR E 505 3.36 -18.54 -49.33
N PRO E 506 2.70 -18.30 -48.19
CA PRO E 506 2.53 -16.90 -47.75
C PRO E 506 3.80 -16.25 -47.22
N VAL E 507 4.87 -17.01 -47.03
CA VAL E 507 6.12 -16.47 -46.52
C VAL E 507 7.10 -16.14 -47.63
N LEU E 508 7.19 -17.03 -48.62
CA LEU E 508 8.21 -16.88 -49.67
C LEU E 508 7.73 -15.97 -50.79
N HIS E 509 6.44 -16.00 -51.12
CA HIS E 509 5.89 -15.22 -52.23
C HIS E 509 4.74 -14.35 -51.74
N PRO E 510 5.05 -13.20 -51.16
CA PRO E 510 3.99 -12.22 -50.83
C PRO E 510 3.61 -11.40 -52.04
N ASP E 511 4.58 -11.23 -52.95
CA ASP E 511 4.36 -10.40 -54.13
C ASP E 511 3.36 -11.03 -55.08
N GLN E 512 3.40 -12.35 -55.22
CA GLN E 512 2.42 -13.03 -56.06
C GLN E 512 1.02 -12.98 -55.46
N TYR E 513 0.93 -12.97 -54.13
CA TYR E 513 -0.37 -12.83 -53.48
C TYR E 513 -0.89 -11.40 -53.57
N THR E 514 -0.01 -10.40 -53.58
CA THR E 514 -0.46 -9.03 -53.83
C THR E 514 -0.81 -8.81 -55.29
N LYS E 515 -0.20 -9.58 -56.19
CA LYS E 515 -0.64 -9.56 -57.58
C LYS E 515 -2.02 -10.19 -57.72
N PHE E 516 -2.23 -11.32 -57.05
CA PHE E 516 -3.56 -11.94 -57.03
C PHE E 516 -4.52 -11.16 -56.12
N GLY E 517 -4.00 -10.46 -55.13
CA GLY E 517 -4.82 -9.64 -54.27
C GLY E 517 -5.69 -10.39 -53.28
N LEU E 518 -5.14 -11.41 -52.62
CA LEU E 518 -5.89 -12.20 -51.66
C LEU E 518 -4.98 -12.59 -50.50
N SER E 519 -5.60 -12.73 -49.32
CA SER E 519 -5.02 -13.12 -48.04
C SER E 519 -5.06 -14.64 -47.88
N PRO E 520 -3.99 -15.23 -47.36
CA PRO E 520 -3.90 -16.68 -47.23
C PRO E 520 -4.68 -17.18 -46.01
N SER E 521 -4.73 -18.50 -45.87
CA SER E 521 -5.39 -19.13 -44.74
C SER E 521 -4.45 -19.18 -43.55
N LYS E 522 -5.04 -19.24 -42.35
CA LYS E 522 -4.27 -19.17 -41.11
C LYS E 522 -4.40 -20.42 -40.26
N GLY E 523 -5.61 -20.89 -39.98
CA GLY E 523 -5.82 -21.87 -38.93
C GLY E 523 -5.74 -23.30 -39.43
N VAL E 524 -5.03 -24.13 -38.67
CA VAL E 524 -4.96 -25.58 -38.87
C VAL E 524 -5.39 -26.24 -37.57
N LEU E 525 -6.27 -27.24 -37.68
CA LEU E 525 -6.73 -27.99 -36.52
C LEU E 525 -6.42 -29.47 -36.71
N PHE E 526 -5.80 -30.07 -35.70
CA PHE E 526 -5.51 -31.49 -35.68
C PHE E 526 -6.40 -32.17 -34.64
N TYR E 527 -6.76 -33.42 -34.94
CA TYR E 527 -7.54 -34.21 -34.00
C TYR E 527 -7.26 -35.68 -34.24
N GLY E 528 -7.49 -36.48 -33.19
CA GLY E 528 -7.24 -37.90 -33.26
C GLY E 528 -6.79 -38.45 -31.92
N PRO E 529 -6.11 -39.59 -31.94
CA PRO E 529 -5.68 -40.22 -30.69
C PRO E 529 -4.47 -39.50 -30.12
N PRO E 530 -4.25 -39.59 -28.81
CA PRO E 530 -3.05 -39.00 -28.22
C PRO E 530 -1.82 -39.84 -28.52
N GLY E 531 -0.67 -39.17 -28.47
CA GLY E 531 0.58 -39.84 -28.81
C GLY E 531 0.72 -40.12 -30.29
N THR E 532 0.30 -39.19 -31.14
CA THR E 532 0.30 -39.40 -32.58
C THR E 532 1.36 -38.57 -33.29
N GLY E 533 1.70 -37.39 -32.77
CA GLY E 533 2.75 -36.58 -33.32
C GLY E 533 2.26 -35.23 -33.80
N LYS E 534 1.24 -34.68 -33.14
CA LYS E 534 0.73 -33.38 -33.53
C LYS E 534 1.68 -32.27 -33.12
N THR E 535 2.23 -32.34 -31.90
CA THR E 535 3.19 -31.34 -31.47
C THR E 535 4.48 -31.44 -32.25
N LEU E 536 4.90 -32.68 -32.56
CA LEU E 536 6.10 -32.87 -33.38
C LEU E 536 5.87 -32.36 -34.79
N LEU E 537 4.65 -32.52 -35.31
CA LEU E 537 4.33 -32.00 -36.64
C LEU E 537 4.32 -30.49 -36.64
N ALA E 538 3.82 -29.89 -35.54
CA ALA E 538 3.83 -28.43 -35.42
C ALA E 538 5.26 -27.90 -35.34
N LYS E 539 6.12 -28.59 -34.60
CA LYS E 539 7.52 -28.16 -34.51
C LYS E 539 8.24 -28.35 -35.84
N ALA E 540 7.92 -29.42 -36.57
CA ALA E 540 8.56 -29.68 -37.85
C ALA E 540 8.07 -28.75 -38.95
N VAL E 541 6.85 -28.22 -38.82
CA VAL E 541 6.37 -27.24 -39.79
C VAL E 541 6.71 -25.82 -39.37
N ALA E 542 7.05 -25.60 -38.11
CA ALA E 542 7.49 -24.29 -37.64
C ALA E 542 8.97 -24.04 -37.86
N THR E 543 9.77 -25.10 -38.01
CA THR E 543 11.22 -24.98 -37.98
C THR E 543 11.81 -24.51 -39.30
N GLU E 544 11.08 -24.64 -40.41
CA GLU E 544 11.64 -24.25 -41.71
C GLU E 544 11.35 -22.80 -42.07
N VAL E 545 10.32 -22.20 -41.49
CA VAL E 545 10.02 -20.79 -41.70
C VAL E 545 10.88 -19.97 -40.74
N SER E 546 10.93 -18.66 -40.93
CA SER E 546 11.65 -17.78 -40.02
C SER E 546 10.78 -17.26 -38.90
N ALA E 547 9.76 -18.01 -38.49
CA ALA E 547 8.85 -17.60 -37.44
C ALA E 547 9.33 -18.14 -36.09
N ASN E 548 8.73 -17.62 -35.02
CA ASN E 548 9.00 -18.11 -33.68
C ASN E 548 8.09 -19.30 -33.39
N PHE E 549 8.05 -19.75 -32.13
CA PHE E 549 7.15 -20.84 -31.77
C PHE E 549 6.75 -20.68 -30.30
N ILE E 550 5.48 -20.38 -30.07
CA ILE E 550 4.91 -20.25 -28.73
C ILE E 550 3.88 -21.36 -28.58
N SER E 551 4.29 -22.44 -27.91
CA SER E 551 3.44 -23.60 -27.70
C SER E 551 2.94 -23.57 -26.26
N VAL E 552 1.66 -23.23 -26.09
CA VAL E 552 1.04 -23.16 -24.78
C VAL E 552 0.05 -24.30 -24.64
N LYS E 553 -0.26 -24.63 -23.39
CA LYS E 553 -1.11 -25.75 -23.07
C LYS E 553 -2.51 -25.26 -22.69
N GLY E 554 -3.43 -26.22 -22.60
CA GLY E 554 -4.82 -25.95 -22.30
C GLY E 554 -5.04 -25.43 -20.90
N PRO E 555 -4.85 -26.28 -19.90
CA PRO E 555 -5.16 -25.90 -18.53
C PRO E 555 -4.08 -25.08 -17.83
N GLU E 556 -3.09 -24.56 -18.56
CA GLU E 556 -2.03 -23.75 -17.97
C GLU E 556 -2.29 -22.26 -18.12
N LEU E 557 -3.55 -21.87 -18.31
CA LEU E 557 -3.93 -20.47 -18.44
C LEU E 557 -5.13 -20.08 -17.60
N LEU E 558 -5.96 -21.04 -17.16
CA LEU E 558 -7.12 -20.74 -16.35
C LEU E 558 -6.70 -20.40 -14.93
N SER E 559 -7.36 -19.40 -14.35
CA SER E 559 -7.08 -18.95 -13.00
C SER E 559 -8.39 -18.76 -12.25
N MET E 560 -8.29 -18.63 -10.93
CA MET E 560 -9.47 -18.46 -10.09
C MET E 560 -9.97 -17.02 -10.05
N TRP E 561 -9.21 -16.07 -10.58
CA TRP E 561 -9.63 -14.67 -10.55
C TRP E 561 -10.57 -14.41 -11.71
N TYR E 562 -11.00 -13.15 -11.84
CA TYR E 562 -11.95 -12.74 -12.86
C TYR E 562 -11.20 -11.97 -13.94
N GLY E 563 -11.02 -12.59 -15.10
CA GLY E 563 -10.37 -11.94 -16.23
C GLY E 563 -8.92 -12.31 -16.44
N GLU E 564 -8.34 -13.14 -15.57
CA GLU E 564 -6.90 -13.41 -15.66
C GLU E 564 -6.59 -14.31 -16.84
N SER E 565 -7.45 -15.29 -17.13
CA SER E 565 -7.21 -16.18 -18.27
C SER E 565 -7.33 -15.43 -19.59
N GLU E 566 -8.31 -14.51 -19.69
CA GLU E 566 -8.44 -13.73 -20.91
C GLU E 566 -7.31 -12.72 -21.05
N SER E 567 -6.82 -12.18 -19.93
CA SER E 567 -5.65 -11.32 -19.99
C SER E 567 -4.41 -12.09 -20.43
N ASN E 568 -4.28 -13.34 -19.99
CA ASN E 568 -3.14 -14.15 -20.44
C ASN E 568 -3.27 -14.49 -21.92
N ILE E 569 -4.49 -14.72 -22.39
CA ILE E 569 -4.71 -14.99 -23.81
C ILE E 569 -4.34 -13.77 -24.64
N ARG E 570 -4.75 -12.59 -24.19
CA ARG E 570 -4.41 -11.37 -24.90
C ARG E 570 -2.91 -11.10 -24.88
N ASP E 571 -2.23 -11.42 -23.77
CA ASP E 571 -0.78 -11.22 -23.75
C ASP E 571 -0.07 -12.21 -24.67
N ILE E 572 -0.55 -13.46 -24.72
CA ILE E 572 0.06 -14.45 -25.60
C ILE E 572 -0.11 -14.05 -27.06
N PHE E 573 -1.32 -13.62 -27.43
CA PHE E 573 -1.54 -13.21 -28.81
C PHE E 573 -0.82 -11.90 -29.15
N ASP E 574 -0.67 -11.01 -28.16
CA ASP E 574 0.07 -9.77 -28.42
C ASP E 574 1.56 -10.06 -28.63
N LYS E 575 2.12 -10.98 -27.84
CA LYS E 575 3.50 -11.37 -28.06
C LYS E 575 3.67 -12.16 -29.35
N ALA E 576 2.60 -12.82 -29.81
CA ALA E 576 2.64 -13.52 -31.08
C ALA E 576 2.66 -12.55 -32.26
N ARG E 577 1.75 -11.58 -32.25
CA ARG E 577 1.63 -10.63 -33.35
C ARG E 577 2.61 -9.47 -33.26
N ALA E 578 3.43 -9.42 -32.20
CA ALA E 578 4.47 -8.40 -32.11
C ALA E 578 5.74 -8.77 -32.84
N ALA E 579 5.83 -9.98 -33.39
CA ALA E 579 7.00 -10.42 -34.13
C ALA E 579 6.53 -11.26 -35.32
N ALA E 580 6.46 -10.65 -36.49
CA ALA E 580 5.97 -11.31 -37.68
C ALA E 580 7.14 -11.85 -38.50
N PRO E 581 7.03 -13.09 -39.01
CA PRO E 581 5.89 -13.99 -38.80
C PRO E 581 6.02 -14.79 -37.51
N THR E 582 4.93 -15.41 -37.05
CA THR E 582 4.96 -16.20 -35.83
C THR E 582 3.83 -17.21 -35.86
N VAL E 583 4.15 -18.48 -35.69
CA VAL E 583 3.16 -19.55 -35.63
C VAL E 583 2.87 -19.86 -34.16
N VAL E 584 1.58 -19.92 -33.82
CA VAL E 584 1.11 -20.18 -32.46
C VAL E 584 0.53 -21.58 -32.39
N PHE E 585 0.89 -22.32 -31.35
CA PHE E 585 0.45 -23.71 -31.16
C PHE E 585 -0.45 -23.78 -29.93
N LEU E 586 -1.75 -23.69 -30.15
CA LEU E 586 -2.74 -23.82 -29.09
C LEU E 586 -3.07 -25.29 -28.89
N ASP E 587 -2.78 -25.81 -27.71
CA ASP E 587 -3.04 -27.19 -27.37
C ASP E 587 -4.27 -27.30 -26.47
N GLU E 588 -4.91 -28.47 -26.54
CA GLU E 588 -6.10 -28.79 -25.75
C GLU E 588 -7.23 -27.77 -25.99
N LEU E 589 -7.68 -27.73 -27.25
CA LEU E 589 -8.82 -26.88 -27.58
C LEU E 589 -10.10 -27.39 -26.94
N ASP E 590 -10.17 -28.71 -26.68
CA ASP E 590 -11.31 -29.27 -25.96
C ASP E 590 -11.34 -28.81 -24.51
N SER E 591 -10.19 -28.47 -23.94
CA SER E 591 -10.15 -27.91 -22.60
C SER E 591 -10.38 -26.40 -22.57
N ILE E 592 -10.07 -25.72 -23.68
CA ILE E 592 -10.28 -24.27 -23.75
C ILE E 592 -11.71 -23.94 -24.15
N ALA E 593 -12.18 -24.51 -25.26
CA ALA E 593 -13.46 -24.09 -25.82
C ALA E 593 -14.63 -24.72 -25.06
N LYS E 594 -14.62 -26.05 -24.93
CA LYS E 594 -15.63 -26.82 -24.18
C LYS E 594 -17.02 -26.72 -24.78
N ALA E 595 -17.16 -26.11 -25.96
CA ALA E 595 -18.46 -25.93 -26.62
C ALA E 595 -19.44 -25.20 -25.70
N ARG E 596 -19.09 -23.94 -25.45
CA ARG E 596 -19.55 -23.18 -24.28
C ARG E 596 -20.98 -23.46 -23.86
N GLY E 597 -21.93 -23.35 -24.81
CA GLY E 597 -23.34 -23.58 -24.55
C GLY E 597 -23.85 -22.94 -23.28
N GLY E 598 -24.47 -23.73 -22.40
CA GLY E 598 -24.99 -23.21 -21.16
C GLY E 598 -24.67 -24.09 -19.97
N SER E 599 -24.01 -23.52 -18.96
CA SER E 599 -23.64 -24.25 -17.76
C SER E 599 -24.23 -23.69 -16.47
N LEU E 600 -24.70 -22.43 -16.49
CA LEU E 600 -25.31 -21.78 -15.33
C LEU E 600 -24.42 -21.88 -14.10
N GLY E 601 -23.18 -21.41 -14.26
CA GLY E 601 -22.23 -21.41 -13.16
C GLY E 601 -21.11 -20.43 -13.42
N ASP E 602 -20.38 -20.11 -12.35
CA ASP E 602 -19.22 -19.25 -12.47
C ASP E 602 -18.20 -19.84 -13.44
N ALA E 603 -17.92 -21.13 -13.31
CA ALA E 603 -17.01 -21.80 -14.23
C ALA E 603 -17.50 -21.67 -15.67
N GLY E 604 -18.81 -21.90 -15.89
CA GLY E 604 -19.36 -21.75 -17.22
C GLY E 604 -19.24 -20.34 -17.77
N GLY E 605 -19.46 -19.34 -16.92
CA GLY E 605 -19.27 -17.96 -17.37
C GLY E 605 -17.82 -17.63 -17.69
N ALA E 606 -16.89 -18.17 -16.90
CA ALA E 606 -15.48 -17.99 -17.23
C ALA E 606 -15.12 -18.67 -18.55
N SER E 607 -15.72 -19.83 -18.82
CA SER E 607 -15.51 -20.50 -20.09
C SER E 607 -16.09 -19.70 -21.24
N ASP E 608 -17.27 -19.10 -21.04
CA ASP E 608 -17.86 -18.24 -22.05
C ASP E 608 -16.97 -17.04 -22.32
N ARG E 609 -16.40 -16.45 -21.27
CA ARG E 609 -15.53 -15.29 -21.47
C ARG E 609 -14.24 -15.68 -22.16
N VAL E 610 -13.70 -16.86 -21.85
CA VAL E 610 -12.51 -17.35 -22.54
C VAL E 610 -12.80 -17.59 -24.01
N VAL E 611 -13.95 -18.19 -24.32
CA VAL E 611 -14.28 -18.49 -25.70
C VAL E 611 -14.51 -17.19 -26.48
N ASN E 612 -15.18 -16.22 -25.87
CA ASN E 612 -15.40 -14.94 -26.56
C ASN E 612 -14.11 -14.16 -26.72
N GLN E 613 -13.21 -14.25 -25.74
CA GLN E 613 -11.92 -13.58 -25.86
C GLN E 613 -11.09 -14.19 -26.97
N LEU E 614 -11.12 -15.52 -27.09
CA LEU E 614 -10.38 -16.17 -28.17
C LEU E 614 -10.99 -15.86 -29.53
N LEU E 615 -12.32 -15.82 -29.60
CA LEU E 615 -12.99 -15.52 -30.87
C LEU E 615 -12.78 -14.08 -31.30
N THR E 616 -12.71 -13.15 -30.36
CA THR E 616 -12.43 -11.76 -30.71
C THR E 616 -10.96 -11.53 -31.04
N GLU E 617 -10.06 -12.16 -30.30
CA GLU E 617 -8.64 -11.95 -30.53
C GLU E 617 -8.10 -12.66 -31.77
N MET E 618 -8.70 -13.79 -32.18
CA MET E 618 -8.17 -14.47 -33.34
C MET E 618 -8.60 -13.76 -34.62
N ASP E 619 -9.91 -13.51 -34.78
CA ASP E 619 -10.43 -12.80 -35.94
C ASP E 619 -11.54 -11.85 -35.47
N GLY E 620 -11.15 -10.62 -35.18
CA GLY E 620 -12.06 -9.57 -34.76
C GLY E 620 -11.70 -8.26 -35.44
N MET E 621 -11.49 -7.20 -34.65
CA MET E 621 -11.03 -5.93 -35.21
C MET E 621 -9.51 -5.84 -35.11
N ASN E 622 -8.86 -6.74 -35.83
CA ASN E 622 -7.40 -6.84 -35.87
C ASN E 622 -6.93 -6.69 -37.32
N ALA E 623 -5.61 -6.79 -37.52
CA ALA E 623 -5.03 -6.70 -38.85
C ALA E 623 -4.52 -8.03 -39.38
N LYS E 624 -4.46 -9.06 -38.54
CA LYS E 624 -3.96 -10.39 -38.89
C LYS E 624 -2.77 -10.32 -39.83
N LYS E 625 -1.70 -9.67 -39.35
CA LYS E 625 -0.50 -9.52 -40.17
C LYS E 625 0.12 -10.88 -40.47
N ASN E 626 0.59 -11.58 -39.44
CA ASN E 626 1.18 -12.91 -39.63
C ASN E 626 0.92 -13.71 -38.35
N VAL E 627 -0.17 -14.46 -38.34
CA VAL E 627 -0.53 -15.32 -37.22
C VAL E 627 -1.02 -16.65 -37.79
N PHE E 628 -0.37 -17.74 -37.39
CA PHE E 628 -0.69 -19.08 -37.86
C PHE E 628 -1.12 -19.91 -36.66
N VAL E 629 -2.41 -19.90 -36.36
CA VAL E 629 -2.94 -20.69 -35.25
C VAL E 629 -3.08 -22.15 -35.68
N ILE E 630 -2.48 -23.05 -34.90
CA ILE E 630 -2.57 -24.49 -35.14
C ILE E 630 -3.10 -25.14 -33.88
N GLY E 631 -4.25 -25.79 -33.99
CA GLY E 631 -4.85 -26.47 -32.86
C GLY E 631 -4.56 -27.96 -32.85
N ALA E 632 -4.64 -28.54 -31.65
CA ALA E 632 -4.38 -29.96 -31.46
C ALA E 632 -5.16 -30.43 -30.25
N THR E 633 -6.22 -31.20 -30.50
CA THR E 633 -7.07 -31.76 -29.45
C THR E 633 -7.28 -33.24 -29.71
N ASN E 634 -7.95 -33.89 -28.77
CA ASN E 634 -8.31 -35.31 -28.90
C ASN E 634 -9.81 -35.52 -28.75
N ARG E 635 -10.60 -34.44 -28.82
CA ARG E 635 -12.05 -34.54 -28.71
C ARG E 635 -12.65 -33.37 -29.47
N PRO E 636 -12.83 -33.51 -30.80
CA PRO E 636 -13.35 -32.40 -31.59
C PRO E 636 -14.86 -32.22 -31.50
N ASP E 637 -15.57 -33.12 -30.84
CA ASP E 637 -17.01 -32.98 -30.70
C ASP E 637 -17.38 -31.95 -29.63
N GLN E 638 -16.47 -31.65 -28.71
CA GLN E 638 -16.69 -30.68 -27.65
C GLN E 638 -16.14 -29.30 -28.00
N ILE E 639 -16.11 -28.96 -29.29
CA ILE E 639 -15.66 -27.65 -29.76
C ILE E 639 -16.88 -26.89 -30.27
N ASP E 640 -16.97 -25.62 -29.90
CA ASP E 640 -18.08 -24.79 -30.36
C ASP E 640 -17.96 -24.51 -31.85
N PRO E 641 -19.10 -24.34 -32.55
CA PRO E 641 -19.10 -24.03 -33.98
C PRO E 641 -18.89 -22.55 -34.30
N ALA E 642 -17.87 -21.97 -33.66
CA ALA E 642 -17.50 -20.59 -33.99
C ALA E 642 -16.00 -20.46 -34.22
N ILE E 643 -15.22 -21.32 -33.57
CA ILE E 643 -13.80 -21.40 -33.88
C ILE E 643 -13.57 -22.30 -35.09
N LEU E 644 -14.44 -23.28 -35.31
CA LEU E 644 -14.41 -24.11 -36.50
C LEU E 644 -14.97 -23.42 -37.73
N ARG E 645 -15.42 -22.18 -37.59
CA ARG E 645 -15.84 -21.40 -38.76
C ARG E 645 -14.66 -21.19 -39.70
N PRO E 646 -14.88 -21.19 -41.02
CA PRO E 646 -13.80 -20.89 -41.95
C PRO E 646 -13.28 -19.48 -41.74
N GLY E 647 -11.97 -19.32 -41.90
CA GLY E 647 -11.29 -18.10 -41.54
C GLY E 647 -10.58 -18.18 -40.20
N ARG E 648 -10.95 -19.12 -39.34
CA ARG E 648 -10.32 -19.31 -38.04
C ARG E 648 -9.59 -20.64 -37.96
N LEU E 649 -10.29 -21.75 -38.17
CA LEU E 649 -9.71 -23.09 -38.10
C LEU E 649 -10.25 -23.96 -39.23
N ASP E 650 -10.19 -23.44 -40.45
CA ASP E 650 -10.92 -24.06 -41.55
C ASP E 650 -10.35 -25.42 -41.93
N GLN E 651 -9.04 -25.62 -41.78
CA GLN E 651 -8.41 -26.89 -42.15
C GLN E 651 -8.71 -27.92 -41.06
N LEU E 652 -9.64 -28.83 -41.35
CA LEU E 652 -10.00 -29.91 -40.44
C LEU E 652 -9.23 -31.18 -40.80
N ILE E 653 -7.93 -31.14 -40.54
CA ILE E 653 -7.03 -32.23 -40.92
C ILE E 653 -7.07 -33.30 -39.85
N TYR E 654 -7.38 -34.52 -40.25
CA TYR E 654 -7.41 -35.67 -39.35
C TYR E 654 -6.06 -36.39 -39.39
N VAL E 655 -5.53 -36.69 -38.21
CA VAL E 655 -4.25 -37.39 -38.10
C VAL E 655 -4.52 -38.83 -37.64
N PRO E 656 -4.45 -39.80 -38.54
CA PRO E 656 -4.82 -41.18 -38.20
C PRO E 656 -3.68 -41.91 -37.51
N LEU E 657 -3.99 -43.14 -37.09
CA LEU E 657 -3.08 -43.95 -36.29
C LEU E 657 -1.74 -44.15 -37.03
N PRO E 658 -0.67 -44.45 -36.30
CA PRO E 658 0.60 -44.76 -36.95
C PRO E 658 0.49 -46.03 -37.79
N ASP E 659 1.16 -46.04 -38.94
CA ASP E 659 1.13 -47.15 -39.87
C ASP E 659 2.52 -47.76 -39.97
N GLU E 660 2.58 -49.09 -39.92
CA GLU E 660 3.81 -49.86 -40.07
C GLU E 660 4.82 -49.25 -41.05
N ASN E 661 4.39 -49.02 -42.30
CA ASN E 661 5.29 -48.39 -43.27
C ASN E 661 5.74 -47.00 -42.83
N ALA E 662 4.92 -46.30 -42.05
CA ALA E 662 5.33 -45.04 -41.46
C ALA E 662 6.22 -45.25 -40.24
N ARG E 663 5.97 -46.31 -39.48
CA ARG E 663 6.82 -46.59 -38.32
C ARG E 663 8.23 -47.00 -38.75
N LEU E 664 8.37 -47.58 -39.95
CA LEU E 664 9.71 -47.82 -40.49
C LEU E 664 10.45 -46.51 -40.71
N SER E 665 9.77 -45.50 -41.25
CA SER E 665 10.40 -44.20 -41.45
C SER E 665 10.65 -43.49 -40.12
N ILE E 666 9.77 -43.71 -39.14
CA ILE E 666 9.99 -43.15 -37.81
C ILE E 666 11.22 -43.76 -37.17
N LEU E 667 11.39 -45.07 -37.26
CA LEU E 667 12.57 -45.73 -36.71
C LEU E 667 13.83 -45.38 -37.49
N ASN E 668 13.70 -45.04 -38.77
CA ASN E 668 14.87 -44.57 -39.52
C ASN E 668 15.20 -43.12 -39.20
N ALA E 669 14.19 -42.32 -38.83
CA ALA E 669 14.41 -40.92 -38.52
C ALA E 669 14.90 -40.72 -37.10
N GLN E 670 14.53 -41.62 -36.18
CA GLN E 670 15.01 -41.50 -34.81
C GLN E 670 16.45 -41.97 -34.69
N LEU E 671 16.83 -42.98 -35.47
CA LEU E 671 18.20 -43.48 -35.48
C LEU E 671 18.95 -42.85 -36.65
N ARG E 672 19.09 -41.53 -36.60
CA ARG E 672 19.79 -40.80 -37.65
C ARG E 672 21.30 -40.86 -37.44
N LYS E 673 21.78 -40.36 -36.30
CA LYS E 673 23.19 -40.40 -35.96
C LYS E 673 23.35 -41.38 -34.80
N THR E 674 23.42 -42.67 -35.15
CA THR E 674 23.59 -43.74 -34.21
C THR E 674 24.42 -44.83 -34.90
N PRO E 675 25.42 -45.39 -34.22
CA PRO E 675 26.14 -46.52 -34.82
C PRO E 675 25.24 -47.75 -34.85
N LEU E 676 24.89 -48.20 -36.04
CA LEU E 676 23.93 -49.27 -36.22
C LEU E 676 24.63 -50.57 -36.60
N GLU E 677 23.95 -51.68 -36.32
CA GLU E 677 24.38 -53.04 -36.64
C GLU E 677 23.73 -53.49 -37.94
N PRO E 678 24.49 -54.17 -38.82
CA PRO E 678 23.90 -54.71 -40.04
C PRO E 678 22.98 -55.90 -39.79
N GLY E 679 22.97 -56.46 -38.60
CA GLY E 679 22.16 -57.62 -38.29
C GLY E 679 20.79 -57.35 -37.73
N LEU E 680 20.47 -56.09 -37.45
CA LEU E 680 19.15 -55.73 -36.93
C LEU E 680 18.18 -55.49 -38.08
N GLU E 681 16.92 -55.86 -37.86
CA GLU E 681 15.87 -55.66 -38.85
C GLU E 681 14.79 -54.75 -38.25
N LEU E 682 14.70 -53.53 -38.78
CA LEU E 682 13.66 -52.61 -38.31
C LEU E 682 12.28 -53.00 -38.81
N THR E 683 12.20 -53.77 -39.90
CA THR E 683 10.91 -54.25 -40.37
C THR E 683 10.29 -55.24 -39.38
N ALA E 684 11.13 -56.10 -38.79
CA ALA E 684 10.64 -57.03 -37.79
C ALA E 684 10.23 -56.30 -36.51
N ILE E 685 10.83 -55.14 -36.24
CA ILE E 685 10.41 -54.35 -35.09
C ILE E 685 9.08 -53.66 -35.36
N ALA E 686 8.92 -53.12 -36.57
CA ALA E 686 7.69 -52.41 -36.89
C ALA E 686 6.52 -53.36 -37.13
N LYS E 687 6.80 -54.61 -37.48
CA LYS E 687 5.72 -55.56 -37.72
C LYS E 687 5.06 -56.02 -36.42
N ALA E 688 5.80 -56.00 -35.31
CA ALA E 688 5.30 -56.46 -34.03
C ALA E 688 4.75 -55.32 -33.16
N THR E 689 4.43 -54.18 -33.77
CA THR E 689 3.90 -53.06 -33.00
C THR E 689 2.40 -53.25 -32.75
N GLN E 690 1.61 -53.27 -33.82
CA GLN E 690 0.17 -53.50 -33.77
C GLN E 690 -0.52 -52.49 -32.86
N GLY E 691 -0.43 -51.22 -33.24
CA GLY E 691 -1.11 -50.15 -32.55
C GLY E 691 -0.28 -49.38 -31.55
N PHE E 692 1.03 -49.22 -31.79
CA PHE E 692 1.86 -48.44 -30.90
C PHE E 692 1.85 -46.97 -31.32
N SER E 693 2.51 -46.13 -30.52
CA SER E 693 2.55 -44.70 -30.74
C SER E 693 4.00 -44.24 -30.87
N GLY E 694 4.15 -42.97 -31.25
CA GLY E 694 5.49 -42.40 -31.35
C GLY E 694 6.18 -42.32 -30.00
N ALA E 695 5.42 -42.09 -28.94
CA ALA E 695 5.98 -42.10 -27.59
C ALA E 695 6.45 -43.49 -27.21
N ASP E 696 5.71 -44.53 -27.62
CA ASP E 696 6.15 -45.89 -27.33
C ASP E 696 7.41 -46.25 -28.11
N LEU E 697 7.52 -45.77 -29.35
CA LEU E 697 8.74 -46.03 -30.11
C LEU E 697 9.92 -45.27 -29.54
N LEU E 698 9.69 -44.04 -29.06
CA LEU E 698 10.76 -43.32 -28.38
C LEU E 698 11.15 -43.98 -27.06
N TYR E 699 10.19 -44.57 -26.35
CA TYR E 699 10.52 -45.31 -25.14
C TYR E 699 11.32 -46.57 -25.44
N ILE E 700 10.99 -47.24 -26.54
CA ILE E 700 11.74 -48.41 -26.96
C ILE E 700 13.17 -48.03 -27.34
N VAL E 701 13.33 -46.93 -28.08
CA VAL E 701 14.66 -46.46 -28.45
C VAL E 701 15.45 -46.04 -27.22
N GLN E 702 14.78 -45.43 -26.24
CA GLN E 702 15.47 -45.03 -25.02
C GLN E 702 15.87 -46.22 -24.17
N ARG E 703 15.04 -47.27 -24.14
CA ARG E 703 15.43 -48.49 -23.43
C ARG E 703 16.59 -49.19 -24.13
N ALA E 704 16.61 -49.16 -25.46
CA ALA E 704 17.73 -49.74 -26.18
C ALA E 704 19.01 -48.95 -25.94
N ALA E 705 18.91 -47.62 -25.88
CA ALA E 705 20.09 -46.81 -25.58
C ALA E 705 20.54 -46.99 -24.15
N LYS E 706 19.62 -47.21 -23.21
CA LYS E 706 20.00 -47.48 -21.83
C LYS E 706 20.72 -48.82 -21.71
N TYR E 707 20.22 -49.83 -22.43
CA TYR E 707 20.92 -51.12 -22.43
C TYR E 707 22.28 -51.01 -23.11
N ALA E 708 22.39 -50.17 -24.14
CA ALA E 708 23.68 -49.95 -24.79
C ALA E 708 24.67 -49.27 -23.87
N ILE E 709 24.23 -48.26 -23.11
CA ILE E 709 25.12 -47.60 -22.17
C ILE E 709 25.43 -48.48 -20.97
N LYS E 710 24.55 -49.43 -20.66
CA LYS E 710 24.85 -50.39 -19.61
C LYS E 710 25.89 -51.42 -20.07
N ASP E 711 25.79 -51.87 -21.32
CA ASP E 711 26.81 -52.77 -21.86
C ASP E 711 28.13 -52.07 -22.11
N SER E 712 28.10 -50.77 -22.41
CA SER E 712 29.34 -50.03 -22.62
C SER E 712 30.06 -49.73 -21.31
N ILE E 713 29.33 -49.25 -20.32
CA ILE E 713 29.92 -48.94 -19.03
C ILE E 713 30.17 -50.22 -18.23
N TYR E 752 28.62 -50.20 -31.57
CA TYR E 752 27.29 -49.99 -32.14
C TYR E 752 26.22 -50.59 -31.23
N ILE E 753 24.96 -50.34 -31.58
CA ILE E 753 23.85 -50.94 -30.86
C ILE E 753 23.69 -52.39 -31.30
N THR E 754 23.52 -53.28 -30.34
CA THR E 754 23.41 -54.71 -30.62
C THR E 754 21.93 -55.12 -30.72
N LYS E 755 21.72 -56.35 -31.19
CA LYS E 755 20.38 -56.83 -31.45
C LYS E 755 19.68 -57.34 -30.20
N GLU E 756 20.43 -57.84 -29.21
CA GLU E 756 19.80 -58.38 -28.01
C GLU E 756 19.18 -57.29 -27.14
N HIS E 757 19.67 -56.06 -27.23
CA HIS E 757 19.02 -54.96 -26.52
C HIS E 757 17.62 -54.72 -27.07
N PHE E 758 17.49 -54.70 -28.40
CA PHE E 758 16.17 -54.58 -29.00
C PHE E 758 15.34 -55.82 -28.73
N ALA E 759 15.97 -56.99 -28.68
CA ALA E 759 15.27 -58.26 -28.43
C ALA E 759 14.70 -58.32 -27.02
N GLU E 760 15.36 -57.68 -26.08
CA GLU E 760 14.88 -57.58 -24.71
C GLU E 760 13.96 -56.39 -24.49
N ALA E 761 13.92 -55.44 -25.44
CA ALA E 761 13.03 -54.29 -25.27
C ALA E 761 11.62 -54.41 -25.86
N MET E 762 11.30 -55.36 -26.76
CA MET E 762 9.90 -55.35 -27.21
C MET E 762 8.95 -55.90 -26.14
N LYS E 763 9.45 -56.67 -25.18
CA LYS E 763 8.54 -57.24 -24.17
C LYS E 763 8.04 -56.17 -23.20
N THR E 764 8.88 -55.22 -22.83
CA THR E 764 8.45 -54.22 -21.86
C THR E 764 7.81 -53.03 -22.57
N ALA E 765 6.82 -53.32 -23.42
CA ALA E 765 6.07 -52.28 -24.10
C ALA E 765 5.02 -51.66 -23.17
N LYS E 766 4.42 -50.57 -23.64
CA LYS E 766 3.44 -49.83 -22.89
C LYS E 766 2.06 -49.88 -23.53
N ARG E 767 1.95 -49.45 -24.79
CA ARG E 767 0.67 -49.32 -25.49
C ARG E 767 -0.30 -48.46 -24.67
N SER E 768 0.09 -47.20 -24.50
CA SER E 768 -0.65 -46.28 -23.64
C SER E 768 -2.01 -45.89 -24.22
N VAL E 769 -2.20 -46.02 -25.53
CA VAL E 769 -3.45 -45.64 -26.17
C VAL E 769 -4.41 -46.83 -26.09
N SER E 770 -5.63 -46.58 -25.65
CA SER E 770 -6.65 -47.61 -25.52
C SER E 770 -7.38 -47.77 -26.84
N ASP E 771 -8.49 -48.52 -26.82
CA ASP E 771 -9.22 -48.85 -28.02
C ASP E 771 -10.45 -47.97 -28.24
N ALA E 772 -11.10 -47.54 -27.16
CA ALA E 772 -12.33 -46.76 -27.29
C ALA E 772 -12.06 -45.35 -27.80
N GLU E 773 -10.91 -44.78 -27.45
CA GLU E 773 -10.57 -43.46 -27.97
C GLU E 773 -10.31 -43.50 -29.46
N LEU E 774 -9.78 -44.62 -29.98
CA LEU E 774 -9.64 -44.75 -31.43
C LEU E 774 -10.99 -44.82 -32.12
N ARG E 775 -11.96 -45.50 -31.50
CA ARG E 775 -13.30 -45.54 -32.05
C ARG E 775 -13.96 -44.16 -32.01
N ARG E 776 -13.72 -43.40 -30.94
CA ARG E 776 -14.28 -42.06 -30.85
C ARG E 776 -13.66 -41.13 -31.88
N TYR E 777 -12.34 -41.25 -32.09
CA TYR E 777 -11.68 -40.41 -33.09
C TYR E 777 -12.12 -40.80 -34.50
N GLU E 778 -12.33 -42.09 -34.75
CA GLU E 778 -12.81 -42.50 -36.07
C GLU E 778 -14.24 -42.05 -36.31
N ALA E 779 -15.07 -42.06 -35.27
CA ALA E 779 -16.43 -41.56 -35.42
C ALA E 779 -16.45 -40.05 -35.64
N TYR E 780 -15.56 -39.32 -34.96
CA TYR E 780 -15.46 -37.88 -35.17
C TYR E 780 -14.96 -37.56 -36.57
N SER E 781 -13.99 -38.35 -37.07
CA SER E 781 -13.49 -38.13 -38.42
C SER E 781 -14.56 -38.47 -39.46
N GLN E 782 -15.38 -39.49 -39.21
CA GLN E 782 -16.44 -39.81 -40.14
C GLN E 782 -17.54 -38.76 -40.11
N GLN E 783 -17.81 -38.17 -38.94
CA GLN E 783 -18.78 -37.08 -38.88
C GLN E 783 -18.27 -35.83 -39.56
N MET E 784 -16.97 -35.54 -39.44
CA MET E 784 -16.38 -34.40 -40.13
C MET E 784 -16.33 -34.63 -41.64
N LYS E 785 -16.19 -35.88 -42.08
CA LYS E 785 -16.23 -36.15 -43.51
C LYS E 785 -17.66 -36.08 -44.05
N ALA E 786 -18.63 -36.53 -43.27
CA ALA E 786 -20.02 -36.47 -43.70
C ALA E 786 -20.62 -35.08 -43.59
N SER E 787 -20.03 -34.20 -42.81
CA SER E 787 -20.44 -32.81 -42.76
C SER E 787 -20.09 -32.09 -44.06
N LYS F 221 45.51 -18.91 -12.38
CA LYS F 221 45.12 -18.26 -13.63
C LYS F 221 45.04 -16.75 -13.47
N GLN F 222 44.47 -16.31 -12.35
CA GLN F 222 44.39 -14.88 -12.06
C GLN F 222 45.77 -14.28 -11.82
N MET F 223 46.68 -15.04 -11.21
CA MET F 223 48.03 -14.52 -11.00
C MET F 223 48.78 -14.40 -12.33
N ALA F 224 48.60 -15.37 -13.22
CA ALA F 224 49.22 -15.27 -14.55
C ALA F 224 48.62 -14.12 -15.34
N GLN F 225 47.32 -13.90 -15.20
CA GLN F 225 46.67 -12.80 -15.91
C GLN F 225 47.17 -11.46 -15.42
N ILE F 226 47.30 -11.29 -14.09
CA ILE F 226 47.76 -10.01 -13.57
C ILE F 226 49.24 -9.83 -13.83
N ARG F 227 50.00 -10.93 -13.93
CA ARG F 227 51.41 -10.81 -14.25
C ARG F 227 51.60 -10.39 -15.70
N GLU F 228 50.78 -10.94 -16.60
CA GLU F 228 50.81 -10.49 -17.99
C GLU F 228 50.39 -9.03 -18.09
N MET F 229 49.32 -8.65 -17.39
CA MET F 229 48.79 -7.28 -17.46
C MET F 229 49.71 -6.27 -16.80
N VAL F 230 50.65 -6.71 -15.96
CA VAL F 230 51.61 -5.79 -15.35
C VAL F 230 52.99 -5.88 -15.99
N GLU F 231 53.26 -6.91 -16.78
CA GLU F 231 54.53 -7.06 -17.48
C GLU F 231 54.49 -6.55 -18.91
N LEU F 232 53.50 -6.97 -19.70
CA LEU F 232 53.47 -6.69 -21.13
C LEU F 232 53.21 -5.21 -21.43
N PRO F 233 52.35 -4.54 -20.65
CA PRO F 233 52.23 -3.08 -20.83
C PRO F 233 53.27 -2.27 -20.08
N LEU F 234 54.23 -2.92 -19.42
CA LEU F 234 55.28 -2.21 -18.68
C LEU F 234 56.68 -2.48 -19.18
N ARG F 235 56.90 -3.60 -19.88
CA ARG F 235 58.21 -3.96 -20.41
C ARG F 235 58.34 -3.82 -21.92
N HIS F 236 57.25 -4.03 -22.66
CA HIS F 236 57.26 -3.91 -24.12
C HIS F 236 56.25 -2.85 -24.56
N PRO F 237 56.47 -1.59 -24.19
CA PRO F 237 55.59 -0.52 -24.68
C PRO F 237 55.61 -0.38 -26.18
N GLN F 238 56.77 -0.59 -26.81
CA GLN F 238 56.86 -0.47 -28.26
C GLN F 238 55.95 -1.48 -28.96
N LEU F 239 55.92 -2.72 -28.48
CA LEU F 239 55.06 -3.74 -29.07
C LEU F 239 53.59 -3.36 -28.92
N PHE F 240 53.21 -2.86 -27.74
CA PHE F 240 51.82 -2.45 -27.54
C PHE F 240 51.45 -1.30 -28.45
N LYS F 241 52.37 -0.34 -28.62
CA LYS F 241 52.11 0.78 -29.52
C LYS F 241 51.96 0.29 -30.95
N ALA F 242 52.81 -0.66 -31.36
CA ALA F 242 52.70 -1.21 -32.71
C ALA F 242 51.37 -1.91 -32.91
N ILE F 243 50.88 -2.59 -31.86
CA ILE F 243 49.59 -3.28 -31.93
C ILE F 243 48.44 -2.35 -31.56
N GLY F 244 48.73 -1.10 -31.24
CA GLY F 244 47.72 -0.14 -30.82
C GLY F 244 46.91 -0.58 -29.62
N ILE F 245 47.56 -1.19 -28.64
CA ILE F 245 46.88 -1.69 -27.44
C ILE F 245 47.25 -0.78 -26.28
N LYS F 246 46.27 -0.03 -25.78
CA LYS F 246 46.53 0.84 -24.63
C LYS F 246 45.46 0.56 -23.57
N PRO F 247 44.62 -0.45 -23.78
CA PRO F 247 43.54 -0.72 -22.84
C PRO F 247 44.07 -1.12 -21.48
N PRO F 248 45.28 -1.69 -21.41
CA PRO F 248 45.81 -2.17 -20.13
C PRO F 248 46.36 -1.06 -19.24
N ARG F 249 45.47 -0.16 -18.82
CA ARG F 249 45.84 0.94 -17.94
C ARG F 249 44.97 1.00 -16.69
N GLY F 250 44.03 0.08 -16.54
CA GLY F 250 43.13 0.04 -15.40
C GLY F 250 42.81 -1.36 -14.95
N VAL F 251 43.16 -1.72 -13.72
CA VAL F 251 42.90 -3.05 -13.20
C VAL F 251 42.19 -2.90 -11.85
N LEU F 252 41.10 -3.65 -11.68
CA LEU F 252 40.32 -3.65 -10.45
C LEU F 252 40.52 -4.96 -9.70
N MET F 253 40.47 -4.88 -8.37
CA MET F 253 40.67 -6.03 -7.51
C MET F 253 39.51 -6.09 -6.51
N TYR F 254 38.60 -7.02 -6.72
CA TYR F 254 37.48 -7.21 -5.81
C TYR F 254 37.49 -8.61 -5.19
N GLY F 260 43.80 -12.02 -0.90
CA GLY F 260 45.19 -11.81 -1.23
C GLY F 260 45.41 -10.71 -2.24
N LYS F 261 44.51 -9.72 -2.25
CA LYS F 261 44.67 -8.59 -3.15
C LYS F 261 45.83 -7.69 -2.72
N THR F 262 45.94 -7.41 -1.42
CA THR F 262 47.08 -6.65 -0.94
C THR F 262 48.38 -7.43 -1.09
N LEU F 263 48.33 -8.76 -0.98
CA LEU F 263 49.52 -9.56 -1.20
C LEU F 263 49.94 -9.52 -2.66
N MET F 264 48.97 -9.56 -3.58
CA MET F 264 49.30 -9.45 -5.00
C MET F 264 49.84 -8.06 -5.33
N ALA F 265 49.29 -7.03 -4.68
CA ALA F 265 49.80 -5.67 -4.89
C ALA F 265 51.23 -5.53 -4.38
N ARG F 266 51.53 -6.14 -3.23
CA ARG F 266 52.89 -6.09 -2.70
C ARG F 266 53.85 -6.90 -3.57
N ALA F 267 53.38 -8.02 -4.13
CA ALA F 267 54.24 -8.80 -5.01
C ALA F 267 54.52 -8.06 -6.32
N VAL F 268 53.52 -7.34 -6.84
CA VAL F 268 53.74 -6.51 -8.03
C VAL F 268 54.71 -5.38 -7.72
N ALA F 269 54.55 -4.74 -6.55
CA ALA F 269 55.43 -3.62 -6.20
C ALA F 269 56.84 -4.09 -5.89
N ASN F 270 57.03 -5.35 -5.48
CA ASN F 270 58.35 -5.88 -5.17
C ASN F 270 58.91 -6.75 -6.28
N GLU F 271 58.21 -6.90 -7.40
CA GLU F 271 58.76 -7.60 -8.56
C GLU F 271 59.28 -6.67 -9.64
N THR F 272 59.06 -5.37 -9.51
CA THR F 272 59.48 -4.39 -10.51
C THR F 272 60.23 -3.27 -9.81
N GLY F 273 61.30 -2.79 -10.44
CA GLY F 273 61.99 -1.62 -9.94
C GLY F 273 61.37 -0.30 -10.33
N ALA F 274 60.17 -0.32 -10.89
CA ALA F 274 59.48 0.91 -11.29
C ALA F 274 58.95 1.64 -10.05
N PHE F 275 58.45 2.84 -10.28
CA PHE F 275 57.95 3.68 -9.20
C PHE F 275 56.57 3.18 -8.74
N PHE F 276 56.28 3.38 -7.46
CA PHE F 276 55.06 2.86 -6.83
C PHE F 276 54.54 3.90 -5.86
N PHE F 277 53.62 4.74 -6.33
CA PHE F 277 53.02 5.79 -5.52
C PHE F 277 51.66 5.28 -5.03
N LEU F 278 51.67 4.61 -3.88
CA LEU F 278 50.45 4.10 -3.29
C LEU F 278 49.65 5.23 -2.65
N ILE F 279 48.35 5.26 -2.96
CA ILE F 279 47.43 6.24 -2.38
C ILE F 279 46.19 5.46 -1.94
N ASN F 280 45.94 5.43 -0.63
CA ASN F 280 44.76 4.75 -0.11
C ASN F 280 43.53 5.63 -0.26
N GLY F 281 42.38 5.10 0.15
CA GLY F 281 41.11 5.74 -0.08
C GLY F 281 40.94 7.00 0.76
N PRO F 282 40.75 6.82 2.06
CA PRO F 282 40.49 7.97 2.94
C PRO F 282 41.72 8.74 3.36
N GLU F 283 42.88 8.49 2.76
CA GLU F 283 44.09 9.24 3.05
C GLU F 283 44.28 10.42 2.09
N VAL F 284 43.20 10.85 1.42
CA VAL F 284 43.30 11.92 0.43
C VAL F 284 42.75 13.25 0.93
N MET F 285 42.10 13.28 2.09
CA MET F 285 41.52 14.51 2.59
C MET F 285 42.54 15.31 3.37
N SER F 286 42.41 16.64 3.30
CA SER F 286 43.29 17.56 4.01
C SER F 286 42.47 18.75 4.49
N LYS F 287 43.04 19.49 5.44
CA LYS F 287 42.36 20.65 5.99
C LYS F 287 42.05 21.68 4.91
N MET F 288 43.01 21.94 4.02
CA MET F 288 42.82 22.90 2.95
C MET F 288 41.68 22.46 2.04
N ALA F 289 40.83 23.42 1.66
CA ALA F 289 39.72 23.11 0.79
C ALA F 289 40.22 22.83 -0.62
N GLY F 290 39.83 21.69 -1.18
CA GLY F 290 40.23 21.30 -2.52
C GLY F 290 41.61 20.70 -2.63
N GLU F 291 42.34 20.58 -1.51
CA GLU F 291 43.67 19.98 -1.53
C GLU F 291 43.66 18.55 -2.05
N SER F 292 42.53 17.85 -1.97
CA SER F 292 42.48 16.49 -2.49
C SER F 292 42.70 16.46 -4.00
N GLU F 293 42.13 17.42 -4.72
CA GLU F 293 42.40 17.52 -6.15
C GLU F 293 43.86 17.87 -6.42
N SER F 294 44.44 18.74 -5.58
CA SER F 294 45.85 19.07 -5.72
C SER F 294 46.74 17.87 -5.41
N ASN F 295 46.33 17.05 -4.44
CA ASN F 295 47.11 15.85 -4.13
C ASN F 295 47.02 14.84 -5.26
N LEU F 296 45.83 14.69 -5.85
CA LEU F 296 45.66 13.78 -6.97
C LEU F 296 46.48 14.24 -8.17
N ARG F 297 46.45 15.54 -8.47
CA ARG F 297 47.26 16.06 -9.57
C ARG F 297 48.75 15.91 -9.30
N LYS F 298 49.16 16.09 -8.04
CA LYS F 298 50.57 15.93 -7.69
C LYS F 298 51.01 14.49 -7.89
N ALA F 299 50.18 13.53 -7.45
CA ALA F 299 50.54 12.12 -7.60
C ALA F 299 50.56 11.73 -9.08
N PHE F 300 49.60 12.20 -9.86
CA PHE F 300 49.55 11.84 -11.27
C PHE F 300 50.71 12.46 -12.04
N GLU F 301 51.08 13.70 -11.72
CA GLU F 301 52.20 14.32 -12.40
C GLU F 301 53.52 13.72 -11.96
N GLU F 302 53.61 13.23 -10.72
CA GLU F 302 54.83 12.54 -10.29
C GLU F 302 54.97 11.19 -10.99
N ALA F 303 53.85 10.48 -11.17
CA ALA F 303 53.90 9.19 -11.85
C ALA F 303 54.12 9.36 -13.34
N GLU F 304 53.72 10.49 -13.91
CA GLU F 304 54.01 10.71 -15.33
C GLU F 304 55.42 11.26 -15.52
N LYS F 305 55.95 11.96 -14.51
CA LYS F 305 57.25 12.59 -14.62
C LYS F 305 58.38 11.59 -14.42
N ASN F 306 58.23 10.68 -13.46
CA ASN F 306 59.37 9.85 -13.07
C ASN F 306 59.66 8.76 -14.10
N ALA F 307 58.72 7.85 -14.29
CA ALA F 307 58.94 6.68 -15.13
C ALA F 307 57.60 6.11 -15.55
N PRO F 308 57.57 5.26 -16.58
CA PRO F 308 56.39 4.40 -16.79
C PRO F 308 56.21 3.46 -15.61
N ALA F 309 55.14 3.65 -14.84
CA ALA F 309 55.02 3.03 -13.53
C ALA F 309 53.58 2.59 -13.32
N ILE F 310 53.25 2.26 -12.08
CA ILE F 310 51.94 1.73 -11.71
C ILE F 310 51.49 2.42 -10.43
N ILE F 311 50.21 2.78 -10.38
CA ILE F 311 49.60 3.42 -9.22
C ILE F 311 48.66 2.43 -8.57
N PHE F 312 48.77 2.32 -7.25
CA PHE F 312 47.91 1.46 -6.44
C PHE F 312 46.97 2.33 -5.62
N ILE F 313 45.67 2.22 -5.87
CA ILE F 313 44.64 2.95 -5.15
C ILE F 313 43.87 1.92 -4.33
N ASP F 314 44.24 1.77 -3.06
CA ASP F 314 43.60 0.82 -2.18
C ASP F 314 42.35 1.42 -1.55
N GLU F 315 41.33 0.59 -1.37
CA GLU F 315 40.06 0.98 -0.74
C GLU F 315 39.42 2.14 -1.50
N ILE F 316 39.03 1.84 -2.75
CA ILE F 316 38.40 2.84 -3.60
C ILE F 316 36.97 3.15 -3.17
N ASP F 317 36.41 2.36 -2.25
CA ASP F 317 35.04 2.61 -1.80
C ASP F 317 34.92 3.86 -0.95
N SER F 318 36.04 4.39 -0.45
CA SER F 318 36.00 5.65 0.28
C SER F 318 36.06 6.85 -0.66
N ILE F 319 36.83 6.74 -1.74
CA ILE F 319 36.93 7.85 -2.68
C ILE F 319 35.68 7.92 -3.56
N ALA F 320 35.20 6.76 -4.03
CA ALA F 320 34.03 6.70 -4.90
C ALA F 320 32.83 6.26 -4.08
N PRO F 321 31.96 7.18 -3.66
CA PRO F 321 30.85 6.79 -2.79
C PRO F 321 29.60 6.39 -3.59
N LYS F 322 29.81 6.06 -4.86
CA LYS F 322 28.80 5.64 -5.84
C LYS F 322 27.93 6.80 -6.31
N ARG F 323 28.13 8.01 -5.79
CA ARG F 323 27.68 9.25 -6.42
C ARG F 323 26.17 9.43 -6.37
N ASP F 324 25.44 8.40 -5.95
CA ASP F 324 23.99 8.48 -5.85
C ASP F 324 23.49 8.52 -4.42
N LYS F 325 24.13 7.78 -3.51
CA LYS F 325 23.72 7.79 -2.11
C LYS F 325 24.39 8.89 -1.31
N THR F 326 25.45 9.48 -1.84
CA THR F 326 26.15 10.57 -1.17
C THR F 326 25.38 11.89 -1.34
N ASN F 327 25.72 12.86 -0.49
CA ASN F 327 25.11 14.17 -0.55
C ASN F 327 26.11 15.31 -0.43
N GLY F 328 27.40 15.04 -0.25
CA GLY F 328 28.40 16.08 -0.15
C GLY F 328 28.76 16.67 -1.49
N GLU F 329 29.63 17.67 -1.45
CA GLU F 329 30.08 18.36 -2.64
C GLU F 329 31.58 18.27 -2.90
N VAL F 330 32.40 18.17 -1.85
CA VAL F 330 33.82 17.94 -2.08
C VAL F 330 34.12 16.50 -2.46
N GLU F 331 33.23 15.57 -2.11
CA GLU F 331 33.36 14.20 -2.59
C GLU F 331 33.06 14.13 -4.08
N ARG F 332 32.03 14.86 -4.53
CA ARG F 332 31.75 14.92 -5.97
C ARG F 332 32.89 15.60 -6.71
N ARG F 333 33.49 16.62 -6.09
CA ARG F 333 34.61 17.31 -6.75
C ARG F 333 35.83 16.41 -6.84
N VAL F 334 36.10 15.62 -5.81
CA VAL F 334 37.27 14.75 -5.87
C VAL F 334 37.00 13.55 -6.78
N VAL F 335 35.74 13.13 -6.92
CA VAL F 335 35.42 12.07 -7.87
C VAL F 335 35.56 12.59 -9.29
N SER F 336 35.12 13.83 -9.55
CA SER F 336 35.32 14.42 -10.87
C SER F 336 36.80 14.63 -11.17
N GLN F 337 37.59 14.96 -10.15
CA GLN F 337 39.03 15.11 -10.36
C GLN F 337 39.68 13.77 -10.68
N LEU F 338 39.29 12.71 -9.99
CA LEU F 338 39.82 11.38 -10.29
C LEU F 338 39.35 10.90 -11.67
N LEU F 339 38.16 11.29 -12.09
CA LEU F 339 37.66 10.94 -13.42
C LEU F 339 38.45 11.66 -14.50
N THR F 340 38.69 12.95 -14.32
CA THR F 340 39.42 13.73 -15.31
C THR F 340 40.92 13.49 -15.26
N LEU F 341 41.43 12.88 -14.20
CA LEU F 341 42.84 12.50 -14.14
C LEU F 341 43.08 11.09 -14.65
N MET F 342 42.12 10.18 -14.49
CA MET F 342 42.27 8.85 -15.07
C MET F 342 42.06 8.90 -16.59
N ASP F 343 41.22 9.81 -17.07
CA ASP F 343 40.96 9.93 -18.50
C ASP F 343 42.09 10.66 -19.21
N GLY F 344 42.82 11.53 -18.49
CA GLY F 344 43.85 12.34 -19.09
C GLY F 344 45.23 11.70 -19.11
N MET F 345 45.30 10.44 -19.52
CA MET F 345 46.57 9.72 -19.66
C MET F 345 46.80 9.42 -21.13
N LYS F 346 47.88 9.96 -21.69
CA LYS F 346 48.16 9.83 -23.10
C LYS F 346 49.05 8.60 -23.35
N ALA F 347 49.55 8.47 -24.58
CA ALA F 347 50.38 7.32 -24.93
C ALA F 347 51.77 7.42 -24.33
N ARG F 348 52.28 8.64 -24.15
CA ARG F 348 53.62 8.84 -23.60
C ARG F 348 53.65 8.73 -22.08
N SER F 349 52.49 8.56 -21.43
CA SER F 349 52.47 8.34 -19.99
C SER F 349 52.92 6.92 -19.65
N ASN F 350 52.31 5.92 -20.29
CA ASN F 350 52.70 4.52 -20.14
C ASN F 350 52.55 4.05 -18.69
N VAL F 351 51.61 4.65 -17.96
CA VAL F 351 51.32 4.27 -16.59
C VAL F 351 50.00 3.53 -16.54
N VAL F 352 49.91 2.56 -15.63
CA VAL F 352 48.68 1.84 -15.35
C VAL F 352 48.29 2.12 -13.91
N VAL F 353 47.04 1.79 -13.59
CA VAL F 353 46.51 1.98 -12.25
C VAL F 353 45.94 0.65 -11.76
N ILE F 354 46.15 0.37 -10.47
CA ILE F 354 45.59 -0.80 -9.81
C ILE F 354 44.76 -0.32 -8.63
N ALA F 355 43.61 -0.93 -8.43
CA ALA F 355 42.68 -0.51 -7.39
C ALA F 355 42.08 -1.73 -6.72
N ALA F 356 42.08 -1.72 -5.38
CA ALA F 356 41.53 -2.80 -4.59
C ALA F 356 40.25 -2.33 -3.90
N THR F 357 39.30 -3.25 -3.77
CA THR F 357 38.03 -2.95 -3.13
C THR F 357 37.55 -4.18 -2.37
N ASN F 358 36.63 -3.95 -1.44
CA ASN F 358 36.03 -5.03 -0.67
C ASN F 358 34.72 -5.49 -1.31
N ARG F 359 33.78 -4.57 -1.49
CA ARG F 359 32.51 -4.95 -2.10
C ARG F 359 32.50 -4.57 -3.58
N PRO F 360 31.99 -5.45 -4.43
CA PRO F 360 32.03 -5.17 -5.87
C PRO F 360 30.79 -4.43 -6.36
N ASN F 361 30.02 -3.86 -5.44
CA ASN F 361 28.76 -3.21 -5.78
C ASN F 361 28.75 -1.71 -5.49
N SER F 362 29.55 -1.23 -4.55
CA SER F 362 29.59 0.19 -4.21
C SER F 362 30.66 0.94 -4.99
N ILE F 363 30.62 0.82 -6.31
CA ILE F 363 31.55 1.50 -7.20
C ILE F 363 30.75 2.31 -8.22
N ASP F 364 31.25 3.49 -8.55
CA ASP F 364 30.63 4.32 -9.57
C ASP F 364 30.67 3.61 -10.92
N PRO F 365 29.55 3.57 -11.66
CA PRO F 365 29.63 3.15 -13.07
C PRO F 365 30.40 4.12 -13.94
N ALA F 366 30.49 5.40 -13.55
CA ALA F 366 31.37 6.33 -14.25
C ALA F 366 32.84 5.99 -14.06
N LEU F 367 33.18 5.34 -12.94
CA LEU F 367 34.53 4.81 -12.78
C LEU F 367 34.71 3.49 -13.51
N ARG F 368 33.64 2.72 -13.70
CA ARG F 368 33.68 1.49 -14.47
C ARG F 368 33.42 1.71 -15.95
N ARG F 369 33.42 2.97 -16.40
CA ARG F 369 33.17 3.27 -17.81
C ARG F 369 34.39 2.88 -18.65
N PHE F 370 34.17 2.84 -19.97
CA PHE F 370 35.24 2.50 -20.90
C PHE F 370 36.28 3.62 -20.94
N GLY F 371 37.50 3.31 -20.52
CA GLY F 371 38.56 4.30 -20.53
C GLY F 371 39.40 4.28 -19.27
N ARG F 372 38.79 3.91 -18.14
CA ARG F 372 39.47 3.90 -16.85
C ARG F 372 39.59 2.49 -16.27
N PHE F 373 38.48 1.78 -16.10
CA PHE F 373 38.48 0.47 -15.45
C PHE F 373 37.58 -0.47 -16.24
N ASP F 374 38.19 -1.42 -16.97
CA ASP F 374 37.43 -2.35 -17.78
C ASP F 374 37.88 -3.79 -17.52
N ARG F 375 39.13 -3.97 -17.10
CA ARG F 375 39.71 -5.29 -16.89
C ARG F 375 39.77 -5.53 -15.38
N GLU F 376 38.72 -6.14 -14.85
CA GLU F 376 38.65 -6.49 -13.44
C GLU F 376 38.94 -7.98 -13.24
N VAL F 377 39.53 -8.31 -12.09
CA VAL F 377 39.83 -9.69 -11.73
C VAL F 377 38.93 -10.09 -10.56
N ASP F 378 38.62 -11.38 -10.50
CA ASP F 378 37.72 -11.95 -9.50
C ASP F 378 38.54 -12.92 -8.65
N ILE F 379 39.18 -12.41 -7.60
CA ILE F 379 40.02 -13.22 -6.73
C ILE F 379 39.14 -13.95 -5.73
N GLY F 380 38.76 -15.18 -6.06
CA GLY F 380 37.79 -15.92 -5.26
C GLY F 380 38.44 -16.88 -4.28
N ASP F 383 45.52 -20.72 -0.84
CA ASP F 383 45.43 -22.15 -0.59
C ASP F 383 46.40 -22.58 0.51
N ALA F 384 46.64 -23.88 0.62
CA ALA F 384 47.51 -24.38 1.68
C ALA F 384 48.95 -23.96 1.45
N THR F 385 49.39 -23.93 0.18
CA THR F 385 50.76 -23.52 -0.11
C THR F 385 50.94 -22.04 0.18
N GLY F 386 49.99 -21.20 -0.25
CA GLY F 386 50.05 -19.79 0.08
C GLY F 386 49.89 -19.54 1.56
N ARG F 387 49.14 -20.38 2.27
CA ARG F 387 49.02 -20.23 3.72
C ARG F 387 50.33 -20.56 4.41
N LEU F 388 51.03 -21.61 3.96
CA LEU F 388 52.34 -21.90 4.49
C LEU F 388 53.35 -20.80 4.15
N GLU F 389 53.23 -20.20 2.96
CA GLU F 389 54.11 -19.10 2.60
C GLU F 389 53.86 -17.88 3.50
N VAL F 390 52.59 -17.58 3.77
CA VAL F 390 52.27 -16.45 4.64
C VAL F 390 52.73 -16.72 6.07
N LEU F 391 52.60 -17.97 6.52
CA LEU F 391 53.10 -18.33 7.85
C LEU F 391 54.61 -18.16 7.93
N ARG F 392 55.35 -18.67 6.94
CA ARG F 392 56.80 -18.51 6.95
C ARG F 392 57.23 -17.06 6.73
N ILE F 393 56.37 -16.23 6.16
CA ILE F 393 56.67 -14.80 6.05
C ILE F 393 56.48 -14.10 7.38
N HIS F 394 55.37 -14.40 8.06
CA HIS F 394 55.02 -13.69 9.29
C HIS F 394 55.87 -14.16 10.47
N THR F 395 55.88 -15.46 10.74
CA THR F 395 56.40 -15.99 12.00
C THR F 395 57.90 -16.20 11.98
N LYS F 396 58.58 -15.77 10.93
CA LYS F 396 60.03 -15.95 10.85
C LYS F 396 60.80 -14.85 11.59
N ASN F 397 60.11 -13.95 12.28
CA ASN F 397 60.75 -12.87 13.02
C ASN F 397 60.50 -13.01 14.52
N MET F 398 60.53 -14.25 15.01
CA MET F 398 60.32 -14.52 16.42
C MET F 398 61.10 -15.76 16.81
N LYS F 399 61.48 -15.83 18.09
CA LYS F 399 62.11 -17.04 18.61
C LYS F 399 61.06 -18.13 18.78
N LEU F 400 60.87 -18.97 17.76
CA LEU F 400 59.62 -19.71 17.62
C LEU F 400 59.64 -20.97 18.49
N ALA F 401 60.44 -21.95 18.09
CA ALA F 401 60.44 -23.28 18.70
C ALA F 401 61.59 -24.07 18.09
N ASP F 402 61.64 -25.36 18.41
CA ASP F 402 62.55 -26.28 17.75
C ASP F 402 61.86 -27.54 17.26
N ASP F 403 60.57 -27.70 17.52
CA ASP F 403 59.83 -28.92 17.21
C ASP F 403 58.48 -28.54 16.58
N VAL F 404 58.52 -27.68 15.59
CA VAL F 404 57.33 -27.17 14.92
C VAL F 404 57.34 -27.63 13.47
N ASP F 405 56.14 -27.95 12.96
CA ASP F 405 55.96 -28.31 11.55
C ASP F 405 54.84 -27.44 10.99
N LEU F 406 55.20 -26.41 10.23
CA LEU F 406 54.20 -25.48 9.72
C LEU F 406 53.38 -26.07 8.58
N GLU F 407 53.80 -27.22 8.02
CA GLU F 407 52.98 -27.89 7.02
C GLU F 407 51.66 -28.37 7.62
N ALA F 408 51.69 -28.87 8.87
CA ALA F 408 50.46 -29.29 9.51
C ALA F 408 49.56 -28.10 9.84
N LEU F 409 50.16 -26.97 10.20
CA LEU F 409 49.38 -25.77 10.46
C LEU F 409 48.79 -25.18 9.18
N ALA F 410 49.48 -25.36 8.05
CA ALA F 410 48.93 -24.92 6.78
C ALA F 410 47.86 -25.88 6.26
N ALA F 411 47.95 -27.16 6.65
CA ALA F 411 46.98 -28.14 6.18
C ALA F 411 45.69 -28.07 6.98
N GLU F 412 45.80 -28.05 8.32
CA GLU F 412 44.61 -28.07 9.16
C GLU F 412 43.87 -26.75 9.13
N THR F 413 44.54 -25.65 8.79
CA THR F 413 43.88 -24.37 8.60
C THR F 413 43.33 -24.29 7.18
N HIS F 414 42.02 -24.09 7.06
CA HIS F 414 41.33 -24.17 5.79
C HIS F 414 40.92 -22.79 5.26
N GLY F 415 40.15 -22.03 6.04
CA GLY F 415 39.54 -20.82 5.54
C GLY F 415 40.18 -19.52 5.96
N TYR F 416 41.36 -19.55 6.58
CA TYR F 416 41.99 -18.30 7.00
C TYR F 416 42.57 -17.58 5.79
N VAL F 417 42.67 -16.25 5.92
CA VAL F 417 43.27 -15.45 4.85
C VAL F 417 43.98 -14.24 5.43
N GLY F 418 45.29 -14.15 5.21
CA GLY F 418 46.01 -12.90 5.41
C GLY F 418 46.18 -12.52 6.86
N ALA F 419 45.08 -12.14 7.50
CA ALA F 419 45.09 -11.61 8.86
C ALA F 419 44.77 -12.67 9.91
N ASP F 420 44.02 -13.70 9.56
CA ASP F 420 43.65 -14.71 10.55
C ASP F 420 44.84 -15.55 10.97
N ILE F 421 45.83 -15.73 10.09
CA ILE F 421 47.05 -16.41 10.48
C ILE F 421 47.86 -15.53 11.44
N ALA F 422 47.85 -14.22 11.21
CA ALA F 422 48.49 -13.31 12.14
C ALA F 422 47.81 -13.32 13.51
N SER F 423 46.47 -13.36 13.52
CA SER F 423 45.77 -13.51 14.79
C SER F 423 46.04 -14.87 15.44
N LEU F 424 46.24 -15.90 14.64
CA LEU F 424 46.58 -17.21 15.19
C LEU F 424 47.94 -17.18 15.88
N CYS F 425 48.93 -16.56 15.22
CA CYS F 425 50.25 -16.43 15.83
C CYS F 425 50.21 -15.53 17.05
N SER F 426 49.40 -14.48 17.02
CA SER F 426 49.29 -13.59 18.17
C SER F 426 48.66 -14.31 19.36
N GLU F 427 47.62 -15.10 19.12
CA GLU F 427 47.02 -15.86 20.22
C GLU F 427 47.93 -16.98 20.70
N ALA F 428 48.75 -17.54 19.81
CA ALA F 428 49.76 -18.51 20.26
C ALA F 428 50.78 -17.85 21.16
N ALA F 429 51.22 -16.64 20.82
CA ALA F 429 52.14 -15.92 21.69
C ALA F 429 51.49 -15.55 23.01
N MET F 430 50.22 -15.16 22.98
CA MET F 430 49.53 -14.81 24.21
C MET F 430 49.36 -16.03 25.11
N GLN F 431 49.08 -17.19 24.53
CA GLN F 431 48.95 -18.40 25.34
C GLN F 431 50.30 -18.87 25.85
N GLN F 432 51.36 -18.65 25.09
CA GLN F 432 52.71 -18.97 25.58
C GLN F 432 53.08 -18.07 26.74
N ILE F 433 52.75 -16.77 26.65
CA ILE F 433 53.03 -15.85 27.74
C ILE F 433 52.19 -16.20 28.97
N ARG F 434 50.95 -16.62 28.75
CA ARG F 434 50.12 -17.10 29.87
C ARG F 434 50.68 -18.39 30.46
N GLU F 435 51.34 -19.22 29.65
CA GLU F 435 51.92 -20.45 30.15
C GLU F 435 53.14 -20.16 31.02
N LYS F 436 53.97 -19.21 30.62
CA LYS F 436 55.20 -18.90 31.34
C LYS F 436 55.06 -17.64 32.17
N MET F 437 53.94 -17.52 32.87
CA MET F 437 53.71 -16.45 33.83
C MET F 437 53.30 -16.95 35.19
N ASP F 438 52.46 -17.98 35.26
CA ASP F 438 51.97 -18.50 36.53
C ASP F 438 52.96 -19.44 37.20
N LEU F 439 54.11 -19.70 36.58
CA LEU F 439 55.12 -20.60 37.12
C LEU F 439 56.43 -19.91 37.45
N ILE F 440 56.76 -18.82 36.75
CA ILE F 440 58.07 -18.18 36.88
C ILE F 440 58.01 -16.86 37.62
N ASP F 441 56.82 -16.35 37.94
CA ASP F 441 56.63 -15.20 38.82
C ASP F 441 57.32 -13.96 38.23
N LEU F 442 56.70 -13.45 37.16
CA LEU F 442 57.24 -12.32 36.42
C LEU F 442 57.53 -11.11 37.31
N ASP F 443 56.89 -11.03 38.48
CA ASP F 443 57.09 -9.92 39.41
C ASP F 443 56.76 -8.58 38.75
N GLU F 444 55.46 -8.41 38.49
CA GLU F 444 54.97 -7.33 37.64
C GLU F 444 55.44 -5.94 38.07
N ASP F 445 55.96 -5.80 39.29
CA ASP F 445 56.55 -4.52 39.69
C ASP F 445 57.88 -4.29 38.98
N GLU F 446 58.71 -5.32 38.88
CA GLU F 446 59.96 -5.22 38.12
C GLU F 446 60.37 -6.62 37.69
N ILE F 447 60.40 -6.86 36.38
CA ILE F 447 60.68 -8.19 35.87
C ILE F 447 62.18 -8.46 35.92
N ASP F 448 62.56 -9.72 35.74
CA ASP F 448 63.96 -10.13 35.73
C ASP F 448 64.45 -10.18 34.28
N ALA F 449 65.65 -10.74 34.09
CA ALA F 449 66.22 -10.89 32.75
C ALA F 449 66.37 -12.35 32.33
N GLU F 450 66.14 -13.30 33.23
CA GLU F 450 66.21 -14.71 32.88
C GLU F 450 64.99 -15.19 32.12
N VAL F 451 63.86 -14.47 32.24
CA VAL F 451 62.63 -14.89 31.57
C VAL F 451 62.50 -14.32 30.16
N LEU F 452 63.42 -13.46 29.74
CA LEU F 452 63.33 -12.88 28.41
C LEU F 452 63.90 -13.81 27.35
N ASP F 453 65.09 -14.35 27.59
CA ASP F 453 65.73 -15.21 26.60
C ASP F 453 65.10 -16.59 26.55
N SER F 454 64.51 -17.05 27.66
CA SER F 454 63.87 -18.36 27.72
C SER F 454 62.39 -18.20 27.35
N LEU F 455 62.16 -18.06 26.04
CA LEU F 455 60.81 -17.88 25.51
C LEU F 455 60.69 -18.65 24.21
N GLY F 456 59.75 -19.58 24.15
CA GLY F 456 59.50 -20.34 22.94
C GLY F 456 58.04 -20.72 22.75
N VAL F 457 57.47 -20.37 21.60
CA VAL F 457 56.10 -20.76 21.28
C VAL F 457 56.15 -22.18 20.73
N THR F 458 55.76 -23.14 21.54
CA THR F 458 55.88 -24.55 21.17
C THR F 458 54.75 -24.93 20.22
N MET F 459 54.73 -26.21 19.83
CA MET F 459 53.70 -26.67 18.90
C MET F 459 52.32 -26.69 19.56
N ASP F 460 52.27 -27.02 20.85
CA ASP F 460 50.98 -27.11 21.53
C ASP F 460 50.33 -25.74 21.69
N ASN F 461 51.14 -24.69 21.83
CA ASN F 461 50.61 -23.33 21.90
C ASN F 461 49.89 -22.97 20.60
N PHE F 462 50.53 -23.22 19.45
CA PHE F 462 49.85 -23.03 18.17
C PHE F 462 48.67 -23.98 18.02
N ARG F 463 48.76 -25.15 18.64
CA ARG F 463 47.71 -26.16 18.51
C ARG F 463 46.41 -25.67 19.16
N PHE F 464 46.49 -25.30 20.43
CA PHE F 464 45.29 -24.80 21.09
C PHE F 464 45.01 -23.33 20.78
N ALA F 465 45.93 -22.62 20.09
CA ALA F 465 45.55 -21.35 19.49
C ALA F 465 44.68 -21.54 18.26
N LEU F 466 44.95 -22.60 17.49
CA LEU F 466 44.06 -22.96 16.38
C LEU F 466 42.76 -23.55 16.88
N GLY F 467 42.81 -24.35 17.96
CA GLY F 467 41.59 -24.93 18.51
C GLY F 467 40.70 -23.93 19.20
N ASN F 468 41.23 -22.78 19.59
CA ASN F 468 40.46 -21.73 20.25
C ASN F 468 40.30 -20.51 19.35
N SER F 469 40.08 -20.75 18.06
CA SER F 469 39.95 -19.68 17.08
C SER F 469 39.05 -20.17 15.95
N ASN F 470 38.79 -19.27 15.00
CA ASN F 470 37.86 -19.56 13.91
C ASN F 470 38.15 -18.67 12.70
N ASP F 493 20.18 -51.36 1.51
CA ASP F 493 21.55 -51.46 1.03
C ASP F 493 21.60 -51.47 -0.49
N GLU F 494 20.78 -52.32 -1.10
CA GLU F 494 20.74 -52.38 -2.56
C GLU F 494 20.09 -51.13 -3.15
N ILE F 495 19.21 -50.48 -2.40
CA ILE F 495 18.60 -49.25 -2.88
C ILE F 495 19.64 -48.14 -2.95
N LYS F 496 20.44 -47.99 -1.89
CA LYS F 496 21.48 -46.97 -1.90
C LYS F 496 22.60 -47.35 -2.86
N GLU F 497 22.79 -48.64 -3.11
CA GLU F 497 23.79 -49.08 -4.07
C GLU F 497 23.38 -48.70 -5.48
N GLU F 498 22.14 -48.98 -5.86
CA GLU F 498 21.65 -48.60 -7.18
C GLU F 498 21.61 -47.08 -7.32
N LEU F 499 21.22 -46.38 -6.26
CA LEU F 499 21.14 -44.92 -6.33
C LEU F 499 22.52 -44.31 -6.55
N LYS F 500 23.52 -44.79 -5.79
CA LYS F 500 24.88 -44.28 -5.94
C LYS F 500 25.44 -44.63 -7.30
N GLU F 501 25.25 -45.87 -7.77
CA GLU F 501 25.80 -46.24 -9.07
C GLU F 501 25.17 -45.42 -10.17
N THR F 502 23.84 -45.23 -10.13
CA THR F 502 23.16 -44.44 -11.15
C THR F 502 23.65 -43.00 -11.13
N VAL F 503 23.79 -42.41 -9.94
CA VAL F 503 24.24 -41.03 -9.84
C VAL F 503 25.65 -40.91 -10.41
N GLU F 504 26.52 -41.85 -10.05
CA GLU F 504 27.90 -41.81 -10.54
C GLU F 504 27.96 -41.92 -12.05
N TYR F 505 27.19 -42.85 -12.62
CA TYR F 505 27.20 -43.02 -14.07
C TYR F 505 26.71 -41.79 -14.80
N PRO F 506 25.63 -41.12 -14.38
CA PRO F 506 25.18 -39.93 -15.12
C PRO F 506 26.21 -38.82 -15.14
N VAL F 507 26.90 -38.61 -14.02
CA VAL F 507 27.87 -37.52 -13.91
C VAL F 507 29.26 -37.94 -14.37
N LEU F 508 29.41 -39.19 -14.82
CA LEU F 508 30.70 -39.71 -15.28
C LEU F 508 30.92 -39.24 -16.72
N HIS F 509 32.00 -39.73 -17.32
CA HIS F 509 32.35 -39.33 -18.68
C HIS F 509 31.18 -39.63 -19.62
N PRO F 510 30.86 -38.74 -20.55
CA PRO F 510 29.71 -38.94 -21.44
C PRO F 510 30.04 -39.60 -22.76
N ASP F 511 31.26 -40.09 -22.95
CA ASP F 511 31.63 -40.73 -24.20
C ASP F 511 30.75 -41.95 -24.47
N GLN F 512 30.51 -42.76 -23.44
CA GLN F 512 29.64 -43.92 -23.60
C GLN F 512 28.22 -43.49 -23.95
N TYR F 513 27.70 -42.46 -23.28
CA TYR F 513 26.36 -41.98 -23.60
C TYR F 513 26.31 -41.42 -25.01
N THR F 514 27.33 -40.67 -25.41
CA THR F 514 27.37 -40.09 -26.74
C THR F 514 27.40 -41.16 -27.82
N LYS F 515 28.18 -42.23 -27.60
CA LYS F 515 28.28 -43.30 -28.57
C LYS F 515 26.93 -43.98 -28.78
N PHE F 516 26.20 -44.25 -27.70
CA PHE F 516 24.89 -44.89 -27.81
C PHE F 516 23.90 -44.01 -28.57
N LYS F 522 17.39 -36.70 -16.54
CA LYS F 522 17.99 -36.62 -15.20
C LYS F 522 16.94 -36.30 -14.14
N GLY F 523 16.99 -37.01 -13.04
CA GLY F 523 16.06 -36.80 -11.95
C GLY F 523 15.79 -38.11 -11.22
N VAL F 524 14.89 -38.02 -10.24
CA VAL F 524 14.49 -39.16 -9.43
C VAL F 524 13.40 -38.73 -8.46
N LEU F 525 12.65 -39.70 -7.94
CA LEU F 525 11.57 -39.44 -7.00
C LEU F 525 11.49 -40.58 -6.00
N PHE F 526 11.31 -40.22 -4.73
CA PHE F 526 11.08 -41.20 -3.67
C PHE F 526 9.62 -41.16 -3.24
N TYR F 527 9.10 -42.33 -2.88
CA TYR F 527 7.76 -42.44 -2.33
C TYR F 527 7.66 -43.69 -1.46
N GLY F 528 6.87 -43.58 -0.40
CA GLY F 528 6.69 -44.67 0.52
C GLY F 528 6.01 -44.24 1.81
N PRO F 529 5.97 -45.15 2.79
CA PRO F 529 5.38 -44.86 4.10
C PRO F 529 6.27 -43.99 4.98
N THR F 532 11.02 -43.71 7.27
CA THR F 532 11.78 -44.77 6.61
C THR F 532 13.18 -44.31 6.26
N GLY F 533 13.34 -43.00 6.07
CA GLY F 533 14.66 -42.42 5.92
C GLY F 533 14.90 -41.77 4.58
N LYS F 534 13.84 -41.22 3.97
CA LYS F 534 13.96 -40.59 2.67
C LYS F 534 14.77 -39.29 2.77
N THR F 535 14.42 -38.44 3.73
CA THR F 535 15.25 -37.26 3.98
C THR F 535 16.60 -37.64 4.54
N LEU F 536 16.70 -38.77 5.24
CA LEU F 536 18.00 -39.28 5.66
C LEU F 536 18.84 -39.68 4.46
N LEU F 537 18.23 -40.31 3.45
CA LEU F 537 18.96 -40.66 2.24
C LEU F 537 19.36 -39.41 1.45
N ALA F 538 18.51 -38.37 1.46
CA ALA F 538 18.89 -37.13 0.80
C ALA F 538 20.04 -36.44 1.54
N LYS F 539 20.06 -36.54 2.87
CA LYS F 539 21.18 -36.01 3.63
C LYS F 539 22.45 -36.79 3.35
N ALA F 540 22.37 -38.11 3.26
CA ALA F 540 23.53 -38.92 2.95
C ALA F 540 24.04 -38.66 1.54
N VAL F 541 23.16 -38.33 0.60
CA VAL F 541 23.61 -37.86 -0.70
C VAL F 541 24.30 -36.50 -0.58
N ALA F 542 23.71 -35.59 0.20
CA ALA F 542 24.24 -34.24 0.36
C ALA F 542 25.59 -34.23 1.06
N THR F 543 25.90 -35.27 1.82
CA THR F 543 27.16 -35.34 2.56
C THR F 543 28.26 -36.07 1.78
N GLU F 544 27.95 -37.22 1.20
CA GLU F 544 28.96 -38.17 0.76
C GLU F 544 28.78 -38.52 -0.71
N VAL F 545 28.67 -37.48 -1.54
CA VAL F 545 28.61 -37.65 -2.99
C VAL F 545 29.73 -36.94 -3.72
N SER F 546 30.50 -36.08 -3.03
CA SER F 546 31.54 -35.26 -3.65
C SER F 546 30.97 -34.41 -4.79
N ALA F 547 29.89 -33.69 -4.49
CA ALA F 547 29.29 -32.74 -5.41
C ALA F 547 28.55 -31.68 -4.62
N ASN F 548 28.14 -30.63 -5.32
CA ASN F 548 27.43 -29.54 -4.67
C ASN F 548 25.99 -29.95 -4.35
N PHE F 549 25.32 -29.14 -3.55
CA PHE F 549 23.98 -29.50 -3.08
C PHE F 549 23.23 -28.23 -2.72
N ILE F 550 22.01 -28.10 -3.27
CA ILE F 550 21.12 -27.00 -2.93
C ILE F 550 19.72 -27.57 -2.74
N SER F 551 19.12 -27.31 -1.58
CA SER F 551 17.84 -27.90 -1.21
C SER F 551 16.86 -26.80 -0.81
N VAL F 552 15.61 -26.98 -1.22
CA VAL F 552 14.52 -26.10 -0.81
C VAL F 552 13.34 -26.95 -0.35
N LYS F 553 12.51 -26.36 0.49
CA LYS F 553 11.29 -27.00 0.94
C LYS F 553 10.22 -26.91 -0.14
N GLY F 554 9.03 -27.42 0.16
CA GLY F 554 7.96 -27.49 -0.80
C GLY F 554 7.39 -26.12 -1.11
N PRO F 555 6.67 -25.54 -0.16
CA PRO F 555 6.08 -24.21 -0.37
C PRO F 555 7.03 -23.08 0.00
N GLU F 556 8.32 -23.38 0.09
CA GLU F 556 9.30 -22.36 0.45
C GLU F 556 9.43 -21.28 -0.62
N LEU F 557 9.12 -21.62 -1.87
CA LEU F 557 9.36 -20.73 -3.01
C LEU F 557 8.08 -20.04 -3.46
N LEU F 558 7.21 -19.67 -2.53
CA LEU F 558 5.94 -19.01 -2.84
C LEU F 558 5.94 -17.62 -2.22
N SER F 559 6.20 -16.61 -3.03
CA SER F 559 6.22 -15.22 -2.60
C SER F 559 4.82 -14.61 -2.74
N MET F 560 4.42 -13.83 -1.74
CA MET F 560 3.11 -13.17 -1.80
C MET F 560 3.02 -12.25 -3.01
N TRP F 561 4.10 -11.53 -3.32
CA TRP F 561 4.11 -10.64 -4.48
C TRP F 561 3.96 -11.46 -5.75
N TYR F 562 3.07 -11.01 -6.64
CA TYR F 562 2.87 -11.71 -7.90
C TYR F 562 4.11 -11.57 -8.78
N GLY F 563 4.39 -12.60 -9.56
CA GLY F 563 5.57 -12.57 -10.40
C GLY F 563 6.80 -13.01 -9.65
N GLU F 564 6.98 -12.51 -8.42
CA GLU F 564 8.10 -12.89 -7.58
C GLU F 564 8.11 -14.40 -7.32
N SER F 565 6.93 -15.00 -7.15
CA SER F 565 6.84 -16.45 -6.95
C SER F 565 7.59 -17.21 -8.03
N GLU F 566 7.30 -16.90 -9.30
CA GLU F 566 7.99 -17.58 -10.40
C GLU F 566 9.45 -17.14 -10.50
N SER F 567 9.74 -15.88 -10.15
CA SER F 567 11.12 -15.40 -10.18
C SER F 567 11.99 -16.13 -9.18
N ASN F 568 11.40 -16.60 -8.08
CA ASN F 568 12.15 -17.38 -7.10
C ASN F 568 12.65 -18.68 -7.71
N ILE F 569 11.75 -19.40 -8.41
CA ILE F 569 12.17 -20.64 -9.06
C ILE F 569 13.12 -20.34 -10.21
N ARG F 570 12.93 -19.22 -10.90
CA ARG F 570 13.80 -18.86 -12.01
C ARG F 570 15.23 -18.62 -11.52
N ASP F 571 15.39 -17.86 -10.45
CA ASP F 571 16.74 -17.58 -9.96
C ASP F 571 17.28 -18.73 -9.11
N ILE F 572 16.43 -19.62 -8.63
CA ILE F 572 16.91 -20.86 -8.03
C ILE F 572 17.55 -21.74 -9.10
N PHE F 573 16.89 -21.87 -10.25
CA PHE F 573 17.50 -22.64 -11.33
C PHE F 573 18.68 -21.91 -11.96
N ASP F 574 18.73 -20.58 -11.87
CA ASP F 574 19.93 -19.86 -12.31
C ASP F 574 21.10 -20.13 -11.37
N LYS F 575 20.86 -20.14 -10.05
CA LYS F 575 21.90 -20.53 -9.11
C LYS F 575 22.31 -21.98 -9.27
N ALA F 576 21.37 -22.84 -9.67
CA ALA F 576 21.71 -24.24 -9.92
C ALA F 576 22.60 -24.38 -11.15
N ARG F 577 22.22 -23.75 -12.25
CA ARG F 577 22.99 -23.85 -13.48
C ARG F 577 24.31 -23.11 -13.40
N ALA F 578 24.43 -22.13 -12.49
CA ALA F 578 25.70 -21.44 -12.32
C ALA F 578 26.75 -22.33 -11.67
N ALA F 579 26.36 -23.07 -10.64
CA ALA F 579 27.28 -23.97 -9.93
C ALA F 579 27.11 -25.41 -10.41
N ALA F 580 27.40 -25.63 -11.69
CA ALA F 580 27.33 -26.98 -12.22
C ALA F 580 28.60 -27.75 -11.86
N PRO F 581 28.49 -29.01 -11.43
CA PRO F 581 27.27 -29.80 -11.22
C PRO F 581 26.66 -29.53 -9.86
N THR F 582 25.37 -29.84 -9.68
CA THR F 582 24.70 -29.61 -8.40
C THR F 582 23.56 -30.61 -8.25
N VAL F 583 22.98 -30.64 -7.06
CA VAL F 583 21.83 -31.49 -6.74
C VAL F 583 20.75 -30.61 -6.14
N VAL F 584 19.58 -30.60 -6.77
CA VAL F 584 18.44 -29.80 -6.32
C VAL F 584 17.47 -30.78 -5.66
N PHE F 585 17.53 -30.86 -4.33
CA PHE F 585 16.69 -31.76 -3.56
C PHE F 585 15.36 -31.06 -3.30
N LEU F 586 14.34 -31.42 -4.09
CA LEU F 586 12.99 -30.87 -3.94
C LEU F 586 12.24 -31.68 -2.89
N ASP F 587 12.17 -31.16 -1.67
CA ASP F 587 11.47 -31.83 -0.59
C ASP F 587 9.98 -31.54 -0.69
N GLU F 588 9.16 -32.57 -0.43
CA GLU F 588 7.71 -32.47 -0.46
C GLU F 588 7.22 -31.99 -1.83
N LEU F 589 7.42 -32.85 -2.82
CA LEU F 589 7.08 -32.51 -4.19
C LEU F 589 5.60 -32.26 -4.37
N ASP F 590 4.76 -32.96 -3.61
CA ASP F 590 3.30 -32.87 -3.68
C ASP F 590 2.80 -31.44 -3.91
N SER F 591 3.39 -30.47 -3.21
CA SER F 591 2.95 -29.09 -3.33
C SER F 591 3.27 -28.52 -4.71
N ILE F 592 4.55 -28.59 -5.11
CA ILE F 592 4.95 -28.02 -6.40
C ILE F 592 4.43 -28.87 -7.55
N ALA F 593 4.46 -30.20 -7.39
CA ALA F 593 3.98 -31.11 -8.43
C ALA F 593 2.47 -31.29 -8.26
N LYS F 594 1.72 -30.31 -8.76
CA LYS F 594 0.27 -30.31 -8.70
C LYS F 594 -0.30 -30.01 -10.07
N ALA F 595 -1.49 -30.55 -10.33
CA ALA F 595 -2.16 -30.33 -11.61
C ALA F 595 -2.39 -28.84 -11.84
N ARG F 596 -2.08 -28.38 -13.06
CA ARG F 596 -2.27 -26.98 -13.41
C ARG F 596 -3.74 -26.58 -13.27
N GLY F 597 -4.00 -25.60 -12.41
CA GLY F 597 -5.36 -25.14 -12.20
C GLY F 597 -6.29 -26.22 -11.66
N GLY F 598 -5.76 -27.18 -10.90
CA GLY F 598 -6.59 -28.24 -10.37
C GLY F 598 -7.65 -27.73 -9.41
N SER F 599 -7.26 -26.82 -8.51
CA SER F 599 -8.17 -26.27 -7.53
C SER F 599 -8.97 -25.11 -8.14
N LEU F 600 -10.29 -25.22 -8.08
CA LEU F 600 -11.13 -24.13 -8.59
C LEU F 600 -10.88 -22.83 -7.84
N GLY F 601 -10.77 -22.90 -6.51
CA GLY F 601 -10.47 -21.73 -5.71
C GLY F 601 -9.00 -21.63 -5.35
N ASP F 602 -8.32 -20.60 -5.87
CA ASP F 602 -6.91 -20.43 -5.63
C ASP F 602 -6.58 -18.95 -5.77
N ALA F 603 -5.31 -18.60 -5.48
CA ALA F 603 -4.84 -17.22 -5.61
C ALA F 603 -4.50 -16.95 -7.07
N GLY F 604 -5.54 -16.76 -7.87
CA GLY F 604 -5.39 -16.53 -9.29
C GLY F 604 -4.63 -17.64 -9.99
N GLY F 605 -4.96 -18.89 -9.68
CA GLY F 605 -4.33 -20.03 -10.32
C GLY F 605 -2.81 -20.01 -10.21
N ALA F 606 -2.30 -19.67 -9.02
CA ALA F 606 -0.86 -19.60 -8.81
C ALA F 606 -0.19 -20.95 -9.03
N SER F 607 -0.82 -22.02 -8.54
CA SER F 607 -0.27 -23.37 -8.69
C SER F 607 0.11 -23.64 -10.14
N ASP F 608 -0.78 -23.31 -11.08
CA ASP F 608 -0.51 -23.57 -12.49
C ASP F 608 0.73 -22.83 -12.96
N ARG F 609 0.92 -21.59 -12.50
CA ARG F 609 2.11 -20.83 -12.88
C ARG F 609 3.37 -21.42 -12.27
N VAL F 610 3.27 -21.92 -11.03
CA VAL F 610 4.43 -22.55 -10.40
C VAL F 610 4.81 -23.83 -11.14
N VAL F 611 3.82 -24.64 -11.50
CA VAL F 611 4.08 -25.89 -12.21
C VAL F 611 4.63 -25.60 -13.61
N ASN F 612 4.11 -24.55 -14.25
CA ASN F 612 4.59 -24.22 -15.59
C ASN F 612 6.01 -23.65 -15.55
N GLN F 613 6.33 -22.87 -14.52
CA GLN F 613 7.70 -22.39 -14.37
C GLN F 613 8.65 -23.55 -14.10
N LEU F 614 8.25 -24.49 -13.25
CA LEU F 614 9.11 -25.63 -12.95
C LEU F 614 9.30 -26.53 -14.17
N LEU F 615 8.23 -26.74 -14.93
CA LEU F 615 8.32 -27.59 -16.12
C LEU F 615 9.14 -26.94 -17.22
N THR F 616 8.96 -25.64 -17.42
CA THR F 616 9.69 -24.93 -18.48
C THR F 616 11.11 -24.56 -18.08
N GLU F 617 11.46 -24.69 -16.79
CA GLU F 617 12.82 -24.50 -16.35
C GLU F 617 13.52 -25.81 -16.00
N MET F 618 12.84 -26.94 -16.15
CA MET F 618 13.48 -28.25 -16.08
C MET F 618 13.63 -28.92 -17.43
N ASP F 619 12.68 -28.71 -18.35
CA ASP F 619 12.76 -29.32 -19.66
C ASP F 619 13.81 -28.65 -20.56
N GLY F 620 14.33 -27.50 -20.16
CA GLY F 620 15.34 -26.81 -20.92
C GLY F 620 16.75 -27.21 -20.53
N MET F 621 16.88 -28.35 -19.83
CA MET F 621 18.17 -28.84 -19.40
C MET F 621 18.69 -29.84 -20.43
N ASN F 622 19.79 -29.48 -21.09
CA ASN F 622 20.42 -30.34 -22.07
C ASN F 622 21.42 -31.26 -21.37
N ALA F 623 22.29 -31.90 -22.15
CA ALA F 623 23.38 -32.67 -21.58
C ALA F 623 24.39 -31.79 -20.86
N LYS F 624 24.48 -30.52 -21.23
CA LYS F 624 25.30 -29.57 -20.49
C LYS F 624 24.65 -29.24 -19.15
N LYS F 625 25.49 -28.81 -18.20
CA LYS F 625 25.10 -28.26 -16.90
C LYS F 625 24.57 -29.34 -15.97
N ASN F 626 24.36 -30.55 -16.49
CA ASN F 626 24.25 -31.80 -15.74
C ASN F 626 23.60 -31.65 -14.37
N VAL F 627 22.45 -30.97 -14.30
CA VAL F 627 21.74 -30.86 -13.04
C VAL F 627 20.98 -32.16 -12.75
N PHE F 628 20.56 -32.30 -11.51
CA PHE F 628 19.88 -33.51 -11.06
C PHE F 628 18.90 -33.15 -9.96
N VAL F 629 17.62 -33.39 -10.21
CA VAL F 629 16.55 -33.02 -9.30
C VAL F 629 16.16 -34.24 -8.47
N ILE F 630 16.16 -34.09 -7.15
CA ILE F 630 15.80 -35.17 -6.25
C ILE F 630 14.49 -34.79 -5.55
N GLY F 631 13.49 -35.66 -5.66
CA GLY F 631 12.22 -35.42 -5.03
C GLY F 631 11.90 -36.41 -3.93
N ALA F 632 11.05 -35.99 -2.99
CA ALA F 632 10.61 -36.86 -1.90
C ALA F 632 9.20 -36.45 -1.50
N THR F 633 8.38 -37.43 -1.15
CA THR F 633 6.99 -37.17 -0.81
C THR F 633 6.48 -38.28 0.10
N ASN F 634 5.36 -38.00 0.77
CA ASN F 634 4.62 -39.01 1.50
C ASN F 634 3.45 -39.57 0.70
N ARG F 635 2.67 -38.70 0.07
CA ARG F 635 1.56 -39.12 -0.78
C ARG F 635 1.98 -39.05 -2.24
N PRO F 636 2.18 -40.18 -2.92
CA PRO F 636 2.46 -40.13 -4.36
C PRO F 636 1.22 -40.02 -5.22
N ASP F 637 0.02 -39.98 -4.63
CA ASP F 637 -1.20 -39.90 -5.43
C ASP F 637 -1.40 -38.51 -6.00
N GLN F 638 -1.03 -37.49 -5.23
CA GLN F 638 -1.35 -36.10 -5.53
C GLN F 638 -0.25 -35.39 -6.32
N ILE F 639 0.74 -36.12 -6.79
CA ILE F 639 1.77 -35.53 -7.64
C ILE F 639 1.26 -35.42 -9.08
N ASP F 640 1.74 -34.41 -9.78
CA ASP F 640 1.25 -34.13 -11.12
C ASP F 640 1.79 -35.14 -12.12
N PRO F 641 0.95 -35.76 -12.93
CA PRO F 641 1.46 -36.58 -14.04
C PRO F 641 2.22 -35.78 -15.09
N ALA F 642 2.01 -34.46 -15.14
CA ALA F 642 2.83 -33.60 -15.99
C ALA F 642 4.26 -33.47 -15.47
N ILE F 643 4.50 -33.78 -14.20
CA ILE F 643 5.85 -33.81 -13.67
C ILE F 643 6.39 -35.23 -13.56
N LEU F 644 5.53 -36.25 -13.61
CA LEU F 644 5.97 -37.64 -13.68
C LEU F 644 6.14 -38.12 -15.11
N ARG F 645 6.16 -37.20 -16.07
CA ARG F 645 6.28 -37.57 -17.47
C ARG F 645 7.71 -38.04 -17.78
N PRO F 646 7.89 -38.82 -18.84
CA PRO F 646 9.24 -39.10 -19.32
C PRO F 646 9.89 -37.85 -19.90
N GLY F 647 11.21 -37.82 -19.85
CA GLY F 647 11.99 -36.70 -20.33
C GLY F 647 12.29 -35.65 -19.29
N ARG F 648 11.53 -35.62 -18.18
CA ARG F 648 11.80 -34.72 -17.07
C ARG F 648 12.21 -35.49 -15.82
N LEU F 649 11.38 -36.44 -15.37
CA LEU F 649 11.66 -37.20 -14.15
C LEU F 649 10.93 -38.53 -14.27
N ASP F 650 11.66 -39.58 -14.66
CA ASP F 650 11.05 -40.85 -15.03
C ASP F 650 11.30 -41.96 -14.02
N GLN F 651 12.35 -41.85 -13.20
CA GLN F 651 12.68 -42.89 -12.25
C GLN F 651 11.68 -42.90 -11.09
N LEU F 652 11.49 -44.08 -10.51
CA LEU F 652 10.55 -44.26 -9.39
C LEU F 652 11.17 -45.26 -8.42
N ILE F 653 11.90 -44.74 -7.45
CA ILE F 653 12.51 -45.57 -6.40
C ILE F 653 11.50 -45.72 -5.27
N TYR F 654 11.06 -46.96 -5.04
CA TYR F 654 10.22 -47.28 -3.90
C TYR F 654 11.09 -47.57 -2.68
N VAL F 655 10.76 -46.94 -1.56
CA VAL F 655 11.54 -47.09 -0.34
C VAL F 655 10.76 -47.87 0.70
N ASP F 659 14.65 -48.58 6.59
CA ASP F 659 14.38 -49.97 6.92
C ASP F 659 14.87 -50.31 8.32
N GLU F 660 14.97 -51.60 8.62
CA GLU F 660 15.39 -52.03 9.95
C GLU F 660 16.84 -51.65 10.21
N ASN F 661 17.72 -51.92 9.24
CA ASN F 661 19.13 -51.61 9.43
C ASN F 661 19.37 -50.11 9.40
N ALA F 662 18.65 -49.39 8.55
CA ALA F 662 18.75 -47.92 8.56
C ALA F 662 18.18 -47.34 9.83
N ARG F 663 17.15 -47.96 10.41
CA ARG F 663 16.62 -47.50 11.69
C ARG F 663 17.62 -47.75 12.82
N LEU F 664 18.29 -48.90 12.80
CA LEU F 664 19.32 -49.16 13.80
C LEU F 664 20.49 -48.19 13.65
N SER F 665 20.86 -47.87 12.41
CA SER F 665 21.95 -46.92 12.19
C SER F 665 21.54 -45.51 12.63
N ILE F 666 20.27 -45.16 12.44
CA ILE F 666 19.80 -43.85 12.87
C ILE F 666 19.76 -43.76 14.39
N LEU F 667 19.31 -44.82 15.05
CA LEU F 667 19.31 -44.85 16.50
C LEU F 667 20.73 -44.86 17.07
N ASN F 668 21.69 -45.45 16.37
CA ASN F 668 23.06 -45.44 16.86
C ASN F 668 23.76 -44.13 16.57
N ALA F 669 23.34 -43.41 15.52
CA ALA F 669 23.93 -42.11 15.22
C ALA F 669 23.32 -41.00 16.08
N GLN F 670 22.05 -41.17 16.47
CA GLN F 670 21.41 -40.19 17.35
C GLN F 670 21.91 -40.32 18.78
N LEU F 671 22.33 -41.51 19.20
CA LEU F 671 22.79 -41.75 20.56
C LEU F 671 24.32 -41.74 20.66
N ARG F 672 24.98 -40.91 19.85
CA ARG F 672 26.43 -40.85 19.88
C ARG F 672 26.93 -40.15 21.14
N LYS F 673 26.56 -38.88 21.31
CA LYS F 673 27.00 -38.09 22.45
C LYS F 673 25.97 -38.15 23.58
N THR F 674 25.71 -39.37 24.04
CA THR F 674 24.69 -39.63 25.05
C THR F 674 25.25 -40.65 26.03
N PRO F 675 25.15 -40.39 27.33
CA PRO F 675 25.56 -41.41 28.31
C PRO F 675 24.55 -42.53 28.44
N LEU F 676 24.65 -43.53 27.56
CA LEU F 676 23.72 -44.65 27.57
C LEU F 676 24.08 -45.63 28.68
N GLU F 677 23.08 -46.37 29.13
CA GLU F 677 23.34 -47.48 30.03
C GLU F 677 24.08 -48.60 29.29
N PRO F 678 25.09 -49.21 29.90
CA PRO F 678 25.83 -50.25 29.16
C PRO F 678 25.01 -51.50 28.90
N GLY F 679 24.16 -51.89 29.85
CA GLY F 679 23.31 -53.04 29.65
C GLY F 679 22.04 -52.70 28.90
N LEU F 680 22.18 -52.36 27.61
CA LEU F 680 21.05 -51.95 26.80
C LEU F 680 21.33 -52.28 25.34
N GLU F 681 20.35 -52.88 24.68
CA GLU F 681 20.44 -53.19 23.25
C GLU F 681 19.34 -52.46 22.50
N LEU F 682 19.69 -51.91 21.34
CA LEU F 682 18.74 -51.18 20.51
C LEU F 682 18.14 -52.04 19.41
N THR F 683 18.52 -53.32 19.34
CA THR F 683 17.94 -54.20 18.34
C THR F 683 16.48 -54.53 18.63
N ALA F 684 16.08 -54.46 19.90
CA ALA F 684 14.68 -54.66 20.24
C ALA F 684 13.82 -53.51 19.72
N ILE F 685 14.31 -52.27 19.84
CA ILE F 685 13.58 -51.14 19.28
C ILE F 685 13.55 -51.20 17.77
N ALA F 686 14.61 -51.74 17.15
CA ALA F 686 14.63 -51.88 15.69
C ALA F 686 13.65 -52.94 15.23
N LYS F 687 13.54 -54.05 15.97
CA LYS F 687 12.66 -55.13 15.56
C LYS F 687 11.19 -54.84 15.89
N ALA F 688 10.92 -54.11 16.96
CA ALA F 688 9.54 -53.80 17.31
C ALA F 688 8.96 -52.73 16.40
N THR F 689 9.76 -51.73 16.04
CA THR F 689 9.32 -50.63 15.19
C THR F 689 9.65 -50.97 13.73
N GLN F 690 8.62 -51.05 12.89
CA GLN F 690 8.78 -51.50 11.52
C GLN F 690 8.55 -50.36 10.53
N GLY F 691 7.39 -49.71 10.58
CA GLY F 691 7.07 -48.66 9.63
C GLY F 691 7.24 -47.27 10.20
N PHE F 692 8.22 -47.12 11.09
CA PHE F 692 8.45 -45.85 11.77
C PHE F 692 9.39 -44.98 10.93
N SER F 693 9.92 -43.92 11.55
CA SER F 693 10.79 -43.00 10.84
C SER F 693 11.73 -42.34 11.84
N GLY F 694 12.72 -41.61 11.31
CA GLY F 694 13.77 -41.08 12.14
C GLY F 694 13.30 -39.98 13.08
N ALA F 695 12.31 -39.19 12.64
CA ALA F 695 11.79 -38.12 13.49
C ALA F 695 11.09 -38.68 14.72
N ASP F 696 10.28 -39.72 14.56
CA ASP F 696 9.63 -40.30 15.72
C ASP F 696 10.58 -41.12 16.58
N LEU F 697 11.65 -41.68 15.99
CA LEU F 697 12.69 -42.28 16.82
C LEU F 697 13.40 -41.23 17.66
N LEU F 698 13.69 -40.07 17.08
CA LEU F 698 14.22 -38.95 17.86
C LEU F 698 13.24 -38.51 18.94
N TYR F 699 11.93 -38.53 18.64
CA TYR F 699 10.95 -38.19 19.65
C TYR F 699 10.95 -39.21 20.79
N ILE F 700 11.12 -40.49 20.47
CA ILE F 700 11.19 -41.53 21.49
C ILE F 700 12.42 -41.32 22.37
N VAL F 701 13.57 -41.05 21.74
CA VAL F 701 14.80 -40.84 22.50
C VAL F 701 14.68 -39.59 23.36
N GLN F 702 14.02 -38.55 22.86
CA GLN F 702 13.86 -37.33 23.64
C GLN F 702 12.89 -37.52 24.79
N ARG F 703 11.86 -38.35 24.61
CA ARG F 703 10.97 -38.65 25.73
C ARG F 703 11.67 -39.50 26.77
N ALA F 704 12.56 -40.41 26.35
CA ALA F 704 13.35 -41.16 27.30
C ALA F 704 14.30 -40.26 28.08
N ALA F 705 14.93 -39.30 27.38
CA ALA F 705 15.79 -38.34 28.07
C ALA F 705 15.00 -37.45 29.02
N LYS F 706 13.78 -37.08 28.63
CA LYS F 706 12.94 -36.26 29.50
C LYS F 706 12.54 -37.03 30.75
N TYR F 707 12.21 -38.32 30.60
CA TYR F 707 11.86 -39.12 31.77
C TYR F 707 13.07 -39.33 32.68
N ALA F 708 14.25 -39.51 32.09
CA ALA F 708 15.46 -39.65 32.89
C ALA F 708 15.79 -38.34 33.61
N ILE F 709 15.56 -37.20 32.96
CA ILE F 709 15.81 -35.91 33.59
C ILE F 709 14.81 -35.67 34.73
N LYS F 710 13.56 -36.09 34.53
CA LYS F 710 12.57 -35.97 35.59
C LYS F 710 12.93 -36.84 36.79
N ASP F 711 13.40 -38.06 36.52
CA ASP F 711 13.84 -38.93 37.61
C ASP F 711 15.07 -38.35 38.31
N SER F 712 15.97 -37.73 37.55
CA SER F 712 17.17 -37.14 38.15
C SER F 712 16.80 -35.95 39.03
N ILE F 713 15.89 -35.11 38.57
CA ILE F 713 15.52 -33.94 39.36
C ILE F 713 14.70 -34.36 40.58
N GLU F 714 13.92 -35.45 40.46
CA GLU F 714 13.19 -35.95 41.62
C GLU F 714 14.14 -36.52 42.65
N ALA F 715 15.16 -37.28 42.21
CA ALA F 715 16.16 -37.79 43.14
C ALA F 715 16.97 -36.66 43.74
N HIS F 716 17.20 -35.59 42.99
CA HIS F 716 17.98 -34.47 43.51
C HIS F 716 17.18 -33.72 44.57
N ARG F 717 15.88 -33.51 44.34
CA ARG F 717 15.07 -32.84 45.36
C ARG F 717 14.85 -33.75 46.57
N GLN F 718 14.83 -35.08 46.36
CA GLN F 718 14.78 -35.98 47.50
C GLN F 718 16.06 -35.93 48.31
N HIS F 719 17.21 -35.82 47.64
CA HIS F 719 18.48 -35.69 48.36
C HIS F 719 18.57 -34.35 49.08
N GLU F 720 18.02 -33.29 48.48
CA GLU F 720 18.00 -32.01 49.16
C GLU F 720 17.10 -32.03 50.39
N ALA F 721 15.95 -32.71 50.29
CA ALA F 721 15.08 -32.84 51.44
C ALA F 721 15.71 -33.69 52.53
N GLU F 722 16.44 -34.75 52.15
CA GLU F 722 17.14 -35.56 53.15
C GLU F 722 18.29 -34.81 53.78
N LYS F 723 18.95 -33.92 53.04
CA LYS F 723 20.00 -33.09 53.62
C LYS F 723 19.41 -32.06 54.57
N GLU F 724 18.25 -31.50 54.23
CA GLU F 724 17.64 -30.47 55.06
C GLU F 724 16.94 -31.06 56.28
N VAL F 725 16.56 -32.33 56.24
CA VAL F 725 15.95 -32.99 57.39
C VAL F 725 17.03 -33.64 58.25
N GLU F 744 25.14 -38.35 50.96
CA GLU F 744 25.17 -37.70 49.66
C GLU F 744 25.30 -38.73 48.54
N PRO F 745 24.47 -38.60 47.51
CA PRO F 745 24.63 -39.46 46.32
C PRO F 745 25.80 -39.03 45.45
N GLU F 746 25.91 -39.62 44.27
CA GLU F 746 27.01 -39.33 43.35
C GLU F 746 26.73 -38.00 42.64
N VAL F 747 27.51 -37.72 41.59
CA VAL F 747 27.30 -36.51 40.81
C VAL F 747 25.94 -36.54 40.12
N ASP F 748 25.53 -37.71 39.64
CA ASP F 748 24.17 -37.90 39.13
C ASP F 748 23.59 -39.18 39.73
N PRO F 749 22.41 -39.11 40.34
CA PRO F 749 21.77 -40.35 40.80
C PRO F 749 21.33 -41.26 39.67
N VAL F 750 21.05 -40.70 38.49
CA VAL F 750 20.79 -41.50 37.29
C VAL F 750 21.70 -41.02 36.18
N PRO F 751 22.98 -41.43 36.15
CA PRO F 751 23.89 -40.91 35.12
C PRO F 751 23.64 -41.47 33.74
N TYR F 752 23.03 -42.65 33.62
CA TYR F 752 22.73 -43.23 32.32
C TYR F 752 21.24 -43.52 32.20
N ILE F 753 20.76 -43.55 30.96
CA ILE F 753 19.35 -43.80 30.66
C ILE F 753 19.12 -45.31 30.71
N THR F 754 18.32 -45.77 31.67
CA THR F 754 18.09 -47.19 31.83
C THR F 754 17.10 -47.68 30.77
N LYS F 755 16.85 -49.00 30.77
CA LYS F 755 15.87 -49.57 29.86
C LYS F 755 14.44 -49.25 30.27
N GLU F 756 14.20 -48.99 31.56
CA GLU F 756 12.86 -48.64 32.00
C GLU F 756 12.42 -47.29 31.45
N HIS F 757 13.36 -46.34 31.32
CA HIS F 757 13.01 -45.05 30.77
C HIS F 757 12.63 -45.17 29.29
N PHE F 758 13.33 -46.02 28.54
CA PHE F 758 12.97 -46.23 27.15
C PHE F 758 11.64 -46.98 27.03
N ALA F 759 11.42 -47.97 27.90
CA ALA F 759 10.17 -48.72 27.87
C ALA F 759 8.98 -47.89 28.30
N GLU F 760 9.19 -46.83 29.08
CA GLU F 760 8.12 -45.90 29.40
C GLU F 760 7.97 -44.77 28.40
N ALA F 761 9.05 -44.45 27.67
CA ALA F 761 8.95 -43.42 26.64
C ALA F 761 8.34 -43.96 25.35
N MET F 762 8.50 -45.26 25.09
CA MET F 762 7.91 -45.88 23.92
C MET F 762 6.43 -46.18 24.10
N LYS F 763 5.86 -45.88 25.26
CA LYS F 763 4.44 -46.13 25.49
C LYS F 763 3.58 -45.18 24.65
N THR F 764 4.00 -43.93 24.52
CA THR F 764 3.24 -42.92 23.80
C THR F 764 3.95 -42.54 22.49
N ALA F 765 4.50 -43.52 21.81
CA ALA F 765 5.20 -43.32 20.54
C ALA F 765 4.30 -43.77 19.39
N LYS F 766 4.16 -42.92 18.38
CA LYS F 766 3.32 -43.19 17.23
C LYS F 766 4.19 -43.30 15.98
N ARG F 767 3.53 -43.41 14.83
CA ARG F 767 4.21 -43.34 13.55
C ARG F 767 3.89 -42.03 12.83
N ALA G 1 33.60 30.75 10.10
CA ALA G 1 32.99 29.75 10.96
C ALA G 1 32.10 28.80 10.16
N ALA G 2 31.93 27.59 10.67
CA ALA G 2 31.12 26.58 10.00
C ALA G 2 29.68 26.66 10.50
N ALA G 3 28.80 25.86 9.90
CA ALA G 3 27.41 25.84 10.28
C ALA G 3 26.83 24.46 10.00
N ALA G 4 25.75 24.15 10.71
CA ALA G 4 25.05 22.87 10.56
C ALA G 4 23.75 23.07 9.79
N ALA G 5 23.08 21.96 9.49
CA ALA G 5 21.83 21.99 8.76
C ALA G 5 21.04 20.72 9.05
N ALA G 6 19.72 20.87 9.12
CA ALA G 6 18.81 19.76 9.37
C ALA G 6 18.15 19.34 8.06
N ALA G 7 17.83 18.05 7.96
CA ALA G 7 17.20 17.55 6.74
C ALA G 7 16.41 16.30 7.03
N ALA G 8 15.15 16.30 6.59
CA ALA G 8 14.26 15.15 6.70
C ALA G 8 13.44 15.11 5.42
N ALA G 9 13.72 14.13 4.56
CA ALA G 9 13.18 14.19 3.19
C ALA G 9 11.83 13.48 3.08
N ALA G 10 11.81 12.17 3.30
CA ALA G 10 10.62 11.36 3.08
C ALA G 10 10.90 9.95 3.60
N ALA G 11 9.95 9.04 3.37
CA ALA G 11 10.09 7.65 3.72
C ALA G 11 9.33 6.82 2.68
N ALA G 12 9.11 5.55 2.99
CA ALA G 12 8.41 4.65 2.07
C ALA G 12 7.36 3.88 2.84
N ALA G 13 6.13 3.88 2.32
CA ALA G 13 5.00 3.21 2.94
C ALA G 13 4.55 2.04 2.09
N VAL G 14 3.67 1.22 2.65
CA VAL G 14 3.15 0.03 1.97
C VAL G 14 1.62 0.09 2.04
N ALA G 15 0.98 -0.16 0.90
CA ALA G 15 -0.47 -0.13 0.79
C ALA G 15 -1.04 -1.55 0.77
N VAL G 16 -2.36 -1.63 0.90
CA VAL G 16 -3.07 -2.90 0.92
C VAL G 16 -4.21 -2.84 -0.10
N ALA G 17 -4.31 -3.88 -0.94
CA ALA G 17 -5.30 -3.94 -2.00
C ALA G 17 -6.21 -5.15 -1.80
N VAL G 18 -7.39 -5.08 -2.41
CA VAL G 18 -8.40 -6.14 -2.32
C VAL G 18 -8.60 -6.75 -3.70
N ALA G 19 -8.73 -8.07 -3.75
CA ALA G 19 -8.93 -8.80 -4.99
C ALA G 19 -10.27 -9.52 -4.99
N VAL G 20 -10.72 -9.90 -6.18
CA VAL G 20 -11.99 -10.60 -6.38
C VAL G 20 -11.71 -11.92 -7.06
N ALA G 21 -12.35 -12.99 -6.56
CA ALA G 21 -12.18 -14.32 -7.10
C ALA G 21 -13.37 -14.69 -7.98
N ALA G 22 -13.19 -15.74 -8.77
CA ALA G 22 -14.23 -16.22 -9.67
C ALA G 22 -14.05 -17.70 -10.00
PA 08T H . 28.85 2.24 34.48
PB 08T H . 28.61 1.53 31.59
BE 08T H . 27.28 2.58 29.44
C5' 08T H . 27.36 2.64 36.61
O5' 08T H . 27.81 1.76 35.57
C4' 08T H . 27.36 1.92 37.93
O4' 08T H . 27.32 0.50 37.68
C3' 08T H . 28.60 2.17 38.79
O3' 08T H . 28.23 2.33 40.17
C2' 08T H . 29.42 0.90 38.59
O2' 08T H . 30.30 0.65 39.68
C1' 08T H . 28.31 -0.13 38.47
N1 08T H . 30.85 -4.60 38.83
O1A 08T H . 30.13 1.51 34.66
O1B 08T H . 28.95 0.04 31.49
F1 08T H . 28.42 3.62 29.39
C2 08T H . 30.65 -3.61 39.70
O2A 08T H . 28.99 3.75 34.41
O2B 08T H . 29.71 2.46 31.20
F2 08T H . 27.38 1.60 28.23
N3 08T H . 29.97 -2.47 39.55
O3A 08T H . 28.20 1.76 33.12
O3B 08T H . 27.33 1.78 30.81
F3 08T H . 25.94 3.33 29.29
C4 08T H . 29.47 -2.39 38.31
C5 08T H . 29.58 -3.32 37.30
C6 08T H . 30.32 -4.49 37.59
N6 08T H . 30.52 -5.47 36.71
N7 08T H . 28.93 -2.89 36.16
C8 08T H . 28.43 -1.73 36.50
N9 08T H . 28.72 -1.36 37.79
MG MG I . 29.61 4.38 30.75
PA 08T J . -8.78 -16.91 28.88
PB 08T J . -9.07 -18.68 26.50
BE 08T J . -9.73 -16.62 24.78
C5' 08T J . -10.41 -15.44 30.34
O5' 08T J . -9.86 -16.73 30.02
C4' 08T J . -11.27 -15.58 31.57
O4' 08T J . -11.76 -16.94 31.65
C3' 08T J . -10.56 -15.27 32.88
O3' 08T J . -11.16 -14.14 33.51
C2' 08T J . -10.72 -16.53 33.73
O2' 08T J . -11.13 -16.21 35.06
C1' 08T J . -11.78 -17.36 32.99
N1 08T J . -10.24 -21.53 35.65
O1A 08T J . -8.66 -15.66 28.09
O1B 08T J . -9.50 -20.14 26.66
F1 08T J . -8.72 -15.81 25.59
C2 08T J . -10.42 -20.26 36.02
O2A 08T J . -7.45 -17.46 29.41
O2B 08T J . -7.65 -18.47 26.12
F2 08T J . -9.19 -16.91 23.34
N3 08T J . -10.83 -19.23 35.28
O3A 08T J . -9.38 -18.00 27.90
O3B 08T J . -10.04 -18.00 25.53
F3 08T J . -11.03 -15.81 24.61
C4 08T J . -11.05 -19.59 34.01
C5 08T J . -10.91 -20.86 33.48
C6 08T J . -10.47 -21.87 34.37
N6 08T J . -10.29 -23.14 33.99
N7 08T J . -11.23 -20.87 32.13
C8 08T J . -11.57 -19.62 31.89
N9 08T J . -11.48 -18.79 32.97
MG MG K . -7.28 -16.32 26.80
PA 08T L . 0.68 21.64 34.24
PB 08T L . 1.26 19.13 32.74
BE 08T L . 1.91 18.89 30.08
C5' 08T L . -1.64 22.87 34.16
O5' 08T L . -0.78 21.90 34.78
C4' 08T L . -2.68 23.32 35.15
O4' 08T L . -3.59 22.24 35.44
C3' 08T L . -2.14 23.73 36.51
O3' 08T L . -1.70 25.09 36.48
C2' 08T L . -3.36 23.53 37.42
O2' 08T L . -4.19 24.68 37.41
C1' 08T L . -4.03 22.31 36.78
N1 08T L . -3.54 19.67 41.20
O1A 08T L . 1.15 22.81 33.47
O1B 08T L . 0.63 17.99 33.54
F1 08T L . 3.22 19.61 30.47
C2 08T L . -3.90 20.93 40.96
O2A 08T L . 1.64 21.16 35.33
O2B 08T L . 2.72 19.30 32.92
F2 08T L . 2.18 17.41 29.71
N3 08T L . -4.00 21.56 39.78
O3A 08T L . 0.49 20.44 33.23
O3B 08T L . 0.86 18.98 31.28
F3 08T L . 1.35 19.56 28.80
C4 08T L . -3.69 20.75 38.76
C5 08T L . -3.30 19.42 38.86
C6 08T L . -3.22 18.87 40.15
N6 08T L . -2.86 17.61 40.41
N7 08T L . -3.06 18.89 37.60
C8 08T L . -3.31 19.89 36.80
N9 08T L . -3.69 21.04 37.42
MG MG M . 3.25 20.94 32.03
PA 08T N . -33.42 2.28 15.40
PB 08T N . -32.30 -0.47 15.15
BE 08T N . -31.27 -1.23 12.70
C5' 08T N . -35.68 2.85 14.14
O5' 08T N . -34.99 2.21 15.25
C4' 08T N . -36.33 4.13 14.61
O4' 08T N . -37.75 3.90 14.80
C3' 08T N . -35.82 4.71 15.92
O3' 08T N . -34.72 5.58 15.70
C2' 08T N . -37.06 5.46 16.42
O2' 08T N . -37.19 6.72 15.78
C1' 08T N . -38.16 4.48 16.02
N1 08T N . -39.70 3.13 20.76
O1A 08T N . -32.87 3.40 14.59
O1B 08T N . -33.30 -1.07 16.15
F1 08T N . -30.06 -0.42 13.16
C2 08T N . -39.63 4.31 20.15
O2A 08T N . -32.96 2.26 16.86
O2B 08T N . -30.93 -0.28 15.68
F2 08T N . -30.86 -2.68 12.26
N3 08T N . -39.21 4.60 18.91
O3A 08T N . -32.94 0.92 14.73
O3B 08T N . -32.36 -1.31 13.88
F3 08T N . -31.89 -0.56 11.45
C4 08T N . -38.84 3.49 18.26
C5 08T N . -38.85 2.19 18.76
C6 08T N . -39.30 2.03 20.09
N6 08T N . -39.37 0.84 20.70
N7 08T N . -38.38 1.30 17.81
C8 08T N . -38.11 2.06 16.78
N9 08T N . -38.36 3.39 16.98
MG MG O . -30.97 1.25 14.33
PA 08T P . -12.44 34.51 5.24
PB 08T P . -11.86 31.71 6.06
BE 08T P . -10.42 29.49 5.32
C5' 08T P . -13.71 35.07 3.02
O5' 08T P . -13.76 34.78 4.43
C4' 08T P . -15.05 35.52 2.50
O4' 08T P . -16.11 35.02 3.37
C3' 08T P . -15.25 37.04 2.43
O3' 08T P . -15.91 37.40 1.23
C2' 08T P . -16.14 37.31 3.65
O2' 08T P . -16.86 38.52 3.52
C1' 08T P . -17.02 36.07 3.61
N1 08T P . -19.89 37.81 7.55
O1A 08T P . -11.29 35.14 4.56
O1B 08T P . -13.15 31.38 6.82
F1 08T P . -9.12 30.20 5.73
C2 08T P . -19.36 38.43 6.50
O2A 08T P . -12.55 34.85 6.73
O2B 08T P . -10.70 32.04 6.93
F2 08T P . -10.85 28.46 6.41
N3 08T P . -18.63 37.93 5.51
O3A 08T P . -12.24 32.94 5.14
O3B 08T P . -11.56 30.57 5.09
F3 08T P . -10.17 28.69 4.03
C4 08T P . -18.43 36.61 5.66
C5 08T P . -18.93 35.83 6.70
C6 08T P . -19.69 36.48 7.68
N6 08T P . -20.23 35.86 8.74
N7 08T P . -18.54 34.51 6.54
C8 08T P . -17.84 34.52 5.43
N9 08T P . -17.74 35.76 4.85
MG MG Q . -8.95 32.46 5.61
PA 08T R . -35.74 6.99 -18.14
PB 08T R . -35.14 4.62 -16.43
BE 08T R . -33.92 2.15 -16.29
C5' 08T R . -36.61 6.37 -20.56
O5' 08T R . -36.90 6.70 -19.18
C4' 08T R . -36.69 7.61 -21.44
O4' 08T R . -37.77 7.46 -22.38
C3' 08T R . -36.95 8.93 -20.72
O3' 08T R . -35.73 9.57 -20.35
C2' 08T R . -37.71 9.71 -21.79
O2' 08T R . -36.83 10.25 -22.78
C1' 08T R . -38.62 8.60 -22.33
N1 08T R . -42.88 10.30 -19.99
O1A 08T R . -34.61 7.67 -18.82
O1B 08T R . -36.55 4.63 -15.83
F1 08T R . -32.74 2.87 -15.61
C2 08T R . -42.01 10.91 -20.80
O2A 08T R . -36.23 7.69 -16.88
O2B 08T R . -34.08 5.09 -15.52
F2 08T R . -34.72 1.29 -15.27
N3 08T R . -40.92 10.40 -21.37
O3A 08T R . -35.26 5.53 -17.73
O3B 08T R . -34.89 3.22 -16.98
F3 08T R . -33.37 1.16 -17.35
C4 08T R . -40.75 9.12 -21.05
C5 08T R . -41.56 8.36 -20.23
C6 08T R . -42.69 9.00 -19.68
N6 08T R . -43.57 8.40 -18.87
N7 08T R . -41.07 7.07 -20.11
C8 08T R . -39.99 7.07 -20.85
N9 08T R . -39.74 8.28 -21.45
MG MG S . -32.29 4.68 -14.87
PA 08T T . -0.29 24.39 -24.92
PB 08T T . -1.65 22.93 -22.70
BE 08T T . -1.00 20.84 -21.01
C5' 08T T . 0.08 22.93 -27.09
O5' 08T T . -0.72 23.87 -26.35
C4' 08T T . 0.44 23.47 -28.46
O4' 08T T . -0.73 23.45 -29.30
C3' 08T T . 0.95 24.91 -28.49
O3' 08T T . 1.95 25.07 -29.49
C2' 08T T . -0.31 25.72 -28.83
O2' 08T T . 0.01 26.92 -29.52
C1' 08T T . -1.10 24.75 -29.71
N1 08T T . -5.39 27.21 -31.14
O1A 08T T . -1.09 25.57 -24.55
O1B 08T T . -3.07 23.15 -23.25
F1 08T T . 0.02 21.76 -20.35
C2 08T T . -4.12 27.36 -31.51
O2A 08T T . 1.23 24.58 -24.80
O2B 08T T . -1.28 23.80 -21.56
F2 08T T . -2.24 20.60 -20.09
N3 08T T . -3.04 26.68 -31.10
O3A 08T T . -0.70 23.20 -23.96
O3B 08T T . -1.47 21.44 -22.41
F3 08T T . -0.35 19.45 -21.22
C4 08T T . -3.38 25.76 -30.19
C5 08T T . -4.65 25.48 -29.71
C6 08T T . -5.70 26.27 -30.22
N6 08T T . -6.98 26.12 -29.85
N7 08T T . -4.62 24.46 -28.78
C8 08T T . -3.35 24.14 -28.72
N9 08T T . -2.54 24.87 -29.55
MG MG U . 0.63 23.93 -21.86
PA 08T V . -16.88 -11.00 -39.98
PB 08T V . -19.08 -11.67 -38.07
BE 08T V . -17.86 -13.46 -36.37
C5' 08T V . -15.77 -12.76 -41.60
O5' 08T V . -16.69 -11.67 -41.40
C4' 08T V . -15.17 -12.61 -42.97
O4' 08T V . -15.85 -13.46 -43.93
C3' 08T V . -15.23 -11.21 -43.58
O3' 08T V . -14.17 -10.40 -43.11
C2' 08T V . -15.12 -11.53 -45.06
O2' 08T V . -13.76 -11.80 -45.42
C1' 08T V . -16.02 -12.76 -45.15
N1 08T V . -19.67 -9.96 -47.50
O1A 08T V . -17.28 -9.59 -40.16
O1B 08T V . -20.48 -11.51 -38.68
F1 08T V . -17.37 -12.24 -35.59
C2 08T V . -18.34 -9.99 -47.65
O2A 08T V . -15.68 -11.20 -39.06
O2B 08T V . -18.66 -10.56 -37.17
F2 08T V . -18.40 -14.57 -35.41
N3 08T V . -17.44 -10.74 -47.01
O3A 08T V . -18.10 -11.77 -39.33
O3B 08T V . -19.00 -13.03 -37.40
F3 08T V . -16.67 -14.08 -37.13
C4 08T V . -18.04 -11.54 -46.11
C5 08T V . -19.39 -11.62 -45.85
C6 08T V . -20.24 -10.77 -46.59
N6 08T V . -21.57 -10.74 -46.45
N7 08T V . -19.64 -12.56 -44.87
C8 08T V . -18.45 -13.02 -44.56
N9 08T V . -17.44 -12.44 -45.28
MG MG W . -16.79 -11.14 -37.25
PB ADP X . 0.71 -36.11 -29.43
O1B ADP X . 1.16 -37.04 -30.56
O2B ADP X . -0.27 -36.76 -28.51
O3B ADP X . 0.19 -34.77 -29.97
PA ADP X . 3.45 -35.07 -28.91
O1A ADP X . 3.56 -34.62 -30.32
O2A ADP X . 3.67 -34.01 -27.82
O3A ADP X . 2.04 -35.73 -28.65
O5' ADP X . 4.47 -36.25 -28.66
C5' ADP X . 4.47 -37.43 -29.49
C4' ADP X . 5.86 -37.99 -29.51
O4' ADP X . 5.89 -39.14 -30.37
C3' ADP X . 6.91 -37.00 -30.01
O3' ADP X . 7.85 -36.70 -28.99
C2' ADP X . 7.59 -37.70 -31.20
O2' ADP X . 8.99 -37.84 -30.96
C1' ADP X . 6.94 -39.08 -31.30
N9 ADP X . 6.36 -39.31 -32.62
C8 ADP X . 5.04 -39.31 -32.95
N7 ADP X . 4.79 -39.54 -34.22
C5 ADP X . 6.06 -39.70 -34.77
C6 ADP X . 6.50 -39.96 -36.08
N6 ADP X . 5.69 -40.13 -37.13
N1 ADP X . 7.84 -40.07 -36.28
C2 ADP X . 8.67 -39.91 -35.24
N3 ADP X . 8.36 -39.66 -33.97
C4 ADP X . 7.03 -39.56 -33.79
#